data_6WTY
#
_entry.id   6WTY
#
_cell.length_a   70.559
_cell.length_b   78.189
_cell.length_c   312.080
_cell.angle_alpha   90.000
_cell.angle_beta   94.160
_cell.angle_gamma   90.000
#
_symmetry.space_group_name_H-M   'P 1 21 1'
#
loop_
_entity.id
_entity.type
_entity.pdbx_description
1 polymer 'reticulocyte binding protein 2b'
2 polymer '253245 Fab light chain'
3 polymer '253245 Fab heavy chain'
#
loop_
_entity_poly.entity_id
_entity_poly.type
_entity_poly.pdbx_seq_one_letter_code
_entity_poly.pdbx_strand_id
1 'polypeptide(L)'
;GAMGSTNTTDNIDYFDISDESNYYLISQLRPHFSNIYFFDEFKRYASYHTEIKRYEDIHKTKVNSLLNEASRAIGICNRA
KNTVKGLINILENPQKFKTQRESYDVKLRQYEEKKEAFRGCLLNKNRKNLDQIKKINNEIRDLLEKLKCSQDCQTNVYFD
MIKIYLVDFKKMPYENYDTFIKQYKNSYLSGVDMIRKIEKQIDNPVTINAIKFTQKEMGYIIDRFEYHLQKVKHSIDQVT
ALSDGVKPKQVTKNRLKEYYFNIGNYYSIFKFGKDSLNMLNKALIHKEKIVHNLLGELFGHLEERIS
;
D,J,G,A
2 'polypeptide(L)'
;TGSWAQSALTQPPSTSGSPGQSVTISCTGTGIDVGGFSYVSWFQYHPGKAPKLIIFEVTKRPSGVPDRFSGSKSGNTASL
TISGLQADDEAEYYCSSYAVNNNFVFGTGTKVTVLVSPRPTPLSLCSHPRSEELQANKATLVCLISDFYPGAVTVAWKAD
SSPVKAGVETTTPSKQSNNKYAASSYLSLTPEQWKSHRSYSCQVTHEGSTVEKTVAPTECS
;
C,F,L,I
3 'polypeptide(L)'
;TGVHSEVQLVQSGAEVKKPGSSMKVSCKASGGTFNRYVFSWVRQAPGQGLEWMGGILPILETTYYAKNFKGRVTITADES
TSTVYMELSSLTSEDTAVYFCARDEHDYVWGSYRPSLTGPWGQGTLVTVSSASTKGPSVFPLAPSSKSTSGGTAALGCLV
KDYFPEPVTVSWNSGALTSGVHTFPAVLQSSGLYSLSSVVTVPSSSLGTQTYICNVNHKPSNTKVDKKVEPKSCDKTHTC
P
;
B,H,K,E
#
# COMPACT_ATOMS: atom_id res chain seq x y z
N THR A 8 -32.73 3.96 62.14
CA THR A 8 -32.26 5.19 62.77
C THR A 8 -30.74 5.18 62.88
N THR A 9 -30.07 5.40 61.76
CA THR A 9 -28.61 5.41 61.73
C THR A 9 -28.08 6.79 62.11
N ASP A 10 -26.91 6.78 62.76
CA ASP A 10 -26.27 8.02 63.22
C ASP A 10 -24.93 8.25 62.53
N ASN A 11 -24.66 7.55 61.43
CA ASN A 11 -23.40 7.70 60.72
C ASN A 11 -23.57 7.15 59.31
N ILE A 12 -22.97 7.84 58.34
CA ILE A 12 -23.05 7.42 56.94
C ILE A 12 -21.68 7.54 56.29
N ASP A 13 -20.63 7.15 57.03
CA ASP A 13 -19.27 7.22 56.50
C ASP A 13 -18.98 6.15 55.45
N TYR A 14 -19.90 5.20 55.24
CA TYR A 14 -19.68 4.15 54.25
C TYR A 14 -19.75 4.67 52.82
N PHE A 15 -20.26 5.87 52.60
CA PHE A 15 -20.41 6.41 51.25
C PHE A 15 -19.05 6.81 50.70
N ASP A 16 -18.66 6.19 49.59
CA ASP A 16 -17.48 6.58 48.84
C ASP A 16 -17.86 6.77 47.38
N ILE A 17 -17.03 7.52 46.66
CA ILE A 17 -17.27 7.77 45.24
C ILE A 17 -15.97 7.57 44.48
N SER A 18 -16.11 7.12 43.23
CA SER A 18 -14.98 6.94 42.33
C SER A 18 -15.08 7.95 41.19
N ASP A 19 -13.94 8.44 40.74
CA ASP A 19 -13.91 9.40 39.65
C ASP A 19 -14.33 8.72 38.34
N GLU A 20 -14.55 9.54 37.32
CA GLU A 20 -14.97 9.01 36.02
C GLU A 20 -13.89 8.13 35.41
N SER A 21 -12.62 8.41 35.71
CA SER A 21 -11.53 7.57 35.23
C SER A 21 -11.40 6.29 36.06
N ASN A 22 -12.00 6.24 37.25
CA ASN A 22 -12.06 5.03 38.07
C ASN A 22 -10.69 4.59 38.56
N TYR A 23 -9.75 5.51 38.69
CA TYR A 23 -8.43 5.20 39.22
C TYR A 23 -8.27 5.55 40.68
N TYR A 24 -8.86 6.65 41.13
CA TYR A 24 -8.74 7.09 42.51
C TYR A 24 -10.05 6.89 43.26
N LEU A 25 -9.94 6.76 44.59
CA LEU A 25 -11.09 6.51 45.44
C LEU A 25 -11.07 7.50 46.59
N ILE A 26 -12.22 8.13 46.85
CA ILE A 26 -12.36 9.12 47.92
C ILE A 26 -13.33 8.57 48.95
N SER A 27 -12.92 8.59 50.21
CA SER A 27 -13.73 8.09 51.31
C SER A 27 -13.87 9.18 52.37
N GLN A 28 -14.96 9.09 53.15
CA GLN A 28 -15.20 10.07 54.21
C GLN A 28 -14.26 9.87 55.39
N LEU A 29 -13.62 8.72 55.51
CA LEU A 29 -12.68 8.46 56.60
C LEU A 29 -11.28 8.86 56.19
N ARG A 30 -10.55 9.48 57.11
CA ARG A 30 -9.19 9.91 56.84
C ARG A 30 -8.30 8.68 56.60
N PRO A 31 -7.27 8.81 55.76
CA PRO A 31 -6.87 10.02 55.01
C PRO A 31 -7.56 10.18 53.67
N HIS A 32 -8.80 9.67 53.57
CA HIS A 32 -9.66 9.86 52.41
C HIS A 32 -9.16 9.16 51.15
N PHE A 33 -7.87 9.28 50.85
CA PHE A 33 -7.30 8.75 49.63
C PHE A 33 -6.41 7.54 49.93
N SER A 34 -6.37 6.61 48.97
CA SER A 34 -5.49 5.45 49.10
C SER A 34 -4.04 5.83 48.83
N ASN A 35 -3.81 6.90 48.07
CA ASN A 35 -2.46 7.29 47.70
C ASN A 35 -1.72 8.02 48.82
N ILE A 36 -2.44 8.62 49.77
CA ILE A 36 -1.78 9.26 50.89
C ILE A 36 -1.04 8.24 51.75
N TYR A 37 -1.67 7.08 51.97
CA TYR A 37 -0.97 5.98 52.63
C TYR A 37 0.28 5.58 51.85
N PHE A 38 0.23 5.66 50.52
CA PHE A 38 1.42 5.39 49.72
C PHE A 38 2.45 6.49 49.86
N PHE A 39 2.01 7.74 50.03
CA PHE A 39 2.95 8.83 50.27
C PHE A 39 3.62 8.69 51.63
N ASP A 40 2.88 8.23 52.63
CA ASP A 40 3.48 8.01 53.95
C ASP A 40 4.51 6.89 53.91
N GLU A 41 4.26 5.86 53.09
CA GLU A 41 5.20 4.76 52.99
C GLU A 41 6.42 5.13 52.14
N PHE A 42 6.27 6.05 51.20
CA PHE A 42 7.40 6.46 50.38
C PHE A 42 8.42 7.24 51.19
N LYS A 43 7.98 7.92 52.25
CA LYS A 43 8.93 8.60 53.14
C LYS A 43 9.86 7.61 53.81
N ARG A 44 9.38 6.39 54.08
CA ARG A 44 10.26 5.36 54.63
C ARG A 44 11.22 4.84 53.56
N TYR A 45 10.80 4.80 52.30
CA TYR A 45 11.70 4.41 51.22
C TYR A 45 12.81 5.44 51.05
N ALA A 46 12.45 6.73 51.02
CA ALA A 46 13.45 7.79 50.91
C ALA A 46 14.28 7.92 52.18
N SER A 47 13.75 7.49 53.33
CA SER A 47 14.53 7.49 54.56
C SER A 47 15.74 6.56 54.46
N TYR A 48 15.67 5.55 53.58
CA TYR A 48 16.83 4.67 53.39
C TYR A 48 17.90 5.36 52.55
N HIS A 49 17.66 5.51 51.25
CA HIS A 49 18.68 6.02 50.34
C HIS A 49 19.12 7.43 50.74
N THR A 50 20.43 7.67 50.65
CA THR A 50 20.99 8.95 51.06
C THR A 50 20.90 10.00 49.97
N GLU A 51 20.95 9.59 48.69
CA GLU A 51 20.83 10.54 47.58
C GLU A 51 19.47 11.20 47.51
N ILE A 52 18.46 10.66 48.22
CA ILE A 52 17.13 11.25 48.25
C ILE A 52 16.66 11.32 49.70
N LYS A 53 17.61 11.39 50.63
CA LYS A 53 17.29 11.39 52.05
C LYS A 53 16.58 12.66 52.50
N ARG A 54 16.57 13.71 51.67
CA ARG A 54 15.84 14.93 52.00
C ARG A 54 14.35 14.69 51.88
N TYR A 55 13.71 14.23 52.96
CA TYR A 55 12.30 13.87 52.94
C TYR A 55 11.41 14.85 53.67
N GLU A 56 11.96 15.79 54.43
CA GLU A 56 11.14 16.74 55.17
C GLU A 56 10.42 17.70 54.23
N ASP A 57 10.96 17.93 53.03
CA ASP A 57 10.31 18.85 52.09
C ASP A 57 9.00 18.26 51.57
N ILE A 58 8.98 16.96 51.28
CA ILE A 58 7.76 16.34 50.77
C ILE A 58 6.73 16.20 51.88
N HIS A 59 7.18 15.85 53.09
CA HIS A 59 6.25 15.62 54.20
C HIS A 59 5.58 16.92 54.63
N LYS A 60 6.37 17.98 54.85
CA LYS A 60 5.82 19.20 55.44
C LYS A 60 4.97 19.97 54.44
N THR A 61 5.40 20.03 53.18
CA THR A 61 4.76 20.91 52.19
C THR A 61 3.61 20.22 51.48
N LYS A 62 3.93 19.26 50.60
CA LYS A 62 2.94 18.71 49.68
C LYS A 62 1.95 17.78 50.35
N VAL A 63 2.43 16.83 51.15
CA VAL A 63 1.56 15.79 51.67
C VAL A 63 0.57 16.35 52.68
N ASN A 64 1.06 17.12 53.66
CA ASN A 64 0.17 17.64 54.69
C ASN A 64 -0.86 18.60 54.11
N SER A 65 -0.43 19.49 53.21
CA SER A 65 -1.38 20.40 52.58
C SER A 65 -2.41 19.63 51.76
N LEU A 66 -2.01 18.51 51.15
CA LEU A 66 -2.98 17.67 50.44
C LEU A 66 -3.95 17.02 51.41
N LEU A 67 -3.45 16.52 52.54
CA LEU A 67 -4.34 15.93 53.54
C LEU A 67 -5.23 16.99 54.19
N ASN A 68 -4.73 18.22 54.33
CA ASN A 68 -5.56 19.29 54.86
C ASN A 68 -6.57 19.78 53.82
N GLU A 69 -6.15 19.90 52.56
CA GLU A 69 -7.08 20.31 51.51
C GLU A 69 -8.14 19.23 51.28
N ALA A 70 -7.81 17.96 51.50
CA ALA A 70 -8.82 16.91 51.40
C ALA A 70 -9.80 16.99 52.57
N SER A 71 -9.30 17.20 53.78
CA SER A 71 -10.18 17.38 54.93
C SER A 71 -10.97 18.67 54.83
N ARG A 72 -10.40 19.70 54.21
CA ARG A 72 -11.13 20.95 54.02
C ARG A 72 -12.22 20.80 52.97
N ALA A 73 -12.05 19.89 52.02
CA ALA A 73 -13.03 19.74 50.95
C ALA A 73 -14.31 19.07 51.44
N ILE A 74 -14.17 18.07 52.32
CA ILE A 74 -15.35 17.35 52.80
C ILE A 74 -16.20 18.24 53.69
N GLY A 75 -15.59 19.21 54.39
CA GLY A 75 -16.35 20.13 55.20
C GLY A 75 -17.32 20.99 54.41
N ILE A 76 -17.08 21.16 53.11
CA ILE A 76 -18.01 21.90 52.27
C ILE A 76 -19.25 21.08 51.93
N CYS A 77 -19.19 19.76 52.07
CA CYS A 77 -20.33 18.88 51.83
C CYS A 77 -21.01 18.46 53.13
N ASN A 78 -20.72 19.14 54.23
CA ASN A 78 -21.30 18.75 55.52
C ASN A 78 -22.81 18.95 55.54
N ARG A 79 -23.30 20.01 54.89
CA ARG A 79 -24.74 20.23 54.82
C ARG A 79 -25.41 19.13 54.02
N ALA A 80 -24.75 18.65 52.96
CA ALA A 80 -25.30 17.54 52.19
C ALA A 80 -25.22 16.23 52.96
N LYS A 81 -24.17 16.06 53.78
CA LYS A 81 -24.05 14.86 54.59
C LYS A 81 -25.12 14.84 55.68
N ASN A 82 -25.35 15.96 56.34
CA ASN A 82 -26.38 16.03 57.38
C ASN A 82 -27.78 16.01 56.79
N THR A 83 -27.94 16.35 55.51
CA THR A 83 -29.26 16.32 54.89
C THR A 83 -29.69 14.88 54.62
N VAL A 84 -28.78 14.04 54.11
CA VAL A 84 -29.12 12.65 53.84
C VAL A 84 -29.29 11.87 55.15
N LYS A 85 -28.49 12.20 56.16
CA LYS A 85 -28.58 11.49 57.44
C LYS A 85 -29.97 11.66 58.05
N GLY A 86 -30.61 12.81 57.86
CA GLY A 86 -31.96 12.99 58.35
C GLY A 86 -33.00 12.26 57.53
N LEU A 87 -32.78 12.13 56.22
CA LEU A 87 -33.73 11.44 55.36
C LEU A 87 -33.69 9.92 55.54
N ILE A 88 -32.54 9.38 55.94
CA ILE A 88 -32.44 7.94 56.13
C ILE A 88 -33.16 7.52 57.41
N ASN A 89 -32.93 8.25 58.50
CA ASN A 89 -33.55 7.90 59.78
C ASN A 89 -35.08 7.99 59.71
N ILE A 90 -35.61 8.89 58.89
CA ILE A 90 -37.06 9.00 58.75
C ILE A 90 -37.59 7.87 57.89
N LEU A 91 -36.89 7.53 56.81
CA LEU A 91 -37.41 6.54 55.86
C LEU A 91 -37.29 5.12 56.40
N GLU A 92 -36.16 4.79 57.04
CA GLU A 92 -35.96 3.43 57.54
C GLU A 92 -36.71 3.16 58.84
N ASN A 93 -37.48 4.12 59.33
CA ASN A 93 -38.32 3.91 60.52
C ASN A 93 -39.75 4.31 60.18
N PRO A 94 -40.68 3.35 60.12
CA PRO A 94 -42.06 3.72 59.75
C PRO A 94 -42.74 4.60 60.79
N GLN A 95 -42.40 4.45 62.07
CA GLN A 95 -43.01 5.30 63.09
C GLN A 95 -42.60 6.76 62.91
N LYS A 96 -41.35 7.01 62.52
CA LYS A 96 -40.91 8.36 62.24
C LYS A 96 -41.34 8.82 60.85
N PHE A 97 -41.53 7.88 59.93
CA PHE A 97 -41.99 8.24 58.59
C PHE A 97 -43.47 8.62 58.60
N LYS A 98 -44.27 7.96 59.44
CA LYS A 98 -45.69 8.23 59.53
C LYS A 98 -46.01 9.50 60.30
N THR A 99 -45.05 10.05 61.05
CA THR A 99 -45.28 11.32 61.74
C THR A 99 -45.59 12.43 60.74
N GLN A 100 -44.74 12.59 59.73
CA GLN A 100 -45.07 13.43 58.59
C GLN A 100 -45.88 12.61 57.59
N ARG A 101 -46.35 13.25 56.52
CA ARG A 101 -47.27 12.60 55.60
C ARG A 101 -46.79 12.64 54.15
N GLU A 102 -45.48 12.80 53.92
CA GLU A 102 -44.96 12.69 52.57
C GLU A 102 -45.02 11.24 52.11
N SER A 103 -45.39 11.05 50.85
CA SER A 103 -45.54 9.69 50.32
C SER A 103 -44.18 9.00 50.22
N TYR A 104 -44.21 7.68 50.24
CA TYR A 104 -42.98 6.90 50.21
C TYR A 104 -42.24 7.07 48.88
N ASP A 105 -42.98 7.06 47.77
CA ASP A 105 -42.34 7.15 46.46
C ASP A 105 -41.68 8.51 46.25
N VAL A 106 -42.22 9.56 46.88
CA VAL A 106 -41.59 10.87 46.77
C VAL A 106 -40.32 10.93 47.61
N LYS A 107 -40.35 10.34 48.81
CA LYS A 107 -39.16 10.29 49.64
C LYS A 107 -38.10 9.36 49.04
N LEU A 108 -38.52 8.35 48.29
CA LEU A 108 -37.56 7.47 47.63
C LEU A 108 -36.82 8.19 46.51
N ARG A 109 -37.53 9.00 45.72
CA ARG A 109 -36.90 9.76 44.67
C ARG A 109 -36.00 10.86 45.22
N GLN A 110 -36.38 11.46 46.34
CA GLN A 110 -35.55 12.50 46.94
C GLN A 110 -34.27 11.92 47.53
N TYR A 111 -34.33 10.69 48.05
CA TYR A 111 -33.14 10.08 48.63
C TYR A 111 -32.08 9.82 47.56
N GLU A 112 -32.49 9.38 46.37
CA GLU A 112 -31.53 9.10 45.31
C GLU A 112 -30.88 10.37 44.79
N GLU A 113 -31.64 11.47 44.73
CA GLU A 113 -31.09 12.72 44.22
C GLU A 113 -30.25 13.44 45.27
N LYS A 114 -30.68 13.40 46.54
CA LYS A 114 -29.92 14.07 47.60
C LYS A 114 -28.64 13.32 47.92
N LYS A 115 -28.61 12.01 47.69
CA LYS A 115 -27.41 11.24 47.97
C LYS A 115 -26.38 11.39 46.86
N GLU A 116 -26.82 11.39 45.60
CA GLU A 116 -25.89 11.54 44.49
C GLU A 116 -25.28 12.95 44.46
N ALA A 117 -26.00 13.95 44.96
CA ALA A 117 -25.44 15.29 45.06
C ALA A 117 -24.36 15.37 46.13
N PHE A 118 -24.49 14.58 47.19
CA PHE A 118 -23.45 14.54 48.23
C PHE A 118 -22.23 13.76 47.78
N ARG A 119 -22.43 12.66 47.05
CA ARG A 119 -21.31 11.89 46.53
C ARG A 119 -20.52 12.71 45.52
N GLY A 120 -21.21 13.33 44.57
CA GLY A 120 -20.54 14.18 43.61
C GLY A 120 -19.87 15.39 44.24
N CYS A 121 -20.38 15.83 45.39
CA CYS A 121 -19.73 16.92 46.12
C CYS A 121 -18.36 16.50 46.62
N LEU A 122 -18.17 15.21 46.95
CA LEU A 122 -16.87 14.74 47.39
C LEU A 122 -15.88 14.63 46.23
N LEU A 123 -16.38 14.44 45.01
CA LEU A 123 -15.53 14.31 43.84
C LEU A 123 -15.26 15.64 43.17
N ASN A 124 -16.28 16.49 43.04
CA ASN A 124 -16.08 17.79 42.39
C ASN A 124 -15.24 18.73 43.23
N LYS A 125 -15.32 18.61 44.56
CA LYS A 125 -14.52 19.44 45.45
C LYS A 125 -13.11 18.89 45.66
N ASN A 126 -12.73 17.85 44.91
CA ASN A 126 -11.39 17.27 45.01
C ASN A 126 -10.77 17.02 43.64
N ARG A 127 -11.30 17.67 42.59
CA ARG A 127 -10.68 17.56 41.27
C ARG A 127 -9.26 18.12 41.29
N LYS A 128 -9.06 19.25 41.97
CA LYS A 128 -7.71 19.80 42.10
C LYS A 128 -6.85 18.95 43.02
N ASN A 129 -7.46 18.29 44.01
CA ASN A 129 -6.69 17.40 44.88
C ASN A 129 -6.23 16.16 44.12
N LEU A 130 -7.07 15.64 43.22
CA LEU A 130 -6.65 14.53 42.38
C LEU A 130 -5.53 14.94 41.44
N ASP A 131 -5.57 16.18 40.95
CA ASP A 131 -4.49 16.68 40.11
C ASP A 131 -3.20 16.86 40.89
N GLN A 132 -3.28 17.05 42.21
CA GLN A 132 -2.08 17.09 43.04
C GLN A 132 -1.57 15.69 43.34
N ILE A 133 -2.48 14.70 43.39
CA ILE A 133 -2.05 13.31 43.58
C ILE A 133 -1.14 12.89 42.44
N LYS A 134 -1.49 13.26 41.21
CA LYS A 134 -0.60 12.99 40.07
C LYS A 134 0.69 13.79 40.16
N LYS A 135 0.62 14.99 40.74
CA LYS A 135 1.83 15.82 40.86
C LYS A 135 2.84 15.21 41.81
N ILE A 136 2.38 14.52 42.85
CA ILE A 136 3.31 13.89 43.79
C ILE A 136 3.83 12.58 43.22
N ASN A 137 3.02 11.85 42.46
CA ASN A 137 3.50 10.63 41.81
C ASN A 137 4.61 10.94 40.82
N ASN A 138 4.43 11.98 40.01
CA ASN A 138 5.51 12.42 39.14
C ASN A 138 6.66 13.03 39.92
N GLU A 139 6.36 13.63 41.08
CA GLU A 139 7.42 14.15 41.94
C GLU A 139 8.26 13.01 42.52
N ILE A 140 7.60 11.92 42.92
CA ILE A 140 8.32 10.76 43.44
C ILE A 140 9.19 10.14 42.35
N ARG A 141 8.69 10.10 41.12
CA ARG A 141 9.47 9.56 40.02
C ARG A 141 10.62 10.48 39.65
N ASP A 142 10.36 11.79 39.61
CA ASP A 142 11.43 12.74 39.30
C ASP A 142 12.47 12.80 40.41
N LEU A 143 12.08 12.50 41.65
CA LEU A 143 13.04 12.49 42.75
C LEU A 143 13.86 11.21 42.77
N LEU A 144 13.23 10.07 42.46
CA LEU A 144 13.94 8.79 42.43
C LEU A 144 15.02 8.73 41.35
N GLU A 145 15.00 9.66 40.39
CA GLU A 145 16.05 9.69 39.37
C GLU A 145 17.40 10.06 39.95
N LYS A 146 17.43 10.72 41.10
CA LYS A 146 18.66 11.20 41.73
C LYS A 146 19.51 10.09 42.35
N LEU A 147 19.17 8.81 42.20
CA LEU A 147 19.98 7.74 42.76
C LEU A 147 21.23 7.53 41.92
N LYS A 148 22.35 7.22 42.59
CA LYS A 148 23.60 7.00 41.89
C LYS A 148 23.55 5.76 41.02
N CYS A 149 22.71 4.79 41.38
CA CYS A 149 22.58 3.57 40.59
C CYS A 149 21.82 3.86 39.29
N SER A 150 22.02 2.98 38.31
CA SER A 150 21.35 3.11 37.02
C SER A 150 20.87 1.76 36.53
N GLN A 151 21.79 0.93 36.05
CA GLN A 151 21.45 -0.42 35.60
C GLN A 151 21.73 -1.50 36.64
N ASP A 152 22.49 -1.18 37.68
CA ASP A 152 22.79 -2.15 38.72
C ASP A 152 22.29 -1.66 40.07
N CYS A 153 20.99 -1.42 40.17
CA CYS A 153 20.39 -0.91 41.40
C CYS A 153 20.12 -2.06 42.38
N GLN A 154 20.58 -1.88 43.61
CA GLN A 154 20.37 -2.92 44.63
C GLN A 154 18.92 -2.96 45.08
N THR A 155 18.44 -4.18 45.35
CA THR A 155 17.06 -4.39 45.79
C THR A 155 16.99 -4.90 47.23
N ASN A 156 18.06 -4.71 48.01
CA ASN A 156 18.06 -5.19 49.39
C ASN A 156 16.97 -4.49 50.20
N VAL A 157 16.83 -3.17 50.04
CA VAL A 157 15.77 -2.46 50.73
C VAL A 157 14.41 -2.86 50.19
N TYR A 158 14.35 -3.27 48.93
CA TYR A 158 13.08 -3.70 48.35
C TYR A 158 12.58 -5.00 48.99
N PHE A 159 13.51 -5.91 49.30
CA PHE A 159 13.14 -7.16 49.95
C PHE A 159 13.17 -7.08 51.48
N ASP A 160 13.92 -6.13 52.04
CA ASP A 160 13.79 -5.86 53.48
C ASP A 160 12.41 -5.33 53.81
N MET A 161 11.76 -4.64 52.86
CA MET A 161 10.42 -4.13 53.09
C MET A 161 9.38 -5.25 53.03
N ILE A 162 9.51 -6.15 52.06
CA ILE A 162 8.54 -7.23 51.89
C ILE A 162 8.45 -8.08 53.15
N LYS A 163 9.57 -8.27 53.86
CA LYS A 163 9.51 -9.00 55.13
C LYS A 163 8.65 -8.26 56.14
N ILE A 164 8.65 -6.93 56.10
CA ILE A 164 7.81 -6.15 57.01
C ILE A 164 6.35 -6.23 56.57
N TYR A 165 6.10 -6.20 55.26
CA TYR A 165 4.72 -6.20 54.77
C TYR A 165 4.02 -7.52 55.06
N LEU A 166 4.78 -8.63 55.11
CA LEU A 166 4.16 -9.91 55.45
C LEU A 166 3.72 -9.95 56.91
N VAL A 167 4.45 -9.27 57.80
CA VAL A 167 4.07 -9.23 59.20
C VAL A 167 2.87 -8.32 59.40
N ASP A 168 2.81 -7.20 58.70
CA ASP A 168 1.68 -6.29 58.82
C ASP A 168 0.40 -6.90 58.27
N PHE A 169 0.49 -7.88 57.37
CA PHE A 169 -0.70 -8.55 56.87
C PHE A 169 -1.27 -9.54 57.88
N LYS A 170 -0.42 -10.06 58.78
CA LYS A 170 -0.88 -11.05 59.75
C LYS A 170 -1.78 -10.46 60.82
N LYS A 171 -1.74 -9.14 61.03
CA LYS A 171 -2.57 -8.53 62.05
C LYS A 171 -4.03 -8.46 61.60
N MET A 172 -4.29 -8.45 60.31
CA MET A 172 -5.66 -8.34 59.81
C MET A 172 -6.31 -9.71 59.77
N PRO A 173 -7.52 -9.87 60.32
CA PRO A 173 -8.21 -11.16 60.24
C PRO A 173 -8.99 -11.32 58.95
N TYR A 174 -8.33 -11.81 57.90
CA TYR A 174 -9.02 -12.01 56.63
C TYR A 174 -10.05 -13.14 56.74
N GLU A 175 -9.66 -14.25 57.38
CA GLU A 175 -10.59 -15.37 57.52
C GLU A 175 -11.82 -14.97 58.33
N ASN A 176 -11.63 -14.13 59.35
CA ASN A 176 -12.77 -13.66 60.13
C ASN A 176 -13.65 -12.73 59.30
N TYR A 177 -13.03 -11.84 58.52
CA TYR A 177 -13.81 -10.98 57.62
C TYR A 177 -14.49 -11.78 56.53
N ASP A 178 -13.86 -12.87 56.07
CA ASP A 178 -14.49 -13.70 55.05
C ASP A 178 -15.68 -14.47 55.62
N THR A 179 -15.59 -14.89 56.89
CA THR A 179 -16.71 -15.57 57.53
C THR A 179 -17.80 -14.59 57.96
N PHE A 180 -17.42 -13.36 58.33
CA PHE A 180 -18.44 -12.38 58.72
C PHE A 180 -19.29 -11.96 57.53
N ILE A 181 -18.67 -11.74 56.37
CA ILE A 181 -19.43 -11.26 55.21
C ILE A 181 -20.37 -12.35 54.71
N LYS A 182 -19.93 -13.61 54.73
CA LYS A 182 -20.80 -14.69 54.31
C LYS A 182 -21.93 -14.92 55.32
N GLN A 183 -21.65 -14.71 56.61
CA GLN A 183 -22.70 -14.75 57.60
C GLN A 183 -23.74 -13.65 57.36
N TYR A 184 -23.31 -12.51 56.85
CA TYR A 184 -24.23 -11.39 56.61
C TYR A 184 -25.06 -11.61 55.35
N LYS A 185 -24.42 -12.04 54.26
CA LYS A 185 -25.12 -12.16 52.98
C LYS A 185 -26.17 -13.26 53.02
N ASN A 186 -26.01 -14.25 53.89
CA ASN A 186 -27.03 -15.30 54.01
C ASN A 186 -28.24 -14.79 54.78
N SER A 187 -28.02 -14.11 55.90
CA SER A 187 -29.13 -13.53 56.66
C SER A 187 -29.77 -12.37 55.93
N TYR A 188 -29.07 -11.77 54.98
CA TYR A 188 -29.63 -10.66 54.19
C TYR A 188 -30.49 -11.20 53.04
N LEU A 189 -29.98 -12.19 52.31
CA LEU A 189 -30.74 -12.74 51.19
C LEU A 189 -31.98 -13.49 51.68
N SER A 190 -31.86 -14.18 52.81
CA SER A 190 -33.03 -14.89 53.36
C SER A 190 -34.12 -13.92 53.76
N GLY A 191 -33.76 -12.71 54.21
CA GLY A 191 -34.74 -11.69 54.50
C GLY A 191 -35.41 -11.12 53.27
N VAL A 192 -34.74 -11.17 52.12
CA VAL A 192 -35.36 -10.71 50.88
C VAL A 192 -36.44 -11.69 50.43
N ASP A 193 -36.19 -12.99 50.59
CA ASP A 193 -37.21 -13.99 50.25
C ASP A 193 -38.40 -13.92 51.18
N MET A 194 -38.18 -13.58 52.46
CA MET A 194 -39.28 -13.51 53.42
C MET A 194 -40.21 -12.35 53.08
N ILE A 195 -39.66 -11.18 52.80
CA ILE A 195 -40.50 -10.02 52.48
C ILE A 195 -41.22 -10.24 51.15
N ARG A 196 -40.54 -10.83 50.17
CA ARG A 196 -41.16 -11.10 48.88
C ARG A 196 -42.21 -12.19 48.93
N LYS A 197 -42.34 -12.89 50.07
CA LYS A 197 -43.34 -13.94 50.21
C LYS A 197 -44.56 -13.51 51.02
N ILE A 198 -44.45 -12.45 51.82
CA ILE A 198 -45.55 -11.97 52.64
C ILE A 198 -46.05 -10.59 52.21
N GLU A 199 -45.39 -9.94 51.25
CA GLU A 199 -45.82 -8.61 50.83
C GLU A 199 -47.22 -8.62 50.24
N LYS A 200 -47.62 -9.75 49.65
CA LYS A 200 -48.96 -9.88 49.10
C LYS A 200 -49.99 -10.36 50.11
N GLN A 201 -49.55 -10.99 51.19
CA GLN A 201 -50.45 -11.51 52.22
C GLN A 201 -50.52 -10.62 53.46
N ILE A 202 -49.66 -9.62 53.56
CA ILE A 202 -49.63 -8.71 54.72
C ILE A 202 -50.01 -7.32 54.25
N ASP A 203 -50.95 -6.70 54.95
CA ASP A 203 -51.37 -5.33 54.65
C ASP A 203 -50.68 -4.38 55.63
N ASN A 204 -49.39 -4.16 55.37
CA ASN A 204 -48.58 -3.24 56.19
C ASN A 204 -47.67 -2.46 55.24
N PRO A 205 -48.23 -1.47 54.53
CA PRO A 205 -47.42 -0.78 53.52
C PRO A 205 -46.34 0.13 54.11
N VAL A 206 -46.65 0.83 55.20
CA VAL A 206 -45.70 1.81 55.73
C VAL A 206 -44.48 1.11 56.33
N THR A 207 -44.65 -0.12 56.82
CA THR A 207 -43.52 -0.83 57.42
C THR A 207 -42.77 -1.70 56.41
N ILE A 208 -43.50 -2.41 55.55
CA ILE A 208 -42.85 -3.26 54.55
C ILE A 208 -42.00 -2.42 53.60
N ASN A 209 -42.56 -1.31 53.11
CA ASN A 209 -41.79 -0.44 52.23
C ASN A 209 -40.58 0.16 52.93
N ALA A 210 -40.67 0.38 54.25
CA ALA A 210 -39.50 0.84 54.99
C ALA A 210 -38.47 -0.27 55.16
N ILE A 211 -38.92 -1.51 55.29
CA ILE A 211 -37.99 -2.64 55.33
C ILE A 211 -37.29 -2.79 53.98
N LYS A 212 -38.03 -2.58 52.89
CA LYS A 212 -37.41 -2.58 51.57
C LYS A 212 -36.39 -1.47 51.42
N PHE A 213 -36.64 -0.32 52.06
CA PHE A 213 -35.69 0.79 51.98
C PHE A 213 -34.39 0.46 52.71
N THR A 214 -34.46 -0.33 53.78
CA THR A 214 -33.24 -0.71 54.50
C THR A 214 -32.44 -1.73 53.72
N GLN A 215 -33.12 -2.73 53.12
CA GLN A 215 -32.42 -3.74 52.34
C GLN A 215 -31.78 -3.14 51.09
N LYS A 216 -32.35 -2.05 50.57
CA LYS A 216 -31.74 -1.38 49.43
C LYS A 216 -30.40 -0.78 49.77
N GLU A 217 -30.19 -0.37 51.03
CA GLU A 217 -28.90 0.14 51.45
C GLU A 217 -27.92 -0.98 51.75
N MET A 218 -28.41 -2.06 52.39
CA MET A 218 -27.53 -3.13 52.83
C MET A 218 -26.80 -3.77 51.65
N GLY A 219 -27.49 -3.95 50.52
CA GLY A 219 -26.83 -4.48 49.34
C GLY A 219 -25.73 -3.58 48.82
N TYR A 220 -25.86 -2.27 49.04
CA TYR A 220 -24.82 -1.35 48.61
C TYR A 220 -23.59 -1.45 49.50
N ILE A 221 -23.79 -1.70 50.80
CA ILE A 221 -22.65 -1.81 51.71
C ILE A 221 -21.85 -3.08 51.41
N ILE A 222 -22.54 -4.18 51.09
CA ILE A 222 -21.85 -5.42 50.76
C ILE A 222 -21.04 -5.24 49.47
N ASP A 223 -21.54 -4.45 48.53
CA ASP A 223 -20.77 -4.15 47.33
C ASP A 223 -19.51 -3.35 47.67
N ARG A 224 -19.62 -2.46 48.65
CA ARG A 224 -18.47 -1.65 49.06
C ARG A 224 -17.55 -2.43 50.00
N PHE A 225 -18.13 -3.26 50.87
CA PHE A 225 -17.32 -4.03 51.80
C PHE A 225 -16.49 -5.09 51.08
N GLU A 226 -17.02 -5.65 49.99
CA GLU A 226 -16.30 -6.68 49.24
C GLU A 226 -15.23 -6.10 48.33
N TYR A 227 -15.35 -4.82 47.95
CA TYR A 227 -14.35 -4.22 47.08
C TYR A 227 -12.97 -4.24 47.73
N HIS A 228 -12.86 -3.63 48.92
CA HIS A 228 -11.59 -3.63 49.62
C HIS A 228 -11.14 -5.04 49.97
N LEU A 229 -12.09 -5.95 50.22
CA LEU A 229 -11.73 -7.33 50.51
C LEU A 229 -11.07 -7.98 49.30
N GLN A 230 -11.54 -7.65 48.10
CA GLN A 230 -10.86 -8.11 46.89
C GLN A 230 -9.49 -7.45 46.75
N LYS A 231 -9.40 -6.18 47.12
CA LYS A 231 -8.13 -5.46 46.98
C LYS A 231 -7.12 -5.89 48.04
N VAL A 232 -7.57 -6.21 49.24
CA VAL A 232 -6.67 -6.74 50.26
C VAL A 232 -6.16 -8.11 49.86
N LYS A 233 -7.05 -8.95 49.29
CA LYS A 233 -6.62 -10.24 48.78
C LYS A 233 -5.57 -10.08 47.69
N HIS A 234 -5.67 -9.01 46.89
CA HIS A 234 -4.62 -8.71 45.92
C HIS A 234 -3.32 -8.32 46.62
N SER A 235 -3.41 -7.50 47.67
CA SER A 235 -2.20 -7.10 48.39
C SER A 235 -1.57 -8.27 49.13
N ILE A 236 -2.38 -9.20 49.63
CA ILE A 236 -1.84 -10.33 50.37
C ILE A 236 -1.23 -11.36 49.42
N ASP A 237 -1.90 -11.62 48.29
CA ASP A 237 -1.43 -12.67 47.38
C ASP A 237 -0.21 -12.22 46.58
N GLN A 238 -0.21 -10.97 46.12
CA GLN A 238 0.89 -10.49 45.28
C GLN A 238 2.18 -10.38 46.05
N VAL A 239 2.13 -9.82 47.26
CA VAL A 239 3.35 -9.65 48.05
C VAL A 239 3.91 -11.00 48.47
N THR A 240 3.04 -11.97 48.76
CA THR A 240 3.50 -13.30 49.14
C THR A 240 4.30 -13.97 48.02
N ALA A 241 3.92 -13.72 46.77
CA ALA A 241 4.67 -14.25 45.64
C ALA A 241 5.98 -13.52 45.42
N LEU A 242 6.10 -12.27 45.87
CA LEU A 242 7.35 -11.53 45.71
C LEU A 242 8.45 -12.08 46.61
N SER A 243 8.07 -12.53 47.82
CA SER A 243 9.05 -13.10 48.73
C SER A 243 9.49 -14.49 48.31
N ASP A 244 8.70 -15.18 47.49
CA ASP A 244 9.04 -16.51 47.02
C ASP A 244 9.45 -16.58 45.57
N GLY A 245 9.12 -15.57 44.77
CA GLY A 245 9.51 -15.52 43.37
C GLY A 245 10.98 -15.23 43.19
N VAL A 246 11.31 -14.59 42.06
CA VAL A 246 12.69 -14.21 41.80
C VAL A 246 13.11 -13.12 42.78
N LYS A 247 14.37 -13.21 43.24
CA LYS A 247 14.95 -12.23 44.16
C LYS A 247 16.18 -11.64 43.50
N PRO A 248 16.00 -10.77 42.52
CA PRO A 248 17.16 -10.21 41.80
C PRO A 248 17.88 -9.18 42.65
N LYS A 249 19.22 -9.28 42.67
CA LYS A 249 20.03 -8.33 43.42
C LYS A 249 20.28 -7.04 42.66
N GLN A 250 20.04 -7.02 41.35
CA GLN A 250 20.30 -5.85 40.52
C GLN A 250 19.21 -5.71 39.47
N VAL A 251 18.63 -4.51 39.38
CA VAL A 251 17.65 -4.16 38.35
C VAL A 251 18.00 -2.77 37.83
N THR A 252 17.34 -2.39 36.73
CA THR A 252 17.55 -1.07 36.18
C THR A 252 16.83 -0.03 37.05
N LYS A 253 17.21 1.23 36.85
CA LYS A 253 16.63 2.32 37.65
C LYS A 253 15.14 2.46 37.38
N ASN A 254 14.72 2.32 36.12
CA ASN A 254 13.31 2.41 35.81
C ASN A 254 12.53 1.20 36.29
N ARG A 255 13.16 0.03 36.34
CA ARG A 255 12.50 -1.16 36.87
C ARG A 255 12.33 -1.05 38.39
N LEU A 256 13.27 -0.42 39.07
CA LEU A 256 13.12 -0.22 40.51
C LEU A 256 12.03 0.80 40.82
N LYS A 257 11.86 1.80 39.96
CA LYS A 257 10.74 2.72 40.11
C LYS A 257 9.41 1.99 39.95
N GLU A 258 9.38 0.94 39.12
CA GLU A 258 8.22 0.08 39.03
C GLU A 258 8.15 -0.91 40.18
N TYR A 259 9.27 -1.17 40.86
CA TYR A 259 9.26 -2.03 42.04
C TYR A 259 8.72 -1.29 43.26
N TYR A 260 9.13 -0.03 43.46
CA TYR A 260 8.66 0.73 44.60
C TYR A 260 7.19 1.10 44.45
N PHE A 261 6.80 1.57 43.27
CA PHE A 261 5.42 1.97 43.04
C PHE A 261 4.46 0.79 42.99
N ASN A 262 4.96 -0.44 43.04
CA ASN A 262 4.11 -1.62 43.01
C ASN A 262 3.72 -2.06 44.42
N ILE A 263 4.71 -2.28 45.29
CA ILE A 263 4.42 -2.73 46.65
C ILE A 263 3.73 -1.62 47.44
N GLY A 264 4.12 -0.36 47.20
CA GLY A 264 3.45 0.75 47.87
C GLY A 264 2.01 0.88 47.45
N ASN A 265 1.72 0.61 46.17
CA ASN A 265 0.33 0.61 45.71
C ASN A 265 -0.45 -0.54 46.34
N TYR A 266 0.22 -1.63 46.69
CA TYR A 266 -0.47 -2.75 47.32
C TYR A 266 -0.66 -2.53 48.81
N TYR A 267 0.35 -2.01 49.50
CA TYR A 267 0.24 -1.81 50.94
C TYR A 267 -0.68 -0.65 51.28
N SER A 268 -0.59 0.45 50.52
CA SER A 268 -1.50 1.56 50.75
C SER A 268 -2.94 1.15 50.55
N ILE A 269 -3.21 0.32 49.54
CA ILE A 269 -4.54 -0.23 49.34
C ILE A 269 -4.91 -1.18 50.48
N PHE A 270 -3.93 -1.94 50.97
CA PHE A 270 -4.19 -2.82 52.11
C PHE A 270 -4.59 -2.03 53.34
N LYS A 271 -3.79 -1.02 53.73
CA LYS A 271 -4.14 -0.17 54.85
C LYS A 271 -5.39 0.65 54.58
N PHE A 272 -5.72 0.88 53.32
CA PHE A 272 -6.96 1.57 52.99
C PHE A 272 -8.16 0.64 53.15
N GLY A 273 -7.99 -0.65 52.83
CA GLY A 273 -9.06 -1.59 53.02
C GLY A 273 -9.25 -2.02 54.46
N LYS A 274 -8.18 -2.01 55.25
CA LYS A 274 -8.29 -2.36 56.66
C LYS A 274 -9.11 -1.32 57.42
N ASP A 275 -8.94 -0.05 57.07
CA ASP A 275 -9.71 1.01 57.74
C ASP A 275 -11.17 0.98 57.33
N SER A 276 -11.45 0.76 56.05
CA SER A 276 -12.83 0.76 55.57
C SER A 276 -13.60 -0.43 56.12
N LEU A 277 -13.01 -1.63 56.03
CA LEU A 277 -13.71 -2.82 56.52
C LEU A 277 -14.00 -2.75 58.01
N ASN A 278 -13.14 -2.06 58.77
CA ASN A 278 -13.43 -1.84 60.19
C ASN A 278 -14.65 -0.96 60.38
N MET A 279 -14.87 -0.01 59.45
CA MET A 279 -16.07 0.81 59.51
C MET A 279 -17.25 0.13 58.83
N LEU A 280 -17.02 -0.49 57.67
CA LEU A 280 -18.06 -1.24 56.99
C LEU A 280 -18.55 -2.41 57.83
N ASN A 281 -17.76 -2.87 58.80
CA ASN A 281 -18.24 -3.87 59.75
C ASN A 281 -19.38 -3.32 60.59
N LYS A 282 -19.16 -2.19 61.25
CA LYS A 282 -20.21 -1.58 62.06
C LYS A 282 -21.33 -1.01 61.20
N ALA A 283 -21.01 -0.55 59.99
CA ALA A 283 -22.05 -0.05 59.09
C ALA A 283 -22.99 -1.18 58.66
N LEU A 284 -22.45 -2.39 58.48
CA LEU A 284 -23.30 -3.52 58.13
C LEU A 284 -24.12 -3.98 59.33
N ILE A 285 -23.48 -4.11 60.50
CA ILE A 285 -24.17 -4.62 61.68
C ILE A 285 -25.31 -3.70 62.08
N HIS A 286 -25.11 -2.39 61.96
CA HIS A 286 -26.16 -1.44 62.34
C HIS A 286 -27.38 -1.57 61.44
N LYS A 287 -27.17 -1.75 60.14
CA LYS A 287 -28.30 -1.94 59.23
C LYS A 287 -29.03 -3.25 59.48
N GLU A 288 -28.31 -4.28 59.95
CA GLU A 288 -28.94 -5.54 60.25
C GLU A 288 -29.63 -5.53 61.61
N LYS A 289 -29.14 -4.71 62.55
CA LYS A 289 -29.85 -4.53 63.81
C LYS A 289 -31.21 -3.88 63.59
N ILE A 290 -31.28 -2.95 62.63
CA ILE A 290 -32.56 -2.32 62.31
C ILE A 290 -33.52 -3.33 61.71
N VAL A 291 -33.03 -4.19 60.82
CA VAL A 291 -33.88 -5.20 60.21
C VAL A 291 -34.40 -6.17 61.26
N HIS A 292 -33.53 -6.59 62.18
CA HIS A 292 -33.96 -7.48 63.26
C HIS A 292 -35.05 -6.84 64.11
N ASN A 293 -35.05 -5.51 64.23
CA ASN A 293 -36.10 -4.80 64.94
C ASN A 293 -37.23 -4.37 64.02
N LEU A 294 -36.96 -4.13 62.74
CA LEU A 294 -38.02 -3.81 61.80
C LEU A 294 -38.84 -5.05 61.45
N LEU A 295 -38.23 -6.23 61.47
CA LEU A 295 -38.98 -7.46 61.24
C LEU A 295 -39.81 -7.84 62.46
N GLY A 296 -39.24 -7.70 63.65
CA GLY A 296 -40.01 -7.96 64.86
C GLY A 296 -41.17 -7.00 65.02
N GLU A 297 -40.97 -5.74 64.65
CA GLU A 297 -42.08 -4.79 64.67
C GLU A 297 -43.12 -5.13 63.61
N LEU A 298 -42.70 -5.77 62.51
CA LEU A 298 -43.64 -6.19 61.49
C LEU A 298 -44.57 -7.29 62.01
N PHE A 299 -44.02 -8.27 62.73
CA PHE A 299 -44.82 -9.35 63.29
C PHE A 299 -45.16 -9.05 64.76
N ASN B 11 -12.66 20.84 -64.16
CA ASN B 11 -13.80 21.33 -63.40
C ASN B 11 -13.67 20.97 -61.92
N ILE B 12 -13.42 21.96 -61.09
CA ILE B 12 -13.21 21.74 -59.66
C ILE B 12 -14.33 22.39 -58.85
N ASP B 13 -15.57 22.20 -59.29
CA ASP B 13 -16.72 22.73 -58.58
C ASP B 13 -17.11 21.91 -57.36
N TYR B 14 -16.30 20.90 -57.00
CA TYR B 14 -16.60 20.05 -55.86
C TYR B 14 -16.01 20.57 -54.54
N PHE B 15 -15.15 21.59 -54.60
CA PHE B 15 -14.60 22.16 -53.37
C PHE B 15 -15.63 23.04 -52.68
N ASP B 16 -15.61 23.02 -51.35
CA ASP B 16 -16.49 23.86 -50.54
C ASP B 16 -15.74 24.22 -49.26
N ILE B 17 -16.38 25.07 -48.45
CA ILE B 17 -15.78 25.52 -47.20
C ILE B 17 -16.88 26.01 -46.29
N SER B 18 -16.67 25.91 -44.99
CA SER B 18 -17.55 26.45 -43.97
C SER B 18 -16.84 27.57 -43.22
N ASP B 19 -17.57 28.19 -42.29
CA ASP B 19 -17.01 29.28 -41.50
C ASP B 19 -16.19 28.73 -40.34
N GLU B 20 -15.70 29.65 -39.50
CA GLU B 20 -14.94 29.23 -38.32
C GLU B 20 -15.85 28.54 -37.30
N SER B 21 -17.08 29.03 -37.16
CA SER B 21 -18.04 28.40 -36.26
C SER B 21 -18.76 27.22 -36.90
N ASN B 22 -18.52 26.96 -38.19
CA ASN B 22 -19.14 25.86 -38.92
C ASN B 22 -20.68 25.95 -38.88
N TYR B 23 -21.20 27.18 -38.90
CA TYR B 23 -22.64 27.39 -38.88
C TYR B 23 -23.24 27.52 -40.27
N TYR B 24 -22.42 27.78 -41.29
CA TYR B 24 -22.90 27.93 -42.66
C TYR B 24 -21.87 27.33 -43.61
N LEU B 25 -22.35 26.59 -44.60
CA LEU B 25 -21.50 25.94 -45.59
C LEU B 25 -21.58 26.72 -46.90
N ILE B 26 -20.42 26.97 -47.50
CA ILE B 26 -20.32 27.72 -48.75
C ILE B 26 -19.85 26.76 -49.84
N SER B 27 -20.68 26.55 -50.84
CA SER B 27 -20.37 25.67 -51.96
C SER B 27 -20.26 26.46 -53.25
N GLN B 28 -19.48 25.92 -54.20
CA GLN B 28 -19.29 26.58 -55.47
C GLN B 28 -20.53 26.48 -56.37
N LEU B 29 -21.41 25.52 -56.11
CA LEU B 29 -22.61 25.36 -56.92
C LEU B 29 -23.70 26.30 -56.42
N ARG B 30 -24.34 27.01 -57.35
CA ARG B 30 -25.42 27.91 -56.98
C ARG B 30 -26.57 27.14 -56.35
N PRO B 31 -27.31 27.75 -55.40
CA PRO B 31 -27.16 29.13 -54.93
C PRO B 31 -26.11 29.32 -53.83
N HIS B 32 -25.09 28.46 -53.80
CA HIS B 32 -23.95 28.59 -52.90
C HIS B 32 -24.33 28.40 -51.44
N PHE B 33 -25.46 28.97 -51.02
CA PHE B 33 -25.92 28.88 -49.64
C PHE B 33 -27.19 28.04 -49.59
N SER B 34 -27.24 27.13 -48.61
CA SER B 34 -28.43 26.32 -48.42
C SER B 34 -29.61 27.13 -47.90
N ASN B 35 -29.36 28.31 -47.34
CA ASN B 35 -30.43 29.15 -46.83
C ASN B 35 -31.22 29.85 -47.93
N ILE B 36 -30.66 29.93 -49.14
CA ILE B 36 -31.42 30.47 -50.26
C ILE B 36 -32.56 29.53 -50.63
N TYR B 37 -32.33 28.22 -50.54
CA TYR B 37 -33.43 27.27 -50.67
C TYR B 37 -34.40 27.39 -49.51
N PHE B 38 -33.93 27.82 -48.34
CA PHE B 38 -34.82 28.09 -47.22
C PHE B 38 -35.64 29.36 -47.47
N PHE B 39 -35.02 30.37 -48.08
CA PHE B 39 -35.76 31.57 -48.45
C PHE B 39 -36.72 31.30 -49.60
N ASP B 40 -36.35 30.40 -50.51
CA ASP B 40 -37.25 30.04 -51.61
C ASP B 40 -38.44 29.25 -51.10
N GLU B 41 -38.23 28.38 -50.12
CA GLU B 41 -39.34 27.64 -49.51
C GLU B 41 -40.25 28.55 -48.72
N PHE B 42 -39.77 29.71 -48.27
CA PHE B 42 -40.63 30.66 -47.59
C PHE B 42 -41.69 31.24 -48.53
N LYS B 43 -41.40 31.27 -49.83
CA LYS B 43 -42.42 31.71 -50.79
C LYS B 43 -43.57 30.72 -50.88
N ARG B 44 -43.31 29.44 -50.61
CA ARG B 44 -44.39 28.46 -50.58
C ARG B 44 -45.22 28.59 -49.32
N TYR B 45 -44.62 29.03 -48.21
CA TYR B 45 -45.37 29.24 -46.99
C TYR B 45 -46.31 30.44 -47.10
N ALA B 46 -45.89 31.47 -47.83
CA ALA B 46 -46.74 32.65 -48.00
C ALA B 46 -47.88 32.43 -48.98
N SER B 47 -47.85 31.35 -49.76
CA SER B 47 -48.92 31.08 -50.71
C SER B 47 -50.22 30.69 -50.01
N TYR B 48 -50.15 30.25 -48.75
CA TYR B 48 -51.36 29.86 -48.01
C TYR B 48 -51.82 30.93 -47.04
N HIS B 49 -50.97 31.90 -46.70
CA HIS B 49 -51.31 32.97 -45.77
C HIS B 49 -51.51 34.26 -46.57
N THR B 50 -52.72 34.82 -46.49
CA THR B 50 -53.02 36.07 -47.18
C THR B 50 -52.41 37.28 -46.49
N GLU B 51 -52.14 37.19 -45.18
CA GLU B 51 -51.58 38.33 -44.46
C GLU B 51 -50.15 38.64 -44.89
N ILE B 52 -49.43 37.66 -45.40
CA ILE B 52 -48.05 37.89 -45.83
C ILE B 52 -47.97 37.84 -47.35
N LYS B 53 -48.96 38.43 -48.01
CA LYS B 53 -48.92 38.57 -49.47
C LYS B 53 -47.82 39.51 -49.94
N ARG B 54 -47.14 40.20 -49.02
CA ARG B 54 -46.03 41.07 -49.33
C ARG B 54 -44.73 40.32 -49.59
N TYR B 55 -44.82 39.03 -49.91
CA TYR B 55 -43.61 38.26 -50.19
C TYR B 55 -43.00 38.58 -51.54
N GLU B 56 -43.79 39.14 -52.47
CA GLU B 56 -43.25 39.55 -53.75
C GLU B 56 -42.26 40.70 -53.62
N ASP B 57 -42.34 41.48 -52.54
CA ASP B 57 -41.37 42.56 -52.36
C ASP B 57 -40.11 42.07 -51.67
N ILE B 58 -40.26 41.17 -50.69
CA ILE B 58 -39.09 40.63 -50.00
C ILE B 58 -38.29 39.72 -50.92
N HIS B 59 -38.95 39.04 -51.86
CA HIS B 59 -38.24 38.17 -52.79
C HIS B 59 -37.50 38.97 -53.85
N LYS B 60 -38.09 40.08 -54.31
CA LYS B 60 -37.45 40.87 -55.35
C LYS B 60 -36.30 41.72 -54.81
N THR B 61 -36.34 42.08 -53.53
CA THR B 61 -35.35 42.97 -52.93
C THR B 61 -34.31 42.22 -52.11
N LYS B 62 -34.73 41.31 -51.24
CA LYS B 62 -33.82 40.64 -50.33
C LYS B 62 -33.36 39.27 -50.81
N VAL B 63 -34.26 38.48 -51.40
CA VAL B 63 -33.91 37.12 -51.81
C VAL B 63 -33.01 37.15 -53.04
N ASN B 64 -33.36 37.98 -54.03
CA ASN B 64 -32.57 38.02 -55.26
C ASN B 64 -31.23 38.70 -55.04
N SER B 65 -31.17 39.70 -54.17
CA SER B 65 -29.91 40.40 -53.94
C SER B 65 -28.89 39.51 -53.23
N LEU B 66 -29.37 38.64 -52.33
CA LEU B 66 -28.46 37.74 -51.62
C LEU B 66 -27.82 36.76 -52.59
N LEU B 67 -28.58 36.28 -53.58
CA LEU B 67 -28.00 35.39 -54.59
C LEU B 67 -27.05 36.15 -55.51
N ASN B 68 -27.34 37.41 -55.81
CA ASN B 68 -26.45 38.21 -56.63
C ASN B 68 -25.21 38.66 -55.85
N GLU B 69 -25.37 39.01 -54.57
CA GLU B 69 -24.22 39.35 -53.74
C GLU B 69 -23.32 38.16 -53.51
N ALA B 70 -23.90 36.95 -53.44
CA ALA B 70 -23.08 35.75 -53.31
C ALA B 70 -22.38 35.41 -54.62
N SER B 71 -23.05 35.67 -55.76
CA SER B 71 -22.41 35.44 -57.05
C SER B 71 -21.26 36.41 -57.30
N ARG B 72 -21.35 37.62 -56.76
CA ARG B 72 -20.24 38.57 -56.89
C ARG B 72 -19.08 38.21 -55.99
N ALA B 73 -19.37 37.66 -54.79
CA ALA B 73 -18.31 37.25 -53.89
C ALA B 73 -17.64 35.96 -54.37
N ILE B 74 -18.39 35.09 -55.04
CA ILE B 74 -17.80 33.85 -55.55
C ILE B 74 -17.08 34.10 -56.86
N GLY B 75 -17.64 34.96 -57.72
CA GLY B 75 -17.01 35.27 -58.98
C GLY B 75 -15.74 36.08 -58.85
N ILE B 76 -15.55 36.75 -57.72
CA ILE B 76 -14.32 37.52 -57.52
C ILE B 76 -13.13 36.58 -57.30
N CYS B 77 -13.36 35.38 -56.79
CA CYS B 77 -12.32 34.40 -56.57
C CYS B 77 -12.09 33.50 -57.79
N ASN B 78 -12.60 33.90 -58.96
CA ASN B 78 -12.37 33.13 -60.17
C ASN B 78 -10.91 33.15 -60.61
N ARG B 79 -10.16 34.18 -60.21
CA ARG B 79 -8.74 34.23 -60.55
C ARG B 79 -7.95 33.18 -59.77
N ALA B 80 -8.22 33.08 -58.46
CA ALA B 80 -7.56 32.07 -57.64
C ALA B 80 -8.06 30.67 -57.94
N LYS B 81 -9.26 30.54 -58.51
CA LYS B 81 -9.79 29.22 -58.86
C LYS B 81 -9.08 28.66 -60.08
N ASN B 82 -8.93 29.49 -61.12
CA ASN B 82 -8.20 29.05 -62.31
C ASN B 82 -6.72 28.83 -62.01
N THR B 83 -6.19 29.54 -61.00
CA THR B 83 -4.82 29.30 -60.58
C THR B 83 -4.70 27.97 -59.84
N VAL B 84 -5.69 27.64 -59.01
CA VAL B 84 -5.68 26.36 -58.29
C VAL B 84 -6.00 25.20 -59.23
N LYS B 85 -6.67 25.47 -60.35
CA LYS B 85 -6.98 24.41 -61.30
C LYS B 85 -5.78 24.01 -62.13
N GLY B 86 -4.81 24.91 -62.31
CA GLY B 86 -3.63 24.58 -63.09
C GLY B 86 -2.71 23.63 -62.38
N LEU B 87 -2.48 23.84 -61.08
CA LEU B 87 -1.61 22.96 -60.32
C LEU B 87 -2.21 21.56 -60.16
N ILE B 88 -3.54 21.42 -60.27
CA ILE B 88 -4.15 20.11 -60.19
C ILE B 88 -4.01 19.35 -61.49
N ASN B 89 -3.99 20.06 -62.63
CA ASN B 89 -3.81 19.39 -63.91
C ASN B 89 -2.39 18.86 -64.07
N ILE B 90 -1.42 19.50 -63.45
CA ILE B 90 -0.04 19.04 -63.53
C ILE B 90 0.17 17.79 -62.67
N LEU B 91 -0.37 17.79 -61.45
CA LEU B 91 -0.19 16.67 -60.56
C LEU B 91 -0.99 15.44 -60.98
N GLU B 92 -2.04 15.62 -61.78
CA GLU B 92 -2.86 14.52 -62.26
C GLU B 92 -2.28 13.82 -63.48
N ASN B 93 -1.63 14.55 -64.37
CA ASN B 93 -1.05 13.98 -65.57
C ASN B 93 0.46 13.93 -65.44
N PRO B 94 1.08 12.74 -65.46
CA PRO B 94 2.55 12.66 -65.35
C PRO B 94 3.27 13.26 -66.55
N GLN B 95 2.59 13.44 -67.68
CA GLN B 95 3.26 13.98 -68.86
C GLN B 95 3.57 15.46 -68.69
N LYS B 96 2.60 16.23 -68.19
CA LYS B 96 2.83 17.66 -67.99
C LYS B 96 3.77 17.92 -66.83
N PHE B 97 3.82 17.02 -65.85
CA PHE B 97 4.74 17.20 -64.73
C PHE B 97 6.18 17.07 -65.18
N LYS B 98 6.44 16.33 -66.26
CA LYS B 98 7.79 16.21 -66.79
C LYS B 98 8.19 17.37 -67.69
N THR B 99 7.22 18.20 -68.10
CA THR B 99 7.48 19.38 -68.90
C THR B 99 7.90 20.59 -68.07
N GLN B 100 8.49 20.37 -66.90
CA GLN B 100 8.96 21.44 -66.02
C GLN B 100 10.09 20.91 -65.15
N ARG B 101 10.75 21.83 -64.43
CA ARG B 101 11.91 21.46 -63.62
C ARG B 101 11.63 21.38 -62.13
N GLU B 102 10.56 22.00 -61.64
CA GLU B 102 10.27 21.97 -60.21
C GLU B 102 9.87 20.56 -59.78
N SER B 103 10.22 20.21 -58.55
CA SER B 103 9.93 18.89 -58.01
C SER B 103 8.44 18.77 -57.66
N TYR B 104 8.05 17.55 -57.29
CA TYR B 104 6.65 17.30 -56.96
C TYR B 104 6.28 17.94 -55.62
N ASP B 105 7.17 17.87 -54.64
CA ASP B 105 6.89 18.48 -53.34
C ASP B 105 6.80 20.00 -53.44
N VAL B 106 7.57 20.60 -54.35
CA VAL B 106 7.45 22.04 -54.57
C VAL B 106 6.11 22.37 -55.22
N LYS B 107 5.70 21.57 -56.21
CA LYS B 107 4.39 21.78 -56.83
C LYS B 107 3.26 21.42 -55.87
N LEU B 108 3.50 20.49 -54.94
CA LEU B 108 2.50 20.15 -53.95
C LEU B 108 2.38 21.23 -52.88
N ARG B 109 3.51 21.78 -52.42
CA ARG B 109 3.47 22.90 -51.50
C ARG B 109 2.88 24.14 -52.15
N GLN B 110 3.06 24.30 -53.46
CA GLN B 110 2.39 25.37 -54.18
C GLN B 110 0.91 25.10 -54.40
N TYR B 111 0.51 23.82 -54.40
CA TYR B 111 -0.90 23.50 -54.52
C TYR B 111 -1.64 23.73 -53.20
N GLU B 112 -1.03 23.32 -52.08
CA GLU B 112 -1.66 23.53 -50.79
C GLU B 112 -1.82 25.01 -50.47
N GLU B 113 -0.86 25.84 -50.91
CA GLU B 113 -0.99 27.28 -50.71
C GLU B 113 -2.03 27.87 -51.66
N LYS B 114 -2.09 27.38 -52.90
CA LYS B 114 -3.09 27.88 -53.83
C LYS B 114 -4.48 27.36 -53.51
N LYS B 115 -4.58 26.18 -52.89
CA LYS B 115 -5.88 25.66 -52.49
C LYS B 115 -6.41 26.34 -51.25
N GLU B 116 -5.54 26.61 -50.27
CA GLU B 116 -5.97 27.30 -49.06
C GLU B 116 -6.29 28.76 -49.33
N ALA B 117 -5.61 29.37 -50.30
CA ALA B 117 -5.90 30.77 -50.63
C ALA B 117 -7.26 30.91 -51.30
N PHE B 118 -7.57 30.02 -52.25
CA PHE B 118 -8.87 30.07 -52.90
C PHE B 118 -10.00 29.66 -51.95
N ARG B 119 -9.72 28.70 -51.05
CA ARG B 119 -10.73 28.30 -50.08
C ARG B 119 -11.07 29.46 -49.14
N GLY B 120 -10.05 30.09 -48.57
CA GLY B 120 -10.27 31.27 -47.75
C GLY B 120 -10.85 32.44 -48.51
N CYS B 121 -10.64 32.48 -49.84
CA CYS B 121 -11.25 33.54 -50.64
C CYS B 121 -12.77 33.41 -50.66
N LEU B 122 -13.28 32.18 -50.81
CA LEU B 122 -14.72 31.99 -50.87
C LEU B 122 -15.38 32.25 -49.52
N LEU B 123 -14.64 32.10 -48.43
CA LEU B 123 -15.16 32.33 -47.09
C LEU B 123 -15.06 33.80 -46.69
N ASN B 124 -13.88 34.41 -46.83
CA ASN B 124 -13.67 35.78 -46.37
C ASN B 124 -14.48 36.76 -47.22
N LYS B 125 -14.43 36.62 -48.53
CA LYS B 125 -15.13 37.55 -49.42
C LYS B 125 -16.64 37.43 -49.32
N ASN B 126 -17.16 36.37 -48.70
CA ASN B 126 -18.60 36.17 -48.55
C ASN B 126 -19.04 36.26 -47.09
N ARG B 127 -18.20 36.82 -46.22
CA ARG B 127 -18.59 36.97 -44.82
C ARG B 127 -19.69 38.02 -44.67
N LYS B 128 -19.60 39.12 -45.43
CA LYS B 128 -20.66 40.12 -45.39
C LYS B 128 -21.97 39.56 -45.90
N ASN B 129 -21.92 38.67 -46.90
CA ASN B 129 -23.12 38.00 -47.35
C ASN B 129 -23.57 36.90 -46.40
N LEU B 130 -22.65 36.38 -45.59
CA LEU B 130 -23.02 35.37 -44.60
C LEU B 130 -23.78 36.01 -43.43
N ASP B 131 -23.37 37.22 -43.03
CA ASP B 131 -24.11 37.93 -41.99
C ASP B 131 -25.46 38.41 -42.51
N GLN B 132 -25.58 38.63 -43.83
CA GLN B 132 -26.86 38.99 -44.41
C GLN B 132 -27.86 37.85 -44.29
N ILE B 133 -27.39 36.60 -44.22
CA ILE B 133 -28.28 35.46 -44.12
C ILE B 133 -29.08 35.51 -42.81
N LYS B 134 -28.39 35.80 -41.71
CA LYS B 134 -29.09 35.87 -40.42
C LYS B 134 -30.03 37.06 -40.36
N LYS B 135 -29.73 38.13 -41.11
CA LYS B 135 -30.62 39.28 -41.13
C LYS B 135 -31.91 38.97 -41.88
N ILE B 136 -31.81 38.24 -42.99
CA ILE B 136 -33.00 37.85 -43.73
C ILE B 136 -33.81 36.83 -42.94
N ASN B 137 -33.12 35.93 -42.24
CA ASN B 137 -33.82 34.95 -41.41
C ASN B 137 -34.56 35.63 -40.27
N ASN B 138 -33.96 36.67 -39.68
CA ASN B 138 -34.65 37.44 -38.65
C ASN B 138 -35.79 38.27 -39.23
N GLU B 139 -35.67 38.67 -40.50
CA GLU B 139 -36.76 39.40 -41.15
C GLU B 139 -37.98 38.52 -41.37
N ILE B 140 -37.78 37.21 -41.49
CA ILE B 140 -38.91 36.29 -41.62
C ILE B 140 -39.64 36.16 -40.29
N ARG B 141 -38.89 36.19 -39.17
CA ARG B 141 -39.53 36.12 -37.86
C ARG B 141 -40.43 37.33 -37.61
N ASP B 142 -40.08 38.48 -38.17
CA ASP B 142 -40.92 39.66 -38.02
C ASP B 142 -42.12 39.61 -38.96
N LEU B 143 -41.97 38.98 -40.14
CA LEU B 143 -43.09 38.87 -41.06
C LEU B 143 -44.09 37.81 -40.59
N LEU B 144 -43.63 36.81 -39.85
CA LEU B 144 -44.53 35.79 -39.32
C LEU B 144 -45.44 36.33 -38.23
N GLU B 145 -45.04 37.43 -37.57
CA GLU B 145 -45.90 38.04 -36.57
C GLU B 145 -47.16 38.63 -37.17
N LYS B 146 -47.17 38.93 -38.48
CA LYS B 146 -48.32 39.48 -39.16
C LYS B 146 -49.45 38.47 -39.34
N LEU B 147 -49.31 37.25 -38.82
CA LEU B 147 -50.38 36.27 -38.90
C LEU B 147 -51.58 36.72 -38.07
N LYS B 148 -52.78 36.39 -38.57
CA LYS B 148 -54.01 36.81 -37.90
C LYS B 148 -54.16 36.13 -36.54
N CYS B 149 -53.64 34.92 -36.40
CA CYS B 149 -53.79 34.16 -35.16
C CYS B 149 -52.83 34.67 -34.10
N SER B 150 -53.16 34.36 -32.84
CA SER B 150 -52.33 34.75 -31.71
C SER B 150 -52.11 33.58 -30.77
N GLN B 151 -53.20 33.00 -30.26
CA GLN B 151 -53.13 31.88 -29.33
C GLN B 151 -53.52 30.55 -29.95
N ASP B 152 -54.52 30.53 -30.82
CA ASP B 152 -55.01 29.31 -31.45
C ASP B 152 -54.67 29.38 -32.94
N CYS B 153 -53.41 29.12 -33.27
CA CYS B 153 -52.95 29.13 -34.66
C CYS B 153 -53.17 27.77 -35.30
N GLN B 154 -53.84 27.77 -36.45
CA GLN B 154 -54.12 26.52 -37.15
C GLN B 154 -52.83 25.87 -37.62
N THR B 155 -52.80 24.53 -37.57
CA THR B 155 -51.66 23.75 -38.04
C THR B 155 -51.98 23.01 -39.33
N ASN B 156 -52.93 23.51 -40.12
CA ASN B 156 -53.29 22.88 -41.37
C ASN B 156 -52.19 23.06 -42.41
N VAL B 157 -51.64 24.28 -42.52
CA VAL B 157 -50.55 24.51 -43.47
C VAL B 157 -49.29 23.80 -43.01
N TYR B 158 -49.09 23.67 -41.69
CA TYR B 158 -47.94 22.92 -41.19
C TYR B 158 -48.03 21.45 -41.57
N PHE B 159 -49.24 20.87 -41.53
CA PHE B 159 -49.41 19.48 -41.92
C PHE B 159 -49.43 19.32 -43.43
N ASP B 160 -49.90 20.32 -44.17
CA ASP B 160 -49.92 20.22 -45.63
C ASP B 160 -48.51 20.27 -46.20
N MET B 161 -47.57 20.89 -45.50
CA MET B 161 -46.19 20.90 -45.95
C MET B 161 -45.48 19.59 -45.65
N ILE B 162 -45.90 18.89 -44.59
CA ILE B 162 -45.32 17.59 -44.29
C ILE B 162 -45.69 16.58 -45.37
N LYS B 163 -46.95 16.57 -45.80
CA LYS B 163 -47.36 15.71 -46.90
C LYS B 163 -46.77 16.15 -48.23
N ILE B 164 -46.37 17.41 -48.36
CA ILE B 164 -45.76 17.88 -49.59
C ILE B 164 -44.25 17.62 -49.60
N TYR B 165 -43.61 17.62 -48.43
CA TYR B 165 -42.18 17.34 -48.36
C TYR B 165 -41.87 15.85 -48.51
N LEU B 166 -42.77 14.99 -48.04
CA LEU B 166 -42.55 13.55 -48.15
C LEU B 166 -42.61 13.08 -49.60
N VAL B 167 -43.38 13.78 -50.45
CA VAL B 167 -43.44 13.42 -51.86
C VAL B 167 -42.14 13.76 -52.56
N ASP B 168 -41.52 14.88 -52.18
CA ASP B 168 -40.24 15.26 -52.77
C ASP B 168 -39.11 14.37 -52.26
N PHE B 169 -39.20 13.91 -51.02
CA PHE B 169 -38.15 13.05 -50.48
C PHE B 169 -38.14 11.68 -51.15
N LYS B 170 -39.30 11.20 -51.60
CA LYS B 170 -39.36 9.91 -52.27
C LYS B 170 -38.75 9.94 -53.66
N LYS B 171 -38.57 11.12 -54.25
CA LYS B 171 -37.98 11.25 -55.57
C LYS B 171 -36.46 11.20 -55.56
N MET B 172 -35.84 11.01 -54.39
CA MET B 172 -34.39 10.95 -54.29
C MET B 172 -33.96 9.51 -54.00
N PRO B 173 -33.23 8.86 -54.91
CA PRO B 173 -32.79 7.49 -54.65
C PRO B 173 -31.65 7.43 -53.66
N TYR B 174 -31.98 7.40 -52.36
CA TYR B 174 -30.93 7.37 -51.34
C TYR B 174 -30.21 6.04 -51.33
N GLU B 175 -30.95 4.93 -51.48
CA GLU B 175 -30.32 3.61 -51.47
C GLU B 175 -29.38 3.44 -52.66
N ASN B 176 -29.78 3.95 -53.83
CA ASN B 176 -28.90 3.88 -54.99
C ASN B 176 -27.68 4.77 -54.81
N TYR B 177 -27.87 5.97 -54.26
CA TYR B 177 -26.74 6.85 -53.97
C TYR B 177 -25.90 6.34 -52.82
N ASP B 178 -26.47 5.53 -51.93
CA ASP B 178 -25.70 4.96 -50.82
C ASP B 178 -24.80 3.83 -51.30
N THR B 179 -25.30 3.01 -52.22
CA THR B 179 -24.51 1.87 -52.71
C THR B 179 -23.28 2.35 -53.49
N PHE B 180 -23.43 3.44 -54.26
CA PHE B 180 -22.30 3.96 -55.02
C PHE B 180 -21.18 4.41 -54.08
N ILE B 181 -21.52 5.10 -53.00
CA ILE B 181 -20.53 5.55 -52.03
C ILE B 181 -19.84 4.38 -51.34
N LYS B 182 -20.51 3.22 -51.27
CA LYS B 182 -19.90 2.04 -50.68
C LYS B 182 -19.12 1.22 -51.70
N GLN B 183 -19.61 1.15 -52.94
CA GLN B 183 -18.91 0.41 -53.97
C GLN B 183 -17.64 1.13 -54.41
N TYR B 184 -17.73 2.44 -54.64
CA TYR B 184 -16.56 3.22 -55.01
C TYR B 184 -15.54 3.29 -53.89
N LYS B 185 -15.97 3.12 -52.63
CA LYS B 185 -15.03 3.14 -51.51
C LYS B 185 -14.19 1.87 -51.45
N ASN B 186 -14.70 0.76 -51.99
CA ASN B 186 -13.94 -0.48 -51.97
C ASN B 186 -12.86 -0.50 -53.04
N SER B 187 -13.20 -0.07 -54.26
CA SER B 187 -12.20 -0.01 -55.33
C SER B 187 -11.16 1.07 -55.03
N TYR B 188 -11.58 2.18 -54.43
CA TYR B 188 -10.63 3.22 -54.02
C TYR B 188 -9.70 2.70 -52.94
N LEU B 189 -10.21 1.86 -52.03
CA LEU B 189 -9.36 1.26 -51.02
C LEU B 189 -8.42 0.22 -51.64
N SER B 190 -8.91 -0.52 -52.63
CA SER B 190 -8.05 -1.49 -53.31
C SER B 190 -6.98 -0.80 -54.14
N GLY B 191 -7.25 0.41 -54.62
CA GLY B 191 -6.23 1.15 -55.36
C GLY B 191 -5.10 1.64 -54.49
N VAL B 192 -5.37 1.88 -53.21
CA VAL B 192 -4.32 2.32 -52.29
C VAL B 192 -3.51 1.12 -51.80
N ASP B 193 -4.10 -0.07 -51.80
CA ASP B 193 -3.36 -1.26 -51.36
C ASP B 193 -2.32 -1.67 -52.39
N MET B 194 -2.68 -1.66 -53.68
CA MET B 194 -1.73 -2.03 -54.71
C MET B 194 -0.57 -1.06 -54.79
N ILE B 195 -0.85 0.23 -54.62
CA ILE B 195 0.22 1.23 -54.65
C ILE B 195 1.13 1.07 -53.43
N ARG B 196 0.55 0.74 -52.27
CA ARG B 196 1.34 0.59 -51.06
C ARG B 196 2.31 -0.58 -51.14
N LYS B 197 2.12 -1.50 -52.09
CA LYS B 197 2.98 -2.66 -52.24
C LYS B 197 3.96 -2.54 -53.39
N ILE B 198 3.52 -1.98 -54.54
CA ILE B 198 4.39 -1.91 -55.71
C ILE B 198 5.34 -0.74 -55.70
N GLU B 199 5.12 0.25 -54.82
CA GLU B 199 6.01 1.40 -54.78
C GLU B 199 7.39 1.04 -54.25
N LYS B 200 7.48 -0.01 -53.43
CA LYS B 200 8.76 -0.47 -52.91
C LYS B 200 9.54 -1.30 -53.92
N GLN B 201 8.91 -1.72 -55.02
CA GLN B 201 9.58 -2.51 -56.04
C GLN B 201 9.67 -1.84 -57.39
N ILE B 202 8.82 -0.85 -57.67
CA ILE B 202 8.84 -0.14 -58.94
C ILE B 202 9.63 1.14 -58.76
N ASP B 203 9.99 1.77 -59.90
CA ASP B 203 10.78 3.00 -59.91
C ASP B 203 10.17 3.96 -60.94
N ASN B 204 8.96 4.44 -60.65
CA ASN B 204 8.27 5.41 -61.49
C ASN B 204 7.77 6.53 -60.59
N PRO B 205 8.63 7.49 -60.25
CA PRO B 205 8.23 8.50 -59.25
C PRO B 205 7.18 9.47 -59.76
N VAL B 206 7.24 9.86 -61.04
CA VAL B 206 6.26 10.79 -61.58
C VAL B 206 4.87 10.18 -61.59
N THR B 207 4.78 8.87 -61.81
CA THR B 207 3.48 8.19 -61.77
C THR B 207 3.05 7.89 -60.35
N ILE B 208 4.00 7.49 -59.49
CA ILE B 208 3.66 7.17 -58.10
C ILE B 208 3.16 8.41 -57.38
N ASN B 209 3.77 9.56 -57.65
CA ASN B 209 3.28 10.81 -57.05
C ASN B 209 1.98 11.26 -57.68
N ALA B 210 1.73 10.89 -58.93
CA ALA B 210 0.48 11.27 -59.59
C ALA B 210 -0.68 10.37 -59.16
N ILE B 211 -0.40 9.14 -58.74
CA ILE B 211 -1.46 8.26 -58.26
C ILE B 211 -1.81 8.60 -56.82
N LYS B 212 -0.81 8.90 -55.99
CA LYS B 212 -1.07 9.33 -54.62
C LYS B 212 -1.91 10.60 -54.60
N PHE B 213 -1.65 11.52 -55.54
CA PHE B 213 -2.46 12.73 -55.62
C PHE B 213 -3.90 12.40 -55.98
N THR B 214 -4.10 11.45 -56.90
CA THR B 214 -5.45 11.02 -57.23
C THR B 214 -6.14 10.38 -56.04
N GLN B 215 -5.39 9.58 -55.26
CA GLN B 215 -5.95 9.00 -54.06
C GLN B 215 -6.13 10.05 -52.96
N LYS B 216 -5.32 11.10 -52.98
CA LYS B 216 -5.49 12.18 -52.01
C LYS B 216 -6.61 13.14 -52.43
N GLU B 217 -6.73 13.40 -53.73
CA GLU B 217 -7.82 14.25 -54.21
C GLU B 217 -9.17 13.55 -54.10
N MET B 218 -9.17 12.21 -54.18
CA MET B 218 -10.43 11.48 -54.04
C MET B 218 -10.93 11.49 -52.60
N GLY B 219 -10.01 11.50 -51.63
CA GLY B 219 -10.43 11.52 -50.24
C GLY B 219 -11.17 12.77 -49.85
N TYR B 220 -10.83 13.90 -50.47
CA TYR B 220 -11.55 15.14 -50.18
C TYR B 220 -12.96 15.12 -50.74
N ILE B 221 -13.17 14.42 -51.85
CA ILE B 221 -14.51 14.35 -52.43
C ILE B 221 -15.38 13.33 -51.72
N ILE B 222 -14.78 12.24 -51.21
CA ILE B 222 -15.55 11.22 -50.52
C ILE B 222 -16.03 11.74 -49.17
N ASP B 223 -15.15 12.43 -48.43
CA ASP B 223 -15.57 13.03 -47.17
C ASP B 223 -16.66 14.07 -47.39
N ARG B 224 -16.63 14.77 -48.53
CA ARG B 224 -17.72 15.67 -48.88
C ARG B 224 -18.95 14.90 -49.35
N PHE B 225 -18.75 13.73 -49.97
CA PHE B 225 -19.89 12.92 -50.39
C PHE B 225 -20.57 12.26 -49.21
N GLU B 226 -19.84 12.06 -48.10
CA GLU B 226 -20.43 11.47 -46.91
C GLU B 226 -21.23 12.51 -46.12
N TYR B 227 -20.73 13.75 -46.07
CA TYR B 227 -21.42 14.80 -45.32
C TYR B 227 -22.82 15.04 -45.85
N HIS B 228 -22.95 15.18 -47.17
CA HIS B 228 -24.26 15.39 -47.77
C HIS B 228 -25.14 14.16 -47.68
N LEU B 229 -24.55 12.97 -47.57
CA LEU B 229 -25.33 11.75 -47.41
C LEU B 229 -25.99 11.70 -46.04
N GLN B 230 -25.25 12.07 -44.99
CA GLN B 230 -25.84 12.12 -43.65
C GLN B 230 -26.83 13.26 -43.52
N LYS B 231 -26.52 14.40 -44.14
CA LYS B 231 -27.43 15.55 -44.08
C LYS B 231 -28.74 15.24 -44.81
N VAL B 232 -28.67 14.56 -45.95
CA VAL B 232 -29.88 14.15 -46.64
C VAL B 232 -30.61 13.08 -45.86
N LYS B 233 -29.88 12.19 -45.18
CA LYS B 233 -30.53 11.18 -44.34
C LYS B 233 -31.09 11.78 -43.07
N HIS B 234 -30.46 12.85 -42.56
CA HIS B 234 -30.97 13.49 -41.35
C HIS B 234 -32.29 14.22 -41.62
N SER B 235 -32.42 14.84 -42.80
CA SER B 235 -33.63 15.57 -43.13
C SER B 235 -34.83 14.64 -43.35
N ILE B 236 -34.59 13.39 -43.72
CA ILE B 236 -35.69 12.46 -43.93
C ILE B 236 -36.14 11.85 -42.61
N ASP B 237 -35.21 11.59 -41.70
CA ASP B 237 -35.56 10.95 -40.44
C ASP B 237 -36.42 11.87 -39.57
N GLN B 238 -36.03 13.14 -39.45
CA GLN B 238 -36.82 14.09 -38.68
C GLN B 238 -38.17 14.35 -39.32
N VAL B 239 -38.24 14.32 -40.66
CA VAL B 239 -39.52 14.50 -41.33
C VAL B 239 -40.39 13.26 -41.16
N THR B 240 -39.79 12.07 -41.24
CA THR B 240 -40.53 10.84 -41.02
C THR B 240 -40.93 10.66 -39.56
N ALA B 241 -40.21 11.28 -38.63
CA ALA B 241 -40.58 11.20 -37.23
C ALA B 241 -41.77 12.09 -36.89
N LEU B 242 -41.90 13.23 -37.57
CA LEU B 242 -43.05 14.10 -37.32
C LEU B 242 -44.33 13.49 -37.88
N SER B 243 -44.24 12.80 -39.01
CA SER B 243 -45.43 12.17 -39.58
C SER B 243 -45.93 11.03 -38.71
N ASP B 244 -45.06 10.42 -37.92
CA ASP B 244 -45.43 9.36 -36.98
C ASP B 244 -45.60 9.85 -35.56
N GLY B 245 -45.45 11.15 -35.33
CA GLY B 245 -45.55 11.72 -34.00
C GLY B 245 -46.91 12.33 -33.74
N VAL B 246 -46.95 13.34 -32.86
CA VAL B 246 -48.22 13.96 -32.53
C VAL B 246 -48.68 14.86 -33.66
N LYS B 247 -49.95 15.26 -33.58
CA LYS B 247 -50.57 16.12 -34.58
C LYS B 247 -51.50 17.10 -33.87
N PRO B 248 -50.95 18.15 -33.27
CA PRO B 248 -51.78 19.15 -32.61
C PRO B 248 -52.52 20.04 -33.61
N LYS B 249 -53.74 20.41 -33.23
CA LYS B 249 -54.58 21.25 -34.08
C LYS B 249 -54.33 22.73 -33.88
N GLN B 250 -53.67 23.14 -32.80
CA GLN B 250 -53.45 24.56 -32.53
C GLN B 250 -52.14 24.73 -31.79
N VAL B 251 -51.55 25.91 -31.95
CA VAL B 251 -50.32 26.26 -31.24
C VAL B 251 -50.25 27.79 -31.14
N THR B 252 -49.25 28.29 -30.43
CA THR B 252 -49.10 29.73 -30.31
C THR B 252 -48.37 30.30 -31.52
N LYS B 253 -48.53 31.62 -31.72
CA LYS B 253 -47.86 32.28 -32.84
C LYS B 253 -46.34 32.26 -32.67
N ASN B 254 -45.86 32.29 -31.42
CA ASN B 254 -44.42 32.23 -31.20
C ASN B 254 -43.89 30.82 -31.39
N ARG B 255 -44.74 29.80 -31.22
CA ARG B 255 -44.34 28.41 -31.45
C ARG B 255 -44.54 27.99 -32.89
N LEU B 256 -45.50 28.60 -33.60
CA LEU B 256 -45.70 28.27 -35.00
C LEU B 256 -44.51 28.72 -35.84
N LYS B 257 -43.77 29.73 -35.38
CA LYS B 257 -42.58 30.16 -36.10
C LYS B 257 -41.52 29.08 -36.11
N GLU B 258 -41.29 28.44 -34.94
CA GLU B 258 -40.34 27.34 -34.88
C GLU B 258 -40.81 26.13 -35.68
N TYR B 259 -42.13 25.99 -35.86
CA TYR B 259 -42.65 24.89 -36.66
C TYR B 259 -42.29 25.07 -38.13
N TYR B 260 -42.52 26.27 -38.67
CA TYR B 260 -42.17 26.52 -40.06
C TYR B 260 -40.65 26.62 -40.25
N PHE B 261 -39.93 27.14 -39.26
CA PHE B 261 -38.49 27.28 -39.39
C PHE B 261 -37.78 25.94 -39.29
N ASN B 262 -38.28 25.02 -38.47
CA ASN B 262 -37.66 23.70 -38.37
C ASN B 262 -37.86 22.89 -39.63
N ILE B 263 -39.07 22.94 -40.21
CA ILE B 263 -39.32 22.25 -41.46
C ILE B 263 -38.63 22.96 -42.62
N GLY B 264 -38.54 24.30 -42.55
CA GLY B 264 -37.85 25.02 -43.60
C GLY B 264 -36.35 24.78 -43.60
N ASN B 265 -35.74 24.80 -42.41
CA ASN B 265 -34.32 24.50 -42.31
C ASN B 265 -34.00 23.05 -42.64
N TYR B 266 -34.98 22.15 -42.51
CA TYR B 266 -34.76 20.75 -42.86
C TYR B 266 -34.94 20.51 -44.35
N TYR B 267 -35.97 21.12 -44.95
CA TYR B 267 -36.20 20.94 -46.39
C TYR B 267 -35.14 21.66 -47.22
N SER B 268 -34.55 22.73 -46.69
CA SER B 268 -33.49 23.43 -47.41
C SER B 268 -32.22 22.60 -47.48
N ILE B 269 -31.96 21.77 -46.47
CA ILE B 269 -30.79 20.90 -46.49
C ILE B 269 -30.97 19.80 -47.54
N PHE B 270 -32.21 19.31 -47.69
CA PHE B 270 -32.47 18.26 -48.67
C PHE B 270 -32.26 18.77 -50.09
N LYS B 271 -32.76 19.98 -50.39
CA LYS B 271 -32.60 20.53 -51.73
C LYS B 271 -31.15 20.90 -52.02
N PHE B 272 -30.47 21.49 -51.04
CA PHE B 272 -29.07 21.84 -51.23
C PHE B 272 -28.19 20.60 -51.32
N GLY B 273 -28.47 19.60 -50.49
CA GLY B 273 -27.73 18.35 -50.56
C GLY B 273 -27.98 17.59 -51.84
N LYS B 274 -29.17 17.75 -52.43
CA LYS B 274 -29.48 17.09 -53.69
C LYS B 274 -28.63 17.65 -54.82
N ASP B 275 -28.36 18.96 -54.80
CA ASP B 275 -27.53 19.57 -55.83
C ASP B 275 -26.07 19.13 -55.69
N SER B 276 -25.57 19.06 -54.46
CA SER B 276 -24.18 18.67 -54.25
C SER B 276 -23.96 17.19 -54.53
N LEU B 277 -24.89 16.34 -54.09
CA LEU B 277 -24.76 14.91 -54.34
C LEU B 277 -24.84 14.61 -55.83
N ASN B 278 -25.72 15.30 -56.55
CA ASN B 278 -25.76 15.15 -58.00
C ASN B 278 -24.48 15.67 -58.64
N MET B 279 -23.79 16.60 -57.98
CA MET B 279 -22.52 17.12 -58.44
C MET B 279 -21.35 16.28 -57.94
N LEU B 280 -21.44 15.78 -56.69
CA LEU B 280 -20.35 14.99 -56.14
C LEU B 280 -20.20 13.65 -56.85
N ASN B 281 -21.27 13.14 -57.45
CA ASN B 281 -21.18 11.87 -58.17
C ASN B 281 -20.35 12.01 -59.43
N LYS B 282 -20.60 13.07 -60.20
CA LYS B 282 -19.82 13.29 -61.42
C LYS B 282 -18.36 13.60 -61.13
N ALA B 283 -18.10 14.25 -60.00
CA ALA B 283 -16.71 14.56 -59.64
C ALA B 283 -15.97 13.31 -59.17
N LEU B 284 -16.66 12.43 -58.44
CA LEU B 284 -16.02 11.19 -57.99
C LEU B 284 -15.76 10.23 -59.14
N ILE B 285 -16.64 10.22 -60.14
CA ILE B 285 -16.44 9.35 -61.29
C ILE B 285 -15.31 9.87 -62.18
N HIS B 286 -15.19 11.19 -62.29
CA HIS B 286 -14.16 11.77 -63.14
C HIS B 286 -12.76 11.52 -62.56
N LYS B 287 -12.61 11.52 -61.24
CA LYS B 287 -11.31 11.26 -60.64
C LYS B 287 -11.00 9.76 -60.58
N GLU B 288 -12.02 8.92 -60.43
CA GLU B 288 -11.80 7.48 -60.44
C GLU B 288 -11.46 7.00 -61.84
N LYS B 289 -12.09 7.58 -62.87
CA LYS B 289 -11.74 7.25 -64.24
C LYS B 289 -10.32 7.71 -64.57
N ILE B 290 -9.89 8.84 -64.00
CA ILE B 290 -8.51 9.26 -64.17
C ILE B 290 -7.58 8.31 -63.44
N VAL B 291 -8.06 7.67 -62.38
CA VAL B 291 -7.25 6.65 -61.70
C VAL B 291 -7.24 5.35 -62.49
N HIS B 292 -8.28 5.09 -63.29
CA HIS B 292 -8.29 3.91 -64.14
C HIS B 292 -7.29 4.05 -65.28
N ASN B 293 -7.16 5.25 -65.84
CA ASN B 293 -6.18 5.48 -66.89
C ASN B 293 -4.77 5.62 -66.33
N LEU B 294 -4.63 6.16 -65.12
CA LEU B 294 -3.32 6.26 -64.50
C LEU B 294 -2.78 4.88 -64.14
N LEU B 295 -3.64 3.99 -63.65
CA LEU B 295 -3.22 2.63 -63.35
C LEU B 295 -3.02 1.80 -64.61
N GLY B 296 -3.65 2.19 -65.73
CA GLY B 296 -3.44 1.47 -66.96
C GLY B 296 -2.09 1.74 -67.59
N GLU B 297 -1.57 2.96 -67.43
CA GLU B 297 -0.25 3.26 -67.98
C GLU B 297 0.86 2.63 -67.13
N LEU B 298 0.65 2.55 -65.82
CA LEU B 298 1.65 1.91 -64.95
C LEU B 298 1.66 0.40 -65.14
N PHE B 299 0.51 -0.20 -65.41
CA PHE B 299 0.41 -1.64 -65.61
C PHE B 299 0.51 -1.99 -67.09
N ASP C 10 -20.76 -17.49 -74.29
CA ASP C 10 -20.71 -17.58 -75.74
C ASP C 10 -19.62 -18.54 -76.20
N ASN C 11 -18.68 -18.82 -75.30
CA ASN C 11 -17.56 -19.72 -75.60
C ASN C 11 -17.14 -20.43 -74.33
N ILE C 12 -17.29 -21.75 -74.31
CA ILE C 12 -16.90 -22.56 -73.16
C ILE C 12 -15.61 -23.30 -73.47
N ASP C 13 -14.69 -22.62 -74.17
CA ASP C 13 -13.45 -23.24 -74.62
C ASP C 13 -12.40 -23.35 -73.52
N TYR C 14 -12.67 -22.83 -72.32
CA TYR C 14 -11.66 -22.79 -71.27
C TYR C 14 -11.56 -24.07 -70.47
N PHE C 15 -12.53 -24.97 -70.58
CA PHE C 15 -12.49 -26.22 -69.82
C PHE C 15 -11.45 -27.16 -70.39
N ASP C 16 -10.82 -27.92 -69.48
CA ASP C 16 -9.88 -28.96 -69.86
C ASP C 16 -9.97 -30.09 -68.83
N ILE C 17 -9.22 -31.17 -69.08
CA ILE C 17 -9.20 -32.30 -68.17
C ILE C 17 -7.91 -33.07 -68.39
N SER C 18 -7.45 -33.76 -67.36
CA SER C 18 -6.27 -34.61 -67.42
C SER C 18 -6.67 -36.04 -67.05
N ASP C 19 -5.74 -36.97 -67.28
CA ASP C 19 -5.98 -38.37 -66.97
C ASP C 19 -5.97 -38.57 -65.45
N GLU C 20 -6.13 -39.83 -65.04
CA GLU C 20 -6.16 -40.14 -63.61
C GLU C 20 -4.83 -39.81 -62.95
N SER C 21 -3.72 -40.00 -63.66
CA SER C 21 -2.40 -39.69 -63.14
C SER C 21 -1.99 -38.24 -63.36
N ASN C 22 -2.83 -37.45 -64.05
CA ASN C 22 -2.54 -36.05 -64.34
C ASN C 22 -1.22 -35.90 -65.09
N TYR C 23 -0.96 -36.82 -66.01
CA TYR C 23 0.25 -36.78 -66.83
C TYR C 23 0.01 -36.22 -68.22
N TYR C 24 -1.17 -36.45 -68.79
CA TYR C 24 -1.54 -35.91 -70.10
C TYR C 24 -2.66 -34.90 -69.94
N LEU C 25 -2.46 -33.69 -70.46
CA LEU C 25 -3.46 -32.65 -70.42
C LEU C 25 -4.14 -32.54 -71.77
N ILE C 26 -5.47 -32.52 -71.75
CA ILE C 26 -6.29 -32.45 -72.97
C ILE C 26 -6.95 -31.08 -73.01
N SER C 27 -6.72 -30.34 -74.09
CA SER C 27 -7.29 -29.02 -74.29
C SER C 27 -8.35 -29.07 -75.40
N GLN C 28 -9.14 -28.01 -75.47
CA GLN C 28 -10.18 -27.89 -76.49
C GLN C 28 -9.71 -27.15 -77.73
N LEU C 29 -8.50 -26.60 -77.72
CA LEU C 29 -7.91 -25.97 -78.88
C LEU C 29 -6.82 -26.86 -79.45
N ARG C 30 -6.63 -26.79 -80.76
CA ARG C 30 -5.67 -27.65 -81.42
C ARG C 30 -4.26 -27.38 -80.87
N PRO C 31 -3.41 -28.42 -80.75
CA PRO C 31 -3.71 -29.79 -81.15
C PRO C 31 -4.28 -30.65 -80.01
N HIS C 32 -4.92 -29.99 -79.03
CA HIS C 32 -5.57 -30.67 -77.92
C HIS C 32 -4.61 -31.42 -77.01
N PHE C 33 -3.31 -31.41 -77.33
CA PHE C 33 -2.33 -32.11 -76.51
C PHE C 33 -0.97 -31.48 -76.73
N SER C 34 -0.22 -31.35 -75.63
CA SER C 34 1.12 -30.76 -75.70
C SER C 34 2.16 -31.70 -76.29
N ASN C 35 1.83 -32.98 -76.48
CA ASN C 35 2.76 -33.92 -77.07
C ASN C 35 2.80 -33.84 -78.59
N ILE C 36 1.76 -33.29 -79.22
CA ILE C 36 1.75 -33.19 -80.67
C ILE C 36 2.73 -32.13 -81.14
N TYR C 37 2.82 -31.01 -80.41
CA TYR C 37 3.86 -30.02 -80.73
C TYR C 37 5.25 -30.60 -80.58
N PHE C 38 5.44 -31.52 -79.63
CA PHE C 38 6.71 -32.23 -79.53
C PHE C 38 6.93 -33.12 -80.75
N PHE C 39 5.87 -33.69 -81.31
CA PHE C 39 6.00 -34.50 -82.51
C PHE C 39 6.31 -33.64 -83.74
N ASP C 40 5.80 -32.41 -83.78
CA ASP C 40 6.11 -31.52 -84.88
C ASP C 40 7.55 -31.00 -84.79
N GLU C 41 8.05 -30.77 -83.59
CA GLU C 41 9.43 -30.34 -83.41
C GLU C 41 10.43 -31.46 -83.64
N PHE C 42 10.00 -32.72 -83.53
CA PHE C 42 10.89 -33.84 -83.84
C PHE C 42 11.21 -33.92 -85.33
N LYS C 43 10.33 -33.38 -86.19
CA LYS C 43 10.64 -33.35 -87.62
C LYS C 43 11.70 -32.31 -87.93
N ARG C 44 11.69 -31.18 -87.23
CA ARG C 44 12.74 -30.17 -87.41
C ARG C 44 14.08 -30.68 -86.92
N TYR C 45 14.08 -31.44 -85.82
CA TYR C 45 15.31 -32.03 -85.32
C TYR C 45 15.78 -33.18 -86.19
N ALA C 46 14.87 -33.80 -86.96
CA ALA C 46 15.24 -34.87 -87.89
C ALA C 46 15.80 -34.35 -89.20
N SER C 47 15.63 -33.06 -89.50
CA SER C 47 16.20 -32.51 -90.73
C SER C 47 17.71 -32.38 -90.64
N TYR C 48 18.24 -32.20 -89.43
CA TYR C 48 19.69 -32.12 -89.24
C TYR C 48 20.35 -33.49 -89.12
N HIS C 49 19.58 -34.55 -88.91
CA HIS C 49 20.10 -35.91 -88.83
C HIS C 49 19.77 -36.63 -90.13
N THR C 50 20.80 -36.88 -90.94
CA THR C 50 20.59 -37.53 -92.23
C THR C 50 20.13 -38.98 -92.09
N GLU C 51 20.43 -39.63 -90.95
CA GLU C 51 20.04 -41.01 -90.75
C GLU C 51 18.55 -41.16 -90.43
N ILE C 52 17.92 -40.11 -89.92
CA ILE C 52 16.52 -40.19 -89.51
C ILE C 52 15.63 -39.56 -90.58
N LYS C 53 15.85 -39.93 -91.84
CA LYS C 53 15.00 -39.44 -92.92
C LYS C 53 13.61 -40.08 -92.90
N ARG C 54 13.43 -41.16 -92.15
CA ARG C 54 12.13 -41.82 -92.05
C ARG C 54 11.17 -41.10 -91.10
N TYR C 55 11.62 -40.04 -90.43
CA TYR C 55 10.72 -39.29 -89.55
C TYR C 55 9.62 -38.58 -90.32
N GLU C 56 9.81 -38.35 -91.63
CA GLU C 56 8.73 -37.81 -92.44
C GLU C 56 7.54 -38.76 -92.52
N ASP C 57 7.79 -40.05 -92.32
CA ASP C 57 6.70 -41.02 -92.28
C ASP C 57 5.96 -40.96 -90.95
N ILE C 58 6.69 -40.70 -89.87
CA ILE C 58 6.07 -40.70 -88.54
C ILE C 58 5.09 -39.55 -88.38
N HIS C 59 5.31 -38.44 -89.09
CA HIS C 59 4.41 -37.29 -88.98
C HIS C 59 3.27 -37.37 -89.98
N LYS C 60 3.56 -37.70 -91.24
CA LYS C 60 2.54 -37.72 -92.28
C LYS C 60 1.56 -38.88 -92.12
N THR C 61 1.95 -39.94 -91.43
CA THR C 61 1.11 -41.13 -91.26
C THR C 61 0.62 -41.32 -89.83
N LYS C 62 1.47 -41.13 -88.84
CA LYS C 62 1.06 -41.41 -87.46
C LYS C 62 0.59 -40.16 -86.73
N VAL C 63 1.23 -39.02 -86.97
CA VAL C 63 0.83 -37.78 -86.29
C VAL C 63 -0.40 -37.19 -86.93
N ASN C 64 -0.44 -37.12 -88.27
CA ASN C 64 -1.60 -36.58 -88.95
C ASN C 64 -2.85 -37.43 -88.73
N SER C 65 -2.66 -38.73 -88.46
CA SER C 65 -3.79 -39.57 -88.09
C SER C 65 -4.21 -39.31 -86.65
N LEU C 66 -3.25 -39.20 -85.74
CA LEU C 66 -3.57 -38.86 -84.35
C LEU C 66 -4.18 -37.47 -84.25
N LEU C 67 -3.65 -36.52 -85.03
CA LEU C 67 -4.23 -35.19 -85.07
C LEU C 67 -5.63 -35.18 -85.67
N ASN C 68 -5.95 -36.18 -86.51
CA ASN C 68 -7.30 -36.30 -87.05
C ASN C 68 -8.22 -37.02 -86.08
N GLU C 69 -7.70 -38.01 -85.36
CA GLU C 69 -8.51 -38.72 -84.38
C GLU C 69 -8.78 -37.88 -83.13
N ALA C 70 -7.89 -36.94 -82.82
CA ALA C 70 -8.08 -36.11 -81.64
C ALA C 70 -9.17 -35.07 -81.85
N SER C 71 -9.27 -34.53 -83.07
CA SER C 71 -10.29 -33.52 -83.34
C SER C 71 -11.67 -34.14 -83.43
N ARG C 72 -11.76 -35.41 -83.85
CA ARG C 72 -13.07 -36.07 -83.95
C ARG C 72 -13.57 -36.53 -82.58
N ALA C 73 -12.66 -37.07 -81.74
CA ALA C 73 -13.07 -37.50 -80.41
C ALA C 73 -13.50 -36.32 -79.55
N ILE C 74 -12.80 -35.19 -79.68
CA ILE C 74 -13.21 -33.99 -78.97
C ILE C 74 -14.48 -33.39 -79.56
N GLY C 75 -14.78 -33.68 -80.82
CA GLY C 75 -16.00 -33.19 -81.44
C GLY C 75 -17.22 -34.00 -81.11
N ILE C 76 -17.04 -35.25 -80.65
CA ILE C 76 -18.18 -36.07 -80.26
C ILE C 76 -18.84 -35.54 -79.00
N CYS C 77 -18.11 -34.81 -78.17
CA CYS C 77 -18.67 -34.19 -76.97
C CYS C 77 -19.28 -32.83 -77.24
N ASN C 78 -19.49 -32.47 -78.50
CA ASN C 78 -20.13 -31.19 -78.81
C ASN C 78 -21.56 -31.15 -78.29
N ARG C 79 -22.24 -32.29 -78.26
CA ARG C 79 -23.59 -32.33 -77.72
C ARG C 79 -23.60 -32.00 -76.23
N ALA C 80 -22.63 -32.55 -75.49
CA ALA C 80 -22.54 -32.24 -74.07
C ALA C 80 -22.08 -30.79 -73.85
N LYS C 81 -21.27 -30.25 -74.76
CA LYS C 81 -20.86 -28.86 -74.65
C LYS C 81 -22.04 -27.92 -74.89
N ASN C 82 -22.78 -28.15 -75.97
CA ASN C 82 -23.96 -27.32 -76.24
C ASN C 82 -25.01 -27.48 -75.16
N THR C 83 -25.10 -28.67 -74.54
CA THR C 83 -26.04 -28.86 -73.45
C THR C 83 -25.57 -28.15 -72.19
N VAL C 84 -24.28 -28.21 -71.89
CA VAL C 84 -23.75 -27.52 -70.71
C VAL C 84 -23.71 -26.02 -70.93
N LYS C 85 -23.60 -25.58 -72.20
CA LYS C 85 -23.55 -24.15 -72.47
C LYS C 85 -24.90 -23.48 -72.18
N GLY C 86 -25.99 -24.23 -72.25
CA GLY C 86 -27.29 -23.66 -71.96
C GLY C 86 -27.49 -23.38 -70.48
N LEU C 87 -27.11 -24.34 -69.63
CA LEU C 87 -27.24 -24.14 -68.19
C LEU C 87 -26.26 -23.11 -67.67
N ILE C 88 -25.11 -22.97 -68.33
CA ILE C 88 -24.16 -21.92 -67.94
C ILE C 88 -24.76 -20.54 -68.18
N ASN C 89 -25.45 -20.36 -69.32
CA ASN C 89 -26.08 -19.09 -69.60
C ASN C 89 -27.20 -18.79 -68.61
N ILE C 90 -27.90 -19.82 -68.12
CA ILE C 90 -28.99 -19.60 -67.19
C ILE C 90 -28.46 -19.13 -65.83
N LEU C 91 -27.24 -19.49 -65.48
CA LEU C 91 -26.68 -19.13 -64.18
C LEU C 91 -26.02 -17.76 -64.19
N GLU C 92 -25.35 -17.39 -65.28
CA GLU C 92 -24.68 -16.10 -65.35
C GLU C 92 -25.57 -14.99 -65.90
N ASN C 93 -26.75 -15.31 -66.40
CA ASN C 93 -27.70 -14.31 -66.90
C ASN C 93 -28.96 -14.36 -66.06
N PRO C 94 -29.24 -13.34 -65.24
CA PRO C 94 -30.44 -13.38 -64.40
C PRO C 94 -31.74 -13.34 -65.20
N GLN C 95 -31.72 -12.88 -66.45
CA GLN C 95 -32.95 -12.80 -67.22
C GLN C 95 -33.48 -14.18 -67.56
N LYS C 96 -32.59 -15.09 -67.97
CA LYS C 96 -33.01 -16.44 -68.33
C LYS C 96 -33.29 -17.31 -67.11
N PHE C 97 -32.71 -16.98 -65.95
CA PHE C 97 -32.94 -17.78 -64.76
C PHE C 97 -34.36 -17.58 -64.22
N LYS C 98 -34.98 -16.43 -64.50
CA LYS C 98 -36.33 -16.20 -64.03
C LYS C 98 -37.37 -17.00 -64.80
N THR C 99 -37.05 -17.44 -66.01
CA THR C 99 -37.97 -18.24 -66.82
C THR C 99 -37.98 -19.71 -66.43
N GLN C 100 -37.20 -20.11 -65.43
CA GLN C 100 -37.16 -21.48 -64.96
C GLN C 100 -37.62 -21.57 -63.52
N ARG C 101 -38.24 -22.69 -63.16
CA ARG C 101 -38.76 -22.89 -61.82
C ARG C 101 -37.76 -23.57 -60.88
N GLU C 102 -36.74 -24.22 -61.42
CA GLU C 102 -35.76 -24.88 -60.58
C GLU C 102 -34.93 -23.85 -59.82
N SER C 103 -34.63 -24.14 -58.56
CA SER C 103 -33.88 -23.23 -57.73
C SER C 103 -32.43 -23.16 -58.19
N TYR C 104 -31.68 -22.20 -57.64
CA TYR C 104 -30.30 -22.00 -58.03
C TYR C 104 -29.43 -23.19 -57.63
N ASP C 105 -29.67 -23.75 -56.44
CA ASP C 105 -28.89 -24.91 -56.00
C ASP C 105 -29.24 -26.18 -56.78
N VAL C 106 -30.41 -26.21 -57.43
CA VAL C 106 -30.76 -27.36 -58.25
C VAL C 106 -30.06 -27.29 -59.61
N LYS C 107 -30.07 -26.11 -60.23
CA LYS C 107 -29.39 -25.94 -61.51
C LYS C 107 -27.88 -25.99 -61.35
N LEU C 108 -27.36 -25.54 -60.19
CA LEU C 108 -25.93 -25.61 -59.96
C LEU C 108 -25.47 -27.05 -59.75
N ARG C 109 -26.28 -27.85 -59.06
CA ARG C 109 -25.95 -29.27 -58.92
C ARG C 109 -26.00 -29.99 -60.27
N GLN C 110 -26.93 -29.59 -61.14
CA GLN C 110 -26.95 -30.13 -62.49
C GLN C 110 -25.77 -29.62 -63.30
N TYR C 111 -25.33 -28.39 -63.05
CA TYR C 111 -24.14 -27.88 -63.72
C TYR C 111 -22.89 -28.62 -63.27
N GLU C 112 -22.83 -28.99 -61.99
CA GLU C 112 -21.71 -29.79 -61.51
C GLU C 112 -21.73 -31.19 -62.12
N GLU C 113 -22.92 -31.77 -62.27
CA GLU C 113 -23.03 -33.09 -62.90
C GLU C 113 -22.73 -33.00 -64.39
N LYS C 114 -23.21 -31.95 -65.06
CA LYS C 114 -22.96 -31.81 -66.49
C LYS C 114 -21.51 -31.47 -66.78
N LYS C 115 -20.85 -30.73 -65.89
CA LYS C 115 -19.44 -30.38 -66.11
C LYS C 115 -18.56 -31.60 -65.96
N GLU C 116 -18.77 -32.39 -64.90
CA GLU C 116 -17.99 -33.60 -64.70
C GLU C 116 -18.31 -34.67 -65.74
N ALA C 117 -19.51 -34.61 -66.35
CA ALA C 117 -19.84 -35.56 -67.41
C ALA C 117 -19.29 -35.11 -68.76
N PHE C 118 -19.31 -33.80 -69.03
CA PHE C 118 -18.74 -33.30 -70.27
C PHE C 118 -17.22 -33.44 -70.27
N ARG C 119 -16.57 -33.12 -69.14
CA ARG C 119 -15.13 -33.31 -69.05
C ARG C 119 -14.77 -34.79 -69.14
N GLY C 120 -15.57 -35.65 -68.49
CA GLY C 120 -15.39 -37.09 -68.62
C GLY C 120 -15.54 -37.58 -70.05
N CYS C 121 -16.30 -36.88 -70.88
CA CYS C 121 -16.38 -37.24 -72.29
C CYS C 121 -15.09 -36.92 -73.02
N LEU C 122 -14.44 -35.81 -72.68
CA LEU C 122 -13.20 -35.43 -73.35
C LEU C 122 -12.05 -36.37 -73.00
N LEU C 123 -12.02 -36.89 -71.77
CA LEU C 123 -10.94 -37.77 -71.35
C LEU C 123 -11.17 -39.21 -71.77
N ASN C 124 -12.43 -39.67 -71.73
CA ASN C 124 -12.71 -41.06 -72.09
C ASN C 124 -12.62 -41.28 -73.59
N LYS C 125 -13.07 -40.31 -74.39
CA LYS C 125 -13.02 -40.46 -75.83
C LYS C 125 -11.60 -40.41 -76.38
N ASN C 126 -10.65 -39.91 -75.59
CA ASN C 126 -9.25 -39.85 -76.00
C ASN C 126 -8.37 -40.74 -75.12
N ARG C 127 -8.94 -41.77 -74.49
CA ARG C 127 -8.15 -42.68 -73.67
C ARG C 127 -7.21 -43.52 -74.53
N LYS C 128 -7.73 -44.12 -75.60
CA LYS C 128 -6.89 -44.90 -76.50
C LYS C 128 -5.92 -44.01 -77.25
N ASN C 129 -6.32 -42.79 -77.58
CA ASN C 129 -5.41 -41.86 -78.24
C ASN C 129 -4.30 -41.41 -77.30
N LEU C 130 -4.60 -41.30 -76.00
CA LEU C 130 -3.55 -40.96 -75.03
C LEU C 130 -2.55 -42.10 -74.89
N ASP C 131 -3.02 -43.35 -74.96
CA ASP C 131 -2.11 -44.49 -74.95
C ASP C 131 -1.30 -44.55 -76.24
N GLN C 132 -1.86 -44.07 -77.35
CA GLN C 132 -1.11 -44.04 -78.60
C GLN C 132 0.01 -43.02 -78.55
N ILE C 133 -0.19 -41.91 -77.82
CA ILE C 133 0.87 -40.91 -77.68
C ILE C 133 2.05 -41.49 -76.92
N LYS C 134 1.80 -42.43 -76.01
CA LYS C 134 2.90 -43.10 -75.32
C LYS C 134 3.65 -44.04 -76.26
N LYS C 135 2.97 -44.56 -77.28
CA LYS C 135 3.63 -45.40 -78.27
C LYS C 135 4.44 -44.58 -79.26
N ILE C 136 3.97 -43.38 -79.61
CA ILE C 136 4.73 -42.50 -80.50
C ILE C 136 5.96 -41.97 -79.78
N ASN C 137 5.86 -41.76 -78.46
CA ASN C 137 7.02 -41.30 -77.69
C ASN C 137 8.12 -42.36 -77.70
N ASN C 138 7.74 -43.64 -77.64
CA ASN C 138 8.73 -44.71 -77.72
C ASN C 138 9.21 -44.93 -79.15
N GLU C 139 8.39 -44.59 -80.14
CA GLU C 139 8.81 -44.75 -81.53
C GLU C 139 9.84 -43.69 -81.93
N ILE C 140 9.69 -42.47 -81.40
CA ILE C 140 10.66 -41.41 -81.69
C ILE C 140 12.00 -41.73 -81.06
N ARG C 141 12.01 -42.46 -79.95
CA ARG C 141 13.26 -42.86 -79.33
C ARG C 141 13.89 -44.04 -80.06
N ASP C 142 13.09 -44.94 -80.61
CA ASP C 142 13.63 -46.05 -81.39
C ASP C 142 14.24 -45.56 -82.69
N LEU C 143 13.61 -44.57 -83.33
CA LEU C 143 14.18 -43.98 -84.54
C LEU C 143 15.41 -43.15 -84.24
N LEU C 144 15.55 -42.65 -83.01
CA LEU C 144 16.75 -41.91 -82.64
C LEU C 144 17.97 -42.80 -82.51
N GLU C 145 17.77 -44.11 -82.34
CA GLU C 145 18.88 -45.06 -82.24
C GLU C 145 19.50 -45.38 -83.60
N LYS C 146 18.99 -44.79 -84.68
CA LYS C 146 19.53 -45.02 -86.02
C LYS C 146 20.71 -44.12 -86.34
N LEU C 147 21.18 -43.34 -85.37
CA LEU C 147 22.34 -42.47 -85.61
C LEU C 147 23.61 -43.30 -85.70
N LYS C 148 24.47 -42.93 -86.66
CA LYS C 148 25.72 -43.66 -86.84
C LYS C 148 26.68 -43.46 -85.66
N CYS C 149 26.55 -42.34 -84.95
CA CYS C 149 27.41 -42.07 -83.82
C CYS C 149 26.93 -42.84 -82.58
N SER C 150 27.88 -43.08 -81.67
CA SER C 150 27.57 -43.78 -80.43
C SER C 150 28.13 -43.02 -79.23
N GLN C 151 29.43 -42.72 -79.26
CA GLN C 151 30.09 -41.98 -78.20
C GLN C 151 30.57 -40.60 -78.63
N ASP C 152 30.63 -40.33 -79.93
CA ASP C 152 31.07 -39.02 -80.41
C ASP C 152 29.99 -38.35 -81.24
N CYS C 153 28.83 -38.12 -80.64
CA CYS C 153 27.70 -37.48 -81.32
C CYS C 153 27.83 -35.97 -81.20
N GLN C 154 27.75 -35.29 -82.34
CA GLN C 154 27.86 -33.84 -82.36
C GLN C 154 26.65 -33.21 -81.68
N THR C 155 26.90 -32.16 -80.88
CA THR C 155 25.86 -31.46 -80.16
C THR C 155 25.48 -30.14 -80.81
N ASN C 156 25.92 -29.90 -82.06
CA ASN C 156 25.59 -28.65 -82.72
C ASN C 156 24.09 -28.55 -83.01
N VAL C 157 23.46 -29.66 -83.38
CA VAL C 157 22.03 -29.64 -83.66
C VAL C 157 21.22 -29.36 -82.40
N TYR C 158 21.70 -29.85 -81.24
CA TYR C 158 20.99 -29.58 -79.99
C TYR C 158 21.14 -28.13 -79.57
N PHE C 159 22.31 -27.54 -79.80
CA PHE C 159 22.53 -26.15 -79.43
C PHE C 159 21.88 -25.18 -80.41
N ASP C 160 21.71 -25.59 -81.66
CA ASP C 160 21.07 -24.72 -82.64
C ASP C 160 19.58 -24.58 -82.37
N MET C 161 18.97 -25.57 -81.72
CA MET C 161 17.54 -25.48 -81.40
C MET C 161 17.27 -24.58 -80.21
N ILE C 162 18.19 -24.54 -79.25
CA ILE C 162 17.99 -23.69 -78.08
C ILE C 162 18.13 -22.21 -78.43
N LYS C 163 18.91 -21.91 -79.46
CA LYS C 163 19.07 -20.52 -79.89
C LYS C 163 17.85 -20.02 -80.66
N ILE C 164 17.15 -20.90 -81.36
CA ILE C 164 15.95 -20.49 -82.08
C ILE C 164 14.75 -20.47 -81.14
N TYR C 165 14.67 -21.42 -80.21
CA TYR C 165 13.58 -21.43 -79.24
C TYR C 165 13.66 -20.25 -78.29
N LEU C 166 14.87 -19.79 -77.96
CA LEU C 166 15.01 -18.61 -77.12
C LEU C 166 14.57 -17.34 -77.83
N VAL C 167 14.59 -17.32 -79.16
CA VAL C 167 14.08 -16.17 -79.90
C VAL C 167 12.58 -16.24 -80.10
N ASP C 168 12.03 -17.45 -80.28
CA ASP C 168 10.59 -17.60 -80.38
C ASP C 168 9.89 -17.42 -79.04
N PHE C 169 10.61 -17.58 -77.94
CA PHE C 169 10.01 -17.39 -76.63
C PHE C 169 9.83 -15.92 -76.28
N LYS C 170 10.66 -15.04 -76.83
CA LYS C 170 10.54 -13.62 -76.57
C LYS C 170 9.26 -13.02 -77.15
N LYS C 171 8.62 -13.71 -78.10
CA LYS C 171 7.36 -13.24 -78.66
C LYS C 171 6.21 -13.31 -77.67
N MET C 172 6.40 -13.99 -76.53
CA MET C 172 5.36 -14.09 -75.52
C MET C 172 5.58 -13.03 -74.46
N PRO C 173 4.65 -12.09 -74.27
CA PRO C 173 4.83 -11.08 -73.22
C PRO C 173 4.64 -11.67 -71.84
N TYR C 174 5.70 -12.26 -71.28
CA TYR C 174 5.61 -12.93 -69.99
C TYR C 174 5.35 -11.92 -68.87
N GLU C 175 6.20 -10.91 -68.77
CA GLU C 175 6.03 -9.92 -67.71
C GLU C 175 4.71 -9.17 -67.83
N ASN C 176 4.25 -8.93 -69.06
CA ASN C 176 2.94 -8.31 -69.25
C ASN C 176 1.82 -9.26 -68.83
N TYR C 177 1.94 -10.54 -69.20
CA TYR C 177 0.96 -11.52 -68.75
C TYR C 177 1.09 -11.78 -67.25
N ASP C 178 2.30 -11.68 -66.70
CA ASP C 178 2.47 -11.80 -65.26
C ASP C 178 1.86 -10.61 -64.53
N THR C 179 1.96 -9.42 -65.12
CA THR C 179 1.34 -8.25 -64.52
C THR C 179 -0.18 -8.26 -64.71
N PHE C 180 -0.66 -8.91 -65.77
CA PHE C 180 -2.10 -9.00 -65.97
C PHE C 180 -2.75 -9.93 -64.96
N ILE C 181 -2.13 -11.08 -64.70
CA ILE C 181 -2.70 -12.03 -63.75
C ILE C 181 -2.60 -11.50 -62.33
N LYS C 182 -1.54 -10.77 -62.01
CA LYS C 182 -1.39 -10.23 -60.66
C LYS C 182 -2.38 -9.10 -60.40
N GLN C 183 -2.50 -8.16 -61.34
CA GLN C 183 -3.45 -7.07 -61.18
C GLN C 183 -4.89 -7.54 -61.26
N TYR C 184 -5.14 -8.67 -61.90
CA TYR C 184 -6.50 -9.19 -61.99
C TYR C 184 -6.96 -9.80 -60.67
N LYS C 185 -6.03 -10.35 -59.89
CA LYS C 185 -6.39 -10.97 -58.62
C LYS C 185 -6.85 -9.92 -57.61
N ASN C 186 -6.19 -8.77 -57.57
CA ASN C 186 -6.60 -7.71 -56.65
C ASN C 186 -7.97 -7.15 -57.02
N SER C 187 -8.31 -7.12 -58.31
CA SER C 187 -9.62 -6.65 -58.73
C SER C 187 -10.68 -7.73 -58.53
N TYR C 188 -10.32 -8.99 -58.75
CA TYR C 188 -11.28 -10.08 -58.55
C TYR C 188 -11.58 -10.27 -57.07
N LEU C 189 -10.55 -10.29 -56.22
CA LEU C 189 -10.77 -10.45 -54.79
C LEU C 189 -11.51 -9.27 -54.20
N SER C 190 -11.30 -8.06 -54.75
CA SER C 190 -12.06 -6.90 -54.28
C SER C 190 -13.54 -7.05 -54.60
N GLY C 191 -13.87 -7.67 -55.74
CA GLY C 191 -15.26 -7.96 -56.04
C GLY C 191 -15.86 -9.01 -55.12
N VAL C 192 -15.02 -9.92 -54.60
CA VAL C 192 -15.49 -10.91 -53.66
C VAL C 192 -15.71 -10.28 -52.29
N ASP C 193 -14.87 -9.33 -51.90
CA ASP C 193 -15.01 -8.68 -50.61
C ASP C 193 -16.27 -7.82 -50.55
N MET C 194 -16.64 -7.18 -51.65
CA MET C 194 -17.83 -6.34 -51.67
C MET C 194 -19.09 -7.18 -51.53
N ILE C 195 -19.15 -8.33 -52.21
CA ILE C 195 -20.32 -9.19 -52.12
C ILE C 195 -20.42 -9.81 -50.72
N ARG C 196 -19.28 -10.13 -50.12
CA ARG C 196 -19.29 -10.76 -48.80
C ARG C 196 -19.86 -9.85 -47.73
N LYS C 197 -19.73 -8.54 -47.91
CA LYS C 197 -20.22 -7.58 -46.92
C LYS C 197 -21.59 -6.98 -47.28
N ILE C 198 -21.93 -6.91 -48.57
CA ILE C 198 -23.17 -6.26 -48.99
C ILE C 198 -24.30 -7.25 -49.24
N GLU C 199 -24.03 -8.56 -49.18
CA GLU C 199 -25.09 -9.53 -49.42
C GLU C 199 -26.12 -9.57 -48.29
N LYS C 200 -25.75 -9.14 -47.08
CA LYS C 200 -26.65 -9.14 -45.95
C LYS C 200 -27.55 -7.91 -45.92
N GLN C 201 -27.42 -7.00 -46.88
CA GLN C 201 -28.23 -5.78 -46.94
C GLN C 201 -29.07 -5.67 -48.19
N ILE C 202 -28.56 -6.14 -49.34
CA ILE C 202 -29.30 -6.05 -50.59
C ILE C 202 -30.28 -7.22 -50.69
N ASP C 203 -31.41 -6.96 -51.36
CA ASP C 203 -32.46 -7.95 -51.55
C ASP C 203 -32.57 -8.24 -53.05
N ASN C 204 -31.68 -9.08 -53.54
CA ASN C 204 -31.68 -9.47 -54.96
C ASN C 204 -31.05 -10.85 -55.06
N PRO C 205 -31.86 -11.92 -55.03
CA PRO C 205 -31.30 -13.27 -55.00
C PRO C 205 -30.63 -13.69 -56.31
N VAL C 206 -31.38 -13.60 -57.42
CA VAL C 206 -30.85 -14.08 -58.70
C VAL C 206 -29.68 -13.23 -59.15
N THR C 207 -29.74 -11.92 -58.91
CA THR C 207 -28.64 -11.05 -59.29
C THR C 207 -27.38 -11.35 -58.47
N ILE C 208 -27.55 -11.70 -57.19
CA ILE C 208 -26.40 -12.04 -56.36
C ILE C 208 -25.92 -13.46 -56.64
N ASN C 209 -26.85 -14.38 -56.93
CA ASN C 209 -26.46 -15.75 -57.24
C ASN C 209 -25.70 -15.82 -58.56
N ALA C 210 -26.05 -14.97 -59.53
CA ALA C 210 -25.32 -14.93 -60.79
C ALA C 210 -23.89 -14.43 -60.58
N ILE C 211 -23.70 -13.50 -59.64
CA ILE C 211 -22.35 -13.03 -59.34
C ILE C 211 -21.55 -14.11 -58.63
N LYS C 212 -22.20 -14.85 -57.73
CA LYS C 212 -21.51 -15.95 -57.04
C LYS C 212 -21.15 -17.07 -58.00
N PHE C 213 -21.96 -17.28 -59.04
CA PHE C 213 -21.62 -18.31 -60.03
C PHE C 213 -20.45 -17.86 -60.90
N THR C 214 -20.48 -16.62 -61.38
CA THR C 214 -19.41 -16.13 -62.25
C THR C 214 -18.09 -16.05 -61.50
N GLN C 215 -18.11 -15.59 -60.25
CA GLN C 215 -16.88 -15.54 -59.47
C GLN C 215 -16.34 -16.93 -59.20
N LYS C 216 -17.20 -17.94 -59.13
CA LYS C 216 -16.73 -19.31 -59.02
C LYS C 216 -16.08 -19.79 -60.32
N GLU C 217 -16.60 -19.32 -61.46
CA GLU C 217 -15.98 -19.66 -62.74
C GLU C 217 -14.67 -18.91 -62.94
N MET C 218 -14.61 -17.66 -62.48
CA MET C 218 -13.37 -16.89 -62.58
C MET C 218 -12.26 -17.49 -61.72
N GLY C 219 -12.62 -18.11 -60.59
CA GLY C 219 -11.62 -18.73 -59.75
C GLY C 219 -10.99 -19.96 -60.37
N TYR C 220 -11.74 -20.68 -61.21
CA TYR C 220 -11.19 -21.85 -61.87
C TYR C 220 -10.29 -21.48 -63.04
N ILE C 221 -10.60 -20.38 -63.74
CA ILE C 221 -9.75 -19.96 -64.85
C ILE C 221 -8.40 -19.48 -64.35
N ILE C 222 -8.39 -18.76 -63.22
CA ILE C 222 -7.14 -18.31 -62.63
C ILE C 222 -6.27 -19.51 -62.23
N ASP C 223 -6.90 -20.60 -61.82
CA ASP C 223 -6.14 -21.82 -61.54
C ASP C 223 -5.55 -22.40 -62.81
N ARG C 224 -6.30 -22.33 -63.92
CA ARG C 224 -5.78 -22.83 -65.19
C ARG C 224 -4.86 -21.82 -65.86
N PHE C 225 -5.08 -20.52 -65.64
CA PHE C 225 -4.19 -19.51 -66.19
C PHE C 225 -2.83 -19.53 -65.49
N GLU C 226 -2.83 -19.76 -64.18
CA GLU C 226 -1.57 -19.78 -63.44
C GLU C 226 -0.76 -21.02 -63.77
N TYR C 227 -1.43 -22.15 -64.01
CA TYR C 227 -0.71 -23.38 -64.34
C TYR C 227 0.06 -23.24 -65.65
N HIS C 228 -0.63 -22.80 -66.72
CA HIS C 228 0.05 -22.60 -67.99
C HIS C 228 1.11 -21.52 -67.88
N LEU C 229 0.85 -20.47 -67.09
CA LEU C 229 1.86 -19.47 -66.83
C LEU C 229 3.00 -20.01 -65.96
N GLN C 230 2.74 -21.07 -65.19
CA GLN C 230 3.82 -21.68 -64.43
C GLN C 230 4.59 -22.69 -65.26
N LYS C 231 3.94 -23.32 -66.24
CA LYS C 231 4.64 -24.25 -67.11
C LYS C 231 5.44 -23.51 -68.19
N VAL C 232 4.91 -22.39 -68.68
CA VAL C 232 5.66 -21.57 -69.62
C VAL C 232 6.87 -20.94 -68.94
N LYS C 233 6.70 -20.47 -67.69
CA LYS C 233 7.82 -19.88 -66.97
C LYS C 233 8.90 -20.90 -66.69
N HIS C 234 8.52 -22.13 -66.33
CA HIS C 234 9.50 -23.18 -66.09
C HIS C 234 10.22 -23.58 -67.37
N SER C 235 9.53 -23.51 -68.52
CA SER C 235 10.18 -23.84 -69.79
C SER C 235 11.19 -22.78 -70.18
N ILE C 236 10.85 -21.50 -69.97
CA ILE C 236 11.77 -20.43 -70.33
C ILE C 236 12.99 -20.43 -69.43
N ASP C 237 12.79 -20.71 -68.14
CA ASP C 237 13.90 -20.67 -67.19
C ASP C 237 14.88 -21.82 -67.40
N GLN C 238 14.39 -22.99 -67.82
CA GLN C 238 15.28 -24.14 -68.00
C GLN C 238 15.96 -24.12 -69.36
N VAL C 239 15.28 -23.64 -70.39
CA VAL C 239 15.91 -23.55 -71.72
C VAL C 239 17.00 -22.49 -71.72
N THR C 240 16.75 -21.35 -71.06
CA THR C 240 17.76 -20.30 -71.00
C THR C 240 18.97 -20.74 -70.17
N ALA C 241 18.75 -21.53 -69.13
CA ALA C 241 19.86 -22.03 -68.33
C ALA C 241 20.66 -23.08 -69.08
N LEU C 242 20.02 -23.84 -69.97
CA LEU C 242 20.73 -24.85 -70.75
C LEU C 242 21.64 -24.20 -71.78
N SER C 243 21.20 -23.08 -72.37
CA SER C 243 22.04 -22.38 -73.34
C SER C 243 23.19 -21.65 -72.67
N ASP C 244 22.97 -21.13 -71.46
CA ASP C 244 24.00 -20.42 -70.72
C ASP C 244 24.80 -21.35 -69.81
N GLY C 245 24.48 -22.63 -69.77
CA GLY C 245 25.19 -23.59 -68.95
C GLY C 245 26.32 -24.27 -69.71
N VAL C 246 26.63 -25.49 -69.28
CA VAL C 246 27.69 -26.26 -69.92
C VAL C 246 27.23 -26.68 -71.32
N LYS C 247 28.07 -26.42 -72.32
CA LYS C 247 27.78 -26.75 -73.72
C LYS C 247 28.87 -27.68 -74.22
N PRO C 248 28.77 -28.98 -73.94
CA PRO C 248 29.77 -29.93 -74.45
C PRO C 248 29.63 -30.09 -75.95
N LYS C 249 30.78 -30.16 -76.64
CA LYS C 249 30.80 -30.27 -78.09
C LYS C 249 30.41 -31.65 -78.58
N GLN C 250 30.51 -32.69 -77.74
CA GLN C 250 30.18 -34.04 -78.17
C GLN C 250 29.78 -34.86 -76.95
N VAL C 251 28.63 -35.53 -77.04
CA VAL C 251 28.14 -36.43 -76.02
C VAL C 251 27.83 -37.78 -76.67
N THR C 252 27.30 -38.70 -75.87
CA THR C 252 26.96 -40.03 -76.35
C THR C 252 25.64 -39.99 -77.10
N LYS C 253 25.24 -41.14 -77.63
CA LYS C 253 23.95 -41.25 -78.31
C LYS C 253 22.79 -41.38 -77.33
N ASN C 254 23.04 -41.96 -76.16
CA ASN C 254 22.00 -42.06 -75.14
C ASN C 254 21.79 -40.76 -74.40
N ARG C 255 22.85 -39.97 -74.22
CA ARG C 255 22.70 -38.67 -73.55
C ARG C 255 22.13 -37.62 -74.51
N LEU C 256 22.50 -37.68 -75.79
CA LEU C 256 21.94 -36.75 -76.76
C LEU C 256 20.46 -37.01 -76.99
N LYS C 257 20.06 -38.29 -77.02
CA LYS C 257 18.64 -38.62 -77.09
C LYS C 257 17.89 -38.13 -75.87
N GLU C 258 18.54 -38.15 -74.70
CA GLU C 258 17.93 -37.57 -73.51
C GLU C 258 17.86 -36.05 -73.62
N TYR C 259 18.86 -35.43 -74.27
CA TYR C 259 18.82 -33.98 -74.45
C TYR C 259 17.83 -33.58 -75.54
N TYR C 260 17.67 -34.41 -76.58
CA TYR C 260 16.69 -34.12 -77.61
C TYR C 260 15.27 -34.20 -77.04
N PHE C 261 15.02 -35.17 -76.16
CA PHE C 261 13.74 -35.26 -75.47
C PHE C 261 13.63 -34.27 -74.30
N ASN C 262 14.75 -33.69 -73.87
CA ASN C 262 14.71 -32.69 -72.81
C ASN C 262 14.26 -31.34 -73.35
N ILE C 263 14.90 -30.88 -74.43
CA ILE C 263 14.47 -29.63 -75.05
C ILE C 263 13.15 -29.81 -75.77
N GLY C 264 12.85 -31.03 -76.23
CA GLY C 264 11.57 -31.28 -76.88
C GLY C 264 10.40 -31.22 -75.92
N ASN C 265 10.61 -31.62 -74.66
CA ASN C 265 9.54 -31.52 -73.68
C ASN C 265 9.36 -30.09 -73.18
N TYR C 266 10.47 -29.35 -73.02
CA TYR C 266 10.37 -27.98 -72.56
C TYR C 266 9.76 -27.07 -73.62
N TYR C 267 10.13 -27.28 -74.90
CA TYR C 267 9.65 -26.41 -75.96
C TYR C 267 8.19 -26.68 -76.29
N SER C 268 7.79 -27.96 -76.29
CA SER C 268 6.40 -28.29 -76.61
C SER C 268 5.44 -27.76 -75.56
N ILE C 269 5.88 -27.64 -74.31
CA ILE C 269 5.02 -27.10 -73.26
C ILE C 269 4.80 -25.61 -73.48
N PHE C 270 5.84 -24.89 -73.95
CA PHE C 270 5.72 -23.46 -74.17
C PHE C 270 4.72 -23.15 -75.29
N LYS C 271 4.93 -23.74 -76.47
CA LYS C 271 4.04 -23.49 -77.60
C LYS C 271 2.61 -23.91 -77.29
N PHE C 272 2.44 -24.93 -76.45
CA PHE C 272 1.11 -25.32 -76.01
C PHE C 272 0.55 -24.36 -74.96
N GLY C 273 1.42 -23.75 -74.16
CA GLY C 273 0.98 -22.83 -73.14
C GLY C 273 0.61 -21.47 -73.69
N LYS C 274 1.36 -21.00 -74.70
CA LYS C 274 1.06 -19.71 -75.30
C LYS C 274 -0.31 -19.70 -75.98
N ASP C 275 -0.75 -20.86 -76.49
CA ASP C 275 -2.07 -20.94 -77.09
C ASP C 275 -3.16 -20.94 -76.03
N SER C 276 -2.96 -21.69 -74.95
CA SER C 276 -3.96 -21.76 -73.89
C SER C 276 -4.01 -20.47 -73.09
N LEU C 277 -2.85 -19.85 -72.81
CA LEU C 277 -2.83 -18.60 -72.08
C LEU C 277 -3.53 -17.49 -72.85
N ASN C 278 -3.45 -17.52 -74.18
CA ASN C 278 -4.09 -16.48 -74.98
C ASN C 278 -5.61 -16.62 -74.92
N MET C 279 -6.13 -17.84 -74.91
CA MET C 279 -7.58 -18.05 -74.87
C MET C 279 -8.12 -17.76 -73.47
N LEU C 280 -7.38 -18.14 -72.42
CA LEU C 280 -7.84 -17.89 -71.07
C LEU C 280 -7.86 -16.41 -70.73
N ASN C 281 -6.97 -15.63 -71.33
CA ASN C 281 -6.97 -14.18 -71.10
C ASN C 281 -8.20 -13.53 -71.71
N LYS C 282 -8.64 -14.01 -72.88
CA LYS C 282 -9.83 -13.45 -73.51
C LYS C 282 -11.10 -13.88 -72.79
N ALA C 283 -11.13 -15.10 -72.23
CA ALA C 283 -12.32 -15.57 -71.54
C ALA C 283 -12.49 -14.89 -70.19
N LEU C 284 -11.38 -14.52 -69.53
CA LEU C 284 -11.47 -13.88 -68.23
C LEU C 284 -12.01 -12.45 -68.33
N ILE C 285 -11.74 -11.78 -69.45
CA ILE C 285 -12.21 -10.40 -69.62
C ILE C 285 -13.72 -10.39 -69.88
N HIS C 286 -14.21 -11.31 -70.70
CA HIS C 286 -15.63 -11.36 -71.00
C HIS C 286 -16.45 -11.70 -69.76
N LYS C 287 -15.92 -12.56 -68.89
CA LYS C 287 -16.62 -12.86 -67.64
C LYS C 287 -16.57 -11.70 -66.66
N GLU C 288 -15.49 -10.91 -66.69
CA GLU C 288 -15.40 -9.74 -65.84
C GLU C 288 -16.41 -8.68 -66.25
N LYS C 289 -16.68 -8.54 -67.54
CA LYS C 289 -17.70 -7.60 -67.99
C LYS C 289 -19.09 -8.05 -67.58
N ILE C 290 -19.29 -9.37 -67.43
CA ILE C 290 -20.58 -9.86 -66.97
C ILE C 290 -20.78 -9.52 -65.50
N VAL C 291 -19.71 -9.56 -64.71
CA VAL C 291 -19.80 -9.16 -63.31
C VAL C 291 -20.09 -7.67 -63.19
N HIS C 292 -19.35 -6.86 -63.98
CA HIS C 292 -19.61 -5.43 -63.98
C HIS C 292 -21.01 -5.10 -64.48
N ASN C 293 -21.55 -5.94 -65.38
CA ASN C 293 -22.93 -5.76 -65.80
C ASN C 293 -23.91 -6.13 -64.69
N LEU C 294 -23.59 -7.18 -63.93
CA LEU C 294 -24.41 -7.56 -62.79
C LEU C 294 -24.22 -6.61 -61.62
N LEU C 295 -23.00 -6.12 -61.41
CA LEU C 295 -22.78 -5.12 -60.37
C LEU C 295 -23.44 -3.81 -60.72
N GLY C 296 -23.56 -3.50 -62.02
CA GLY C 296 -24.28 -2.30 -62.43
C GLY C 296 -25.78 -2.41 -62.24
N GLU C 297 -26.32 -3.63 -62.21
CA GLU C 297 -27.74 -3.82 -61.95
C GLU C 297 -28.05 -3.80 -60.46
N LEU C 298 -27.14 -4.34 -59.64
CA LEU C 298 -27.37 -4.36 -58.20
C LEU C 298 -27.15 -2.99 -57.58
N PHE C 299 -26.14 -2.27 -58.06
CA PHE C 299 -25.85 -0.93 -57.53
C PHE C 299 -26.89 0.08 -57.98
N SER D 7 24.56 17.67 52.77
CA SER D 7 25.23 18.89 53.20
C SER D 7 24.79 20.08 52.35
N ALA D 8 24.36 19.80 51.12
CA ALA D 8 23.93 20.85 50.22
C ALA D 8 22.56 21.38 50.63
N LEU D 9 22.21 22.53 50.05
CA LEU D 9 20.92 23.15 50.33
C LEU D 9 19.82 22.38 49.59
N THR D 10 18.80 21.95 50.33
CA THR D 10 17.76 21.10 49.76
C THR D 10 16.85 21.92 48.85
N GLN D 11 16.79 21.52 47.58
CA GLN D 11 15.88 22.11 46.61
C GLN D 11 15.05 21.00 45.95
N PRO D 12 13.77 21.25 45.68
CA PRO D 12 12.96 20.26 44.97
C PRO D 12 13.48 20.06 43.56
N PRO D 13 13.53 18.81 43.09
CA PRO D 13 14.15 18.55 41.78
C PRO D 13 13.41 19.16 40.61
N SER D 14 12.09 19.28 40.68
CA SER D 14 11.31 19.72 39.53
C SER D 14 10.19 20.65 39.99
N THR D 15 9.86 21.61 39.12
CA THR D 15 8.73 22.50 39.32
C THR D 15 8.18 22.86 37.94
N SER D 16 7.00 23.49 37.93
CA SER D 16 6.35 23.83 36.69
C SER D 16 5.55 25.11 36.87
N GLY D 17 5.18 25.72 35.74
CA GLY D 17 4.40 26.94 35.75
C GLY D 17 3.70 27.15 34.43
N SER D 18 2.79 28.11 34.43
CA SER D 18 1.99 28.48 33.28
C SER D 18 2.49 29.77 32.65
N PRO D 19 2.12 30.05 31.40
CA PRO D 19 2.57 31.30 30.77
C PRO D 19 2.06 32.53 31.51
N GLY D 20 2.97 33.46 31.78
CA GLY D 20 2.60 34.71 32.40
C GLY D 20 2.11 34.62 33.83
N GLN D 21 2.45 33.55 34.53
CA GLN D 21 2.04 33.38 35.93
C GLN D 21 3.28 33.32 36.82
N SER D 22 3.08 32.90 38.06
CA SER D 22 4.13 32.91 39.08
C SER D 22 4.57 31.49 39.41
N VAL D 23 5.84 31.35 39.77
CA VAL D 23 6.41 30.09 40.21
C VAL D 23 7.30 30.36 41.40
N THR D 24 7.34 29.41 42.35
CA THR D 24 8.10 29.57 43.57
C THR D 24 8.87 28.29 43.87
N ILE D 25 10.13 28.45 44.29
CA ILE D 25 10.99 27.33 44.65
C ILE D 25 11.52 27.57 46.06
N SER D 26 11.75 26.47 46.78
CA SER D 26 12.23 26.51 48.15
C SER D 26 13.69 26.08 48.21
N CYS D 27 14.44 26.69 49.12
CA CYS D 27 15.86 26.37 49.32
C CYS D 27 16.10 26.34 50.82
N THR D 28 16.22 25.13 51.38
CA THR D 28 16.33 24.93 52.81
C THR D 28 17.79 24.66 53.21
N GLY D 29 18.21 25.29 54.30
CA GLY D 29 19.51 25.08 54.89
C GLY D 29 19.38 24.79 56.38
N THR D 30 20.36 25.27 57.13
CA THR D 30 20.37 25.15 58.58
C THR D 30 20.50 26.54 59.21
N GLY D 31 20.62 26.57 60.53
CA GLY D 31 20.84 27.82 61.23
C GLY D 31 22.26 28.34 61.16
N ILE D 32 23.14 27.65 60.46
CA ILE D 32 24.54 28.06 60.34
C ILE D 32 24.91 28.52 58.94
N ASP D 33 24.06 28.30 57.94
CA ASP D 33 24.34 28.71 56.58
C ASP D 33 23.26 29.61 56.00
N VAL D 34 22.00 29.18 56.04
CA VAL D 34 20.91 29.99 55.52
C VAL D 34 20.29 30.80 56.65
N GLY D 35 19.87 30.12 57.71
CA GLY D 35 19.26 30.78 58.84
C GLY D 35 20.21 31.55 59.73
N GLY D 36 21.48 31.65 59.36
CA GLY D 36 22.45 32.36 60.17
C GLY D 36 22.74 33.77 59.65
N PHE D 37 22.93 33.89 58.35
CA PHE D 37 23.27 35.17 57.73
C PHE D 37 22.22 35.54 56.69
N SER D 38 22.18 36.83 56.35
CA SER D 38 21.39 37.32 55.23
C SER D 38 22.19 37.33 53.93
N TYR D 39 22.93 36.25 53.68
CA TYR D 39 23.86 36.16 52.56
C TYR D 39 23.48 34.94 51.72
N VAL D 40 22.42 35.07 50.95
CA VAL D 40 21.91 34.00 50.10
C VAL D 40 21.84 34.52 48.67
N SER D 41 22.54 33.84 47.77
CA SER D 41 22.58 34.21 46.36
C SER D 41 21.77 33.22 45.53
N TRP D 42 21.42 33.64 44.32
CA TRP D 42 20.65 32.82 43.40
C TRP D 42 21.20 32.98 41.99
N PHE D 43 21.45 31.86 41.32
CA PHE D 43 22.00 31.86 39.97
C PHE D 43 21.02 31.19 39.02
N GLN D 44 21.09 31.61 37.75
CA GLN D 44 20.33 30.99 36.66
C GLN D 44 21.35 30.43 35.68
N TYR D 45 21.61 29.13 35.76
CA TYR D 45 22.65 28.47 34.98
C TYR D 45 21.99 27.59 33.92
N HIS D 46 22.08 28.02 32.67
CA HIS D 46 21.72 27.14 31.57
C HIS D 46 22.75 26.03 31.45
N PRO D 47 22.32 24.79 31.15
CA PRO D 47 23.27 23.68 31.10
C PRO D 47 24.31 23.89 30.00
N GLY D 48 25.58 23.80 30.40
CA GLY D 48 26.68 24.02 29.49
C GLY D 48 27.17 25.45 29.41
N LYS D 49 26.41 26.41 29.94
CA LYS D 49 26.78 27.81 29.92
C LYS D 49 27.07 28.30 31.35
N ALA D 50 27.53 29.55 31.43
CA ALA D 50 27.88 30.15 32.71
C ALA D 50 26.62 30.53 33.48
N PRO D 51 26.65 30.44 34.81
CA PRO D 51 25.49 30.85 35.60
C PRO D 51 25.33 32.36 35.62
N LYS D 52 24.08 32.80 35.75
CA LYS D 52 23.73 34.21 35.69
C LYS D 52 23.16 34.64 37.04
N LEU D 53 23.69 35.74 37.58
CA LEU D 53 23.21 36.26 38.86
C LEU D 53 21.77 36.74 38.73
N ILE D 54 20.93 36.36 39.69
CA ILE D 54 19.51 36.70 39.66
C ILE D 54 19.15 37.43 40.94
N ILE D 55 19.40 36.81 42.09
CA ILE D 55 19.08 37.37 43.39
C ILE D 55 20.28 37.15 44.32
N PHE D 56 20.72 38.22 44.96
CA PHE D 56 21.84 38.17 45.91
C PHE D 56 21.39 38.70 47.25
N GLU D 57 21.89 38.09 48.33
CA GLU D 57 21.60 38.51 49.70
C GLU D 57 20.10 38.60 49.95
N VAL D 58 19.43 37.46 49.75
CA VAL D 58 18.01 37.29 50.06
C VAL D 58 17.13 38.14 49.14
N THR D 59 17.28 39.46 49.20
CA THR D 59 16.36 40.37 48.53
C THR D 59 16.98 41.27 47.48
N LYS D 60 18.30 41.48 47.50
CA LYS D 60 18.90 42.44 46.57
C LYS D 60 18.87 41.92 45.14
N ARG D 61 18.61 42.82 44.20
CA ARG D 61 18.54 42.49 42.78
C ARG D 61 19.69 43.13 42.03
N PRO D 62 20.54 42.38 41.35
CA PRO D 62 21.56 42.99 40.50
C PRO D 62 20.94 43.75 39.34
N SER D 63 21.77 44.55 38.68
CA SER D 63 21.31 45.35 37.57
C SER D 63 20.89 44.47 36.40
N GLY D 64 19.68 44.71 35.88
CA GLY D 64 19.14 43.93 34.80
C GLY D 64 18.10 42.90 35.21
N VAL D 65 17.90 42.70 36.51
CA VAL D 65 16.93 41.75 37.04
C VAL D 65 15.64 42.51 37.35
N PRO D 66 14.55 42.26 36.65
CA PRO D 66 13.31 43.01 36.92
C PRO D 66 12.73 42.64 38.28
N ASP D 67 11.76 43.46 38.71
CA ASP D 67 11.15 43.28 40.02
C ASP D 67 10.28 42.04 40.11
N ARG D 68 10.06 41.32 39.01
CA ARG D 68 9.32 40.07 39.08
C ARG D 68 10.12 38.97 39.76
N PHE D 69 11.44 39.03 39.67
CA PHE D 69 12.32 38.11 40.39
C PHE D 69 12.54 38.67 41.79
N SER D 70 11.84 38.12 42.78
CA SER D 70 11.92 38.59 44.15
C SER D 70 12.20 37.41 45.07
N GLY D 71 13.22 37.54 45.90
CA GLY D 71 13.58 36.49 46.83
C GLY D 71 13.31 36.85 48.28
N SER D 72 13.24 35.84 49.14
CA SER D 72 12.99 36.05 50.56
C SER D 72 13.42 34.80 51.31
N LYS D 73 13.22 34.81 52.63
CA LYS D 73 13.52 33.65 53.46
C LYS D 73 12.76 33.77 54.76
N SER D 74 12.52 32.62 55.40
CA SER D 74 11.83 32.55 56.68
C SER D 74 12.53 31.49 57.51
N GLY D 75 13.37 31.92 58.45
CA GLY D 75 14.13 31.00 59.26
C GLY D 75 15.24 30.33 58.47
N ASN D 76 15.17 29.01 58.33
CA ASN D 76 16.17 28.25 57.58
C ASN D 76 15.77 27.99 56.13
N THR D 77 14.54 28.31 55.75
CA THR D 77 14.03 28.02 54.42
C THR D 77 13.94 29.31 53.61
N ALA D 78 14.72 29.38 52.54
CA ALA D 78 14.66 30.50 51.61
C ALA D 78 13.72 30.17 50.46
N SER D 79 13.32 31.21 49.74
CA SER D 79 12.37 31.05 48.64
C SER D 79 12.64 32.07 47.55
N LEU D 80 12.43 31.66 46.31
CA LEU D 80 12.56 32.54 45.14
C LEU D 80 11.22 32.54 44.40
N THR D 81 10.76 33.74 44.05
CA THR D 81 9.48 33.91 43.38
C THR D 81 9.72 34.57 42.03
N ILE D 82 9.23 33.93 40.96
CA ILE D 82 9.38 34.43 39.60
C ILE D 82 7.98 34.68 39.05
N SER D 83 7.64 35.95 38.82
CA SER D 83 6.35 36.33 38.28
C SER D 83 6.47 36.66 36.80
N GLY D 84 5.34 36.53 36.10
CA GLY D 84 5.31 36.77 34.67
C GLY D 84 6.21 35.82 33.91
N LEU D 85 5.90 34.52 33.96
CA LEU D 85 6.79 33.51 33.42
C LEU D 85 6.90 33.64 31.91
N GLN D 86 8.14 33.66 31.41
CA GLN D 86 8.44 33.66 29.99
C GLN D 86 9.05 32.32 29.60
N ALA D 87 9.27 32.16 28.30
CA ALA D 87 9.97 30.97 27.81
C ALA D 87 11.47 31.07 28.07
N ASP D 88 12.01 32.29 28.17
CA ASP D 88 13.42 32.45 28.48
C ASP D 88 13.74 32.06 29.91
N ASP D 89 12.76 32.20 30.82
CA ASP D 89 12.97 31.83 32.21
C ASP D 89 13.11 30.33 32.44
N GLU D 90 12.85 29.52 31.41
CA GLU D 90 12.94 28.07 31.54
C GLU D 90 14.41 27.67 31.63
N ALA D 91 14.90 27.49 32.84
CA ALA D 91 16.29 27.09 33.08
C ALA D 91 16.40 26.55 34.50
N GLU D 92 17.61 26.15 34.87
CA GLU D 92 17.89 25.67 36.21
C GLU D 92 18.26 26.84 37.12
N TYR D 93 17.55 26.97 38.24
CA TYR D 93 17.79 28.01 39.21
C TYR D 93 18.38 27.38 40.47
N TYR D 94 19.63 27.72 40.76
CA TYR D 94 20.33 27.20 41.93
C TYR D 94 20.38 28.27 43.02
N CYS D 95 20.41 27.80 44.27
CA CYS D 95 20.57 28.67 45.42
C CYS D 95 21.91 28.41 46.09
N SER D 96 22.39 29.40 46.82
CA SER D 96 23.66 29.30 47.51
C SER D 96 23.63 30.20 48.74
N SER D 97 24.49 29.86 49.71
CA SER D 97 24.54 30.62 50.95
C SER D 97 25.95 30.54 51.53
N TYR D 98 26.33 31.58 52.26
CA TYR D 98 27.64 31.60 52.92
C TYR D 98 27.64 30.65 54.11
N ALA D 99 28.67 29.82 54.19
CA ALA D 99 28.86 28.90 55.32
C ALA D 99 29.94 29.44 56.26
N VAL D 100 29.91 28.95 57.50
CA VAL D 100 30.85 29.42 58.50
C VAL D 100 32.27 29.03 58.11
N ASN D 101 33.24 29.72 58.73
CA ASN D 101 34.66 29.51 58.47
C ASN D 101 35.01 29.76 57.01
N ASN D 102 34.36 30.76 56.41
CA ASN D 102 34.64 31.20 55.03
C ASN D 102 34.44 30.07 54.03
N ASN D 103 33.35 29.32 54.17
CA ASN D 103 32.99 28.27 53.24
C ASN D 103 31.75 28.67 52.45
N PHE D 104 31.57 28.01 51.31
CA PHE D 104 30.46 28.28 50.41
C PHE D 104 29.80 26.98 50.00
N VAL D 105 28.48 26.97 49.96
CA VAL D 105 27.71 25.78 49.63
C VAL D 105 26.59 26.17 48.67
N PHE D 106 26.29 25.28 47.73
CA PHE D 106 25.23 25.47 46.74
C PHE D 106 24.03 24.61 47.10
N GLY D 107 23.01 24.67 46.25
CA GLY D 107 21.82 23.87 46.39
C GLY D 107 21.77 22.76 45.35
N THR D 108 20.83 21.83 45.56
CA THR D 108 20.68 20.72 44.62
C THR D 108 20.13 21.20 43.29
N GLY D 109 19.21 22.16 43.31
CA GLY D 109 18.70 22.75 42.10
C GLY D 109 17.25 22.35 41.84
N THR D 110 16.57 23.18 41.05
CA THR D 110 15.18 22.97 40.68
C THR D 110 15.02 23.16 39.18
N LYS D 111 14.48 22.15 38.51
CA LYS D 111 14.24 22.21 37.07
C LYS D 111 12.82 22.71 36.85
N VAL D 112 12.70 24.00 36.56
CA VAL D 112 11.39 24.63 36.34
C VAL D 112 11.04 24.57 34.86
N THR D 113 9.86 24.06 34.55
CA THR D 113 9.36 23.98 33.20
C THR D 113 8.25 24.99 32.97
N VAL D 114 8.18 25.51 31.75
CA VAL D 114 7.17 26.48 31.36
C VAL D 114 6.21 25.78 30.41
N LEU D 115 4.92 25.79 30.76
CA LEU D 115 3.89 25.15 29.96
C LEU D 115 3.47 25.99 28.74
N VAL D 116 4.29 26.94 28.34
CA VAL D 116 3.98 27.79 27.19
C VAL D 116 4.79 27.31 25.98
N SER D 117 4.36 26.21 25.38
CA SER D 117 5.05 25.64 24.23
C SER D 117 4.11 24.67 23.53
N PRO D 118 4.25 24.50 22.22
CA PRO D 118 3.50 23.46 21.51
C PRO D 118 4.14 22.10 21.75
N ARG D 119 3.46 21.07 21.25
CA ARG D 119 3.91 19.67 21.37
C ARG D 119 3.88 19.00 20.01
N PRO D 120 4.86 19.28 19.16
CA PRO D 120 4.91 18.62 17.85
C PRO D 120 5.50 17.22 17.95
N THR D 121 5.05 16.36 17.03
CA THR D 121 5.54 14.99 16.98
C THR D 121 6.92 14.94 16.30
N PRO D 122 7.75 13.97 16.68
CA PRO D 122 9.09 13.88 16.08
C PRO D 122 9.04 13.42 14.64
N LEU D 123 10.16 13.60 13.96
CA LEU D 123 10.35 13.16 12.57
C LEU D 123 11.52 12.18 12.55
N SER D 124 11.21 10.90 12.42
CA SER D 124 12.22 9.85 12.50
C SER D 124 12.81 9.56 11.11
N LEU D 125 14.08 9.16 11.11
CA LEU D 125 14.78 8.78 9.89
C LEU D 125 15.64 7.57 10.21
N CYS D 126 15.30 6.42 9.62
CA CYS D 126 15.97 5.16 9.90
C CYS D 126 16.78 4.74 8.67
N SER D 127 18.10 4.70 8.83
CA SER D 127 18.99 4.26 7.76
C SER D 127 19.43 2.82 8.00
N HIS D 128 19.65 2.10 6.90
CA HIS D 128 20.04 0.70 6.94
C HIS D 128 21.56 0.58 6.95
N PRO D 129 22.08 -0.58 7.37
CA PRO D 129 23.53 -0.79 7.33
C PRO D 129 24.07 -0.66 5.91
N ARG D 130 25.31 -0.18 5.82
CA ARG D 130 25.94 0.09 4.53
C ARG D 130 26.68 -1.14 4.02
N SER D 131 26.91 -1.15 2.71
CA SER D 131 27.61 -2.27 2.07
C SER D 131 29.08 -2.32 2.45
N GLU D 132 29.66 -1.20 2.87
CA GLU D 132 31.07 -1.19 3.28
C GLU D 132 31.27 -1.79 4.67
N GLU D 133 30.31 -1.60 5.57
CA GLU D 133 30.42 -2.19 6.90
C GLU D 133 30.18 -3.69 6.86
N LEU D 134 29.25 -4.14 6.01
CA LEU D 134 29.01 -5.57 5.88
C LEU D 134 30.23 -6.31 5.33
N GLN D 135 31.02 -5.63 4.49
CA GLN D 135 32.27 -6.19 4.01
C GLN D 135 33.37 -6.16 5.07
N ALA D 136 33.12 -5.53 6.21
CA ALA D 136 34.07 -5.49 7.32
C ALA D 136 33.55 -6.22 8.55
N ASN D 137 32.52 -7.05 8.38
CA ASN D 137 31.92 -7.84 9.45
C ASN D 137 31.41 -6.93 10.57
N LYS D 138 30.47 -6.06 10.19
CA LYS D 138 29.83 -5.15 11.13
C LYS D 138 28.54 -4.63 10.50
N ALA D 139 27.55 -4.39 11.34
CA ALA D 139 26.25 -3.90 10.88
C ALA D 139 25.65 -3.03 11.97
N THR D 140 25.55 -1.74 11.71
CA THR D 140 25.00 -0.77 12.66
C THR D 140 23.77 -0.11 12.06
N LEU D 141 22.67 -0.14 12.79
CA LEU D 141 21.45 0.54 12.38
C LEU D 141 21.39 1.93 13.01
N VAL D 142 20.91 2.89 12.23
CA VAL D 142 20.84 4.29 12.64
C VAL D 142 19.39 4.73 12.63
N CYS D 143 18.93 5.26 13.76
CA CYS D 143 17.56 5.73 13.92
C CYS D 143 17.61 7.15 14.52
N LEU D 144 17.55 8.15 13.65
CA LEU D 144 17.66 9.54 14.06
C LEU D 144 16.30 10.11 14.45
N ILE D 145 16.30 10.96 15.48
CA ILE D 145 15.10 11.64 15.95
C ILE D 145 15.37 13.14 15.98
N SER D 146 14.42 13.93 15.51
CA SER D 146 14.60 15.38 15.46
C SER D 146 13.24 16.05 15.38
N ASP D 147 13.23 17.34 15.72
CA ASP D 147 12.05 18.20 15.61
C ASP D 147 10.89 17.67 16.44
N PHE D 148 11.09 17.67 17.77
CA PHE D 148 10.06 17.25 18.69
C PHE D 148 10.15 18.07 19.97
N TYR D 149 9.05 18.11 20.71
CA TYR D 149 8.96 18.82 21.97
C TYR D 149 7.86 18.20 22.81
N PRO D 150 8.05 18.00 24.12
CA PRO D 150 9.27 18.35 24.86
C PRO D 150 10.40 17.34 24.65
N GLY D 151 11.60 17.68 25.12
CA GLY D 151 12.74 16.80 24.96
C GLY D 151 12.71 15.60 25.88
N ALA D 152 11.74 14.70 25.66
CA ALA D 152 11.61 13.50 26.47
C ALA D 152 10.98 12.42 25.60
N VAL D 153 11.78 11.42 25.23
CA VAL D 153 11.32 10.32 24.39
C VAL D 153 11.83 9.01 24.96
N THR D 154 11.17 7.92 24.56
CA THR D 154 11.55 6.57 24.95
C THR D 154 11.72 5.74 23.69
N VAL D 155 12.94 5.27 23.44
CA VAL D 155 13.27 4.53 22.24
C VAL D 155 13.20 3.04 22.53
N ALA D 156 12.59 2.28 21.62
CA ALA D 156 12.46 0.84 21.76
C ALA D 156 12.73 0.20 20.41
N TRP D 157 13.68 -0.72 20.36
CA TRP D 157 14.03 -1.44 19.16
C TRP D 157 13.35 -2.81 19.13
N LYS D 158 13.09 -3.31 17.93
CA LYS D 158 12.40 -4.57 17.76
C LYS D 158 12.99 -5.34 16.59
N ALA D 159 13.32 -6.60 16.82
CA ALA D 159 13.76 -7.51 15.77
C ALA D 159 12.55 -8.28 15.25
N ASP D 160 12.30 -8.16 13.95
CA ASP D 160 11.09 -8.72 13.34
C ASP D 160 9.85 -8.21 14.06
N SER D 161 9.23 -9.06 14.86
CA SER D 161 8.14 -8.66 15.74
C SER D 161 8.49 -8.90 17.21
N SER D 162 9.72 -9.29 17.50
CA SER D 162 10.17 -9.58 18.85
C SER D 162 10.96 -8.41 19.41
N PRO D 163 10.75 -8.01 20.66
CA PRO D 163 11.51 -6.89 21.23
C PRO D 163 12.96 -7.30 21.50
N VAL D 164 13.88 -6.45 21.06
CA VAL D 164 15.31 -6.65 21.27
C VAL D 164 15.83 -5.51 22.16
N LYS D 165 16.65 -5.86 23.15
CA LYS D 165 17.18 -4.90 24.09
C LYS D 165 18.69 -4.80 24.11
N ALA D 166 19.40 -5.85 23.68
CA ALA D 166 20.85 -5.84 23.71
C ALA D 166 21.42 -5.08 22.53
N GLY D 167 22.58 -4.44 22.75
CA GLY D 167 23.26 -3.71 21.71
C GLY D 167 22.69 -2.35 21.38
N VAL D 168 21.72 -1.87 22.14
CA VAL D 168 21.08 -0.58 21.89
C VAL D 168 21.87 0.52 22.56
N GLU D 169 22.15 1.59 21.83
CA GLU D 169 22.85 2.75 22.35
C GLU D 169 22.14 4.00 21.83
N THR D 170 21.49 4.74 22.73
CA THR D 170 20.70 5.90 22.37
C THR D 170 21.28 7.16 23.02
N THR D 171 21.25 8.26 22.29
CA THR D 171 21.77 9.52 22.79
C THR D 171 20.72 10.23 23.64
N THR D 172 21.18 11.03 24.58
CA THR D 172 20.29 11.85 25.38
C THR D 172 19.78 13.02 24.55
N PRO D 173 18.55 13.47 24.81
CA PRO D 173 17.99 14.59 24.04
C PRO D 173 18.81 15.86 24.20
N SER D 174 19.28 16.39 23.08
CA SER D 174 20.04 17.63 23.06
C SER D 174 19.23 18.72 22.36
N LYS D 175 19.43 19.96 22.79
CA LYS D 175 18.68 21.08 22.25
C LYS D 175 19.20 21.46 20.87
N GLN D 176 18.28 21.65 19.93
CA GLN D 176 18.63 22.10 18.59
C GLN D 176 18.83 23.61 18.56
N SER D 177 19.18 24.14 17.40
CA SER D 177 19.34 25.58 17.26
C SER D 177 18.00 26.30 17.24
N ASN D 178 16.95 25.63 16.76
CA ASN D 178 15.60 26.20 16.70
C ASN D 178 14.77 25.86 17.92
N ASN D 179 15.40 25.78 19.10
CA ASN D 179 14.73 25.56 20.38
C ASN D 179 13.98 24.23 20.44
N LYS D 180 14.30 23.30 19.54
CA LYS D 180 13.75 21.96 19.58
C LYS D 180 14.80 20.99 20.13
N TYR D 181 14.43 19.73 20.27
CA TYR D 181 15.32 18.71 20.77
C TYR D 181 15.56 17.65 19.69
N ALA D 182 16.65 16.91 19.85
CA ALA D 182 17.03 15.88 18.89
C ALA D 182 17.79 14.78 19.61
N ALA D 183 17.64 13.55 19.12
CA ALA D 183 18.31 12.41 19.68
C ALA D 183 18.54 11.38 18.58
N SER D 184 19.34 10.36 18.89
CA SER D 184 19.63 9.32 17.92
C SER D 184 19.91 8.01 18.66
N SER D 185 19.50 6.91 18.04
CA SER D 185 19.68 5.57 18.59
C SER D 185 20.51 4.74 17.62
N TYR D 186 21.39 3.91 18.18
CA TYR D 186 22.30 3.08 17.39
C TYR D 186 22.24 1.66 17.91
N LEU D 187 21.90 0.73 17.03
CA LEU D 187 21.82 -0.70 17.36
C LEU D 187 23.04 -1.40 16.77
N SER D 188 23.78 -2.10 17.62
CA SER D 188 24.98 -2.82 17.20
C SER D 188 24.61 -4.28 16.95
N LEU D 189 24.83 -4.74 15.71
CA LEU D 189 24.53 -6.11 15.34
C LEU D 189 25.70 -6.75 14.61
N THR D 190 25.48 -7.95 14.07
CA THR D 190 26.43 -8.65 13.23
C THR D 190 25.83 -8.89 11.86
N PRO D 191 26.65 -9.02 10.81
CA PRO D 191 26.10 -9.34 9.49
C PRO D 191 25.32 -10.63 9.45
N GLU D 192 25.56 -11.55 10.39
CA GLU D 192 24.77 -12.78 10.46
C GLU D 192 23.34 -12.48 10.90
N GLN D 193 23.18 -11.63 11.92
CA GLN D 193 21.84 -11.32 12.42
C GLN D 193 21.06 -10.43 11.48
N TRP D 194 21.74 -9.68 10.61
CA TRP D 194 21.02 -8.80 9.68
C TRP D 194 20.33 -9.59 8.59
N LYS D 195 20.98 -10.63 8.07
CA LYS D 195 20.41 -11.46 7.02
C LYS D 195 19.56 -12.60 7.57
N SER D 196 19.60 -12.85 8.88
CA SER D 196 18.81 -13.92 9.46
C SER D 196 17.37 -13.49 9.74
N HIS D 197 17.16 -12.25 10.12
CA HIS D 197 15.83 -11.73 10.39
C HIS D 197 15.20 -11.18 9.12
N ARG D 198 13.87 -11.20 9.08
CA ARG D 198 13.17 -10.69 7.91
C ARG D 198 13.22 -9.18 7.82
N SER D 199 13.22 -8.49 8.96
CA SER D 199 13.27 -7.04 8.98
C SER D 199 13.65 -6.58 10.38
N TYR D 200 13.88 -5.27 10.50
CA TYR D 200 14.18 -4.64 11.79
C TYR D 200 13.43 -3.33 11.86
N SER D 201 12.97 -2.99 13.06
CA SER D 201 12.14 -1.81 13.28
C SER D 201 12.69 -0.96 14.41
N CYS D 202 12.37 0.34 14.36
CA CYS D 202 12.77 1.29 15.39
C CYS D 202 11.52 2.06 15.82
N GLN D 203 10.94 1.67 16.96
CA GLN D 203 9.76 2.34 17.49
C GLN D 203 10.17 3.52 18.35
N VAL D 204 9.64 4.70 18.02
CA VAL D 204 9.93 5.93 18.76
C VAL D 204 8.64 6.42 19.37
N THR D 205 8.59 6.47 20.70
CA THR D 205 7.42 6.90 21.44
C THR D 205 7.65 8.29 22.00
N HIS D 206 6.70 9.20 21.75
CA HIS D 206 6.79 10.57 22.22
C HIS D 206 5.41 11.02 22.70
N GLU D 207 5.24 11.13 24.01
CA GLU D 207 4.00 11.61 24.63
C GLU D 207 2.81 10.75 24.22
N GLY D 208 3.00 9.43 24.26
CA GLY D 208 1.95 8.48 23.94
C GLY D 208 1.83 8.13 22.48
N SER D 209 2.28 9.00 21.58
CA SER D 209 2.21 8.73 20.15
C SER D 209 3.49 8.04 19.68
N THR D 210 3.35 6.92 19.00
CA THR D 210 4.47 6.09 18.58
C THR D 210 4.67 6.23 17.06
N VAL D 211 5.90 6.52 16.66
CA VAL D 211 6.29 6.57 15.26
C VAL D 211 7.33 5.48 15.05
N GLU D 212 7.03 4.53 14.16
CA GLU D 212 7.89 3.37 13.95
C GLU D 212 8.24 3.24 12.48
N LYS D 213 9.51 3.00 12.20
CA LYS D 213 10.01 2.72 10.87
C LYS D 213 10.46 1.27 10.80
N THR D 214 10.65 0.77 9.58
CA THR D 214 11.06 -0.60 9.37
C THR D 214 12.05 -0.68 8.21
N VAL D 215 13.12 -1.45 8.41
CA VAL D 215 14.14 -1.66 7.39
C VAL D 215 14.41 -3.16 7.28
N ALA D 216 14.71 -3.60 6.07
CA ALA D 216 14.94 -5.00 5.76
C ALA D 216 16.04 -5.12 4.72
N PRO D 217 16.72 -6.26 4.66
CA PRO D 217 17.75 -6.51 3.63
C PRO D 217 17.22 -6.36 2.21
N VAL E 7 36.20 44.15 34.49
CA VAL E 7 36.96 42.92 34.57
C VAL E 7 36.05 41.71 34.34
N GLN E 8 36.57 40.71 33.64
CA GLN E 8 35.84 39.47 33.38
C GLN E 8 36.78 38.29 33.55
N LEU E 9 36.22 37.09 33.47
CA LEU E 9 36.96 35.86 33.70
C LEU E 9 37.07 35.08 32.39
N VAL E 10 38.29 34.64 32.07
CA VAL E 10 38.56 33.81 30.89
C VAL E 10 39.29 32.57 31.37
N GLN E 11 38.68 31.40 31.15
CA GLN E 11 39.24 30.14 31.61
C GLN E 11 40.08 29.49 30.51
N SER E 12 40.57 28.29 30.78
CA SER E 12 41.38 27.55 29.85
C SER E 12 40.51 26.64 28.97
N GLY E 13 41.13 26.04 27.97
CA GLY E 13 40.43 25.17 27.06
C GLY E 13 40.03 23.85 27.69
N ALA E 14 39.28 23.07 26.93
CA ALA E 14 38.82 21.77 27.40
C ALA E 14 39.98 20.79 27.49
N GLU E 15 39.98 19.98 28.55
CA GLU E 15 41.04 19.01 28.80
C GLU E 15 40.45 17.60 28.85
N VAL E 16 41.25 16.64 28.43
CA VAL E 16 40.89 15.23 28.46
C VAL E 16 42.04 14.48 29.11
N LYS E 17 41.84 14.02 30.35
CA LYS E 17 42.88 13.38 31.12
C LYS E 17 42.51 11.93 31.39
N LYS E 18 43.55 11.10 31.59
CA LYS E 18 43.36 9.70 31.89
C LYS E 18 43.16 9.49 33.38
N PRO E 19 42.50 8.40 33.78
CA PRO E 19 42.32 8.12 35.21
C PRO E 19 43.66 7.93 35.89
N GLY E 20 43.79 8.54 37.07
CA GLY E 20 45.03 8.52 37.83
C GLY E 20 45.95 9.68 37.55
N SER E 21 45.73 10.41 36.48
CA SER E 21 46.56 11.56 36.14
C SER E 21 46.07 12.79 36.92
N SER E 22 46.62 13.96 36.60
CA SER E 22 46.24 15.21 37.26
C SER E 22 45.92 16.26 36.21
N MET E 23 44.85 17.00 36.45
CA MET E 23 44.43 18.08 35.56
C MET E 23 44.80 19.43 36.16
N LYS E 24 45.03 20.40 35.29
CA LYS E 24 45.37 21.75 35.70
C LYS E 24 44.66 22.74 34.78
N VAL E 25 43.76 23.53 35.35
CA VAL E 25 42.95 24.48 34.61
C VAL E 25 43.29 25.88 35.08
N SER E 26 43.48 26.80 34.14
CA SER E 26 43.83 28.18 34.44
C SER E 26 42.65 29.10 34.12
N CYS E 27 42.39 30.05 35.01
CA CYS E 27 41.33 31.04 34.84
C CYS E 27 41.97 32.42 34.92
N LYS E 28 42.03 33.11 33.78
CA LYS E 28 42.72 34.39 33.68
C LYS E 28 41.78 35.55 33.97
N ALA E 29 42.35 36.63 34.48
CA ALA E 29 41.61 37.85 34.80
C ALA E 29 41.80 38.86 33.68
N SER E 30 40.69 39.39 33.18
CA SER E 30 40.72 40.37 32.10
C SER E 30 40.90 41.81 32.58
N GLY E 31 40.87 42.04 33.89
CA GLY E 31 41.01 43.37 34.42
C GLY E 31 42.45 43.85 34.47
N PHE E 34 44.71 42.40 39.87
CA PHE E 34 43.81 42.18 40.99
C PHE E 34 44.20 40.92 41.77
N ASN E 35 44.83 41.12 42.93
CA ASN E 35 45.30 40.03 43.76
C ASN E 35 44.58 39.95 45.10
N ARG E 36 43.60 40.82 45.35
CA ARG E 36 42.88 40.84 46.62
C ARG E 36 41.44 40.35 46.49
N TYR E 37 41.08 39.74 45.38
CA TYR E 37 39.74 39.24 45.16
C TYR E 37 39.62 37.80 45.67
N VAL E 38 38.41 37.26 45.60
CA VAL E 38 38.11 35.91 46.04
C VAL E 38 37.82 35.08 44.79
N PHE E 39 38.83 34.35 44.32
CA PHE E 39 38.70 33.53 43.12
C PHE E 39 38.46 32.08 43.54
N SER E 40 37.25 31.60 43.28
CA SER E 40 36.86 30.24 43.63
C SER E 40 36.56 29.44 42.37
N TRP E 41 36.39 28.13 42.55
CA TRP E 41 36.15 27.20 41.45
C TRP E 41 34.92 26.37 41.74
N VAL E 42 34.09 26.18 40.72
CA VAL E 42 32.85 25.42 40.83
C VAL E 42 32.72 24.53 39.60
N ARG E 43 32.43 23.24 39.82
CA ARG E 43 32.23 22.29 38.74
C ARG E 43 30.75 21.90 38.66
N GLN E 44 30.43 21.08 37.66
CA GLN E 44 29.05 20.62 37.47
C GLN E 44 29.10 19.26 36.77
N ALA E 45 28.89 18.20 37.52
CA ALA E 45 28.88 16.86 36.97
C ALA E 45 27.57 16.58 36.24
N PRO E 46 27.59 15.66 35.27
CA PRO E 46 26.35 15.32 34.56
C PRO E 46 25.28 14.80 35.51
N GLY E 47 24.09 15.40 35.43
CA GLY E 47 23.02 15.06 36.32
C GLY E 47 23.14 15.61 37.72
N GLN E 48 24.22 16.34 38.02
CA GLN E 48 24.45 16.91 39.33
C GLN E 48 24.16 18.42 39.29
N GLY E 49 24.61 19.15 40.31
CA GLY E 49 24.49 20.59 40.31
C GLY E 49 25.85 21.26 40.46
N LEU E 50 25.85 22.56 40.76
CA LEU E 50 27.09 23.29 40.96
C LEU E 50 27.68 22.97 42.33
N GLU E 51 28.98 22.70 42.37
CA GLU E 51 29.67 22.30 43.59
C GLU E 51 30.82 23.25 43.85
N TRP E 52 30.74 24.01 44.94
CA TRP E 52 31.84 24.89 45.34
C TRP E 52 33.03 24.07 45.78
N MET E 53 34.19 24.34 45.19
CA MET E 53 35.41 23.58 45.47
C MET E 53 36.34 24.28 46.45
N GLY E 54 36.59 25.56 46.26
CA GLY E 54 37.47 26.30 47.14
C GLY E 54 37.95 27.58 46.50
N GLY E 55 38.37 28.51 47.36
CA GLY E 55 38.83 29.80 46.90
C GLY E 55 40.27 30.09 47.25
N ILE E 56 40.72 31.31 46.99
CA ILE E 56 42.10 31.70 47.25
C ILE E 56 42.17 33.22 47.33
N LEU E 57 42.92 33.72 48.32
CA LEU E 57 43.20 35.14 48.46
C LEU E 57 44.67 35.37 48.15
N PRO E 58 45.02 35.71 46.90
CA PRO E 58 46.44 35.81 46.54
C PRO E 58 47.20 36.90 47.26
N ILE E 59 46.53 37.89 47.82
CA ILE E 59 47.24 38.95 48.53
C ILE E 59 47.67 38.46 49.92
N LEU E 60 46.93 37.54 50.52
CA LEU E 60 47.31 36.94 51.80
C LEU E 60 47.90 35.55 51.65
N GLU E 61 47.87 34.97 50.45
CA GLU E 61 48.30 33.59 50.22
C GLU E 61 47.55 32.60 51.09
N THR E 62 46.31 32.94 51.45
CA THR E 62 45.46 32.10 52.28
C THR E 62 44.39 31.47 51.39
N THR E 63 44.37 30.14 51.34
CA THR E 63 43.47 29.41 50.46
C THR E 63 42.45 28.62 51.29
N TYR E 64 41.23 28.55 50.77
CA TYR E 64 40.16 27.77 51.37
C TYR E 64 39.86 26.57 50.48
N TYR E 65 39.64 25.42 51.10
CA TYR E 65 39.33 24.20 50.37
C TYR E 65 38.18 23.47 51.05
N ALA E 66 37.31 22.86 50.25
CA ALA E 66 36.17 22.14 50.80
C ALA E 66 36.61 20.82 51.42
N LYS E 67 35.85 20.38 52.41
CA LYS E 67 36.16 19.10 53.08
C LYS E 67 35.90 17.91 52.17
N ASN E 68 35.06 18.05 51.15
CA ASN E 68 34.82 16.95 50.22
C ASN E 68 36.00 16.71 49.29
N PHE E 69 36.90 17.67 49.17
CA PHE E 69 38.11 17.54 48.35
C PHE E 69 39.32 17.65 49.26
N LYS E 70 39.53 16.63 50.07
CA LYS E 70 40.61 16.62 51.05
C LYS E 70 41.94 16.40 50.35
N GLY E 71 42.70 17.47 50.16
CA GLY E 71 44.03 17.39 49.60
C GLY E 71 44.10 17.15 48.11
N ARG E 72 42.97 17.01 47.43
CA ARG E 72 42.99 16.77 45.98
C ARG E 72 43.09 18.06 45.19
N VAL E 73 42.66 19.19 45.76
CA VAL E 73 42.61 20.46 45.06
C VAL E 73 43.68 21.37 45.65
N THR E 74 44.53 21.93 44.78
CA THR E 74 45.48 22.96 45.16
C THR E 74 45.29 24.14 44.20
N ILE E 75 44.99 25.31 44.76
CA ILE E 75 44.64 26.48 43.98
C ILE E 75 45.72 27.53 44.18
N THR E 76 46.39 27.90 43.08
CA THR E 76 47.41 28.94 43.10
C THR E 76 47.06 30.01 42.08
N ALA E 77 47.67 31.18 42.25
CA ALA E 77 47.42 32.30 41.36
C ALA E 77 48.67 33.15 41.24
N ASP E 78 48.95 33.62 40.04
CA ASP E 78 50.10 34.48 39.75
C ASP E 78 49.58 35.85 39.39
N GLU E 79 49.64 36.79 40.35
CA GLU E 79 49.18 38.15 40.10
C GLU E 79 50.03 38.86 39.06
N SER E 80 51.29 38.46 38.88
CA SER E 80 52.12 39.05 37.84
C SER E 80 51.55 38.76 36.45
N THR E 81 51.03 37.55 36.25
CA THR E 81 50.39 37.17 35.00
C THR E 81 48.87 37.26 35.07
N SER E 82 48.32 37.61 36.25
CA SER E 82 46.87 37.70 36.45
C SER E 82 46.17 36.41 36.03
N THR E 83 46.72 35.28 36.48
CA THR E 83 46.20 33.97 36.14
C THR E 83 46.10 33.12 37.40
N VAL E 84 44.93 32.52 37.62
CA VAL E 84 44.69 31.62 38.74
C VAL E 84 44.59 30.21 38.22
N TYR E 85 45.13 29.26 38.97
CA TYR E 85 45.19 27.86 38.57
C TYR E 85 44.32 27.00 39.48
N MET E 86 44.15 25.74 39.06
CA MET E 86 43.41 24.76 39.84
C MET E 86 43.86 23.38 39.42
N GLU E 87 44.49 22.64 40.33
CA GLU E 87 45.04 21.33 40.04
C GLU E 87 44.30 20.28 40.85
N LEU E 88 43.80 19.24 40.18
CA LEU E 88 43.05 18.17 40.80
C LEU E 88 43.77 16.86 40.53
N SER E 89 44.26 16.23 41.59
CA SER E 89 44.98 14.96 41.49
C SER E 89 44.04 13.80 41.79
N SER E 90 44.51 12.59 41.45
CA SER E 90 43.76 11.35 41.65
C SER E 90 42.39 11.43 40.98
N LEU E 91 42.43 11.58 39.65
CA LEU E 91 41.20 11.74 38.89
C LEU E 91 40.45 10.42 38.78
N THR E 92 39.14 10.49 38.99
CA THR E 92 38.24 9.34 38.86
C THR E 92 37.19 9.63 37.80
N SER E 93 36.24 8.70 37.65
CA SER E 93 35.19 8.88 36.66
C SER E 93 34.23 9.99 37.04
N GLU E 94 33.98 10.16 38.33
CA GLU E 94 33.07 11.22 38.80
C GLU E 94 33.64 12.62 38.59
N ASP E 95 34.93 12.74 38.27
CA ASP E 95 35.53 14.04 38.02
C ASP E 95 35.25 14.56 36.61
N THR E 96 34.72 13.72 35.72
CA THR E 96 34.36 14.15 34.37
C THR E 96 33.19 15.13 34.47
N ALA E 97 33.48 16.41 34.31
CA ALA E 97 32.47 17.45 34.49
C ALA E 97 32.95 18.72 33.80
N VAL E 98 32.08 19.73 33.81
CA VAL E 98 32.41 21.06 33.31
C VAL E 98 32.81 21.91 34.51
N TYR E 99 34.02 22.48 34.45
CA TYR E 99 34.60 23.18 35.59
C TYR E 99 34.62 24.68 35.30
N PHE E 100 33.84 25.43 36.06
CA PHE E 100 33.79 26.88 35.97
C PHE E 100 34.67 27.51 37.05
N CYS E 101 35.00 28.78 36.85
CA CYS E 101 35.69 29.57 37.85
C CYS E 101 34.86 30.81 38.15
N ALA E 102 34.67 31.09 39.45
CA ALA E 102 33.89 32.22 39.90
C ALA E 102 34.77 33.16 40.71
N ARG E 103 34.48 34.46 40.61
CA ARG E 103 35.23 35.48 41.29
C ARG E 103 34.27 36.36 42.09
N ASP E 104 34.81 37.02 43.11
CA ASP E 104 34.03 37.96 43.91
C ASP E 104 33.91 39.29 43.20
N GLU E 105 32.76 39.96 43.40
CA GLU E 105 32.58 41.30 42.87
C GLU E 105 33.24 42.37 43.74
N HIS E 106 33.72 42.00 44.92
CA HIS E 106 34.35 42.95 45.82
C HIS E 106 35.60 42.31 46.40
N ASP E 107 36.49 43.15 46.94
CA ASP E 107 37.81 42.71 47.40
C ASP E 107 38.08 43.31 48.80
N TYR E 108 37.67 42.58 49.83
CA TYR E 108 37.91 42.93 51.22
C TYR E 108 37.25 44.24 51.64
N VAL E 109 36.45 44.85 50.76
CA VAL E 109 35.76 46.10 51.08
C VAL E 109 34.26 45.90 50.85
N TRP E 110 33.68 44.90 51.50
CA TRP E 110 32.24 44.69 51.48
C TRP E 110 31.82 43.75 52.59
N GLY E 111 31.71 44.26 53.81
CA GLY E 111 31.30 43.48 54.95
C GLY E 111 32.10 42.20 55.16
N SER E 112 31.44 41.05 55.02
CA SER E 112 32.12 39.77 55.18
C SER E 112 31.43 38.66 54.39
N TYR E 113 30.84 38.99 53.24
CA TYR E 113 30.19 38.00 52.39
C TYR E 113 31.19 37.06 51.72
N ARG E 114 32.49 37.36 51.82
CA ARG E 114 33.51 36.46 51.29
C ARG E 114 33.43 35.11 51.98
N PRO E 115 33.50 33.99 51.23
CA PRO E 115 33.72 33.91 49.78
C PRO E 115 32.53 34.37 48.95
N SER E 116 32.75 35.42 48.16
CA SER E 116 31.72 35.97 47.29
C SER E 116 31.83 35.35 45.91
N LEU E 117 30.72 34.85 45.39
CA LEU E 117 30.64 34.33 44.04
C LEU E 117 29.66 35.14 43.20
N THR E 118 29.71 36.47 43.36
CA THR E 118 28.81 37.36 42.64
C THR E 118 29.45 38.00 41.42
N GLY E 119 30.77 38.09 41.37
CA GLY E 119 31.46 38.75 40.29
C GLY E 119 31.49 37.92 39.02
N PRO E 120 32.48 38.18 38.17
CA PRO E 120 32.55 37.49 36.87
C PRO E 120 32.77 36.00 37.03
N TRP E 121 32.14 35.23 36.15
CA TRP E 121 32.30 33.79 36.07
C TRP E 121 33.08 33.42 34.82
N GLY E 122 33.78 32.28 34.89
CA GLY E 122 34.43 31.75 33.72
C GLY E 122 33.45 31.11 32.75
N GLN E 123 33.88 30.98 31.50
CA GLN E 123 33.01 30.38 30.49
C GLN E 123 32.86 28.88 30.64
N GLY E 124 33.68 28.25 31.47
CA GLY E 124 33.56 26.82 31.71
C GLY E 124 34.68 26.04 31.05
N THR E 125 35.13 24.98 31.73
CA THR E 125 36.17 24.10 31.21
C THR E 125 35.71 22.66 31.38
N LEU E 126 35.56 21.95 30.26
CA LEU E 126 35.10 20.57 30.27
C LEU E 126 36.29 19.64 30.43
N VAL E 127 36.28 18.86 31.51
CA VAL E 127 37.32 17.87 31.79
C VAL E 127 36.69 16.49 31.68
N THR E 128 37.33 15.60 30.93
CA THR E 128 36.82 14.25 30.69
C THR E 128 37.84 13.23 31.14
N VAL E 129 37.38 12.26 31.94
CA VAL E 129 38.22 11.19 32.45
C VAL E 129 37.65 9.87 31.93
N SER E 130 38.48 9.11 31.22
CA SER E 130 38.04 7.84 30.65
C SER E 130 39.24 6.96 30.40
N SER E 131 39.04 5.64 30.53
CA SER E 131 40.10 4.66 30.36
C SER E 131 40.38 4.34 28.89
N ALA E 132 39.82 5.10 27.96
CA ALA E 132 40.00 4.84 26.54
C ALA E 132 41.27 5.51 26.03
N SER E 133 41.74 5.04 24.88
CA SER E 133 42.91 5.58 24.21
C SER E 133 42.51 6.19 22.87
N THR E 134 43.44 6.94 22.29
CA THR E 134 43.17 7.64 21.05
C THR E 134 42.89 6.65 19.92
N LYS E 135 41.87 6.96 19.12
CA LYS E 135 41.49 6.10 18.01
C LYS E 135 40.71 6.93 17.00
N GLY E 136 41.01 6.71 15.72
CA GLY E 136 40.36 7.43 14.64
C GLY E 136 38.93 6.96 14.42
N PRO E 137 38.17 7.73 13.63
CA PRO E 137 36.78 7.37 13.37
C PRO E 137 36.61 6.45 12.16
N SER E 138 35.70 5.50 12.30
CA SER E 138 35.32 4.61 11.20
C SER E 138 34.14 5.24 10.47
N VAL E 139 34.40 5.77 9.28
CA VAL E 139 33.41 6.52 8.51
C VAL E 139 32.75 5.56 7.52
N PHE E 140 31.43 5.45 7.61
CA PHE E 140 30.66 4.61 6.70
C PHE E 140 29.55 5.45 6.08
N PRO E 141 29.36 5.38 4.75
CA PRO E 141 28.34 6.20 4.10
C PRO E 141 26.95 5.61 4.28
N LEU E 142 26.00 6.45 4.70
CA LEU E 142 24.60 6.06 4.82
C LEU E 142 23.91 6.41 3.51
N ALA E 143 23.80 5.44 2.61
CA ALA E 143 23.27 5.68 1.28
C ALA E 143 21.81 6.12 1.36
N PRO E 144 21.34 6.93 0.40
CA PRO E 144 19.93 7.35 0.39
C PRO E 144 18.99 6.17 0.23
N SER E 145 18.35 5.77 1.32
CA SER E 145 17.49 4.59 1.33
C SER E 145 16.05 4.92 0.94
N SER E 146 15.49 5.97 1.54
CA SER E 146 14.09 6.31 1.35
C SER E 146 13.93 7.50 0.41
N LYS E 147 12.85 7.47 -0.38
CA LYS E 147 12.49 8.57 -1.27
C LYS E 147 13.62 8.89 -2.26
N SER E 148 14.24 7.84 -2.81
CA SER E 148 15.30 8.06 -3.78
C SER E 148 14.77 8.45 -5.15
N THR E 149 13.55 8.03 -5.49
CA THR E 149 12.95 8.36 -6.77
C THR E 149 12.40 9.77 -6.78
N GLY E 152 10.60 16.37 -4.73
CA GLY E 152 11.08 15.13 -4.14
C GLY E 152 12.49 15.22 -3.60
N THR E 153 12.64 15.00 -2.29
CA THR E 153 13.92 15.07 -1.62
C THR E 153 14.33 13.69 -1.11
N ALA E 154 15.63 13.54 -0.88
CA ALA E 154 16.18 12.30 -0.36
C ALA E 154 17.26 12.63 0.66
N ALA E 155 17.26 11.90 1.77
CA ALA E 155 18.18 12.15 2.88
C ALA E 155 19.33 11.17 2.84
N LEU E 156 20.56 11.68 2.84
CA LEU E 156 21.77 10.88 2.89
C LEU E 156 22.69 11.45 3.95
N GLY E 157 23.71 10.68 4.31
CA GLY E 157 24.64 11.13 5.33
C GLY E 157 25.81 10.19 5.47
N CYS E 158 26.55 10.38 6.56
CA CYS E 158 27.72 9.57 6.88
C CYS E 158 27.66 9.13 8.33
N LEU E 159 28.08 7.89 8.58
CA LEU E 159 28.11 7.32 9.92
C LEU E 159 29.53 7.39 10.46
N VAL E 160 29.72 8.15 11.53
CA VAL E 160 31.03 8.28 12.18
C VAL E 160 31.00 7.33 13.37
N LYS E 161 31.51 6.12 13.18
CA LYS E 161 31.38 5.04 14.15
C LYS E 161 32.71 4.82 14.88
N ASP E 162 32.63 4.68 16.20
CA ASP E 162 33.74 4.27 17.05
C ASP E 162 34.96 5.19 16.90
N TYR E 163 35.01 6.25 17.71
CA TYR E 163 36.17 7.13 17.74
C TYR E 163 36.34 7.67 19.15
N PHE E 164 37.55 8.16 19.43
CA PHE E 164 37.87 8.74 20.72
C PHE E 164 39.12 9.58 20.58
N PRO E 165 39.17 10.79 21.16
CA PRO E 165 38.03 11.40 21.87
C PRO E 165 37.27 12.41 21.01
N GLU E 166 36.39 13.17 21.65
CA GLU E 166 35.66 14.24 21.00
C GLU E 166 36.59 15.44 20.79
N PRO E 167 36.24 16.34 19.85
CA PRO E 167 35.10 16.31 18.92
C PRO E 167 35.50 15.97 17.49
N VAL E 168 34.49 15.90 16.61
CA VAL E 168 34.70 15.72 15.18
C VAL E 168 33.84 16.73 14.45
N THR E 169 34.37 17.27 13.35
CA THR E 169 33.65 18.22 12.52
C THR E 169 33.32 17.59 11.18
N VAL E 170 32.08 17.78 10.73
CA VAL E 170 31.57 17.15 9.51
C VAL E 170 31.17 18.26 8.54
N SER E 171 31.95 18.43 7.49
CA SER E 171 31.61 19.31 6.38
C SER E 171 31.29 18.46 5.15
N TRP E 172 30.75 19.11 4.12
CA TRP E 172 30.34 18.43 2.91
C TRP E 172 30.84 19.20 1.70
N ASN E 173 31.42 18.47 0.75
CA ASN E 173 32.04 19.07 -0.44
C ASN E 173 33.07 20.12 -0.04
N SER E 174 33.91 19.77 0.95
CA SER E 174 34.91 20.68 1.50
C SER E 174 34.27 21.95 2.06
N GLY E 175 33.08 21.80 2.64
CA GLY E 175 32.37 22.91 3.24
C GLY E 175 31.50 23.70 2.29
N ALA E 176 31.40 23.29 1.02
CA ALA E 176 30.60 24.06 0.06
C ALA E 176 29.11 23.92 0.35
N LEU E 177 28.67 22.71 0.73
CA LEU E 177 27.26 22.46 1.03
C LEU E 177 27.02 22.69 2.52
N THR E 178 26.15 23.65 2.84
CA THR E 178 25.85 23.99 4.22
C THR E 178 24.37 23.89 4.56
N SER E 179 23.47 24.08 3.59
CA SER E 179 22.04 24.02 3.86
C SER E 179 21.55 22.58 3.84
N GLY E 180 20.83 22.19 4.90
CA GLY E 180 20.28 20.86 5.01
C GLY E 180 21.08 19.89 5.83
N VAL E 181 22.22 20.31 6.38
CA VAL E 181 23.08 19.43 7.16
C VAL E 181 22.68 19.52 8.63
N HIS E 182 22.48 18.35 9.25
CA HIS E 182 22.14 18.27 10.67
C HIS E 182 23.10 17.26 11.31
N THR E 183 24.15 17.77 11.96
CA THR E 183 25.11 16.92 12.65
C THR E 183 24.56 16.55 14.01
N PHE E 184 24.18 15.28 14.17
CA PHE E 184 23.57 14.82 15.40
C PHE E 184 24.62 14.62 16.50
N PRO E 185 24.23 14.75 17.76
CA PRO E 185 25.19 14.50 18.85
C PRO E 185 25.65 13.05 18.88
N ALA E 186 26.79 12.83 19.51
CA ALA E 186 27.41 11.52 19.55
C ALA E 186 26.90 10.71 20.74
N VAL E 187 26.92 9.39 20.57
CA VAL E 187 26.57 8.46 21.64
C VAL E 187 27.85 8.02 22.33
N LEU E 188 27.74 7.69 23.61
CA LEU E 188 28.87 7.15 24.38
C LEU E 188 28.59 5.67 24.59
N GLN E 189 29.20 4.84 23.74
CA GLN E 189 28.96 3.41 23.81
C GLN E 189 29.53 2.81 25.08
N SER E 190 29.10 1.57 25.38
CA SER E 190 29.60 0.88 26.57
C SER E 190 31.09 0.61 26.48
N SER E 191 31.63 0.50 25.26
CA SER E 191 33.06 0.34 25.08
C SER E 191 33.83 1.63 25.34
N GLY E 192 33.14 2.76 25.46
CA GLY E 192 33.79 4.03 25.69
C GLY E 192 34.10 4.83 24.45
N LEU E 193 33.65 4.37 23.29
CA LEU E 193 33.94 5.04 22.01
C LEU E 193 32.69 5.76 21.52
N TYR E 194 32.89 6.97 20.98
CA TYR E 194 31.79 7.79 20.52
C TYR E 194 31.33 7.35 19.13
N SER E 195 30.15 7.81 18.75
CA SER E 195 29.56 7.52 17.45
C SER E 195 28.42 8.47 17.13
N LEU E 196 28.42 9.06 15.94
CA LEU E 196 27.37 9.99 15.53
C LEU E 196 27.13 9.87 14.03
N SER E 197 26.21 10.67 13.52
CA SER E 197 25.88 10.72 12.11
C SER E 197 25.65 12.18 11.70
N SER E 198 25.43 12.39 10.41
CA SER E 198 25.19 13.74 9.89
C SER E 198 24.38 13.61 8.60
N VAL E 199 23.06 13.77 8.71
CA VAL E 199 22.15 13.59 7.59
C VAL E 199 21.99 14.89 6.84
N VAL E 200 21.94 14.80 5.52
CA VAL E 200 21.74 15.95 4.63
C VAL E 200 20.53 15.69 3.74
N THR E 201 19.70 16.70 3.57
CA THR E 201 18.51 16.62 2.73
C THR E 201 18.80 17.28 1.38
N VAL E 202 18.74 16.50 0.31
CA VAL E 202 19.02 16.99 -1.03
C VAL E 202 17.89 16.59 -1.97
N PRO E 203 17.65 17.33 -3.05
CA PRO E 203 16.60 16.94 -3.98
C PRO E 203 16.95 15.67 -4.73
N SER E 204 15.90 14.94 -5.13
CA SER E 204 16.09 13.69 -5.85
C SER E 204 16.55 13.92 -7.29
N SER E 205 16.30 15.10 -7.85
CA SER E 205 16.74 15.40 -9.21
C SER E 205 18.22 15.72 -9.29
N SER E 206 18.85 16.09 -8.17
CA SER E 206 20.27 16.42 -8.13
C SER E 206 21.15 15.19 -7.89
N LEU E 207 20.57 14.00 -7.89
CA LEU E 207 21.35 12.80 -7.62
C LEU E 207 22.18 12.37 -8.83
N GLY E 208 21.76 12.73 -10.03
CA GLY E 208 22.45 12.28 -11.22
C GLY E 208 23.46 13.27 -11.78
N THR E 209 23.92 14.20 -10.95
CA THR E 209 24.89 15.19 -11.42
C THR E 209 25.76 15.72 -10.28
N GLN E 210 25.26 15.68 -9.05
CA GLN E 210 25.95 16.26 -7.91
C GLN E 210 26.63 15.16 -7.11
N THR E 211 27.93 15.31 -6.87
CA THR E 211 28.68 14.40 -6.03
C THR E 211 28.57 14.85 -4.58
N TYR E 212 28.23 13.92 -3.68
CA TYR E 212 28.03 14.22 -2.27
C TYR E 212 29.14 13.54 -1.48
N ILE E 213 30.02 14.34 -0.89
CA ILE E 213 31.18 13.85 -0.13
C ILE E 213 31.14 14.47 1.25
N CYS E 214 31.18 13.62 2.28
CA CYS E 214 31.29 14.09 3.65
C CYS E 214 32.75 14.13 4.07
N ASN E 215 33.09 15.11 4.89
CA ASN E 215 34.47 15.35 5.33
C ASN E 215 34.53 15.23 6.85
N VAL E 216 35.08 14.13 7.34
CA VAL E 216 35.23 13.90 8.77
C VAL E 216 36.63 14.36 9.19
N ASN E 217 36.70 15.10 10.29
CA ASN E 217 37.96 15.62 10.80
C ASN E 217 38.08 15.28 12.28
N HIS E 218 39.08 14.49 12.63
CA HIS E 218 39.36 14.12 14.02
C HIS E 218 40.76 14.63 14.35
N LYS E 219 40.82 15.84 14.89
CA LYS E 219 42.10 16.45 15.23
C LYS E 219 42.88 15.70 16.31
N PRO E 220 42.28 15.18 17.39
CA PRO E 220 43.10 14.48 18.40
C PRO E 220 43.91 13.33 17.85
N SER E 221 43.36 12.57 16.90
CA SER E 221 44.06 11.45 16.29
C SER E 221 44.75 11.84 14.99
N ASN E 222 44.75 13.12 14.63
CA ASN E 222 45.35 13.60 13.39
C ASN E 222 44.77 12.87 12.17
N THR E 223 43.45 12.64 12.20
CA THR E 223 42.76 11.89 11.17
C THR E 223 41.75 12.80 10.46
N LYS E 224 41.79 12.78 9.12
CA LYS E 224 40.84 13.52 8.31
C LYS E 224 40.41 12.62 7.16
N VAL E 225 39.12 12.33 7.09
CA VAL E 225 38.59 11.36 6.13
C VAL E 225 37.51 12.02 5.29
N ASP E 226 37.55 11.78 3.98
CA ASP E 226 36.49 12.15 3.06
C ASP E 226 35.90 10.88 2.45
N LYS E 227 34.59 10.88 2.25
CA LYS E 227 33.90 9.69 1.74
C LYS E 227 32.81 10.11 0.78
N LYS E 228 32.81 9.53 -0.41
CA LYS E 228 31.76 9.78 -1.39
C LYS E 228 30.53 8.94 -1.07
N VAL E 229 29.38 9.60 -0.90
CA VAL E 229 28.13 8.91 -0.58
C VAL E 229 27.26 8.82 -1.82
N GLU E 230 27.41 7.74 -2.59
CA GLU E 230 26.64 7.55 -3.81
C GLU E 230 25.53 6.54 -3.60
N PRO E 231 24.42 6.65 -4.33
CA PRO E 231 23.33 5.70 -4.17
C PRO E 231 23.74 4.28 -4.56
N LYS E 232 22.97 3.31 -4.07
CA LYS E 232 23.24 1.91 -4.35
C LYS E 232 22.73 1.53 -5.74
N GLN F 6 -13.22 -1.92 31.67
CA GLN F 6 -12.56 -0.89 30.89
C GLN F 6 -12.27 -1.38 29.48
N SER F 7 -11.05 -1.17 29.01
CA SER F 7 -10.65 -1.59 27.68
C SER F 7 -10.41 -3.09 27.64
N ALA F 8 -10.55 -3.67 26.45
CA ALA F 8 -10.37 -5.11 26.29
C ALA F 8 -8.92 -5.49 26.54
N LEU F 9 -8.72 -6.66 27.13
CA LEU F 9 -7.38 -7.12 27.47
C LEU F 9 -6.60 -7.49 26.22
N THR F 10 -5.28 -7.44 26.33
CA THR F 10 -4.38 -7.66 25.21
C THR F 10 -3.89 -9.11 25.20
N GLN F 11 -3.88 -9.71 24.01
CA GLN F 11 -3.38 -11.06 23.82
C GLN F 11 -2.75 -11.14 22.43
N PRO F 12 -1.62 -11.83 22.29
CA PRO F 12 -1.06 -12.05 20.95
C PRO F 12 -1.95 -12.93 20.11
N PRO F 13 -2.20 -12.57 18.86
CA PRO F 13 -3.14 -13.35 18.04
C PRO F 13 -2.68 -14.76 17.72
N SER F 14 -1.38 -15.04 17.77
CA SER F 14 -0.87 -16.36 17.39
C SER F 14 0.28 -16.76 18.30
N THR F 15 0.25 -18.01 18.76
CA THR F 15 1.33 -18.59 19.55
C THR F 15 1.58 -20.01 19.05
N SER F 16 2.86 -20.37 18.92
CA SER F 16 3.25 -21.66 18.37
C SER F 16 4.05 -22.45 19.38
N GLY F 17 4.08 -23.77 19.19
CA GLY F 17 4.82 -24.66 20.06
C GLY F 17 4.90 -26.08 19.53
N SER F 18 6.07 -26.70 19.66
CA SER F 18 6.28 -28.05 19.18
C SER F 18 5.75 -29.06 20.19
N PRO F 19 5.35 -30.25 19.75
CA PRO F 19 4.87 -31.28 20.68
C PRO F 19 5.98 -31.73 21.61
N GLY F 20 5.67 -31.77 22.91
CA GLY F 20 6.64 -32.11 23.93
C GLY F 20 7.37 -30.93 24.53
N GLN F 21 7.22 -29.74 23.97
CA GLN F 21 7.85 -28.53 24.45
C GLN F 21 6.79 -27.64 25.12
N SER F 22 7.02 -26.33 25.15
CA SER F 22 6.17 -25.41 25.89
C SER F 22 5.78 -24.23 25.03
N VAL F 23 4.83 -23.45 25.52
CA VAL F 23 4.38 -22.22 24.90
C VAL F 23 3.82 -21.31 25.98
N THR F 24 4.07 -20.01 25.86
CA THR F 24 3.65 -19.04 26.86
C THR F 24 2.88 -17.92 26.19
N ILE F 25 1.67 -17.65 26.68
CA ILE F 25 0.83 -16.58 26.19
C ILE F 25 0.60 -15.59 27.32
N SER F 26 0.39 -14.32 26.96
CA SER F 26 0.28 -13.24 27.92
C SER F 26 -1.14 -12.69 27.94
N CYS F 27 -1.39 -11.81 28.92
CA CYS F 27 -2.68 -11.15 29.07
C CYS F 27 -2.42 -9.81 29.76
N THR F 28 -2.30 -8.76 28.96
CA THR F 28 -1.96 -7.43 29.48
C THR F 28 -3.24 -6.64 29.75
N GLY F 29 -3.32 -6.03 30.93
CA GLY F 29 -4.46 -5.23 31.31
C GLY F 29 -4.08 -3.97 32.06
N THR F 30 -5.06 -3.32 32.68
CA THR F 30 -4.84 -2.11 33.44
C THR F 30 -4.87 -2.42 34.95
N GLY F 31 -4.73 -1.38 35.76
CA GLY F 31 -4.82 -1.52 37.19
C GLY F 31 -6.21 -1.61 37.74
N ILE F 32 -7.23 -1.58 36.87
CA ILE F 32 -8.63 -1.66 37.29
C ILE F 32 -9.26 -2.99 36.96
N ASP F 33 -8.63 -3.82 36.12
CA ASP F 33 -9.18 -5.12 35.75
C ASP F 33 -8.22 -6.25 36.08
N VAL F 34 -7.02 -6.26 35.51
CA VAL F 34 -6.05 -7.31 35.79
C VAL F 34 -5.23 -6.94 37.01
N GLY F 35 -4.60 -5.78 36.98
CA GLY F 35 -3.76 -5.33 38.08
C GLY F 35 -4.51 -4.90 39.32
N GLY F 36 -5.82 -5.07 39.36
CA GLY F 36 -6.61 -4.67 40.52
C GLY F 36 -6.99 -5.82 41.43
N PHE F 37 -7.48 -6.92 40.85
CA PHE F 37 -7.97 -8.05 41.61
C PHE F 37 -7.18 -9.30 41.23
N SER F 38 -7.26 -10.30 42.11
CA SER F 38 -6.65 -11.61 41.88
C SER F 38 -7.63 -12.60 41.26
N TYR F 39 -8.55 -12.13 40.41
CA TYR F 39 -9.55 -12.97 39.76
C TYR F 39 -9.35 -12.84 38.26
N VAL F 40 -8.35 -13.54 37.74
CA VAL F 40 -8.03 -13.56 36.31
C VAL F 40 -8.16 -14.99 35.82
N SER F 41 -9.13 -15.24 34.94
CA SER F 41 -9.43 -16.58 34.47
C SER F 41 -9.03 -16.74 33.01
N TRP F 42 -8.82 -18.00 32.62
CA TRP F 42 -8.49 -18.37 31.26
C TRP F 42 -9.53 -19.35 30.73
N PHE F 43 -9.64 -19.40 29.40
CA PHE F 43 -10.65 -20.25 28.77
C PHE F 43 -10.10 -20.79 27.45
N GLN F 44 -10.21 -22.11 27.28
CA GLN F 44 -9.94 -22.75 26.00
C GLN F 44 -11.24 -22.82 25.19
N TYR F 45 -11.17 -22.41 23.93
CA TYR F 45 -12.36 -22.22 23.11
C TYR F 45 -12.24 -23.00 21.82
N HIS F 46 -13.15 -23.96 21.62
CA HIS F 46 -13.35 -24.60 20.32
C HIS F 46 -14.49 -23.93 19.60
N PRO F 47 -14.30 -23.52 18.34
CA PRO F 47 -15.36 -22.76 17.65
C PRO F 47 -16.60 -23.62 17.44
N GLY F 48 -17.75 -23.05 17.83
CA GLY F 48 -19.01 -23.76 17.69
C GLY F 48 -19.58 -24.24 19.01
N LYS F 49 -18.72 -24.71 19.89
CA LYS F 49 -19.12 -25.24 21.18
C LYS F 49 -18.87 -24.19 22.27
N ALA F 50 -19.23 -24.55 23.51
CA ALA F 50 -19.07 -23.64 24.63
C ALA F 50 -17.63 -23.65 25.13
N PRO F 51 -17.14 -22.51 25.64
CA PRO F 51 -15.78 -22.47 26.18
C PRO F 51 -15.68 -23.33 27.44
N LYS F 52 -14.43 -23.57 27.85
CA LYS F 52 -14.12 -24.37 29.02
C LYS F 52 -13.18 -23.61 29.92
N LEU F 53 -13.52 -23.53 31.20
CA LEU F 53 -12.67 -22.84 32.17
C LEU F 53 -11.41 -23.66 32.42
N ILE F 54 -10.25 -23.09 32.11
CA ILE F 54 -8.98 -23.79 32.25
C ILE F 54 -8.29 -23.34 33.53
N ILE F 55 -8.47 -22.08 33.91
CA ILE F 55 -7.82 -21.51 35.08
C ILE F 55 -8.80 -20.60 35.80
N PHE F 56 -8.92 -20.76 37.10
CA PHE F 56 -9.70 -19.88 37.95
C PHE F 56 -8.80 -19.29 39.03
N GLU F 57 -9.11 -18.06 39.45
CA GLU F 57 -8.36 -17.36 40.48
C GLU F 57 -6.87 -17.32 40.16
N VAL F 58 -6.56 -16.93 38.93
CA VAL F 58 -5.19 -16.71 38.44
C VAL F 58 -4.41 -18.02 38.34
N THR F 59 -4.46 -18.87 39.37
CA THR F 59 -3.63 -20.05 39.39
C THR F 59 -4.30 -21.32 39.90
N LYS F 60 -5.61 -21.29 40.20
CA LYS F 60 -6.30 -22.48 40.67
C LYS F 60 -6.86 -23.25 39.48
N ARG F 61 -6.60 -24.57 39.45
CA ARG F 61 -7.04 -25.42 38.36
C ARG F 61 -8.36 -26.09 38.70
N PRO F 62 -9.34 -26.08 37.79
CA PRO F 62 -10.59 -26.81 38.05
C PRO F 62 -10.41 -28.32 38.06
N SER F 63 -11.48 -29.05 38.31
CA SER F 63 -11.42 -30.50 38.34
C SER F 63 -11.40 -31.07 36.93
N GLY F 64 -10.49 -31.99 36.68
CA GLY F 64 -10.34 -32.61 35.37
C GLY F 64 -9.30 -31.98 34.48
N VAL F 65 -8.89 -30.75 34.77
CA VAL F 65 -7.87 -30.08 33.97
C VAL F 65 -6.52 -30.75 34.24
N PRO F 66 -5.76 -31.12 33.20
CA PRO F 66 -4.45 -31.74 33.43
C PRO F 66 -3.50 -30.79 34.14
N ASP F 67 -2.52 -31.38 34.82
CA ASP F 67 -1.61 -30.63 35.68
C ASP F 67 -0.56 -29.85 34.91
N ARG F 68 -0.48 -30.01 33.58
CA ARG F 68 0.51 -29.28 32.81
C ARG F 68 0.10 -27.83 32.57
N PHE F 69 -1.21 -27.55 32.57
CA PHE F 69 -1.67 -26.18 32.45
C PHE F 69 -1.36 -25.42 33.75
N SER F 70 -0.77 -24.23 33.60
CA SER F 70 -0.40 -23.43 34.77
C SER F 70 -0.37 -21.96 34.38
N GLY F 71 -1.10 -21.14 35.14
CA GLY F 71 -1.14 -19.71 34.92
C GLY F 71 -0.43 -18.96 36.04
N SER F 72 -0.20 -17.68 35.79
CA SER F 72 0.50 -16.82 36.75
C SER F 72 0.18 -15.37 36.42
N LYS F 73 0.75 -14.46 37.20
CA LYS F 73 0.58 -13.03 37.03
C LYS F 73 1.64 -12.31 37.84
N SER F 74 1.93 -11.08 37.44
CA SER F 74 2.96 -10.28 38.14
C SER F 74 2.69 -8.81 37.80
N GLY F 75 1.91 -8.15 38.66
CA GLY F 75 1.62 -6.74 38.49
C GLY F 75 0.45 -6.46 37.56
N ASN F 76 0.74 -6.30 36.26
CA ASN F 76 -0.29 -5.96 35.29
C ASN F 76 -0.40 -6.94 34.13
N THR F 77 0.48 -7.93 34.04
CA THR F 77 0.51 -8.87 32.92
C THR F 77 0.37 -10.29 33.45
N ALA F 78 -0.76 -10.93 33.16
CA ALA F 78 -0.96 -12.33 33.46
C ALA F 78 -0.51 -13.18 32.28
N SER F 79 -0.03 -14.39 32.59
CA SER F 79 0.52 -15.25 31.55
C SER F 79 0.19 -16.71 31.86
N LEU F 80 -0.28 -17.42 30.83
CA LEU F 80 -0.57 -18.85 30.93
C LEU F 80 0.48 -19.63 30.15
N THR F 81 0.82 -20.80 30.66
CA THR F 81 1.84 -21.65 30.04
C THR F 81 1.28 -23.06 29.88
N ILE F 82 1.28 -23.54 28.64
CA ILE F 82 0.82 -24.90 28.33
C ILE F 82 2.06 -25.74 28.04
N SER F 83 2.34 -26.69 28.93
CA SER F 83 3.50 -27.57 28.82
C SER F 83 3.09 -28.91 28.24
N GLY F 84 3.99 -29.50 27.45
CA GLY F 84 3.72 -30.76 26.79
C GLY F 84 2.53 -30.67 25.86
N LEU F 85 2.71 -29.97 24.73
CA LEU F 85 1.61 -29.70 23.83
C LEU F 85 1.10 -30.98 23.17
N GLN F 86 -0.20 -30.99 22.88
CA GLN F 86 -0.86 -32.12 22.23
C GLN F 86 -1.72 -31.61 21.09
N ALA F 87 -2.29 -32.55 20.33
CA ALA F 87 -3.14 -32.19 19.21
C ALA F 87 -4.45 -31.56 19.66
N ASP F 88 -4.89 -31.83 20.89
CA ASP F 88 -6.12 -31.25 21.40
C ASP F 88 -5.95 -29.82 21.88
N ASP F 89 -4.71 -29.36 22.06
CA ASP F 89 -4.45 -28.02 22.57
C ASP F 89 -4.56 -26.94 21.49
N GLU F 90 -4.83 -27.32 20.24
CA GLU F 90 -4.92 -26.35 19.15
C GLU F 90 -6.30 -25.71 19.19
N ALA F 91 -6.40 -24.53 19.80
CA ALA F 91 -7.66 -23.80 19.90
C ALA F 91 -7.34 -22.35 20.25
N GLU F 92 -8.40 -21.55 20.37
CA GLU F 92 -8.27 -20.16 20.79
C GLU F 92 -8.36 -20.08 22.31
N TYR F 93 -7.42 -19.35 22.90
CA TYR F 93 -7.30 -19.26 24.36
C TYR F 93 -7.54 -17.82 24.79
N TYR F 94 -8.65 -17.59 25.50
CA TYR F 94 -9.00 -16.29 26.01
C TYR F 94 -8.57 -16.14 27.47
N CYS F 95 -8.40 -14.89 27.88
CA CYS F 95 -8.24 -14.54 29.28
C CYS F 95 -9.31 -13.55 29.67
N SER F 96 -9.65 -13.52 30.96
CA SER F 96 -10.69 -12.65 31.46
C SER F 96 -10.35 -12.21 32.87
N SER F 97 -11.05 -11.19 33.34
CA SER F 97 -10.78 -10.64 34.66
C SER F 97 -11.97 -9.83 35.14
N TYR F 98 -12.20 -9.87 36.45
CA TYR F 98 -13.21 -9.01 37.07
C TYR F 98 -12.74 -7.56 37.06
N ALA F 99 -13.70 -6.64 36.99
CA ALA F 99 -13.41 -5.22 37.00
C ALA F 99 -14.33 -4.53 38.00
N VAL F 100 -14.00 -3.27 38.30
CA VAL F 100 -14.74 -2.53 39.31
C VAL F 100 -16.18 -2.31 38.84
N ASN F 101 -17.10 -2.20 39.81
CA ASN F 101 -18.52 -1.98 39.55
C ASN F 101 -19.13 -3.14 38.78
N ASN F 102 -18.81 -4.36 39.21
CA ASN F 102 -19.39 -5.60 38.67
C ASN F 102 -19.19 -5.70 37.16
N ASN F 103 -18.03 -5.27 36.68
CA ASN F 103 -17.70 -5.34 35.27
C ASN F 103 -16.81 -6.56 34.99
N PHE F 104 -17.00 -7.15 33.82
CA PHE F 104 -16.26 -8.33 33.41
C PHE F 104 -15.80 -8.16 31.97
N VAL F 105 -14.49 -8.30 31.74
CA VAL F 105 -13.90 -8.09 30.44
C VAL F 105 -13.14 -9.34 30.03
N PHE F 106 -13.17 -9.66 28.73
CA PHE F 106 -12.47 -10.79 28.17
C PHE F 106 -11.16 -10.34 27.54
N GLY F 107 -10.55 -11.21 26.74
CA GLY F 107 -9.37 -10.88 25.99
C GLY F 107 -9.61 -11.01 24.48
N THR F 108 -8.56 -10.67 23.73
CA THR F 108 -8.64 -10.74 22.27
C THR F 108 -8.44 -12.16 21.73
N GLY F 109 -8.03 -13.10 22.57
CA GLY F 109 -7.85 -14.48 22.14
C GLY F 109 -6.50 -14.76 21.52
N THR F 110 -5.93 -15.91 21.85
CA THR F 110 -4.63 -16.32 21.32
C THR F 110 -4.80 -17.67 20.63
N LYS F 111 -4.70 -17.66 19.30
CA LYS F 111 -4.81 -18.90 18.51
C LYS F 111 -3.57 -19.75 18.74
N VAL F 112 -3.75 -20.88 19.40
CA VAL F 112 -2.65 -21.81 19.68
C VAL F 112 -2.61 -22.86 18.58
N THR F 113 -1.41 -23.09 18.03
CA THR F 113 -1.21 -24.06 16.96
C THR F 113 -0.25 -25.15 17.42
N VAL F 114 -0.42 -26.33 16.84
CA VAL F 114 0.45 -27.48 17.12
C VAL F 114 1.28 -27.75 15.87
N LEU F 115 2.60 -27.72 16.03
CA LEU F 115 3.53 -27.92 14.93
C LEU F 115 3.73 -29.39 14.56
N VAL F 116 2.80 -30.27 14.96
CA VAL F 116 2.91 -31.68 14.66
C VAL F 116 1.95 -32.03 13.52
N SER F 117 2.33 -31.70 12.29
CA SER F 117 1.51 -31.95 11.12
C SER F 117 2.32 -31.79 9.84
N PRO F 118 1.98 -32.49 8.77
CA PRO F 118 2.64 -32.27 7.49
C PRO F 118 2.06 -31.01 6.81
N ARG F 119 2.64 -30.67 5.67
CA ARG F 119 2.25 -29.48 4.91
C ARG F 119 2.06 -29.84 3.44
N PRO F 120 0.93 -30.42 3.08
CA PRO F 120 0.65 -30.69 1.66
C PRO F 120 0.18 -29.44 0.94
N THR F 121 0.46 -29.42 -0.37
CA THR F 121 0.04 -28.31 -1.22
C THR F 121 -1.39 -28.53 -1.71
N PRO F 122 -2.13 -27.45 -1.96
CA PRO F 122 -3.53 -27.60 -2.35
C PRO F 122 -3.70 -28.25 -3.71
N LEU F 123 -4.80 -29.01 -3.83
CA LEU F 123 -5.19 -29.64 -5.09
C LEU F 123 -6.40 -28.89 -5.62
N SER F 124 -6.22 -28.19 -6.74
CA SER F 124 -7.25 -27.32 -7.30
C SER F 124 -8.04 -28.06 -8.36
N LEU F 125 -9.37 -27.90 -8.32
CA LEU F 125 -10.27 -28.48 -9.31
C LEU F 125 -11.15 -27.36 -9.84
N CYS F 126 -10.96 -27.00 -11.11
CA CYS F 126 -11.70 -25.91 -11.73
C CYS F 126 -12.79 -26.46 -12.64
N SER F 127 -13.98 -25.86 -12.56
CA SER F 127 -15.13 -26.29 -13.34
C SER F 127 -15.65 -25.11 -14.16
N HIS F 128 -15.83 -25.33 -15.45
CA HIS F 128 -16.34 -24.30 -16.35
C HIS F 128 -17.86 -24.20 -16.23
N PRO F 129 -18.45 -23.09 -16.69
CA PRO F 129 -19.91 -22.97 -16.65
C PRO F 129 -20.58 -24.08 -17.44
N ARG F 130 -21.78 -24.45 -16.98
CA ARG F 130 -22.54 -25.53 -17.59
C ARG F 130 -23.49 -24.98 -18.64
N SER F 131 -24.05 -25.89 -19.44
CA SER F 131 -24.97 -25.49 -20.49
C SER F 131 -26.29 -24.96 -19.93
N GLU F 132 -26.67 -25.40 -18.74
CA GLU F 132 -27.91 -24.91 -18.13
C GLU F 132 -27.74 -23.51 -17.55
N GLU F 133 -26.54 -23.18 -17.07
CA GLU F 133 -26.30 -21.86 -16.50
C GLU F 133 -26.14 -20.80 -17.58
N LEU F 134 -25.43 -21.13 -18.66
CA LEU F 134 -25.26 -20.19 -19.75
C LEU F 134 -26.57 -19.89 -20.47
N GLN F 135 -27.54 -20.79 -20.40
CA GLN F 135 -28.86 -20.55 -20.98
C GLN F 135 -29.72 -19.62 -20.14
N ALA F 136 -29.23 -19.21 -18.97
CA ALA F 136 -29.95 -18.29 -18.09
C ALA F 136 -29.25 -16.93 -17.97
N ASN F 137 -28.37 -16.62 -18.91
CA ASN F 137 -27.66 -15.34 -18.94
C ASN F 137 -26.82 -15.13 -17.68
N LYS F 138 -26.24 -16.21 -17.18
CA LYS F 138 -25.35 -16.16 -16.03
C LYS F 138 -24.20 -17.11 -16.25
N ALA F 139 -23.06 -16.83 -15.62
CA ALA F 139 -21.88 -17.65 -15.75
C ALA F 139 -21.07 -17.59 -14.46
N THR F 140 -20.74 -18.77 -13.91
CA THR F 140 -19.98 -18.87 -12.67
C THR F 140 -18.92 -19.93 -12.84
N LEU F 141 -17.65 -19.54 -12.73
CA LEU F 141 -16.53 -20.47 -12.79
C LEU F 141 -16.25 -20.97 -11.37
N VAL F 142 -16.38 -22.27 -11.18
CA VAL F 142 -16.27 -22.90 -9.85
C VAL F 142 -14.84 -23.42 -9.71
N CYS F 143 -14.02 -22.71 -8.95
CA CYS F 143 -12.67 -23.14 -8.61
C CYS F 143 -12.65 -23.61 -7.17
N LEU F 144 -12.17 -24.83 -6.96
CA LEU F 144 -12.25 -25.49 -5.66
C LEU F 144 -10.86 -25.86 -5.17
N ILE F 145 -10.60 -25.60 -3.89
CA ILE F 145 -9.30 -25.80 -3.27
C ILE F 145 -9.45 -26.78 -2.12
N SER F 146 -8.51 -27.71 -2.01
CA SER F 146 -8.58 -28.72 -0.96
C SER F 146 -7.19 -29.28 -0.71
N ASP F 147 -7.05 -29.94 0.45
CA ASP F 147 -5.84 -30.67 0.82
C ASP F 147 -4.62 -29.75 0.92
N PHE F 148 -4.75 -28.69 1.70
CA PHE F 148 -3.65 -27.76 1.91
C PHE F 148 -3.47 -27.48 3.40
N TYR F 149 -2.20 -27.45 3.83
CA TYR F 149 -1.82 -27.14 5.21
C TYR F 149 -0.64 -26.20 5.12
N PRO F 150 -0.69 -25.03 5.77
CA PRO F 150 -1.83 -24.57 6.59
C PRO F 150 -2.97 -24.00 5.76
N GLY F 151 -4.04 -23.59 6.44
CA GLY F 151 -5.18 -23.01 5.76
C GLY F 151 -5.01 -21.54 5.45
N ALA F 152 -4.16 -21.25 4.46
CA ALA F 152 -3.89 -19.86 4.07
C ALA F 152 -3.54 -19.86 2.58
N VAL F 153 -4.55 -19.65 1.74
CA VAL F 153 -4.38 -19.60 0.30
C VAL F 153 -4.84 -18.24 -0.21
N THR F 154 -4.28 -17.82 -1.34
CA THR F 154 -4.66 -16.58 -2.01
C THR F 154 -4.99 -16.90 -3.46
N VAL F 155 -6.17 -16.46 -3.90
CA VAL F 155 -6.70 -16.80 -5.21
C VAL F 155 -6.58 -15.58 -6.12
N ALA F 156 -6.13 -15.82 -7.35
CA ALA F 156 -6.04 -14.78 -8.38
C ALA F 156 -6.57 -15.35 -9.69
N TRP F 157 -7.39 -14.55 -10.38
CA TRP F 157 -8.01 -14.95 -11.63
C TRP F 157 -7.42 -14.15 -12.78
N LYS F 158 -7.15 -14.83 -13.89
CA LYS F 158 -6.59 -14.20 -15.08
C LYS F 158 -7.49 -14.54 -16.27
N ALA F 159 -8.09 -13.51 -16.86
CA ALA F 159 -8.98 -13.68 -18.01
C ALA F 159 -8.17 -13.48 -19.28
N ASP F 160 -7.73 -14.60 -19.88
CA ASP F 160 -6.90 -14.58 -21.09
C ASP F 160 -5.62 -13.77 -20.86
N SER F 161 -4.86 -14.20 -19.86
CA SER F 161 -3.61 -13.56 -19.45
C SER F 161 -3.81 -12.12 -18.98
N SER F 162 -5.04 -11.76 -18.63
CA SER F 162 -5.35 -10.44 -18.10
C SER F 162 -5.99 -10.58 -16.73
N PRO F 163 -5.44 -9.92 -15.70
CA PRO F 163 -5.99 -10.07 -14.35
C PRO F 163 -7.38 -9.45 -14.26
N VAL F 164 -8.34 -10.26 -13.82
CA VAL F 164 -9.73 -9.85 -13.65
C VAL F 164 -10.04 -9.81 -12.16
N LYS F 165 -10.70 -8.73 -11.72
CA LYS F 165 -11.03 -8.54 -10.32
C LYS F 165 -12.53 -8.45 -10.06
N ALA F 166 -13.36 -8.35 -11.09
CA ALA F 166 -14.80 -8.22 -10.91
C ALA F 166 -15.47 -9.59 -10.90
N GLY F 167 -16.42 -9.75 -9.99
CA GLY F 167 -17.17 -10.99 -9.89
C GLY F 167 -16.50 -12.09 -9.11
N VAL F 168 -15.41 -11.80 -8.40
CA VAL F 168 -14.68 -12.83 -7.67
C VAL F 168 -15.21 -12.90 -6.24
N GLU F 169 -15.50 -14.11 -5.78
CA GLU F 169 -15.94 -14.36 -4.41
C GLU F 169 -15.26 -15.62 -3.90
N THR F 170 -14.44 -15.48 -2.86
CA THR F 170 -13.67 -16.58 -2.31
C THR F 170 -14.02 -16.74 -0.83
N THR F 171 -14.28 -17.98 -0.42
CA THR F 171 -14.61 -18.26 0.97
C THR F 171 -13.35 -18.31 1.82
N THR F 172 -13.56 -18.18 3.13
CA THR F 172 -12.46 -18.37 4.07
C THR F 172 -12.13 -19.86 4.17
N PRO F 173 -10.88 -20.19 4.52
CA PRO F 173 -10.51 -21.60 4.65
C PRO F 173 -11.37 -22.33 5.67
N SER F 174 -11.53 -23.64 5.46
CA SER F 174 -12.36 -24.47 6.32
C SER F 174 -11.69 -25.81 6.51
N LYS F 175 -11.47 -26.21 7.76
CA LYS F 175 -10.83 -27.48 8.05
C LYS F 175 -11.71 -28.65 7.62
N GLN F 176 -11.10 -29.63 6.97
CA GLN F 176 -11.82 -30.79 6.46
C GLN F 176 -11.93 -31.86 7.54
N SER F 177 -12.39 -33.05 7.16
CA SER F 177 -12.47 -34.16 8.11
C SER F 177 -11.11 -34.77 8.39
N ASN F 178 -10.22 -34.78 7.40
CA ASN F 178 -8.87 -35.32 7.56
C ASN F 178 -7.89 -34.28 8.08
N ASN F 179 -8.35 -33.33 8.90
CA ASN F 179 -7.53 -32.32 9.56
C ASN F 179 -6.84 -31.36 8.59
N LYS F 180 -7.08 -31.51 7.29
CA LYS F 180 -6.63 -30.53 6.32
C LYS F 180 -7.72 -29.48 6.12
N TYR F 181 -7.42 -28.49 5.28
CA TYR F 181 -8.32 -27.36 5.07
C TYR F 181 -8.89 -27.38 3.65
N ALA F 182 -9.98 -26.64 3.48
CA ALA F 182 -10.66 -26.55 2.19
C ALA F 182 -11.14 -25.13 1.97
N ALA F 183 -11.22 -24.74 0.69
CA ALA F 183 -11.70 -23.42 0.31
C ALA F 183 -12.26 -23.51 -1.10
N SER F 184 -12.93 -22.43 -1.51
CA SER F 184 -13.54 -22.39 -2.83
C SER F 184 -13.64 -20.94 -3.30
N SER F 185 -13.64 -20.76 -4.62
CA SER F 185 -13.74 -19.45 -5.23
C SER F 185 -14.70 -19.52 -6.41
N TYR F 186 -15.34 -18.38 -6.70
CA TYR F 186 -16.30 -18.29 -7.78
C TYR F 186 -16.05 -17.01 -8.57
N LEU F 187 -16.34 -17.07 -9.88
CA LEU F 187 -16.16 -15.93 -10.77
C LEU F 187 -17.46 -15.73 -11.55
N SER F 188 -18.21 -14.69 -11.18
CA SER F 188 -19.46 -14.38 -11.86
C SER F 188 -19.15 -13.59 -13.15
N LEU F 189 -19.64 -14.10 -14.28
CA LEU F 189 -19.40 -13.48 -15.58
C LEU F 189 -20.73 -13.40 -16.34
N THR F 190 -20.64 -12.93 -17.57
CA THR F 190 -21.74 -12.88 -18.51
C THR F 190 -21.46 -13.81 -19.70
N PRO F 191 -22.50 -14.31 -20.38
CA PRO F 191 -22.26 -15.17 -21.54
C PRO F 191 -21.40 -14.52 -22.61
N GLU F 192 -21.50 -13.21 -22.78
CA GLU F 192 -20.66 -12.53 -23.75
C GLU F 192 -19.19 -12.56 -23.32
N GLN F 193 -18.93 -12.29 -22.04
CA GLN F 193 -17.56 -12.37 -21.54
C GLN F 193 -17.03 -13.79 -21.55
N TRP F 194 -17.92 -14.78 -21.47
CA TRP F 194 -17.49 -16.18 -21.52
C TRP F 194 -17.08 -16.60 -22.92
N LYS F 195 -17.85 -16.17 -23.93
CA LYS F 195 -17.60 -16.53 -25.32
C LYS F 195 -16.65 -15.55 -26.01
N SER F 196 -16.03 -14.63 -25.28
CA SER F 196 -15.13 -13.65 -25.86
C SER F 196 -13.66 -14.04 -25.72
N HIS F 197 -13.25 -14.51 -24.54
CA HIS F 197 -11.86 -14.84 -24.29
C HIS F 197 -11.56 -16.27 -24.72
N ARG F 198 -10.26 -16.57 -24.85
CA ARG F 198 -9.86 -17.91 -25.24
C ARG F 198 -9.97 -18.90 -24.07
N SER F 199 -9.51 -18.49 -22.89
CA SER F 199 -9.55 -19.37 -21.73
C SER F 199 -9.38 -18.53 -20.47
N TYR F 200 -9.95 -19.02 -19.37
CA TYR F 200 -9.79 -18.42 -18.05
C TYR F 200 -8.90 -19.32 -17.19
N SER F 201 -8.32 -18.72 -16.15
CA SER F 201 -7.43 -19.43 -15.26
C SER F 201 -7.77 -19.10 -13.81
N CYS F 202 -7.40 -20.01 -12.91
CA CYS F 202 -7.60 -19.86 -11.48
C CYS F 202 -6.27 -20.10 -10.77
N GLN F 203 -5.57 -19.02 -10.45
CA GLN F 203 -4.28 -19.10 -9.77
C GLN F 203 -4.48 -19.06 -8.26
N VAL F 204 -3.93 -20.05 -7.57
CA VAL F 204 -4.02 -20.16 -6.12
C VAL F 204 -2.61 -20.28 -5.57
N THR F 205 -2.17 -19.26 -4.84
CA THR F 205 -0.84 -19.23 -4.25
C THR F 205 -0.91 -19.72 -2.81
N HIS F 206 -0.06 -20.68 -2.48
CA HIS F 206 -0.01 -21.27 -1.13
C HIS F 206 1.44 -21.51 -0.77
N GLU F 207 1.93 -20.79 0.25
CA GLU F 207 3.30 -20.93 0.74
C GLU F 207 4.32 -20.65 -0.38
N GLY F 208 4.07 -19.59 -1.15
CA GLY F 208 4.95 -19.21 -2.23
C GLY F 208 4.81 -20.04 -3.49
N SER F 209 4.13 -21.17 -3.43
CA SER F 209 3.93 -22.03 -4.60
C SER F 209 2.52 -21.84 -5.14
N THR F 210 2.42 -21.52 -6.42
CA THR F 210 1.14 -21.22 -7.06
C THR F 210 0.73 -22.37 -7.96
N VAL F 211 -0.49 -22.85 -7.77
CA VAL F 211 -1.08 -23.90 -8.60
C VAL F 211 -2.25 -23.29 -9.36
N GLU F 212 -2.23 -23.41 -10.69
CA GLU F 212 -3.22 -22.77 -11.54
C GLU F 212 -3.88 -23.81 -12.45
N LYS F 213 -5.20 -23.72 -12.56
CA LYS F 213 -5.99 -24.51 -13.48
C LYS F 213 -6.58 -23.61 -14.55
N THR F 214 -7.02 -24.23 -15.65
CA THR F 214 -7.49 -23.48 -16.81
C THR F 214 -8.67 -24.20 -17.44
N VAL F 215 -9.70 -23.43 -17.79
CA VAL F 215 -10.87 -23.93 -18.52
C VAL F 215 -11.07 -23.08 -19.76
N ALA F 216 -11.80 -23.64 -20.72
CA ALA F 216 -12.03 -22.99 -21.99
C ALA F 216 -13.36 -23.49 -22.56
N PRO F 217 -14.07 -22.66 -23.35
CA PRO F 217 -15.34 -23.06 -23.97
C PRO F 217 -15.18 -24.29 -24.87
N VAL G 7 5.62 -11.62 -38.67
CA VAL G 7 4.59 -11.98 -37.71
C VAL G 7 4.90 -13.34 -37.09
N GLN G 8 4.07 -13.76 -36.14
CA GLN G 8 4.23 -15.03 -35.46
C GLN G 8 2.92 -15.80 -35.46
N LEU G 9 3.03 -17.12 -35.38
CA LEU G 9 1.86 -18.00 -35.32
C LEU G 9 1.91 -18.79 -34.02
N VAL G 10 0.80 -18.81 -33.29
CA VAL G 10 0.67 -19.51 -32.02
C VAL G 10 -0.47 -20.51 -32.14
N GLN G 11 -0.14 -21.78 -31.97
CA GLN G 11 -1.13 -22.84 -32.06
C GLN G 11 -1.81 -23.06 -30.71
N SER G 12 -2.80 -23.95 -30.69
CA SER G 12 -3.53 -24.25 -29.46
C SER G 12 -2.73 -25.20 -28.59
N GLY G 13 -3.31 -25.59 -27.45
CA GLY G 13 -2.64 -26.46 -26.52
C GLY G 13 -2.66 -27.91 -26.94
N ALA G 14 -1.93 -28.72 -26.18
CA ALA G 14 -1.85 -30.15 -26.48
C ALA G 14 -3.16 -30.84 -26.15
N GLU G 15 -3.58 -31.75 -27.02
CA GLU G 15 -4.84 -32.47 -26.87
C GLU G 15 -4.59 -33.95 -26.68
N VAL G 16 -5.52 -34.62 -25.99
CA VAL G 16 -5.49 -36.05 -25.77
C VAL G 16 -6.87 -36.60 -26.11
N LYS G 17 -6.94 -37.41 -27.16
CA LYS G 17 -8.20 -38.02 -27.59
C LYS G 17 -8.07 -39.54 -27.60
N LYS G 18 -9.22 -40.19 -27.56
CA LYS G 18 -9.28 -41.65 -27.61
C LYS G 18 -9.25 -42.13 -29.05
N PRO G 19 -8.81 -43.37 -29.28
CA PRO G 19 -8.80 -43.91 -30.65
C PRO G 19 -10.20 -43.94 -31.23
N GLY G 20 -10.31 -43.49 -32.48
CA GLY G 20 -11.58 -43.44 -33.17
C GLY G 20 -12.37 -42.17 -32.98
N SER G 21 -11.81 -41.17 -32.32
CA SER G 21 -12.49 -39.91 -32.05
C SER G 21 -12.08 -38.88 -33.11
N SER G 22 -12.24 -37.60 -32.78
CA SER G 22 -11.90 -36.51 -33.69
C SER G 22 -11.23 -35.40 -32.91
N MET G 23 -10.09 -34.92 -33.41
CA MET G 23 -9.32 -33.85 -32.78
C MET G 23 -9.39 -32.60 -33.64
N LYS G 24 -9.63 -31.45 -33.01
CA LYS G 24 -9.72 -30.17 -33.69
C LYS G 24 -8.68 -29.23 -33.08
N VAL G 25 -7.68 -28.85 -33.87
CA VAL G 25 -6.59 -28.00 -33.43
C VAL G 25 -6.72 -26.66 -34.14
N SER G 26 -6.64 -25.57 -33.37
CA SER G 26 -6.75 -24.22 -33.90
C SER G 26 -5.37 -23.61 -34.12
N CYS G 27 -5.35 -22.51 -34.87
CA CYS G 27 -4.10 -21.82 -35.16
C CYS G 27 -4.45 -20.42 -35.64
N LYS G 28 -4.14 -19.41 -34.83
CA LYS G 28 -4.50 -18.03 -35.12
C LYS G 28 -3.27 -17.21 -35.50
N ALA G 29 -3.50 -16.16 -36.26
CA ALA G 29 -2.45 -15.22 -36.66
C ALA G 29 -2.57 -13.93 -35.86
N SER G 30 -1.43 -13.29 -35.63
CA SER G 30 -1.35 -12.06 -34.85
C SER G 30 -0.95 -10.86 -35.70
N GLY G 31 -1.38 -10.85 -36.96
CA GLY G 31 -1.04 -9.75 -37.86
C GLY G 31 -2.25 -9.17 -38.56
N GLY G 32 -2.19 -9.08 -39.89
CA GLY G 32 -3.29 -8.55 -40.67
C GLY G 32 -3.38 -9.23 -42.01
N THR G 33 -4.45 -8.91 -42.73
CA THR G 33 -4.73 -9.48 -44.06
C THR G 33 -4.73 -11.01 -43.99
N PHE G 34 -5.37 -11.55 -42.95
CA PHE G 34 -5.36 -12.99 -42.74
C PHE G 34 -6.16 -13.73 -43.81
N ASN G 35 -7.24 -13.13 -44.30
CA ASN G 35 -8.12 -13.81 -45.24
C ASN G 35 -7.46 -14.06 -46.59
N ARG G 36 -6.39 -13.34 -46.92
CA ARG G 36 -5.73 -13.49 -48.21
C ARG G 36 -4.71 -14.63 -48.21
N TYR G 37 -4.00 -14.82 -47.11
CA TYR G 37 -2.97 -15.83 -47.04
C TYR G 37 -3.57 -17.24 -47.03
N VAL G 38 -2.84 -18.19 -47.60
CA VAL G 38 -3.25 -19.59 -47.62
C VAL G 38 -2.63 -20.28 -46.40
N PHE G 39 -3.47 -20.97 -45.63
CA PHE G 39 -3.04 -21.67 -44.43
C PHE G 39 -2.99 -23.16 -44.69
N SER G 40 -1.88 -23.79 -44.33
CA SER G 40 -1.68 -25.22 -44.55
C SER G 40 -1.33 -25.90 -43.24
N TRP G 41 -1.65 -27.19 -43.16
CA TRP G 41 -1.41 -28.01 -41.99
C TRP G 41 -0.48 -29.16 -42.34
N VAL G 42 0.47 -29.44 -41.44
CA VAL G 42 1.44 -30.51 -41.62
C VAL G 42 1.63 -31.21 -40.27
N ARG G 43 1.64 -32.54 -40.30
CA ARG G 43 1.90 -33.35 -39.11
C ARG G 43 3.29 -33.94 -39.18
N GLN G 44 3.76 -34.45 -38.03
CA GLN G 44 5.09 -35.03 -37.91
C GLN G 44 5.01 -36.24 -36.97
N ALA G 45 4.84 -37.43 -37.54
CA ALA G 45 4.73 -38.63 -36.76
C ALA G 45 6.11 -39.05 -36.23
N PRO G 46 6.15 -39.80 -35.13
CA PRO G 46 7.44 -40.26 -34.60
C PRO G 46 8.18 -41.13 -35.60
N GLY G 47 9.38 -40.70 -35.95
CA GLY G 47 10.17 -41.43 -36.93
C GLY G 47 9.70 -41.28 -38.36
N GLN G 48 8.84 -40.30 -38.64
CA GLN G 48 8.30 -40.06 -39.97
C GLN G 48 8.67 -38.64 -40.41
N GLY G 49 8.50 -38.40 -41.71
CA GLY G 49 8.83 -37.12 -42.30
C GLY G 49 7.68 -36.12 -42.21
N LEU G 50 7.75 -35.11 -43.07
CA LEU G 50 6.71 -34.10 -43.15
C LEU G 50 5.63 -34.53 -44.13
N GLU G 51 4.38 -34.31 -43.75
CA GLU G 51 3.23 -34.72 -44.56
C GLU G 51 2.27 -33.55 -44.68
N TRP G 52 2.12 -33.03 -45.89
CA TRP G 52 1.18 -31.95 -46.14
C TRP G 52 -0.25 -32.48 -46.03
N MET G 53 -1.05 -31.85 -45.17
CA MET G 53 -2.40 -32.35 -44.91
C MET G 53 -3.44 -31.66 -45.79
N GLY G 54 -3.45 -30.33 -45.80
CA GLY G 54 -4.43 -29.62 -46.60
C GLY G 54 -4.20 -28.13 -46.54
N GLY G 55 -5.12 -27.39 -47.17
CA GLY G 55 -5.05 -25.95 -47.21
C GLY G 55 -6.43 -25.35 -47.34
N ILE G 56 -6.50 -24.04 -47.13
CA ILE G 56 -7.76 -23.30 -47.19
C ILE G 56 -7.47 -21.86 -47.61
N LEU G 57 -8.34 -21.32 -48.46
CA LEU G 57 -8.31 -19.91 -48.83
C LEU G 57 -9.49 -19.21 -48.18
N PRO G 58 -9.27 -18.45 -47.10
CA PRO G 58 -10.41 -17.86 -46.38
C PRO G 58 -11.20 -16.85 -47.19
N ILE G 59 -10.56 -16.18 -48.16
CA ILE G 59 -11.26 -15.17 -48.94
C ILE G 59 -12.00 -15.77 -50.14
N LEU G 60 -11.64 -16.98 -50.57
CA LEU G 60 -12.30 -17.65 -51.68
C LEU G 60 -13.15 -18.83 -51.23
N GLU G 61 -13.14 -19.14 -49.93
CA GLU G 61 -13.89 -20.27 -49.36
C GLU G 61 -13.51 -21.60 -50.01
N THR G 62 -12.32 -21.69 -50.59
CA THR G 62 -11.86 -22.90 -51.25
C THR G 62 -10.89 -23.65 -50.35
N THR G 63 -11.08 -24.97 -50.27
CA THR G 63 -10.23 -25.83 -49.46
C THR G 63 -9.63 -26.92 -50.35
N TYR G 64 -8.34 -27.20 -50.13
CA TYR G 64 -7.62 -28.22 -50.88
C TYR G 64 -7.04 -29.22 -49.89
N TYR G 65 -7.48 -30.47 -49.98
CA TYR G 65 -7.01 -31.53 -49.10
C TYR G 65 -6.07 -32.46 -49.86
N ALA G 66 -5.21 -33.14 -49.10
CA ALA G 66 -4.24 -34.04 -49.69
C ALA G 66 -4.88 -35.35 -50.10
N LYS G 67 -4.28 -36.00 -51.10
CA LYS G 67 -4.79 -37.29 -51.57
C LYS G 67 -4.56 -38.41 -50.56
N ASN G 68 -3.62 -38.23 -49.63
CA ASN G 68 -3.38 -39.24 -48.60
C ASN G 68 -4.42 -39.17 -47.48
N PHE G 69 -5.06 -38.03 -47.28
CA PHE G 69 -6.12 -37.87 -46.29
C PHE G 69 -7.45 -37.93 -47.04
N LYS G 70 -7.98 -39.14 -47.19
CA LYS G 70 -9.19 -39.39 -47.99
C LYS G 70 -10.42 -39.09 -47.14
N GLY G 71 -10.87 -37.84 -47.19
CA GLY G 71 -12.10 -37.46 -46.52
C GLY G 71 -12.04 -37.48 -45.01
N ARG G 72 -10.85 -37.49 -44.42
CA ARG G 72 -10.71 -37.50 -42.97
C ARG G 72 -10.46 -36.12 -42.38
N VAL G 73 -10.06 -35.14 -43.19
CA VAL G 73 -9.68 -33.82 -42.71
C VAL G 73 -10.69 -32.80 -43.21
N THR G 74 -11.13 -31.91 -42.32
CA THR G 74 -11.91 -30.74 -42.69
C THR G 74 -11.25 -29.52 -42.09
N ILE G 75 -11.04 -28.50 -42.92
CA ILE G 75 -10.30 -27.29 -42.54
C ILE G 75 -11.25 -26.10 -42.65
N THR G 76 -11.41 -25.38 -41.54
CA THR G 76 -12.27 -24.20 -41.48
C THR G 76 -11.45 -23.04 -40.93
N ALA G 77 -12.05 -21.86 -40.96
CA ALA G 77 -11.39 -20.66 -40.48
C ALA G 77 -12.45 -19.63 -40.09
N ASP G 78 -12.06 -18.72 -39.19
CA ASP G 78 -12.93 -17.65 -38.73
C ASP G 78 -12.20 -16.33 -38.94
N GLU G 79 -12.73 -15.49 -39.83
CA GLU G 79 -12.10 -14.21 -40.13
C GLU G 79 -12.14 -13.25 -38.96
N SER G 80 -13.09 -13.43 -38.03
CA SER G 80 -13.16 -12.53 -36.88
C SER G 80 -11.98 -12.75 -35.93
N THR G 81 -11.54 -13.98 -35.78
CA THR G 81 -10.43 -14.32 -34.90
C THR G 81 -9.15 -14.63 -35.66
N SER G 82 -9.20 -14.68 -37.00
CA SER G 82 -8.05 -15.00 -37.84
C SER G 82 -7.45 -16.35 -37.45
N THR G 83 -8.32 -17.29 -37.09
CA THR G 83 -7.92 -18.61 -36.62
C THR G 83 -8.37 -19.66 -37.61
N VAL G 84 -7.49 -20.60 -37.94
CA VAL G 84 -7.78 -21.70 -38.85
C VAL G 84 -7.85 -22.99 -38.05
N TYR G 85 -8.90 -23.77 -38.30
CA TYR G 85 -9.14 -25.01 -37.57
C TYR G 85 -8.93 -26.20 -38.49
N MET G 86 -8.59 -27.35 -37.89
CA MET G 86 -8.38 -28.59 -38.62
C MET G 86 -8.90 -29.74 -37.77
N GLU G 87 -9.91 -30.44 -38.28
CA GLU G 87 -10.52 -31.55 -37.57
C GLU G 87 -10.20 -32.85 -38.29
N LEU G 88 -9.56 -33.79 -37.57
CA LEU G 88 -9.18 -35.09 -38.11
C LEU G 88 -9.93 -36.16 -37.34
N SER G 89 -10.88 -36.81 -38.00
CA SER G 89 -11.71 -37.83 -37.38
C SER G 89 -11.08 -39.22 -37.53
N SER G 90 -11.65 -40.18 -36.82
CA SER G 90 -11.21 -41.58 -36.84
C SER G 90 -9.72 -41.68 -36.50
N LEU G 91 -9.40 -41.26 -35.28
CA LEU G 91 -8.01 -41.25 -34.83
C LEU G 91 -7.48 -42.66 -34.69
N THR G 92 -6.24 -42.88 -35.15
CA THR G 92 -5.56 -44.16 -35.04
C THR G 92 -4.26 -43.98 -34.25
N SER G 93 -3.65 -45.12 -33.92
CA SER G 93 -2.39 -45.09 -33.18
C SER G 93 -1.26 -44.46 -34.00
N GLU G 94 -1.39 -44.44 -35.33
CA GLU G 94 -0.40 -43.79 -36.18
C GLU G 94 -0.66 -42.30 -36.35
N ASP G 95 -1.83 -41.81 -35.91
CA ASP G 95 -2.15 -40.39 -36.05
C ASP G 95 -1.54 -39.55 -34.94
N THR G 96 -1.00 -40.16 -33.88
CA THR G 96 -0.34 -39.41 -32.82
C THR G 96 0.91 -38.75 -33.39
N ALA G 97 0.90 -37.43 -33.47
CA ALA G 97 1.98 -36.69 -34.12
C ALA G 97 1.96 -35.25 -33.64
N VAL G 98 2.96 -34.50 -34.07
CA VAL G 98 3.05 -33.07 -33.80
C VAL G 98 2.58 -32.33 -35.05
N TYR G 99 1.53 -31.54 -34.90
CA TYR G 99 0.89 -30.86 -36.02
C TYR G 99 1.37 -29.42 -36.11
N PHE G 100 1.75 -29.00 -37.31
CA PHE G 100 2.25 -27.66 -37.56
C PHE G 100 1.30 -26.94 -38.52
N CYS G 101 0.92 -25.72 -38.17
CA CYS G 101 0.21 -24.84 -39.08
C CYS G 101 1.18 -23.83 -39.66
N ALA G 102 0.97 -23.47 -40.93
CA ALA G 102 1.86 -22.54 -41.59
C ALA G 102 1.12 -21.86 -42.73
N ARG G 103 1.31 -20.54 -42.83
CA ARG G 103 0.72 -19.74 -43.88
C ARG G 103 1.76 -19.42 -44.95
N ASP G 104 1.25 -19.07 -46.14
CA ASP G 104 2.12 -18.69 -47.23
C ASP G 104 2.83 -17.37 -46.93
N GLU G 105 3.83 -17.05 -47.75
CA GLU G 105 4.59 -15.82 -47.55
C GLU G 105 3.91 -14.62 -48.20
N HIS G 106 3.56 -14.74 -49.47
CA HIS G 106 2.93 -13.66 -50.21
C HIS G 106 1.41 -13.82 -50.21
N ASP G 107 0.71 -12.69 -50.24
CA ASP G 107 -0.75 -12.67 -50.16
C ASP G 107 -1.35 -12.89 -51.55
N TYR G 108 -1.26 -14.14 -52.02
CA TYR G 108 -1.89 -14.58 -53.26
C TYR G 108 -1.38 -13.81 -54.47
N VAL G 109 -0.12 -13.38 -54.43
CA VAL G 109 0.49 -12.68 -55.56
C VAL G 109 1.92 -13.19 -55.73
N TRP G 110 2.06 -14.50 -55.94
CA TRP G 110 3.37 -15.14 -55.97
C TRP G 110 3.37 -16.23 -57.04
N GLY G 111 3.01 -15.84 -58.26
CA GLY G 111 2.91 -16.78 -59.37
C GLY G 111 1.89 -17.87 -59.08
N SER G 112 2.21 -19.08 -59.53
CA SER G 112 1.40 -20.26 -59.26
C SER G 112 1.98 -21.12 -58.15
N TYR G 113 2.97 -20.62 -57.42
CA TYR G 113 3.59 -21.42 -56.37
C TYR G 113 2.66 -21.59 -55.17
N ARG G 114 1.58 -20.81 -55.09
CA ARG G 114 0.55 -21.08 -54.10
C ARG G 114 -0.17 -22.39 -54.44
N PRO G 115 -0.45 -23.24 -53.45
CA PRO G 115 -0.18 -23.04 -52.02
C PRO G 115 1.29 -23.26 -51.65
N SER G 116 1.94 -22.18 -51.21
CA SER G 116 3.31 -22.23 -50.74
C SER G 116 3.33 -22.62 -49.27
N LEU G 117 4.54 -22.67 -48.70
CA LEU G 117 4.68 -22.94 -47.27
C LEU G 117 5.85 -22.19 -46.63
N THR G 118 6.45 -21.21 -47.31
CA THR G 118 7.44 -20.37 -46.64
C THR G 118 6.75 -19.31 -45.80
N GLY G 119 7.53 -18.62 -44.98
CA GLY G 119 7.00 -17.58 -44.13
C GLY G 119 6.85 -18.04 -42.70
N PRO G 120 5.67 -17.82 -42.10
CA PRO G 120 5.48 -18.18 -40.69
C PRO G 120 4.89 -19.57 -40.50
N TRP G 121 5.46 -20.33 -39.59
CA TRP G 121 4.95 -21.64 -39.19
C TRP G 121 4.43 -21.58 -37.76
N GLY G 122 3.71 -22.63 -37.37
CA GLY G 122 3.23 -22.74 -36.01
C GLY G 122 4.28 -23.24 -35.04
N GLN G 123 3.93 -23.20 -33.76
CA GLN G 123 4.85 -23.64 -32.71
C GLN G 123 4.84 -25.15 -32.50
N GLY G 124 3.94 -25.87 -33.17
CA GLY G 124 3.85 -27.31 -33.00
C GLY G 124 2.92 -27.71 -31.88
N THR G 125 2.01 -28.65 -32.15
CA THR G 125 1.04 -29.13 -31.17
C THR G 125 1.10 -30.64 -31.14
N LEU G 126 1.39 -31.19 -29.95
CA LEU G 126 1.49 -32.64 -29.77
C LEU G 126 0.12 -33.20 -29.40
N VAL G 127 -0.42 -34.05 -30.27
CA VAL G 127 -1.70 -34.72 -30.04
C VAL G 127 -1.40 -36.20 -29.81
N THR G 128 -1.70 -36.68 -28.61
CA THR G 128 -1.46 -38.07 -28.23
C THR G 128 -2.79 -38.81 -28.19
N VAL G 129 -2.94 -39.79 -29.08
CA VAL G 129 -4.15 -40.59 -29.17
C VAL G 129 -3.90 -41.92 -28.47
N SER G 130 -4.56 -42.14 -27.35
CA SER G 130 -4.42 -43.37 -26.60
C SER G 130 -5.61 -43.53 -25.66
N SER G 131 -6.00 -44.79 -25.43
CA SER G 131 -7.08 -45.07 -24.50
C SER G 131 -6.71 -44.73 -23.06
N ALA G 132 -5.43 -44.48 -22.78
CA ALA G 132 -5.02 -44.07 -21.44
C ALA G 132 -5.60 -42.71 -21.11
N SER G 133 -5.63 -42.39 -19.83
CA SER G 133 -6.26 -41.19 -19.31
C SER G 133 -5.22 -40.12 -19.01
N THR G 134 -5.65 -38.86 -19.13
CA THR G 134 -4.79 -37.74 -18.77
C THR G 134 -4.60 -37.68 -17.26
N LYS G 135 -3.48 -37.08 -16.85
CA LYS G 135 -3.16 -36.99 -15.43
C LYS G 135 -2.19 -35.84 -15.22
N GLY G 136 -2.56 -34.89 -14.36
CA GLY G 136 -1.72 -33.76 -14.07
C GLY G 136 -0.45 -34.16 -13.34
N PRO G 137 0.61 -33.38 -13.53
CA PRO G 137 1.89 -33.73 -12.91
C PRO G 137 1.95 -33.39 -11.43
N SER G 138 2.80 -34.11 -10.72
CA SER G 138 3.10 -33.85 -9.32
C SER G 138 4.47 -33.17 -9.26
N VAL G 139 4.48 -31.86 -9.03
CA VAL G 139 5.69 -31.06 -9.09
C VAL G 139 6.25 -30.88 -7.68
N PHE G 140 7.55 -31.12 -7.53
CA PHE G 140 8.25 -30.96 -6.27
C PHE G 140 9.53 -30.15 -6.49
N PRO G 141 9.90 -29.30 -5.56
CA PRO G 141 11.14 -28.51 -5.71
C PRO G 141 12.37 -29.31 -5.30
N LEU G 142 13.47 -29.03 -6.00
CA LEU G 142 14.76 -29.65 -5.72
C LEU G 142 15.66 -28.58 -5.10
N ALA G 143 15.75 -28.59 -3.77
CA ALA G 143 16.54 -27.58 -3.07
C ALA G 143 18.03 -27.83 -3.28
N PRO G 144 18.84 -26.76 -3.34
CA PRO G 144 20.29 -26.94 -3.49
C PRO G 144 20.95 -27.45 -2.21
N SER G 145 22.28 -27.47 -2.19
CA SER G 145 23.02 -27.94 -1.03
C SER G 145 22.93 -26.94 0.12
N THR G 153 28.99 -21.37 -6.75
CA THR G 153 27.67 -21.49 -7.37
C THR G 153 26.90 -22.67 -6.78
N ALA G 154 25.60 -22.73 -7.08
CA ALA G 154 24.75 -23.81 -6.60
C ALA G 154 23.68 -24.08 -7.65
N ALA G 155 23.17 -25.30 -7.65
CA ALA G 155 22.19 -25.76 -8.64
C ALA G 155 20.95 -26.26 -7.90
N LEU G 156 19.84 -25.52 -8.05
CA LEU G 156 18.55 -25.95 -7.54
C LEU G 156 17.80 -26.68 -8.66
N GLY G 157 16.49 -26.73 -8.59
CA GLY G 157 15.71 -27.34 -9.65
C GLY G 157 14.32 -27.69 -9.20
N CYS G 158 13.57 -28.30 -10.12
CA CYS G 158 12.20 -28.72 -9.88
C CYS G 158 12.00 -30.11 -10.48
N LEU G 159 11.24 -30.94 -9.77
CA LEU G 159 10.93 -32.29 -10.20
C LEU G 159 9.49 -32.36 -10.68
N VAL G 160 9.30 -32.84 -11.91
CA VAL G 160 7.98 -33.04 -12.49
C VAL G 160 7.77 -34.55 -12.58
N LYS G 161 7.02 -35.10 -11.63
CA LYS G 161 6.89 -36.54 -11.47
C LYS G 161 5.49 -37.02 -11.86
N ASP G 162 5.44 -38.17 -12.52
CA ASP G 162 4.20 -38.86 -12.85
C ASP G 162 3.21 -37.98 -13.61
N TYR G 163 3.41 -37.84 -14.91
CA TYR G 163 2.48 -37.11 -15.77
C TYR G 163 2.36 -37.82 -17.10
N PHE G 164 1.21 -37.65 -17.75
CA PHE G 164 0.97 -38.25 -19.04
C PHE G 164 -0.14 -37.48 -19.74
N PRO G 165 -0.02 -37.19 -21.03
CA PRO G 165 1.17 -37.52 -21.83
C PRO G 165 2.12 -36.34 -22.01
N GLU G 166 3.02 -36.46 -22.98
CA GLU G 166 3.91 -35.37 -23.31
C GLU G 166 3.16 -34.31 -24.11
N PRO G 167 3.68 -33.07 -24.17
CA PRO G 167 4.89 -32.55 -23.51
C PRO G 167 4.60 -31.59 -22.36
N VAL G 168 5.66 -31.12 -21.71
CA VAL G 168 5.56 -30.08 -20.69
C VAL G 168 6.66 -29.05 -20.96
N THR G 169 6.40 -27.81 -20.57
CA THR G 169 7.34 -26.71 -20.73
C THR G 169 7.72 -26.19 -19.35
N VAL G 170 9.02 -26.05 -19.11
CA VAL G 170 9.54 -25.62 -17.82
C VAL G 170 10.35 -24.34 -18.03
N SER G 171 9.92 -23.26 -17.37
CA SER G 171 10.64 -22.00 -17.37
C SER G 171 10.88 -21.57 -15.93
N TRP G 172 11.75 -20.57 -15.76
CA TRP G 172 12.14 -20.11 -14.43
C TRP G 172 11.94 -18.60 -14.34
N ASN G 173 11.23 -18.17 -13.29
CA ASN G 173 10.98 -16.75 -13.03
C ASN G 173 10.31 -16.08 -14.22
N SER G 174 9.32 -16.77 -14.80
CA SER G 174 8.55 -16.25 -15.94
C SER G 174 9.45 -15.90 -17.11
N GLY G 175 10.50 -16.69 -17.31
CA GLY G 175 11.43 -16.49 -18.40
C GLY G 175 12.55 -15.53 -18.12
N ALA G 176 12.54 -14.84 -16.98
CA ALA G 176 13.61 -13.90 -16.66
C ALA G 176 14.92 -14.62 -16.34
N LEU G 177 14.87 -15.90 -16.00
CA LEU G 177 16.06 -16.69 -15.68
C LEU G 177 16.30 -17.63 -16.86
N THR G 178 17.24 -17.26 -17.73
CA THR G 178 17.58 -18.06 -18.90
C THR G 178 18.96 -18.67 -18.84
N SER G 179 19.89 -18.09 -18.08
CA SER G 179 21.24 -18.61 -17.98
C SER G 179 21.28 -19.79 -17.04
N GLY G 180 21.93 -20.88 -17.48
CA GLY G 180 22.05 -22.07 -16.68
C GLY G 180 20.89 -23.03 -16.75
N VAL G 181 19.81 -22.67 -17.43
CA VAL G 181 18.64 -23.54 -17.51
C VAL G 181 18.94 -24.69 -18.47
N HIS G 182 18.70 -25.92 -18.01
CA HIS G 182 18.92 -27.13 -18.81
C HIS G 182 17.77 -28.09 -18.51
N THR G 183 16.71 -28.00 -19.32
CA THR G 183 15.57 -28.89 -19.17
C THR G 183 15.88 -30.23 -19.81
N PHE G 184 15.77 -31.31 -19.02
CA PHE G 184 16.10 -32.64 -19.51
C PHE G 184 14.87 -33.31 -20.10
N PRO G 185 15.06 -34.19 -21.09
CA PRO G 185 13.92 -34.89 -21.69
C PRO G 185 13.25 -35.81 -20.67
N ALA G 186 12.00 -36.17 -20.97
CA ALA G 186 11.20 -36.96 -20.06
C ALA G 186 11.56 -38.44 -20.16
N VAL G 187 11.43 -39.14 -19.03
CA VAL G 187 11.61 -40.57 -18.97
C VAL G 187 10.26 -41.24 -18.96
N LEU G 188 10.10 -42.30 -19.75
CA LEU G 188 8.87 -43.07 -19.82
C LEU G 188 9.02 -44.26 -18.88
N GLN G 189 8.40 -44.16 -17.70
CA GLN G 189 8.52 -45.20 -16.70
C GLN G 189 7.73 -46.44 -17.11
N SER G 190 7.93 -47.53 -16.36
CA SER G 190 7.20 -48.76 -16.63
C SER G 190 5.71 -48.59 -16.40
N SER G 191 5.32 -47.64 -15.54
CA SER G 191 3.91 -47.34 -15.32
C SER G 191 3.28 -46.56 -16.46
N GLY G 192 4.04 -46.23 -17.51
CA GLY G 192 3.52 -45.48 -18.62
C GLY G 192 3.39 -43.99 -18.38
N LEU G 193 3.87 -43.49 -17.25
CA LEU G 193 3.78 -42.08 -16.90
C LEU G 193 5.15 -41.44 -17.02
N TYR G 194 5.19 -40.24 -17.60
CA TYR G 194 6.45 -39.55 -17.86
C TYR G 194 6.92 -38.80 -16.61
N SER G 195 8.16 -38.32 -16.68
CA SER G 195 8.79 -37.59 -15.59
C SER G 195 10.06 -36.94 -16.10
N LEU G 196 10.34 -35.72 -15.66
CA LEU G 196 11.57 -35.02 -16.01
C LEU G 196 11.85 -33.96 -14.96
N SER G 197 13.05 -33.40 -15.03
CA SER G 197 13.49 -32.38 -14.09
C SER G 197 14.37 -31.37 -14.80
N SER G 198 14.35 -30.13 -14.28
CA SER G 198 15.19 -29.05 -14.79
C SER G 198 16.10 -28.56 -13.67
N VAL G 199 17.25 -28.01 -14.05
CA VAL G 199 18.25 -27.54 -13.10
C VAL G 199 18.90 -26.28 -13.65
N VAL G 200 19.05 -25.26 -12.81
CA VAL G 200 19.63 -23.99 -13.19
C VAL G 200 20.86 -23.74 -12.34
N THR G 201 21.90 -23.19 -12.97
CA THR G 201 23.13 -22.80 -12.27
C THR G 201 23.01 -21.33 -11.90
N VAL G 202 22.93 -21.03 -10.60
CA VAL G 202 22.76 -19.67 -10.12
C VAL G 202 23.90 -19.34 -9.17
N PRO G 203 24.27 -18.06 -9.02
CA PRO G 203 25.38 -17.71 -8.12
C PRO G 203 25.02 -17.97 -6.66
N SER G 204 26.07 -18.14 -5.85
CA SER G 204 25.89 -18.38 -4.43
C SER G 204 25.57 -17.11 -3.65
N SER G 205 25.90 -15.93 -4.20
CA SER G 205 25.66 -14.67 -3.52
C SER G 205 24.21 -14.21 -3.63
N SER G 206 23.38 -14.87 -4.42
CA SER G 206 21.99 -14.48 -4.60
C SER G 206 20.99 -15.42 -3.93
N LEU G 207 21.45 -16.56 -3.40
CA LEU G 207 20.53 -17.49 -2.74
C LEU G 207 19.93 -16.90 -1.47
N GLY G 208 20.55 -15.89 -0.88
CA GLY G 208 20.03 -15.22 0.29
C GLY G 208 19.27 -13.95 0.03
N THR G 209 18.87 -13.68 -1.21
CA THR G 209 18.13 -12.47 -1.53
C THR G 209 17.21 -12.68 -2.73
N GLN G 210 17.61 -13.50 -3.68
CA GLN G 210 16.83 -13.74 -4.89
C GLN G 210 15.84 -14.88 -4.66
N THR G 211 14.67 -14.74 -5.27
CA THR G 211 13.63 -15.77 -5.22
C THR G 211 13.64 -16.54 -6.53
N TYR G 212 13.63 -17.87 -6.43
CA TYR G 212 13.68 -18.76 -7.59
C TYR G 212 12.39 -19.57 -7.64
N ILE G 213 11.59 -19.33 -8.68
CA ILE G 213 10.31 -20.01 -8.87
C ILE G 213 10.31 -20.62 -10.26
N CYS G 214 10.09 -21.94 -10.33
CA CYS G 214 10.01 -22.63 -11.61
C CYS G 214 8.57 -22.67 -12.09
N ASN G 215 8.39 -22.52 -13.39
CA ASN G 215 7.08 -22.54 -14.02
C ASN G 215 6.96 -23.79 -14.88
N VAL G 216 5.96 -24.62 -14.58
CA VAL G 216 5.73 -25.87 -15.29
C VAL G 216 4.32 -25.84 -15.88
N ASN G 217 4.20 -26.14 -17.16
CA ASN G 217 2.93 -26.14 -17.87
C ASN G 217 2.59 -27.54 -18.33
N HIS G 218 1.32 -27.93 -18.14
CA HIS G 218 0.79 -29.20 -18.63
C HIS G 218 -0.47 -28.89 -19.41
N LYS G 219 -0.30 -28.60 -20.70
CA LYS G 219 -1.45 -28.27 -21.55
C LYS G 219 -2.50 -29.38 -21.64
N PRO G 220 -2.15 -30.66 -21.76
CA PRO G 220 -3.20 -31.67 -21.90
C PRO G 220 -4.16 -31.75 -20.72
N SER G 221 -3.67 -31.54 -19.50
CA SER G 221 -4.53 -31.60 -18.31
C SER G 221 -4.83 -30.21 -17.75
N ASN G 222 -4.53 -29.15 -18.50
CA ASN G 222 -4.88 -27.78 -18.11
C ASN G 222 -4.30 -27.41 -16.76
N THR G 223 -3.06 -27.82 -16.51
CA THR G 223 -2.38 -27.59 -15.24
C THR G 223 -1.14 -26.77 -15.46
N LYS G 224 -1.06 -25.62 -14.78
CA LYS G 224 0.13 -24.76 -14.79
C LYS G 224 0.52 -24.50 -13.34
N VAL G 225 1.70 -24.96 -12.95
CA VAL G 225 2.14 -24.94 -11.56
C VAL G 225 3.43 -24.15 -11.44
N ASP G 226 3.47 -23.22 -10.50
CA ASP G 226 4.69 -22.51 -10.12
C ASP G 226 5.11 -22.99 -8.75
N LYS G 227 6.39 -23.33 -8.60
CA LYS G 227 6.91 -23.90 -7.37
C LYS G 227 8.10 -23.07 -6.89
N LYS G 228 8.01 -22.56 -5.66
CA LYS G 228 9.09 -21.78 -5.08
C LYS G 228 10.14 -22.71 -4.49
N VAL G 229 11.38 -22.54 -4.92
CA VAL G 229 12.50 -23.37 -4.47
C VAL G 229 13.23 -22.63 -3.36
N GLU G 230 13.19 -23.18 -2.15
CA GLU G 230 13.82 -22.60 -0.99
C GLU G 230 14.97 -23.48 -0.51
N PRO G 231 16.04 -22.88 0.04
CA PRO G 231 17.18 -23.63 0.58
C PRO G 231 16.79 -24.61 1.68
N SER H 7 -19.06 22.85 -24.98
CA SER H 7 -18.85 22.20 -26.27
C SER H 7 -19.24 20.73 -26.21
N ALA H 8 -19.62 20.26 -25.02
CA ALA H 8 -20.01 18.88 -24.81
C ALA H 8 -21.52 18.78 -24.67
N LEU H 9 -21.99 17.53 -24.65
CA LEU H 9 -23.42 17.27 -24.50
C LEU H 9 -23.85 17.44 -23.05
N THR H 10 -25.06 17.96 -22.86
CA THR H 10 -25.58 18.22 -21.52
C THR H 10 -26.41 17.04 -21.04
N GLN H 11 -26.05 16.50 -19.87
CA GLN H 11 -26.78 15.41 -19.25
C GLN H 11 -27.02 15.71 -17.79
N PRO H 12 -28.17 15.30 -17.24
CA PRO H 12 -28.41 15.48 -15.81
C PRO H 12 -27.52 14.56 -15.00
N PRO H 13 -27.01 15.04 -13.86
CA PRO H 13 -26.09 14.21 -13.05
C PRO H 13 -26.74 12.97 -12.49
N SER H 14 -27.85 13.13 -11.76
CA SER H 14 -28.49 12.04 -11.06
C SER H 14 -29.76 11.60 -11.77
N THR H 15 -30.18 10.37 -11.47
CA THR H 15 -31.41 9.81 -12.00
C THR H 15 -31.79 8.61 -11.15
N SER H 16 -33.05 8.52 -10.75
CA SER H 16 -33.52 7.46 -9.88
C SER H 16 -34.86 6.94 -10.36
N GLY H 17 -35.20 5.73 -9.91
CA GLY H 17 -36.46 5.11 -10.27
C GLY H 17 -36.71 3.87 -9.46
N SER H 18 -37.98 3.47 -9.40
CA SER H 18 -38.36 2.28 -8.66
C SER H 18 -38.09 1.03 -9.48
N PRO H 19 -37.75 -0.09 -8.83
CA PRO H 19 -37.44 -1.31 -9.59
C PRO H 19 -38.67 -1.85 -10.31
N GLY H 20 -38.44 -2.27 -11.54
CA GLY H 20 -39.50 -2.83 -12.36
C GLY H 20 -40.31 -1.82 -13.16
N GLN H 21 -39.99 -0.53 -13.04
CA GLN H 21 -40.72 0.52 -13.74
C GLN H 21 -39.83 1.16 -14.80
N SER H 22 -40.13 2.39 -15.19
CA SER H 22 -39.45 3.07 -16.27
C SER H 22 -38.80 4.35 -15.79
N VAL H 23 -37.86 4.85 -16.60
CA VAL H 23 -37.20 6.12 -16.34
C VAL H 23 -36.68 6.64 -17.68
N THR H 24 -36.68 7.96 -17.83
CA THR H 24 -36.27 8.60 -19.08
C THR H 24 -35.23 9.67 -18.79
N ILE H 25 -34.12 9.60 -19.51
CA ILE H 25 -33.04 10.58 -19.39
C ILE H 25 -32.85 11.26 -20.74
N SER H 26 -32.37 12.50 -20.70
CA SER H 26 -32.27 13.34 -21.88
C SER H 26 -30.81 13.53 -22.30
N CYS H 27 -30.63 13.91 -23.56
CA CYS H 27 -29.31 14.19 -24.12
C CYS H 27 -29.47 15.33 -25.10
N THR H 28 -29.03 16.52 -24.72
CA THR H 28 -29.21 17.73 -25.52
C THR H 28 -27.91 18.07 -26.24
N GLY H 29 -28.02 18.35 -27.55
CA GLY H 29 -26.87 18.75 -28.35
C GLY H 29 -27.08 20.04 -29.09
N THR H 30 -26.27 20.30 -30.10
CA THR H 30 -26.34 21.51 -30.90
C THR H 30 -26.73 21.16 -32.34
N GLY H 31 -26.85 22.21 -33.17
CA GLY H 31 -27.22 21.98 -34.55
C GLY H 31 -26.16 21.24 -35.34
N ILE H 32 -24.89 21.49 -35.03
CA ILE H 32 -23.80 20.77 -35.68
C ILE H 32 -23.50 19.43 -35.03
N ASP H 33 -24.30 19.03 -34.04
CA ASP H 33 -24.09 17.76 -33.35
C ASP H 33 -25.31 16.87 -33.45
N VAL H 34 -26.24 17.01 -32.51
CA VAL H 34 -27.42 16.15 -32.47
C VAL H 34 -28.44 16.59 -33.51
N GLY H 35 -28.72 17.89 -33.57
CA GLY H 35 -29.74 18.41 -34.47
C GLY H 35 -29.28 18.58 -35.90
N GLY H 36 -28.28 17.80 -36.31
CA GLY H 36 -27.78 17.86 -37.67
C GLY H 36 -27.52 16.50 -38.28
N PHE H 37 -27.45 15.47 -37.44
CA PHE H 37 -27.19 14.11 -37.89
C PHE H 37 -28.03 13.14 -37.07
N SER H 38 -28.56 12.13 -37.74
CA SER H 38 -29.31 11.06 -37.07
C SER H 38 -28.34 10.10 -36.43
N TYR H 39 -27.34 10.64 -35.74
CA TYR H 39 -26.14 9.89 -35.37
C TYR H 39 -25.88 10.07 -33.88
N VAL H 40 -26.82 9.64 -33.05
CA VAL H 40 -26.64 9.63 -31.61
C VAL H 40 -26.54 8.19 -31.13
N SER H 41 -25.95 8.02 -29.95
CA SER H 41 -25.69 6.69 -29.40
C SER H 41 -25.75 6.76 -27.88
N TRP H 42 -25.59 5.60 -27.24
CA TRP H 42 -25.60 5.49 -25.79
C TRP H 42 -24.65 4.36 -25.38
N PHE H 43 -24.11 4.48 -24.17
CA PHE H 43 -23.15 3.50 -23.67
C PHE H 43 -23.36 3.27 -22.19
N GLN H 44 -23.43 1.99 -21.80
CA GLN H 44 -23.52 1.61 -20.39
C GLN H 44 -22.12 1.52 -19.80
N TYR H 45 -21.93 2.15 -18.64
CA TYR H 45 -20.61 2.25 -18.03
C TYR H 45 -20.71 1.81 -16.57
N HIS H 46 -20.19 0.63 -16.27
CA HIS H 46 -19.93 0.25 -14.88
C HIS H 46 -18.61 0.87 -14.45
N PRO H 47 -18.58 1.69 -13.39
CA PRO H 47 -17.37 2.47 -13.08
C PRO H 47 -16.17 1.57 -12.86
N GLY H 48 -15.08 1.88 -13.58
CA GLY H 48 -13.86 1.12 -13.53
C GLY H 48 -13.70 0.11 -14.65
N LYS H 49 -14.75 -0.15 -15.43
CA LYS H 49 -14.73 -1.13 -16.50
C LYS H 49 -14.83 -0.43 -17.85
N ALA H 50 -15.15 -1.19 -18.90
CA ALA H 50 -15.25 -0.68 -20.26
C ALA H 50 -16.70 -0.41 -20.64
N PRO H 51 -16.95 0.62 -21.44
CA PRO H 51 -18.33 0.92 -21.85
C PRO H 51 -18.87 -0.15 -22.79
N LYS H 52 -20.20 -0.20 -22.85
CA LYS H 52 -20.91 -1.14 -23.72
C LYS H 52 -22.02 -0.39 -24.44
N LEU H 53 -22.07 -0.51 -25.76
CA LEU H 53 -23.04 0.22 -26.56
C LEU H 53 -24.45 -0.29 -26.28
N ILE H 54 -25.33 0.62 -25.88
CA ILE H 54 -26.73 0.30 -25.65
C ILE H 54 -27.59 0.65 -26.85
N ILE H 55 -27.39 1.85 -27.42
CA ILE H 55 -28.15 2.32 -28.56
C ILE H 55 -27.17 2.89 -29.59
N PHE H 56 -27.47 2.67 -30.86
CA PHE H 56 -26.70 3.24 -31.96
C PHE H 56 -27.66 3.80 -32.99
N GLU H 57 -27.27 4.91 -33.61
CA GLU H 57 -28.05 5.57 -34.65
C GLU H 57 -29.47 5.86 -34.16
N VAL H 58 -29.55 6.76 -33.18
CA VAL H 58 -30.79 7.23 -32.57
C VAL H 58 -31.54 6.11 -31.86
N THR H 59 -32.05 5.15 -32.63
CA THR H 59 -32.97 4.16 -32.08
C THR H 59 -32.52 2.70 -32.20
N LYS H 60 -31.54 2.40 -33.05
CA LYS H 60 -31.14 1.01 -33.23
C LYS H 60 -30.37 0.51 -32.03
N ARG H 61 -30.59 -0.76 -31.68
CA ARG H 61 -29.91 -1.41 -30.57
C ARG H 61 -29.12 -2.62 -31.06
N PRO H 62 -27.96 -2.89 -30.50
CA PRO H 62 -27.18 -4.07 -30.90
C PRO H 62 -27.93 -5.35 -30.56
N SER H 63 -27.54 -6.43 -31.24
CA SER H 63 -28.15 -7.73 -31.00
C SER H 63 -27.83 -8.21 -29.59
N GLY H 64 -28.87 -8.61 -28.85
CA GLY H 64 -28.75 -9.00 -27.47
C GLY H 64 -29.37 -8.00 -26.50
N VAL H 65 -29.42 -6.73 -26.87
CA VAL H 65 -30.07 -5.72 -26.03
C VAL H 65 -31.58 -5.91 -26.09
N PRO H 66 -32.27 -5.99 -24.96
CA PRO H 66 -33.71 -6.22 -24.97
C PRO H 66 -34.47 -5.04 -25.57
N ASP H 67 -35.73 -5.30 -25.90
CA ASP H 67 -36.59 -4.29 -26.50
C ASP H 67 -37.08 -3.26 -25.48
N ARG H 68 -36.79 -3.44 -24.20
CA ARG H 68 -37.21 -2.48 -23.20
C ARG H 68 -36.38 -1.20 -23.23
N PHE H 69 -35.22 -1.22 -23.89
CA PHE H 69 -34.42 -0.03 -24.12
C PHE H 69 -34.87 0.63 -25.42
N SER H 70 -35.18 1.92 -25.34
CA SER H 70 -35.66 2.67 -26.49
C SER H 70 -34.92 3.99 -26.59
N GLY H 71 -34.85 4.52 -27.81
CA GLY H 71 -34.21 5.80 -28.06
C GLY H 71 -35.03 6.62 -29.03
N SER H 72 -34.93 7.94 -28.88
CA SER H 72 -35.67 8.86 -29.71
C SER H 72 -35.05 10.25 -29.60
N LYS H 73 -35.33 11.08 -30.60
CA LYS H 73 -34.87 12.46 -30.60
C LYS H 73 -35.76 13.27 -31.53
N SER H 74 -35.84 14.58 -31.24
CA SER H 74 -36.63 15.50 -32.05
C SER H 74 -35.95 16.86 -32.00
N GLY H 75 -34.97 17.04 -32.87
CA GLY H 75 -34.19 18.27 -32.91
C GLY H 75 -32.87 18.11 -32.16
N ASN H 76 -32.61 19.01 -31.22
CA ASN H 76 -31.39 19.00 -30.43
C ASN H 76 -31.52 18.16 -29.17
N THR H 77 -32.69 17.60 -28.88
CA THR H 77 -32.93 16.84 -27.66
C THR H 77 -33.13 15.38 -27.99
N ALA H 78 -32.38 14.51 -27.33
CA ALA H 78 -32.50 13.07 -27.47
C ALA H 78 -32.87 12.45 -26.13
N SER H 79 -33.62 11.36 -26.18
CA SER H 79 -34.11 10.69 -24.98
C SER H 79 -33.89 9.19 -25.10
N LEU H 80 -33.55 8.56 -23.97
CA LEU H 80 -33.35 7.12 -23.88
C LEU H 80 -34.16 6.60 -22.70
N THR H 81 -35.25 5.88 -23.00
CA THR H 81 -36.14 5.35 -21.97
C THR H 81 -35.77 3.90 -21.67
N ILE H 82 -35.62 3.59 -20.39
CA ILE H 82 -35.26 2.24 -19.94
C ILE H 82 -36.47 1.66 -19.22
N SER H 83 -37.08 0.64 -19.81
CA SER H 83 -38.21 -0.05 -19.22
C SER H 83 -37.76 -1.33 -18.52
N GLY H 84 -38.56 -1.77 -17.55
CA GLY H 84 -38.25 -2.96 -16.79
C GLY H 84 -36.89 -2.91 -16.13
N LEU H 85 -36.75 -2.07 -15.12
CA LEU H 85 -35.46 -1.85 -14.48
C LEU H 85 -35.02 -3.07 -13.69
N GLN H 86 -33.80 -3.52 -13.95
CA GLN H 86 -33.20 -4.64 -13.24
C GLN H 86 -32.02 -4.15 -12.41
N ALA H 87 -31.53 -5.04 -11.53
CA ALA H 87 -30.44 -4.67 -10.64
C ALA H 87 -29.15 -4.40 -11.40
N ASP H 88 -28.92 -5.09 -12.52
CA ASP H 88 -27.71 -4.89 -13.30
C ASP H 88 -27.75 -3.64 -14.16
N ASP H 89 -28.89 -2.94 -14.22
CA ASP H 89 -29.00 -1.73 -15.01
C ASP H 89 -28.41 -0.51 -14.33
N GLU H 90 -27.97 -0.63 -13.07
CA GLU H 90 -27.40 0.50 -12.33
C GLU H 90 -26.01 0.80 -12.89
N ALA H 91 -25.92 1.87 -13.68
CA ALA H 91 -24.65 2.27 -14.28
C ALA H 91 -24.76 3.72 -14.73
N GLU H 92 -23.62 4.27 -15.15
CA GLU H 92 -23.57 5.63 -15.68
C GLU H 92 -23.79 5.59 -17.18
N TYR H 93 -24.89 6.18 -17.64
CA TYR H 93 -25.28 6.15 -19.04
C TYR H 93 -24.78 7.40 -19.74
N TYR H 94 -23.88 7.22 -20.70
CA TYR H 94 -23.30 8.32 -21.47
C TYR H 94 -23.83 8.27 -22.90
N CYS H 95 -24.30 9.40 -23.40
CA CYS H 95 -24.70 9.52 -24.79
C CYS H 95 -23.58 10.14 -25.61
N SER H 96 -23.64 9.92 -26.92
CA SER H 96 -22.62 10.43 -27.83
C SER H 96 -23.26 10.75 -29.17
N SER H 97 -22.55 11.53 -29.97
CA SER H 97 -23.03 11.91 -31.29
C SER H 97 -21.85 12.33 -32.15
N TYR H 98 -22.03 12.21 -33.47
CA TYR H 98 -21.02 12.65 -34.42
C TYR H 98 -21.08 14.17 -34.56
N ALA H 99 -19.91 14.80 -34.50
CA ALA H 99 -19.78 16.24 -34.70
C ALA H 99 -19.25 16.53 -36.09
N VAL H 100 -19.46 17.78 -36.54
CA VAL H 100 -19.09 18.15 -37.90
C VAL H 100 -17.58 18.02 -38.09
N ASN H 101 -17.19 17.68 -39.32
CA ASN H 101 -15.78 17.57 -39.73
C ASN H 101 -15.04 16.52 -38.90
N ASN H 102 -15.40 15.26 -39.17
CA ASN H 102 -14.86 14.06 -38.53
C ASN H 102 -14.53 14.27 -37.05
N ASN H 103 -15.55 14.49 -36.23
CA ASN H 103 -15.37 14.73 -34.81
C ASN H 103 -16.44 14.00 -34.03
N PHE H 104 -16.07 13.49 -32.85
CA PHE H 104 -16.99 12.78 -31.99
C PHE H 104 -17.08 13.47 -30.63
N VAL H 105 -18.30 13.59 -30.12
CA VAL H 105 -18.55 14.26 -28.85
C VAL H 105 -19.33 13.31 -27.94
N PHE H 106 -18.99 13.33 -26.66
CA PHE H 106 -19.66 12.53 -25.64
C PHE H 106 -20.42 13.44 -24.69
N GLY H 107 -21.06 12.83 -23.69
CA GLY H 107 -21.81 13.54 -22.69
C GLY H 107 -21.14 13.54 -21.34
N THR H 108 -21.84 14.10 -20.35
CA THR H 108 -21.33 14.16 -18.99
C THR H 108 -21.73 12.95 -18.16
N GLY H 109 -22.75 12.20 -18.56
CA GLY H 109 -23.13 11.00 -17.86
C GLY H 109 -24.32 11.18 -16.93
N THR H 110 -25.31 10.30 -17.06
CA THR H 110 -26.50 10.33 -16.21
C THR H 110 -26.51 9.06 -15.37
N LYS H 111 -26.22 9.20 -14.08
CA LYS H 111 -26.17 8.06 -13.17
C LYS H 111 -27.58 7.62 -12.83
N VAL H 112 -27.92 6.39 -13.18
CA VAL H 112 -29.23 5.80 -12.91
C VAL H 112 -29.09 4.83 -11.74
N THR H 113 -29.96 4.96 -10.75
CA THR H 113 -29.94 4.13 -9.56
C THR H 113 -31.14 3.20 -9.53
N VAL H 114 -30.88 1.91 -9.36
CA VAL H 114 -31.93 0.91 -9.19
C VAL H 114 -32.09 0.67 -7.70
N LEU H 115 -33.20 1.14 -7.14
CA LEU H 115 -33.38 1.18 -5.69
C LEU H 115 -33.76 -0.20 -5.17
N VAL H 116 -32.81 -0.87 -4.52
CA VAL H 116 -33.09 -2.11 -3.81
C VAL H 116 -33.12 -1.89 -2.30
N SER H 117 -33.23 -0.63 -1.87
CA SER H 117 -33.21 -0.26 -0.46
C SER H 117 -33.98 1.04 -0.30
N PRO H 118 -34.40 1.37 0.93
CA PRO H 118 -35.01 2.69 1.14
C PRO H 118 -34.02 3.83 0.98
N ARG H 119 -34.39 5.04 1.40
CA ARG H 119 -33.56 6.23 1.24
C ARG H 119 -33.25 6.81 2.62
N PRO H 120 -32.27 6.26 3.33
CA PRO H 120 -31.89 6.82 4.62
C PRO H 120 -31.14 8.14 4.47
N THR H 121 -31.32 9.01 5.46
CA THR H 121 -30.66 10.29 5.47
C THR H 121 -29.18 10.14 5.86
N PRO H 122 -28.30 10.98 5.33
CA PRO H 122 -26.88 10.87 5.65
C PRO H 122 -26.57 11.41 7.04
N LEU H 123 -25.81 10.64 7.81
CA LEU H 123 -25.35 11.07 9.13
C LEU H 123 -24.00 11.75 8.97
N SER H 124 -23.93 13.03 9.29
CA SER H 124 -22.73 13.82 9.12
C SER H 124 -21.97 13.95 10.43
N LEU H 125 -20.64 14.00 10.33
CA LEU H 125 -19.77 14.16 11.49
C LEU H 125 -18.67 15.14 11.12
N CYS H 126 -18.76 16.37 11.66
CA CYS H 126 -17.80 17.42 11.38
C CYS H 126 -16.91 17.63 12.61
N SER H 127 -15.62 17.84 12.37
CA SER H 127 -14.66 18.02 13.43
C SER H 127 -13.78 19.24 13.15
N HIS H 128 -13.47 19.99 14.20
CA HIS H 128 -12.60 21.16 14.09
C HIS H 128 -11.14 20.72 14.02
N PRO H 129 -10.27 21.59 13.51
CA PRO H 129 -8.84 21.26 13.50
C PRO H 129 -8.31 21.05 14.92
N ARG H 130 -7.60 19.95 15.11
CA ARG H 130 -7.09 19.60 16.43
C ARG H 130 -6.05 20.63 16.90
N SER H 131 -5.90 20.73 18.22
CA SER H 131 -4.96 21.67 18.80
C SER H 131 -3.51 21.31 18.49
N GLU H 132 -3.24 20.06 18.12
CA GLU H 132 -1.89 19.68 17.75
C GLU H 132 -1.53 20.13 16.35
N GLU H 133 -2.47 20.01 15.40
CA GLU H 133 -2.23 20.49 14.05
C GLU H 133 -2.19 22.01 14.01
N LEU H 134 -3.00 22.67 14.84
CA LEU H 134 -2.96 24.13 14.92
C LEU H 134 -1.60 24.62 15.41
N GLN H 135 -0.90 23.79 16.19
CA GLN H 135 0.46 24.10 16.61
C GLN H 135 1.51 23.75 15.57
N ALA H 136 1.12 23.06 14.49
CA ALA H 136 2.01 22.73 13.38
C ALA H 136 1.82 23.68 12.20
N ASN H 137 1.23 24.85 12.42
CA ASN H 137 0.98 25.83 11.38
C ASN H 137 0.14 25.25 10.25
N LYS H 138 -0.98 24.61 10.63
CA LYS H 138 -1.88 24.00 9.66
C LYS H 138 -3.24 23.82 10.30
N ALA H 139 -4.26 23.71 9.46
CA ALA H 139 -5.63 23.49 9.90
C ALA H 139 -6.38 22.78 8.80
N THR H 140 -7.18 21.78 9.19
CA THR H 140 -7.93 20.98 8.23
C THR H 140 -9.25 20.55 8.87
N LEU H 141 -10.34 21.15 8.43
CA LEU H 141 -11.66 20.76 8.92
C LEU H 141 -12.17 19.57 8.13
N VAL H 142 -12.63 18.54 8.84
CA VAL H 142 -13.08 17.30 8.23
C VAL H 142 -14.58 17.16 8.44
N CYS H 143 -15.32 17.06 7.34
CA CYS H 143 -16.78 16.87 7.37
C CYS H 143 -17.08 15.51 6.74
N LEU H 144 -17.32 14.51 7.59
CA LEU H 144 -17.52 13.15 7.14
C LEU H 144 -19.01 12.86 6.98
N ILE H 145 -19.37 12.24 5.85
CA ILE H 145 -20.75 11.92 5.52
C ILE H 145 -20.83 10.42 5.27
N SER H 146 -21.84 9.77 5.87
CA SER H 146 -21.95 8.32 5.74
C SER H 146 -23.41 7.91 5.82
N ASP H 147 -23.67 6.69 5.32
CA ASP H 147 -24.96 6.03 5.44
C ASP H 147 -26.08 6.83 4.76
N PHE H 148 -25.95 6.95 3.44
CA PHE H 148 -26.98 7.57 2.62
C PHE H 148 -27.18 6.76 1.35
N TYR H 149 -28.43 6.74 0.88
CA TYR H 149 -28.80 5.98 -0.30
C TYR H 149 -29.86 6.75 -1.07
N PRO H 150 -29.64 7.06 -2.36
CA PRO H 150 -28.47 6.67 -3.16
C PRO H 150 -27.23 7.52 -2.87
N GLY H 151 -26.15 7.25 -3.59
CA GLY H 151 -24.89 7.94 -3.36
C GLY H 151 -24.69 9.15 -4.23
N ALA H 152 -25.27 10.29 -3.82
CA ALA H 152 -25.11 11.54 -4.56
C ALA H 152 -25.45 12.68 -3.61
N VAL H 153 -24.43 13.43 -3.19
CA VAL H 153 -24.60 14.52 -2.24
C VAL H 153 -23.83 15.74 -2.72
N THR H 154 -24.28 16.92 -2.30
CA THR H 154 -23.62 18.18 -2.61
C THR H 154 -23.26 18.85 -1.29
N VAL H 155 -21.97 19.07 -1.07
CA VAL H 155 -21.47 19.64 0.18
C VAL H 155 -21.19 21.13 -0.04
N ALA H 156 -21.53 21.94 0.96
CA ALA H 156 -21.34 23.39 0.89
C ALA H 156 -20.77 23.87 2.22
N TRP H 157 -19.52 24.31 2.20
CA TRP H 157 -18.90 24.89 3.38
C TRP H 157 -19.25 26.38 3.47
N LYS H 158 -19.10 26.93 4.66
CA LYS H 158 -19.43 28.34 4.88
C LYS H 158 -18.70 28.84 6.13
N ALA H 159 -17.87 29.86 5.96
CA ALA H 159 -17.25 30.52 7.09
C ALA H 159 -18.23 31.55 7.66
N ASP H 160 -18.62 31.34 8.92
CA ASP H 160 -19.67 32.15 9.55
C ASP H 160 -20.94 32.08 8.71
N SER H 161 -21.16 33.11 7.89
CA SER H 161 -22.26 33.11 6.93
C SER H 161 -21.77 33.28 5.49
N SER H 162 -20.47 33.50 5.29
CA SER H 162 -19.90 33.66 3.96
C SER H 162 -19.54 32.31 3.38
N PRO H 163 -19.98 31.98 2.16
CA PRO H 163 -19.60 30.70 1.56
C PRO H 163 -18.12 30.66 1.23
N VAL H 164 -17.51 29.50 1.46
CA VAL H 164 -16.09 29.29 1.18
C VAL H 164 -15.98 28.10 0.22
N LYS H 165 -15.36 28.33 -0.94
CA LYS H 165 -15.18 27.30 -1.95
C LYS H 165 -13.72 26.94 -2.19
N ALA H 166 -12.78 27.75 -1.71
CA ALA H 166 -11.36 27.48 -1.88
C ALA H 166 -10.86 26.60 -0.75
N GLY H 167 -9.97 25.67 -1.09
CA GLY H 167 -9.42 24.75 -0.12
C GLY H 167 -10.32 23.60 0.25
N VAL H 168 -11.41 23.38 -0.47
CA VAL H 168 -12.35 22.30 -0.20
C VAL H 168 -12.06 21.15 -1.15
N GLU H 169 -11.98 19.93 -0.59
CA GLU H 169 -11.72 18.73 -1.37
C GLU H 169 -12.72 17.66 -0.95
N THR H 170 -13.55 17.22 -1.89
CA THR H 170 -14.60 16.25 -1.63
C THR H 170 -14.33 14.96 -2.39
N THR H 171 -14.67 13.83 -1.77
CA THR H 171 -14.51 12.52 -2.38
C THR H 171 -15.82 12.04 -2.96
N THR H 172 -15.73 11.06 -3.86
CA THR H 172 -16.91 10.48 -4.48
C THR H 172 -17.54 9.45 -3.55
N PRO H 173 -18.86 9.25 -3.65
CA PRO H 173 -19.53 8.28 -2.79
C PRO H 173 -19.01 6.87 -3.01
N SER H 174 -18.81 6.14 -1.91
CA SER H 174 -18.31 4.77 -1.95
C SER H 174 -19.27 3.88 -1.15
N LYS H 175 -19.71 2.80 -1.78
CA LYS H 175 -20.67 1.90 -1.12
C LYS H 175 -20.01 1.20 0.06
N GLN H 176 -20.81 0.95 1.09
CA GLN H 176 -20.37 0.29 2.31
C GLN H 176 -20.93 -1.12 2.37
N SER H 177 -20.83 -1.73 3.57
CA SER H 177 -21.31 -3.10 3.73
C SER H 177 -22.83 -3.18 3.64
N ASN H 178 -23.53 -2.18 4.17
CA ASN H 178 -24.99 -2.12 4.12
C ASN H 178 -25.50 -1.50 2.83
N ASN H 179 -24.71 -1.54 1.76
CA ASN H 179 -25.05 -1.01 0.44
C ASN H 179 -25.31 0.49 0.45
N LYS H 180 -24.93 1.18 1.52
CA LYS H 180 -25.05 2.63 1.61
C LYS H 180 -23.71 3.28 1.25
N TYR H 181 -23.79 4.52 0.77
CA TYR H 181 -22.60 5.25 0.34
C TYR H 181 -22.11 6.20 1.42
N ALA H 182 -20.84 6.60 1.29
CA ALA H 182 -20.21 7.49 2.24
C ALA H 182 -19.15 8.31 1.52
N ALA H 183 -19.01 9.58 1.92
CA ALA H 183 -18.05 10.49 1.34
C ALA H 183 -17.50 11.41 2.43
N SER H 184 -16.55 12.25 2.05
CA SER H 184 -15.92 13.17 2.99
C SER H 184 -15.61 14.48 2.29
N SER H 185 -15.36 15.51 3.10
CA SER H 185 -15.01 16.83 2.59
C SER H 185 -14.01 17.47 3.54
N TYR H 186 -12.92 18.02 2.99
CA TYR H 186 -11.84 18.59 3.77
C TYR H 186 -11.67 20.05 3.39
N LEU H 187 -11.63 20.92 4.40
CA LEU H 187 -11.37 22.35 4.20
C LEU H 187 -10.03 22.70 4.82
N SER H 188 -9.10 23.16 3.98
CA SER H 188 -7.76 23.51 4.40
C SER H 188 -7.68 25.02 4.64
N LEU H 189 -7.61 25.41 5.90
CA LEU H 189 -7.48 26.80 6.29
C LEU H 189 -6.20 26.98 7.11
N THR H 190 -5.96 28.21 7.56
CA THR H 190 -4.82 28.54 8.37
C THR H 190 -5.24 28.84 9.81
N PRO H 191 -4.33 28.70 10.77
CA PRO H 191 -4.68 29.09 12.15
C PRO H 191 -5.14 30.52 12.29
N GLU H 192 -4.71 31.40 11.37
CA GLU H 192 -5.22 32.77 11.38
C GLU H 192 -6.62 32.85 10.77
N GLN H 193 -6.89 32.05 9.75
CA GLN H 193 -8.22 31.99 9.15
C GLN H 193 -9.22 31.22 10.00
N TRP H 194 -8.75 30.40 10.93
CA TRP H 194 -9.62 29.57 11.76
C TRP H 194 -9.99 30.24 13.08
N LYS H 195 -9.02 30.93 13.71
CA LYS H 195 -9.26 31.57 15.00
C LYS H 195 -9.90 32.94 14.89
N SER H 196 -9.87 33.56 13.70
CA SER H 196 -10.42 34.90 13.56
C SER H 196 -11.94 34.87 13.40
N HIS H 197 -12.46 33.90 12.65
CA HIS H 197 -13.89 33.84 12.38
C HIS H 197 -14.63 33.27 13.59
N ARG H 198 -15.92 33.59 13.66
CA ARG H 198 -16.72 33.17 14.81
C ARG H 198 -17.07 31.69 14.73
N SER H 199 -17.37 31.19 13.54
CA SER H 199 -17.79 29.80 13.39
C SER H 199 -17.57 29.35 11.96
N TYR H 200 -17.69 28.03 11.76
CA TYR H 200 -17.64 27.41 10.45
C TYR H 200 -18.80 26.44 10.32
N SER H 201 -19.15 26.10 9.09
CA SER H 201 -20.30 25.25 8.83
C SER H 201 -20.02 24.32 7.66
N CYS H 202 -20.74 23.20 7.65
CA CYS H 202 -20.68 22.23 6.56
C CYS H 202 -22.09 21.80 6.23
N GLN H 203 -22.60 22.21 5.07
CA GLN H 203 -23.96 21.91 4.65
C GLN H 203 -23.96 20.69 3.74
N VAL H 204 -24.61 19.63 4.19
CA VAL H 204 -24.72 18.38 3.43
C VAL H 204 -26.14 18.26 2.90
N THR H 205 -26.26 18.06 1.59
CA THR H 205 -27.57 17.96 0.93
C THR H 205 -27.70 16.58 0.29
N HIS H 206 -28.82 15.91 0.56
CA HIS H 206 -29.10 14.60 -0.01
C HIS H 206 -30.60 14.51 -0.29
N GLU H 207 -30.95 14.30 -1.56
CA GLU H 207 -32.35 14.18 -2.00
C GLU H 207 -33.15 15.42 -1.62
N GLY H 208 -32.52 16.59 -1.71
CA GLY H 208 -33.16 17.85 -1.42
C GLY H 208 -33.12 18.28 0.03
N SER H 209 -32.97 17.34 0.96
CA SER H 209 -32.91 17.66 2.38
C SER H 209 -31.48 18.01 2.76
N THR H 210 -31.34 19.12 3.49
CA THR H 210 -30.02 19.67 3.84
C THR H 210 -29.73 19.42 5.32
N VAL H 211 -28.59 18.78 5.58
CA VAL H 211 -28.12 18.54 6.95
C VAL H 211 -26.86 19.35 7.15
N GLU H 212 -26.90 20.30 8.09
CA GLU H 212 -25.79 21.19 8.35
C GLU H 212 -25.16 20.88 9.70
N LYS H 213 -23.88 21.25 9.84
CA LYS H 213 -23.14 21.06 11.08
C LYS H 213 -22.23 22.26 11.27
N THR H 214 -22.35 22.92 12.43
CA THR H 214 -21.60 24.13 12.74
C THR H 214 -20.50 23.80 13.74
N VAL H 215 -19.29 24.30 13.48
CA VAL H 215 -18.15 24.12 14.36
C VAL H 215 -17.56 25.48 14.70
N ALA H 216 -17.04 25.61 15.90
CA ALA H 216 -16.47 26.85 16.40
C ALA H 216 -15.22 26.56 17.20
N PRO H 217 -14.23 27.47 17.17
CA PRO H 217 -12.99 27.32 17.93
C PRO H 217 -13.22 27.22 19.44
N THR I 9 51.35 42.58 73.88
CA THR I 9 49.98 42.12 73.98
C THR I 9 49.64 41.75 75.42
N ASP I 10 48.76 42.53 76.04
CA ASP I 10 48.41 42.31 77.43
C ASP I 10 47.17 41.46 77.61
N ASN I 11 46.30 41.39 76.62
CA ASN I 11 45.04 40.65 76.71
C ASN I 11 44.86 39.77 75.48
N ILE I 12 44.43 38.53 75.70
CA ILE I 12 44.26 37.58 74.61
C ILE I 12 42.85 36.99 74.64
N ASP I 13 41.86 37.81 75.05
CA ASP I 13 40.48 37.35 75.06
C ASP I 13 39.89 37.19 73.67
N TYR I 14 40.66 37.46 72.61
CA TYR I 14 40.17 37.35 71.24
C TYR I 14 40.12 35.91 70.74
N PHE I 15 40.34 34.93 71.62
CA PHE I 15 40.29 33.52 71.25
C PHE I 15 38.91 32.95 71.56
N ASP I 16 38.26 32.40 70.54
CA ASP I 16 37.01 31.68 70.69
C ASP I 16 37.16 30.31 70.04
N ILE I 17 36.14 29.47 70.20
CA ILE I 17 36.17 28.13 69.62
C ILE I 17 34.74 27.68 69.35
N SER I 18 34.58 26.89 68.30
CA SER I 18 33.32 26.24 67.96
C SER I 18 33.47 24.74 68.10
N ASP I 19 32.34 24.06 68.29
CA ASP I 19 32.34 22.62 68.48
C ASP I 19 32.57 21.92 67.14
N GLU I 20 32.42 20.59 67.13
CA GLU I 20 32.68 19.83 65.90
C GLU I 20 31.62 20.09 64.84
N SER I 21 30.38 20.32 65.25
CA SER I 21 29.29 20.60 64.33
C SER I 21 29.13 22.08 64.04
N ASN I 22 29.96 22.93 64.66
CA ASN I 22 29.93 24.38 64.45
C ASN I 22 28.57 24.98 64.81
N TYR I 23 27.88 24.38 65.78
CA TYR I 23 26.61 24.92 66.25
C TYR I 23 26.76 25.81 67.48
N TYR I 24 27.81 25.62 68.27
CA TYR I 24 28.00 26.34 69.53
C TYR I 24 29.34 27.07 69.51
N LEU I 25 29.30 28.37 69.78
CA LEU I 25 30.50 29.18 69.88
C LEU I 25 30.78 29.49 71.35
N ILE I 26 32.00 29.17 71.79
CA ILE I 26 32.41 29.38 73.17
C ILE I 26 33.27 30.63 73.23
N SER I 27 32.83 31.63 73.99
CA SER I 27 33.55 32.88 74.14
C SER I 27 34.08 33.00 75.56
N GLN I 28 35.17 33.75 75.70
CA GLN I 28 35.73 34.05 77.02
C GLN I 28 35.04 35.22 77.70
N LEU I 29 34.00 35.77 77.09
CA LEU I 29 33.21 36.85 77.67
C LEU I 29 31.88 36.31 78.14
N ARG I 30 31.40 36.78 79.28
CA ARG I 30 30.13 36.33 79.81
C ARG I 30 29.01 36.65 78.82
N PRO I 31 27.99 35.79 78.71
CA PRO I 31 27.82 34.52 79.44
C PRO I 31 28.45 33.32 78.75
N HIS I 32 29.49 33.55 77.93
CA HIS I 32 30.26 32.51 77.26
C HIS I 32 29.47 31.78 76.17
N PHE I 33 28.16 31.70 76.31
CA PHE I 33 27.32 31.00 75.35
C PHE I 33 26.19 31.90 74.89
N SER I 34 25.92 31.89 73.58
CA SER I 34 24.86 32.69 73.01
C SER I 34 23.47 32.15 73.33
N ASN I 35 23.37 30.94 73.89
CA ASN I 35 22.07 30.37 74.25
C ASN I 35 21.58 30.88 75.60
N ILE I 36 22.47 31.38 76.45
CA ILE I 36 22.04 31.90 77.75
C ILE I 36 21.28 33.21 77.57
N TYR I 37 21.75 34.07 76.67
CA TYR I 37 21.00 35.29 76.38
C TYR I 37 19.63 34.99 75.80
N PHE I 38 19.48 33.83 75.15
CA PHE I 38 18.16 33.38 74.71
C PHE I 38 17.35 32.83 75.88
N PHE I 39 18.01 32.17 76.85
CA PHE I 39 17.31 31.67 78.01
C PHE I 39 16.74 32.81 78.86
N ASP I 40 17.51 33.90 79.00
CA ASP I 40 17.02 35.05 79.73
C ASP I 40 15.87 35.75 79.03
N GLU I 41 15.71 35.52 77.72
CA GLU I 41 14.58 36.06 76.98
C GLU I 41 13.40 35.09 76.91
N PHE I 42 13.63 33.80 77.17
CA PHE I 42 12.53 32.86 77.18
C PHE I 42 11.58 33.10 78.35
N LYS I 43 12.11 33.59 79.48
CA LYS I 43 11.26 33.93 80.61
C LYS I 43 10.35 35.12 80.29
N ARG I 44 10.77 35.98 79.37
CA ARG I 44 9.92 37.08 78.94
C ARG I 44 8.73 36.58 78.14
N TYR I 45 8.93 35.53 77.35
CA TYR I 45 7.80 34.93 76.63
C TYR I 45 6.84 34.26 77.60
N ALA I 46 7.35 33.69 78.69
CA ALA I 46 6.49 32.95 79.61
C ALA I 46 5.67 33.90 80.48
N SER I 47 6.13 35.14 80.68
CA SER I 47 5.35 36.09 81.45
C SER I 47 4.04 36.47 80.77
N TYR I 48 3.97 36.34 79.45
CA TYR I 48 2.75 36.61 78.69
C TYR I 48 1.92 35.35 78.43
N HIS I 49 2.42 34.18 78.81
CA HIS I 49 1.72 32.92 78.61
C HIS I 49 1.66 32.18 79.94
N THR I 50 0.48 32.14 80.55
CA THR I 50 0.33 31.50 81.86
C THR I 50 0.59 30.00 81.80
N GLU I 51 0.56 29.40 80.61
CA GLU I 51 0.80 27.97 80.47
C GLU I 51 2.27 27.59 80.61
N ILE I 52 3.19 28.54 80.41
CA ILE I 52 4.61 28.25 80.50
C ILE I 52 5.17 28.82 81.80
N LYS I 53 4.40 28.66 82.89
CA LYS I 53 4.84 29.18 84.18
C LYS I 53 6.07 28.43 84.69
N ARG I 54 6.16 27.13 84.42
CA ARG I 54 7.21 26.29 84.97
C ARG I 54 8.60 26.58 84.42
N TYR I 55 8.77 27.60 83.58
CA TYR I 55 10.11 27.91 83.09
C TYR I 55 10.96 28.59 84.15
N GLU I 56 10.33 29.36 85.04
CA GLU I 56 11.08 30.07 86.08
C GLU I 56 11.78 29.10 87.02
N ASP I 57 11.24 27.89 87.17
CA ASP I 57 11.91 26.88 87.98
C ASP I 57 13.13 26.33 87.27
N ILE I 58 13.05 26.17 85.94
CA ILE I 58 14.20 25.71 85.18
C ILE I 58 15.29 26.77 85.16
N HIS I 59 14.91 28.04 85.18
CA HIS I 59 15.90 29.11 85.15
C HIS I 59 16.62 29.24 86.49
N LYS I 60 15.91 29.07 87.60
CA LYS I 60 16.52 29.24 88.91
C LYS I 60 17.41 28.07 89.28
N THR I 61 17.11 26.88 88.77
CA THR I 61 17.84 25.67 89.12
C THR I 61 18.86 25.26 88.07
N LYS I 62 18.47 25.24 86.80
CA LYS I 62 19.36 24.70 85.77
C LYS I 62 20.13 25.78 85.03
N VAL I 63 19.47 26.89 84.70
CA VAL I 63 20.13 27.94 83.91
C VAL I 63 21.21 28.63 84.74
N ASN I 64 20.87 29.02 85.97
CA ASN I 64 21.86 29.67 86.83
C ASN I 64 22.99 28.72 87.19
N SER I 65 22.73 27.41 87.20
CA SER I 65 23.78 26.44 87.43
C SER I 65 24.64 26.25 86.17
N LEU I 66 24.02 26.32 85.00
CA LEU I 66 24.78 26.20 83.75
C LEU I 66 25.68 27.40 83.55
N LEU I 67 25.20 28.60 83.85
CA LEU I 67 26.03 29.79 83.75
C LEU I 67 27.17 29.76 84.76
N ASN I 68 26.94 29.20 85.95
CA ASN I 68 28.02 29.07 86.92
C ASN I 68 28.98 27.97 86.53
N GLU I 69 28.48 26.88 85.93
CA GLU I 69 29.35 25.81 85.46
C GLU I 69 30.14 26.21 84.22
N ALA I 70 29.72 27.28 83.53
CA ALA I 70 30.46 27.73 82.35
C ALA I 70 31.66 28.58 82.74
N SER I 71 31.48 29.51 83.69
CA SER I 71 32.59 30.34 84.12
C SER I 71 33.65 29.52 84.85
N ARG I 72 33.25 28.40 85.47
CA ARG I 72 34.23 27.55 86.14
C ARG I 72 35.09 26.79 85.13
N ALA I 73 34.46 26.25 84.08
CA ALA I 73 35.20 25.50 83.07
C ALA I 73 36.19 26.40 82.33
N ILE I 74 35.79 27.64 82.04
CA ILE I 74 36.72 28.58 81.42
C ILE I 74 37.82 28.97 82.39
N GLY I 75 37.51 29.06 83.69
CA GLY I 75 38.51 29.37 84.68
C GLY I 75 39.55 28.29 84.86
N ILE I 76 39.23 27.04 84.50
CA ILE I 76 40.20 25.97 84.59
C ILE I 76 41.34 26.18 83.60
N CYS I 77 41.05 26.74 82.43
CA CYS I 77 42.04 26.97 81.40
C CYS I 77 42.83 28.27 81.61
N ASN I 78 42.74 28.88 82.79
CA ASN I 78 43.49 30.11 83.03
C ASN I 78 44.98 29.85 83.12
N ARG I 79 45.38 28.70 83.67
CA ARG I 79 46.79 28.33 83.69
C ARG I 79 47.32 28.10 82.28
N ALA I 80 46.45 27.73 81.34
CA ALA I 80 46.83 27.61 79.95
C ALA I 80 46.73 28.93 79.19
N LYS I 81 45.84 29.83 79.64
CA LYS I 81 45.73 31.14 78.99
C LYS I 81 47.00 31.96 79.20
N ASN I 82 47.50 32.00 80.44
CA ASN I 82 48.75 32.71 80.71
C ASN I 82 49.94 32.04 80.04
N THR I 83 49.85 30.74 79.75
CA THR I 83 50.93 30.04 79.08
C THR I 83 51.03 30.46 77.62
N VAL I 84 49.89 30.57 76.94
CA VAL I 84 49.91 30.99 75.54
C VAL I 84 50.29 32.45 75.41
N LYS I 85 49.84 33.28 76.34
CA LYS I 85 50.16 34.70 76.28
C LYS I 85 51.66 34.94 76.48
N GLY I 86 52.32 34.11 77.28
CA GLY I 86 53.74 34.27 77.48
C GLY I 86 54.54 34.10 76.21
N LEU I 87 54.11 33.18 75.34
CA LEU I 87 54.79 33.00 74.06
C LEU I 87 54.41 34.10 73.07
N ILE I 88 53.16 34.54 73.09
CA ILE I 88 52.74 35.62 72.20
C ILE I 88 53.47 36.91 72.54
N ASN I 89 53.66 37.18 73.84
CA ASN I 89 54.37 38.38 74.26
C ASN I 89 55.86 38.32 73.97
N ILE I 90 56.40 37.14 73.63
CA ILE I 90 57.82 36.99 73.36
C ILE I 90 58.05 36.95 71.86
N LEU I 91 57.08 36.45 71.11
CA LEU I 91 57.22 36.38 69.66
C LEU I 91 57.09 37.76 69.02
N GLU I 92 56.18 38.58 69.54
CA GLU I 92 55.94 39.90 68.99
C GLU I 92 57.00 40.92 69.39
N ASN I 93 57.82 40.61 70.39
CA ASN I 93 58.78 41.57 70.92
C ASN I 93 60.19 41.06 70.68
N PRO I 94 61.02 41.77 69.92
CA PRO I 94 62.41 41.32 69.73
C PRO I 94 63.26 41.44 70.99
N GLN I 95 62.94 42.37 71.88
CA GLN I 95 63.73 42.53 73.11
C GLN I 95 63.50 41.37 74.06
N LYS I 96 62.25 40.91 74.17
CA LYS I 96 61.96 39.76 75.01
C LYS I 96 62.38 38.44 74.37
N PHE I 97 62.52 38.41 73.04
CA PHE I 97 62.96 37.21 72.36
C PHE I 97 64.44 36.94 72.59
N LYS I 98 65.26 38.00 72.72
CA LYS I 98 66.69 37.84 72.93
C LYS I 98 67.04 37.42 74.35
N THR I 99 66.05 37.39 75.27
CA THR I 99 66.31 36.94 76.62
C THR I 99 66.36 35.42 76.74
N GLN I 100 65.80 34.70 75.77
CA GLN I 100 65.85 33.25 75.72
C GLN I 100 66.84 32.82 74.64
N ARG I 101 66.95 31.50 74.44
CA ARG I 101 68.01 30.94 73.61
C ARG I 101 67.52 30.05 72.49
N GLU I 102 66.20 29.87 72.33
CA GLU I 102 65.67 29.07 71.24
C GLU I 102 65.49 29.94 69.99
N SER I 103 65.24 29.28 68.86
CA SER I 103 65.01 29.97 67.61
C SER I 103 63.55 30.42 67.51
N TYR I 104 63.28 31.30 66.54
CA TYR I 104 61.93 31.82 66.39
C TYR I 104 60.97 30.76 65.87
N ASP I 105 61.46 29.80 65.08
CA ASP I 105 60.61 28.73 64.59
C ASP I 105 60.23 27.77 65.71
N VAL I 106 61.12 27.55 66.67
CA VAL I 106 60.80 26.69 67.81
C VAL I 106 59.73 27.36 68.67
N LYS I 107 59.90 28.64 68.97
CA LYS I 107 58.89 29.37 69.73
C LYS I 107 57.59 29.48 68.95
N LEU I 108 57.67 29.52 67.62
CA LEU I 108 56.46 29.49 66.80
C LEU I 108 55.81 28.12 66.83
N ARG I 109 56.61 27.06 66.95
CA ARG I 109 56.04 25.71 67.07
C ARG I 109 55.41 25.51 68.45
N GLN I 110 56.06 26.01 69.50
CA GLN I 110 55.48 25.92 70.83
C GLN I 110 54.21 26.78 70.93
N TYR I 111 54.19 27.92 70.24
CA TYR I 111 52.98 28.74 70.23
C TYR I 111 51.82 28.01 69.57
N GLU I 112 52.09 27.34 68.44
CA GLU I 112 51.03 26.58 67.77
C GLU I 112 50.57 25.40 68.61
N GLU I 113 51.44 24.88 69.48
CA GLU I 113 51.06 23.77 70.34
C GLU I 113 50.22 24.25 71.52
N LYS I 114 50.64 25.35 72.17
CA LYS I 114 49.90 25.84 73.33
C LYS I 114 48.58 26.48 72.92
N LYS I 115 48.53 27.11 71.74
CA LYS I 115 47.31 27.79 71.30
C LYS I 115 46.16 26.80 71.15
N GLU I 116 46.41 25.69 70.43
CA GLU I 116 45.36 24.70 70.27
C GLU I 116 45.12 23.90 71.55
N ALA I 117 46.14 23.82 72.42
CA ALA I 117 45.94 23.17 73.70
C ALA I 117 45.07 24.01 74.63
N PHE I 118 45.18 25.33 74.54
CA PHE I 118 44.34 26.21 75.35
C PHE I 118 42.91 26.23 74.82
N ARG I 119 42.76 26.38 73.51
CA ARG I 119 41.43 26.39 72.91
C ARG I 119 40.74 25.04 73.10
N GLY I 120 41.49 23.94 73.01
CA GLY I 120 40.92 22.63 73.28
C GLY I 120 40.43 22.49 74.71
N CYS I 121 41.09 23.16 75.66
CA CYS I 121 40.61 23.16 77.04
C CYS I 121 39.27 23.88 77.15
N LEU I 122 39.06 24.92 76.33
CA LEU I 122 37.80 25.66 76.37
C LEU I 122 36.63 24.81 75.90
N LEU I 123 36.88 23.87 74.99
CA LEU I 123 35.81 23.04 74.44
C LEU I 123 35.64 21.73 75.20
N ASN I 124 36.74 21.06 75.53
CA ASN I 124 36.66 19.78 76.22
C ASN I 124 35.98 19.91 77.58
N LYS I 125 36.27 21.00 78.29
CA LYS I 125 35.65 21.20 79.60
C LYS I 125 34.19 21.62 79.50
N ASN I 126 33.77 22.13 78.34
CA ASN I 126 32.41 22.59 78.15
C ASN I 126 31.57 21.63 77.30
N ARG I 127 32.04 20.39 77.10
CA ARG I 127 31.24 19.42 76.36
C ARG I 127 30.02 19.00 77.16
N LYS I 128 30.16 18.84 78.49
CA LYS I 128 29.01 18.53 79.33
C LYS I 128 28.01 19.68 79.35
N ASN I 129 28.48 20.92 79.17
CA ASN I 129 27.57 22.05 79.10
C ASN I 129 26.81 22.07 77.78
N LEU I 130 27.40 21.49 76.72
CA LEU I 130 26.69 21.42 75.44
C LEU I 130 25.49 20.48 75.54
N ASP I 131 25.63 19.39 76.29
CA ASP I 131 24.49 18.49 76.49
C ASP I 131 23.40 19.15 77.31
N GLN I 132 23.76 20.10 78.18
CA GLN I 132 22.76 20.81 78.97
C GLN I 132 21.96 21.77 78.12
N ILE I 133 22.63 22.49 77.21
CA ILE I 133 21.93 23.43 76.33
C ILE I 133 20.93 22.70 75.45
N LYS I 134 21.34 21.54 74.91
CA LYS I 134 20.44 20.77 74.07
C LYS I 134 19.26 20.21 74.88
N LYS I 135 19.51 19.82 76.12
CA LYS I 135 18.45 19.29 76.96
C LYS I 135 17.48 20.39 77.40
N ILE I 136 18.02 21.57 77.74
CA ILE I 136 17.16 22.68 78.13
C ILE I 136 16.32 23.16 76.95
N ASN I 137 16.91 23.19 75.75
CA ASN I 137 16.15 23.57 74.56
C ASN I 137 15.06 22.57 74.26
N ASN I 138 15.32 21.27 74.49
CA ASN I 138 14.27 20.27 74.33
C ASN I 138 13.23 20.36 75.42
N GLU I 139 13.64 20.78 76.63
CA GLU I 139 12.67 20.97 77.70
C GLU I 139 11.75 22.15 77.43
N ILE I 140 12.26 23.18 76.76
CA ILE I 140 11.41 24.31 76.38
C ILE I 140 10.46 23.90 75.26
N ARG I 141 10.90 23.02 74.36
CA ARG I 141 10.01 22.52 73.32
C ARG I 141 8.82 21.77 73.91
N ASP I 142 9.08 20.98 74.96
CA ASP I 142 7.98 20.30 75.65
C ASP I 142 7.12 21.29 76.42
N LEU I 143 7.72 22.39 76.89
CA LEU I 143 6.96 23.38 77.65
C LEU I 143 6.03 24.19 76.75
N LEU I 144 6.39 24.36 75.47
CA LEU I 144 5.51 25.07 74.54
C LEU I 144 4.27 24.26 74.18
N GLU I 145 4.29 22.94 74.39
CA GLU I 145 3.11 22.12 74.16
C GLU I 145 2.02 22.42 75.17
N LYS I 146 2.35 23.03 76.31
CA LYS I 146 1.36 23.35 77.33
C LYS I 146 0.41 24.45 76.90
N LEU I 147 0.65 25.10 75.77
CA LEU I 147 -0.26 26.13 75.30
C LEU I 147 -1.61 25.53 74.94
N LYS I 148 -2.68 26.23 75.35
CA LYS I 148 -4.04 25.74 75.10
C LYS I 148 -4.43 25.80 73.63
N CYS I 149 -3.57 26.31 72.76
CA CYS I 149 -3.86 26.39 71.33
C CYS I 149 -3.16 25.27 70.58
N SER I 150 -3.73 24.90 69.44
CA SER I 150 -3.17 23.85 68.60
C SER I 150 -3.06 24.32 67.15
N GLN I 151 -4.22 24.57 66.52
CA GLN I 151 -4.26 25.06 65.15
C GLN I 151 -4.55 26.55 65.05
N ASP I 152 -4.85 27.20 66.17
CA ASP I 152 -5.17 28.64 66.19
C ASP I 152 -4.35 29.32 67.30
N CYS I 153 -3.03 29.26 67.17
CA CYS I 153 -2.13 29.90 68.11
C CYS I 153 -1.89 31.35 67.71
N GLN I 154 -2.00 32.26 68.68
CA GLN I 154 -1.91 33.68 68.39
C GLN I 154 -0.47 34.10 68.16
N THR I 155 -0.30 35.10 67.29
CA THR I 155 1.00 35.67 66.97
C THR I 155 1.14 37.11 67.47
N ASN I 156 0.32 37.50 68.44
CA ASN I 156 0.34 38.89 68.90
C ASN I 156 1.62 39.20 69.65
N VAL I 157 2.14 38.26 70.44
CA VAL I 157 3.38 38.51 71.16
C VAL I 157 4.59 38.35 70.26
N TYR I 158 4.47 37.54 69.21
CA TYR I 158 5.60 37.34 68.29
C TYR I 158 5.94 38.63 67.55
N PHE I 159 4.92 39.36 67.08
CA PHE I 159 5.16 40.61 66.37
C PHE I 159 5.30 41.80 67.31
N ASP I 160 4.81 41.70 68.55
CA ASP I 160 5.03 42.77 69.52
C ASP I 160 6.47 42.80 69.99
N MET I 161 7.12 41.64 70.11
CA MET I 161 8.52 41.61 70.50
C MET I 161 9.42 42.16 69.39
N ILE I 162 8.98 42.05 68.13
CA ILE I 162 9.78 42.56 67.02
C ILE I 162 9.93 44.08 67.13
N LYS I 163 8.81 44.78 67.33
CA LYS I 163 8.87 46.23 67.45
C LYS I 163 9.73 46.68 68.63
N ILE I 164 9.76 45.88 69.70
CA ILE I 164 10.66 46.19 70.81
C ILE I 164 12.09 45.89 70.42
N TYR I 165 12.32 44.85 69.61
CA TYR I 165 13.66 44.52 69.18
C TYR I 165 14.19 45.48 68.11
N LEU I 166 13.29 46.06 67.31
CA LEU I 166 13.72 47.04 66.32
C LEU I 166 14.35 48.26 66.98
N VAL I 167 13.81 48.68 68.12
CA VAL I 167 14.34 49.85 68.81
C VAL I 167 15.73 49.55 69.37
N ASP I 168 15.93 48.33 69.89
CA ASP I 168 17.23 47.98 70.44
C ASP I 168 18.29 47.81 69.34
N PHE I 169 17.87 47.44 68.14
CA PHE I 169 18.82 47.26 67.04
C PHE I 169 19.23 48.60 66.43
N LYS I 170 18.34 49.59 66.44
CA LYS I 170 18.67 50.90 65.91
C LYS I 170 19.58 51.71 66.83
N LYS I 171 19.79 51.26 68.06
CA LYS I 171 20.74 51.90 68.96
C LYS I 171 22.17 51.43 68.73
N MET I 172 22.36 50.39 67.93
CA MET I 172 23.69 49.87 67.65
C MET I 172 24.31 50.63 66.48
N PRO I 173 25.48 51.25 66.64
CA PRO I 173 26.16 51.91 65.51
C PRO I 173 26.79 50.90 64.56
N TYR I 174 25.95 50.23 63.78
CA TYR I 174 26.44 49.21 62.86
C TYR I 174 27.27 49.81 61.73
N GLU I 175 27.01 51.07 61.36
CA GLU I 175 27.78 51.70 60.31
C GLU I 175 29.19 52.07 60.78
N ASN I 176 29.34 52.39 62.06
CA ASN I 176 30.66 52.76 62.58
C ASN I 176 31.55 51.53 62.71
N TYR I 177 31.00 50.42 63.22
CA TYR I 177 31.80 49.21 63.34
C TYR I 177 32.10 48.59 61.99
N ASP I 178 31.27 48.87 60.98
CA ASP I 178 31.52 48.37 59.64
C ASP I 178 32.61 49.17 58.94
N THR I 179 32.64 50.48 59.14
CA THR I 179 33.64 51.31 58.49
C THR I 179 35.02 51.11 59.12
N PHE I 180 35.08 50.84 60.42
CA PHE I 180 36.37 50.61 61.08
C PHE I 180 37.07 49.39 60.49
N ILE I 181 36.37 48.26 60.41
CA ILE I 181 36.98 47.04 59.91
C ILE I 181 37.32 47.16 58.43
N LYS I 182 36.74 48.12 57.71
CA LYS I 182 37.12 48.36 56.33
C LYS I 182 38.36 49.25 56.26
N GLN I 183 38.41 50.31 57.06
CA GLN I 183 39.59 51.17 57.09
C GLN I 183 40.78 50.44 57.71
N TYR I 184 40.53 49.62 58.74
CA TYR I 184 41.58 48.80 59.31
C TYR I 184 42.04 47.73 58.32
N LYS I 185 41.18 47.35 57.39
CA LYS I 185 41.52 46.33 56.41
C LYS I 185 42.57 46.84 55.42
N ASN I 186 42.40 48.07 54.93
CA ASN I 186 43.36 48.62 53.98
C ASN I 186 44.74 48.78 54.60
N SER I 187 44.79 49.28 55.85
CA SER I 187 46.06 49.38 56.54
C SER I 187 46.67 48.02 56.83
N TYR I 188 45.83 46.98 56.94
CA TYR I 188 46.34 45.63 57.08
C TYR I 188 46.84 45.08 55.75
N LEU I 189 46.12 45.36 54.66
CA LEU I 189 46.58 44.91 53.35
C LEU I 189 47.80 45.69 52.87
N SER I 190 47.97 46.92 53.35
CA SER I 190 49.14 47.71 52.97
C SER I 190 50.40 47.22 53.66
N GLY I 191 50.27 46.68 54.87
CA GLY I 191 51.44 46.20 55.59
C GLY I 191 52.03 44.93 55.00
N VAL I 192 51.19 44.11 54.37
CA VAL I 192 51.70 42.87 53.77
C VAL I 192 52.54 43.17 52.54
N ASP I 193 52.09 44.11 51.71
CA ASP I 193 52.87 44.52 50.55
C ASP I 193 54.17 45.22 50.95
N MET I 194 54.22 45.82 52.13
CA MET I 194 55.45 46.45 52.59
C MET I 194 56.51 45.43 52.92
N ILE I 195 56.12 44.32 53.55
CA ILE I 195 57.08 43.29 53.94
C ILE I 195 57.54 42.49 52.73
N ARG I 196 56.64 42.22 51.79
CA ARG I 196 57.01 41.46 50.60
C ARG I 196 58.09 42.17 49.79
N LYS I 197 58.19 43.49 49.90
CA LYS I 197 59.23 44.24 49.22
C LYS I 197 60.44 44.49 50.11
N ILE I 198 60.27 44.49 51.43
CA ILE I 198 61.35 44.84 52.34
C ILE I 198 62.04 43.61 52.94
N GLU I 199 61.40 42.45 52.93
CA GLU I 199 62.03 41.26 53.50
C GLU I 199 63.25 40.79 52.72
N LYS I 200 63.35 41.17 51.44
CA LYS I 200 64.48 40.77 50.62
C LYS I 200 65.61 41.79 50.62
N GLN I 201 65.39 42.98 51.17
CA GLN I 201 66.39 44.03 51.18
C GLN I 201 66.94 44.36 52.56
N ILE I 202 66.16 44.14 53.62
CA ILE I 202 66.55 44.48 54.98
C ILE I 202 67.07 43.23 55.68
N ASP I 203 68.17 43.40 56.42
CA ASP I 203 68.77 42.30 57.19
C ASP I 203 68.39 42.48 58.65
N ASN I 204 67.25 41.91 59.03
CA ASN I 204 66.75 41.98 60.39
C ASN I 204 65.70 40.90 60.60
N PRO I 205 66.11 39.64 60.80
CA PRO I 205 65.13 38.55 60.81
C PRO I 205 64.22 38.55 62.02
N VAL I 206 64.70 39.01 63.18
CA VAL I 206 63.85 39.00 64.37
C VAL I 206 62.68 39.97 64.22
N THR I 207 62.92 41.11 63.57
CA THR I 207 61.84 42.08 63.37
C THR I 207 60.93 41.67 62.22
N ILE I 208 61.49 41.09 61.15
CA ILE I 208 60.68 40.67 60.01
C ILE I 208 59.71 39.57 60.43
N ASN I 209 60.16 38.64 61.28
CA ASN I 209 59.28 37.55 61.70
C ASN I 209 58.20 38.05 62.66
N ALA I 210 58.52 39.02 63.51
CA ALA I 210 57.55 39.51 64.47
C ALA I 210 56.41 40.25 63.79
N ILE I 211 56.70 40.98 62.71
CA ILE I 211 55.65 41.67 61.97
C ILE I 211 54.73 40.67 61.27
N LYS I 212 55.33 39.67 60.62
CA LYS I 212 54.53 38.60 60.02
C LYS I 212 53.73 37.85 61.08
N PHE I 213 54.28 37.73 62.29
CA PHE I 213 53.57 37.04 63.36
C PHE I 213 52.33 37.82 63.79
N THR I 214 52.45 39.14 63.95
CA THR I 214 51.32 39.94 64.38
C THR I 214 50.32 40.13 63.23
N GLN I 215 50.81 40.32 62.00
CA GLN I 215 49.92 40.44 60.86
C GLN I 215 49.12 39.17 60.64
N LYS I 216 49.74 38.01 60.89
CA LYS I 216 49.00 36.75 60.80
C LYS I 216 47.96 36.64 61.90
N GLU I 217 48.24 37.22 63.08
CA GLU I 217 47.23 37.24 64.13
C GLU I 217 46.06 38.13 63.76
N MET I 218 46.33 39.28 63.13
CA MET I 218 45.25 40.18 62.73
C MET I 218 44.32 39.53 61.72
N GLY I 219 44.86 38.68 60.84
CA GLY I 219 44.02 38.01 59.86
C GLY I 219 42.96 37.13 60.50
N TYR I 220 43.32 36.48 61.62
CA TYR I 220 42.35 35.64 62.32
C TYR I 220 41.38 36.49 63.13
N ILE I 221 41.87 37.55 63.78
CA ILE I 221 41.00 38.39 64.59
C ILE I 221 40.01 39.16 63.71
N ILE I 222 40.43 39.56 62.51
CA ILE I 222 39.53 40.26 61.60
C ILE I 222 38.38 39.34 61.18
N ASP I 223 38.71 38.08 60.86
CA ASP I 223 37.67 37.14 60.46
C ASP I 223 36.69 36.85 61.59
N ARG I 224 37.17 36.89 62.83
CA ARG I 224 36.26 36.72 63.96
C ARG I 224 35.42 37.97 64.18
N PHE I 225 36.01 39.16 63.97
CA PHE I 225 35.23 40.39 63.97
C PHE I 225 34.22 40.39 62.83
N GLU I 226 34.62 39.83 61.68
CA GLU I 226 33.71 39.76 60.54
C GLU I 226 32.56 38.80 60.81
N TYR I 227 32.80 37.73 61.56
CA TYR I 227 31.74 36.77 61.86
C TYR I 227 30.62 37.41 62.66
N HIS I 228 30.98 38.18 63.70
CA HIS I 228 29.98 38.82 64.53
C HIS I 228 29.36 40.03 63.83
N LEU I 229 30.08 40.65 62.90
CA LEU I 229 29.51 41.76 62.14
C LEU I 229 28.33 41.30 61.29
N GLN I 230 28.45 40.12 60.68
CA GLN I 230 27.33 39.57 59.93
C GLN I 230 26.20 39.14 60.85
N LYS I 231 26.55 38.53 61.99
CA LYS I 231 25.54 38.05 62.92
C LYS I 231 24.72 39.19 63.51
N VAL I 232 25.38 40.28 63.91
CA VAL I 232 24.66 41.46 64.38
C VAL I 232 23.82 42.04 63.26
N LYS I 233 24.37 42.08 62.05
CA LYS I 233 23.60 42.58 60.90
C LYS I 233 22.47 41.63 60.55
N HIS I 234 22.71 40.31 60.65
CA HIS I 234 21.65 39.34 60.36
C HIS I 234 20.50 39.48 61.35
N SER I 235 20.80 39.79 62.61
CA SER I 235 19.75 40.03 63.57
C SER I 235 18.96 41.31 63.23
N ILE I 236 19.66 42.33 62.75
CA ILE I 236 18.97 43.56 62.35
C ILE I 236 18.23 43.37 61.04
N ASP I 237 18.84 42.67 60.08
CA ASP I 237 18.23 42.51 58.77
C ASP I 237 17.01 41.60 58.81
N GLN I 238 17.09 40.51 59.58
CA GLN I 238 15.99 39.55 59.61
C GLN I 238 14.79 40.08 60.40
N VAL I 239 15.05 40.68 61.56
CA VAL I 239 13.95 41.20 62.38
C VAL I 239 13.28 42.38 61.69
N THR I 240 14.05 43.20 60.96
CA THR I 240 13.46 44.30 60.20
C THR I 240 12.64 43.76 59.03
N ALA I 241 13.15 42.73 58.34
CA ALA I 241 12.41 42.16 57.23
C ALA I 241 11.16 41.42 57.69
N LEU I 242 11.18 40.88 58.91
CA LEU I 242 10.00 40.21 59.44
C LEU I 242 8.88 41.19 59.76
N SER I 243 9.21 42.46 60.00
CA SER I 243 8.17 43.45 60.29
C SER I 243 7.42 43.85 59.04
N ASP I 244 8.11 43.92 57.91
CA ASP I 244 7.48 44.32 56.65
C ASP I 244 6.72 43.19 55.98
N GLY I 245 6.98 41.94 56.37
CA GLY I 245 6.35 40.80 55.73
C GLY I 245 4.90 40.61 56.14
N VAL I 246 4.37 39.42 55.87
CA VAL I 246 2.98 39.13 56.21
C VAL I 246 2.82 39.05 57.73
N LYS I 247 1.60 39.31 58.20
CA LYS I 247 1.28 39.30 59.62
C LYS I 247 0.05 38.42 59.84
N PRO I 248 0.23 37.09 59.82
CA PRO I 248 -0.91 36.20 60.10
C PRO I 248 -1.30 36.25 61.56
N LYS I 249 -2.60 36.27 61.81
CA LYS I 249 -3.12 36.39 63.17
C LYS I 249 -3.22 35.05 63.88
N GLN I 250 -2.98 33.93 63.20
CA GLN I 250 -3.08 32.62 63.83
C GLN I 250 -2.22 31.63 63.06
N VAL I 251 -1.32 30.96 63.77
CA VAL I 251 -0.46 29.93 63.21
C VAL I 251 -0.62 28.66 64.04
N THR I 252 0.11 27.62 63.65
CA THR I 252 0.07 26.36 64.38
C THR I 252 1.05 26.40 65.55
N LYS I 253 0.99 25.36 66.38
CA LYS I 253 1.84 25.32 67.57
C LYS I 253 3.30 25.11 67.21
N ASN I 254 3.58 24.22 66.25
CA ASN I 254 4.96 23.95 65.87
C ASN I 254 5.58 25.13 65.13
N ARG I 255 4.76 25.95 64.46
CA ARG I 255 5.29 27.14 63.81
C ARG I 255 5.61 28.22 64.84
N LEU I 256 4.73 28.40 65.83
CA LEU I 256 5.02 29.33 66.91
C LEU I 256 6.20 28.85 67.76
N LYS I 257 6.36 27.53 67.89
CA LYS I 257 7.54 27.00 68.56
C LYS I 257 8.81 27.28 67.76
N GLU I 258 8.72 27.17 66.43
CA GLU I 258 9.84 27.54 65.57
C GLU I 258 10.02 29.05 65.48
N TYR I 259 8.96 29.82 65.76
CA TYR I 259 9.08 31.28 65.73
C TYR I 259 9.70 31.83 67.01
N TYR I 260 9.54 31.13 68.13
CA TYR I 260 10.16 31.58 69.37
C TYR I 260 11.64 31.25 69.44
N PHE I 261 12.05 30.13 68.82
CA PHE I 261 13.47 29.89 68.60
C PHE I 261 14.03 30.76 67.48
N ASN I 262 13.17 31.39 66.68
CA ASN I 262 13.62 32.26 65.60
C ASN I 262 14.06 33.61 66.14
N ILE I 263 13.13 34.37 66.72
CA ILE I 263 13.48 35.68 67.28
C ILE I 263 14.32 35.54 68.52
N GLY I 264 14.20 34.41 69.24
CA GLY I 264 15.00 34.21 70.43
C GLY I 264 16.48 34.10 70.12
N ASN I 265 16.82 33.44 69.01
CA ASN I 265 18.22 33.35 68.61
C ASN I 265 18.72 34.68 68.05
N TYR I 266 17.86 35.42 67.35
CA TYR I 266 18.29 36.68 66.76
C TYR I 266 18.64 37.70 67.83
N TYR I 267 17.79 37.83 68.86
CA TYR I 267 18.06 38.81 69.91
C TYR I 267 19.22 38.36 70.80
N SER I 268 19.37 37.06 71.01
CA SER I 268 20.48 36.57 71.82
C SER I 268 21.82 36.75 71.10
N ILE I 269 21.84 36.55 69.79
CA ILE I 269 23.06 36.70 69.02
C ILE I 269 23.46 38.17 68.93
N PHE I 270 22.47 39.07 68.77
CA PHE I 270 22.78 40.50 68.73
C PHE I 270 23.41 40.96 70.03
N LYS I 271 22.84 40.56 71.17
CA LYS I 271 23.45 40.86 72.46
C LYS I 271 24.77 40.13 72.65
N PHE I 272 24.96 38.99 71.97
CA PHE I 272 26.22 38.27 72.05
C PHE I 272 27.24 38.84 71.07
N GLY I 273 26.80 39.25 69.89
CA GLY I 273 27.71 39.82 68.92
C GLY I 273 28.20 41.20 69.31
N LYS I 274 27.35 42.00 69.95
CA LYS I 274 27.77 43.34 70.37
C LYS I 274 28.86 43.27 71.43
N ASP I 275 28.84 42.24 72.28
CA ASP I 275 29.89 42.08 73.28
C ASP I 275 31.20 41.63 72.65
N SER I 276 31.11 40.79 71.61
CA SER I 276 32.32 40.26 71.00
C SER I 276 32.97 41.24 70.03
N LEU I 277 32.16 42.08 69.36
CA LEU I 277 32.73 43.07 68.44
C LEU I 277 33.56 44.09 69.20
N ASN I 278 33.10 44.50 70.39
CA ASN I 278 33.85 45.48 71.17
C ASN I 278 35.15 44.89 71.69
N MET I 279 35.13 43.62 72.12
CA MET I 279 36.34 42.99 72.62
C MET I 279 37.37 42.80 71.51
N LEU I 280 36.93 42.29 70.36
CA LEU I 280 37.83 42.16 69.21
C LEU I 280 38.28 43.52 68.69
N ASN I 281 37.51 44.58 68.95
CA ASN I 281 37.92 45.92 68.55
C ASN I 281 39.09 46.40 69.39
N LYS I 282 39.07 46.11 70.70
CA LYS I 282 40.18 46.49 71.57
C LYS I 282 41.46 45.73 71.26
N ALA I 283 41.35 44.52 70.69
CA ALA I 283 42.53 43.75 70.33
C ALA I 283 43.10 44.17 68.99
N LEU I 284 42.24 44.55 68.03
CA LEU I 284 42.72 44.95 66.72
C LEU I 284 43.47 46.28 66.78
N ILE I 285 42.96 47.23 67.55
CA ILE I 285 43.61 48.53 67.67
C ILE I 285 44.95 48.39 68.37
N HIS I 286 44.98 47.65 69.47
CA HIS I 286 46.23 47.46 70.21
C HIS I 286 47.23 46.61 69.44
N LYS I 287 46.76 45.80 68.48
CA LYS I 287 47.68 45.00 67.68
C LYS I 287 48.36 45.83 66.60
N GLU I 288 47.63 46.76 65.97
CA GLU I 288 48.23 47.61 64.96
C GLU I 288 49.23 48.58 65.57
N LYS I 289 49.02 48.97 66.84
CA LYS I 289 50.03 49.79 67.52
C LYS I 289 51.34 49.02 67.67
N ILE I 290 51.25 47.72 67.95
CA ILE I 290 52.45 46.89 67.94
C ILE I 290 52.99 46.76 66.53
N VAL I 291 52.11 46.72 65.53
CA VAL I 291 52.56 46.66 64.14
C VAL I 291 53.26 47.96 63.75
N HIS I 292 52.66 49.11 64.10
CA HIS I 292 53.31 50.38 63.81
C HIS I 292 54.59 50.57 64.61
N ASN I 293 54.64 50.02 65.83
CA ASN I 293 55.89 50.05 66.59
C ASN I 293 56.92 49.12 65.97
N LEU I 294 56.46 47.99 65.42
CA LEU I 294 57.39 47.06 64.77
C LEU I 294 57.84 47.59 63.42
N LEU I 295 56.89 48.05 62.60
CA LEU I 295 57.25 48.65 61.32
C LEU I 295 58.04 49.95 61.52
N GLY I 296 57.71 50.71 62.56
CA GLY I 296 58.43 51.95 62.83
C GLY I 296 59.90 51.71 63.13
N GLU I 297 60.23 50.56 63.73
CA GLU I 297 61.62 50.23 63.99
C GLU I 297 62.29 49.62 62.77
N LEU I 298 61.53 48.99 61.88
CA LEU I 298 62.08 48.38 60.68
C LEU I 298 62.08 49.34 59.49
N PHE I 299 60.93 49.93 59.18
CA PHE I 299 60.84 50.87 58.06
C PHE I 299 61.55 52.18 58.35
N GLY I 300 61.99 52.41 59.58
CA GLY I 300 62.75 53.60 59.91
C GLY I 300 64.24 53.34 59.93
N HIS I 301 64.64 52.23 60.56
CA HIS I 301 66.05 51.85 60.64
C HIS I 301 66.28 50.48 60.00
N VAL J 7 -13.36 -11.26 -31.62
CA VAL J 7 -12.33 -10.23 -31.78
C VAL J 7 -12.37 -9.26 -30.60
N GLN J 8 -11.26 -9.17 -29.87
CA GLN J 8 -11.15 -8.29 -28.72
C GLN J 8 -9.91 -7.42 -28.88
N LEU J 9 -9.84 -6.38 -28.05
CA LEU J 9 -8.73 -5.43 -28.06
C LEU J 9 -8.05 -5.46 -26.70
N VAL J 10 -6.76 -5.76 -26.68
CA VAL J 10 -5.98 -5.84 -25.45
C VAL J 10 -5.01 -4.67 -25.43
N GLN J 11 -5.18 -3.80 -24.44
CA GLN J 11 -4.31 -2.64 -24.28
C GLN J 11 -3.13 -2.97 -23.36
N SER J 12 -2.16 -2.06 -23.32
CA SER J 12 -0.99 -2.26 -22.50
C SER J 12 -1.31 -2.05 -21.02
N GLY J 13 -0.36 -2.42 -20.17
CA GLY J 13 -0.52 -2.27 -18.75
C GLY J 13 -0.45 -0.81 -18.31
N ALA J 14 -0.64 -0.61 -17.01
CA ALA J 14 -0.63 0.73 -16.45
C ALA J 14 0.76 1.35 -16.50
N GLU J 15 0.81 2.65 -16.74
CA GLU J 15 2.05 3.41 -16.78
C GLU J 15 2.03 4.50 -15.72
N VAL J 16 3.19 4.76 -15.12
CA VAL J 16 3.35 5.82 -14.12
C VAL J 16 4.33 6.82 -14.70
N LYS J 17 3.82 7.99 -15.07
CA LYS J 17 4.63 9.04 -15.69
C LYS J 17 4.51 10.33 -14.90
N LYS J 18 5.61 11.06 -14.79
CA LYS J 18 5.63 12.35 -14.11
C LYS J 18 5.05 13.43 -15.03
N PRO J 19 4.51 14.50 -14.46
CA PRO J 19 3.98 15.59 -15.28
C PRO J 19 5.07 16.24 -16.11
N GLY J 20 4.80 16.45 -17.39
CA GLY J 20 5.74 17.01 -18.34
C GLY J 20 6.31 16.00 -19.32
N SER J 21 6.37 14.73 -18.93
CA SER J 21 6.88 13.68 -19.80
C SER J 21 5.80 13.21 -20.75
N SER J 22 6.02 12.06 -21.40
CA SER J 22 5.08 11.52 -22.36
C SER J 22 4.71 10.08 -21.98
N MET J 23 3.46 9.72 -22.28
CA MET J 23 2.95 8.39 -22.02
C MET J 23 2.48 7.76 -23.34
N LYS J 24 2.82 6.49 -23.52
CA LYS J 24 2.48 5.76 -24.73
C LYS J 24 1.61 4.57 -24.37
N VAL J 25 0.45 4.46 -25.03
CA VAL J 25 -0.50 3.38 -24.77
C VAL J 25 -0.82 2.71 -26.10
N SER J 26 -0.60 1.40 -26.18
CA SER J 26 -0.90 0.61 -27.36
C SER J 26 -2.24 -0.10 -27.20
N CYS J 27 -2.74 -0.62 -28.32
CA CYS J 27 -4.02 -1.32 -28.31
C CYS J 27 -4.11 -2.15 -29.59
N LYS J 28 -3.89 -3.45 -29.46
CA LYS J 28 -3.90 -4.37 -30.60
C LYS J 28 -5.19 -5.16 -30.64
N ALA J 29 -5.62 -5.51 -31.85
CA ALA J 29 -6.84 -6.28 -32.05
C ALA J 29 -6.63 -7.74 -31.70
N GLY J 32 -9.30 -8.29 -36.86
CA GLY J 32 -8.70 -8.95 -38.01
C GLY J 32 -7.71 -8.08 -38.74
N THR J 33 -8.19 -7.39 -39.77
CA THR J 33 -7.37 -6.50 -40.59
C THR J 33 -8.05 -5.15 -40.65
N PHE J 34 -7.52 -4.17 -39.92
CA PHE J 34 -8.11 -2.83 -39.88
C PHE J 34 -7.64 -2.00 -41.08
N ASN J 35 -7.93 -2.53 -42.27
CA ASN J 35 -7.66 -1.78 -43.49
C ASN J 35 -8.42 -0.46 -43.52
N ARG J 36 -9.47 -0.33 -42.72
CA ARG J 36 -10.32 0.85 -42.79
C ARG J 36 -11.09 1.09 -41.50
N TYR J 37 -10.79 0.32 -40.45
CA TYR J 37 -11.34 0.59 -39.14
C TYR J 37 -10.77 1.87 -38.56
N VAL J 38 -11.59 2.58 -37.80
CA VAL J 38 -11.18 3.80 -37.11
C VAL J 38 -10.83 3.43 -35.68
N PHE J 39 -9.68 3.90 -35.20
CA PHE J 39 -9.19 3.63 -33.86
C PHE J 39 -9.35 4.89 -33.02
N SER J 40 -10.38 4.91 -32.18
CA SER J 40 -10.70 6.06 -31.36
C SER J 40 -10.14 5.89 -29.95
N TRP J 41 -9.64 6.97 -29.37
CA TRP J 41 -9.11 6.99 -28.02
C TRP J 41 -10.04 7.82 -27.13
N VAL J 42 -10.36 7.28 -25.96
CA VAL J 42 -11.27 7.92 -25.02
C VAL J 42 -10.65 7.88 -23.64
N ARG J 43 -10.65 9.02 -22.95
CA ARG J 43 -10.09 9.13 -21.61
C ARG J 43 -11.17 9.54 -20.62
N GLN J 44 -10.98 9.14 -19.36
CA GLN J 44 -11.92 9.48 -18.30
C GLN J 44 -11.14 9.67 -17.01
N ALA J 45 -11.15 10.89 -16.49
CA ALA J 45 -10.48 11.18 -15.23
C ALA J 45 -11.33 10.70 -14.04
N PRO J 46 -10.70 10.35 -12.93
CA PRO J 46 -11.46 9.97 -11.73
C PRO J 46 -12.37 11.11 -11.29
N GLY J 47 -13.67 10.81 -11.20
CA GLY J 47 -14.66 11.82 -10.91
C GLY J 47 -15.16 12.59 -12.11
N GLN J 48 -14.59 12.37 -13.28
CA GLN J 48 -14.98 13.03 -14.51
C GLN J 48 -15.67 12.05 -15.45
N GLY J 49 -15.97 12.50 -16.66
CA GLY J 49 -16.65 11.69 -17.64
C GLY J 49 -15.76 11.27 -18.79
N LEU J 50 -16.40 10.69 -19.81
CA LEU J 50 -15.69 10.22 -20.99
C LEU J 50 -15.31 11.39 -21.89
N GLU J 51 -14.04 11.44 -22.27
CA GLU J 51 -13.50 12.48 -23.14
C GLU J 51 -12.86 11.83 -24.35
N TRP J 52 -13.43 12.04 -25.53
CA TRP J 52 -12.89 11.47 -26.75
C TRP J 52 -11.61 12.21 -27.15
N MET J 53 -10.52 11.45 -27.30
CA MET J 53 -9.25 12.06 -27.68
C MET J 53 -9.17 12.29 -29.19
N GLY J 54 -9.28 11.23 -29.97
CA GLY J 54 -9.22 11.36 -31.41
C GLY J 54 -9.24 10.00 -32.06
N GLY J 55 -9.13 10.01 -33.39
CA GLY J 55 -9.14 8.80 -34.19
C GLY J 55 -8.05 8.80 -35.23
N ILE J 56 -8.00 7.72 -35.99
CA ILE J 56 -6.99 7.55 -37.04
C ILE J 56 -7.52 6.57 -38.07
N LEU J 57 -7.21 6.84 -39.34
CA LEU J 57 -7.51 5.92 -40.43
C LEU J 57 -6.20 5.35 -40.95
N PRO J 58 -5.95 4.05 -40.80
CA PRO J 58 -4.61 3.52 -41.13
C PRO J 58 -4.28 3.60 -42.61
N ILE J 59 -5.21 3.24 -43.49
CA ILE J 59 -4.90 3.18 -44.91
C ILE J 59 -4.72 4.56 -45.52
N LEU J 60 -5.31 5.59 -44.92
CA LEU J 60 -5.19 6.96 -45.43
C LEU J 60 -4.20 7.79 -44.63
N GLU J 61 -3.69 7.27 -43.51
CA GLU J 61 -2.77 7.98 -42.63
C GLU J 61 -3.35 9.28 -42.10
N THR J 62 -4.67 9.44 -42.17
CA THR J 62 -5.34 10.64 -41.69
C THR J 62 -5.66 10.49 -40.20
N THR J 63 -5.42 11.55 -39.44
CA THR J 63 -5.61 11.55 -38.00
C THR J 63 -6.55 12.67 -37.61
N TYR J 64 -7.57 12.34 -36.82
CA TYR J 64 -8.48 13.32 -36.26
C TYR J 64 -8.25 13.42 -34.74
N TYR J 65 -8.44 14.61 -34.21
CA TYR J 65 -8.20 14.86 -32.79
C TYR J 65 -9.24 15.83 -32.26
N ALA J 66 -9.35 15.88 -30.93
CA ALA J 66 -10.29 16.77 -30.28
C ALA J 66 -9.69 18.16 -30.12
N LYS J 67 -10.57 19.17 -30.07
CA LYS J 67 -10.11 20.55 -29.94
C LYS J 67 -9.59 20.83 -28.53
N ASN J 68 -10.12 20.14 -27.53
CA ASN J 68 -9.67 20.37 -26.16
C ASN J 68 -8.23 19.90 -25.96
N PHE J 69 -7.81 18.87 -26.71
CA PHE J 69 -6.43 18.40 -26.69
C PHE J 69 -5.71 19.04 -27.88
N LYS J 70 -5.11 20.20 -27.62
CA LYS J 70 -4.51 21.02 -28.67
C LYS J 70 -3.10 20.55 -28.95
N GLY J 71 -2.97 19.65 -29.94
CA GLY J 71 -1.68 19.23 -30.42
C GLY J 71 -0.81 18.48 -29.44
N ARG J 72 -1.40 17.94 -28.37
CA ARG J 72 -0.62 17.18 -27.41
C ARG J 72 -0.55 15.70 -27.74
N VAL J 73 -1.56 15.16 -28.42
CA VAL J 73 -1.68 13.74 -28.68
C VAL J 73 -1.32 13.46 -30.13
N THR J 74 -0.38 12.54 -30.35
CA THR J 74 -0.04 12.04 -31.67
C THR J 74 -0.35 10.55 -31.73
N ILE J 75 -1.01 10.13 -32.81
CA ILE J 75 -1.48 8.75 -32.95
C ILE J 75 -0.87 8.18 -34.22
N THR J 76 -0.08 7.12 -34.07
CA THR J 76 0.54 6.41 -35.18
C THR J 76 0.09 4.96 -35.19
N ALA J 77 0.45 4.25 -36.25
CA ALA J 77 0.10 2.85 -36.40
C ALA J 77 1.01 2.22 -37.43
N ASP J 78 1.25 0.91 -37.27
CA ASP J 78 2.07 0.14 -38.18
C ASP J 78 1.31 -1.11 -38.60
N GLU J 79 1.02 -1.23 -39.90
CA GLU J 79 0.30 -2.39 -40.40
C GLU J 79 1.10 -3.67 -40.33
N SER J 80 2.40 -3.59 -40.05
CA SER J 80 3.22 -4.81 -39.93
C SER J 80 2.91 -5.54 -38.63
N THR J 81 3.12 -4.86 -37.51
CA THR J 81 2.84 -5.46 -36.20
C THR J 81 1.38 -5.35 -35.79
N SER J 82 0.59 -4.56 -36.52
CA SER J 82 -0.84 -4.38 -36.26
C SER J 82 -1.10 -3.90 -34.83
N THR J 83 -0.90 -2.62 -34.58
CA THR J 83 -1.11 -2.05 -33.26
C THR J 83 -1.24 -0.54 -33.38
N VAL J 84 -2.32 0.01 -32.83
CA VAL J 84 -2.55 1.45 -32.79
C VAL J 84 -1.93 2.01 -31.53
N TYR J 85 -1.32 3.19 -31.64
CA TYR J 85 -0.61 3.81 -30.53
C TYR J 85 -1.22 5.17 -30.22
N MET J 86 -0.95 5.64 -29.00
CA MET J 86 -1.37 6.97 -28.56
C MET J 86 -0.28 7.52 -27.65
N GLU J 87 0.19 8.73 -27.96
CA GLU J 87 1.25 9.38 -27.20
C GLU J 87 0.76 10.74 -26.73
N LEU J 88 0.69 10.92 -25.41
CA LEU J 88 0.23 12.16 -24.81
C LEU J 88 1.44 12.91 -24.23
N SER J 89 1.82 14.00 -24.90
CA SER J 89 2.93 14.82 -24.45
C SER J 89 2.46 15.86 -23.44
N SER J 90 3.41 16.48 -22.77
CA SER J 90 3.16 17.54 -21.78
C SER J 90 2.15 17.07 -20.72
N LEU J 91 2.55 16.01 -20.02
CA LEU J 91 1.70 15.46 -18.96
C LEU J 91 1.57 16.47 -17.82
N THR J 92 0.43 16.41 -17.12
CA THR J 92 0.16 17.30 -16.01
C THR J 92 -0.72 16.57 -15.00
N SER J 93 -0.92 17.23 -13.86
CA SER J 93 -1.75 16.64 -12.81
C SER J 93 -3.19 16.44 -13.27
N GLU J 94 -3.66 17.27 -14.19
CA GLU J 94 -5.01 17.14 -14.72
C GLU J 94 -5.13 16.02 -15.75
N ASP J 95 -4.02 15.40 -16.15
CA ASP J 95 -4.02 14.33 -17.14
C ASP J 95 -4.11 12.95 -16.50
N THR J 96 -4.43 12.85 -15.21
CA THR J 96 -4.63 11.57 -14.55
C THR J 96 -6.00 11.04 -14.94
N ALA J 97 -6.03 9.94 -15.68
CA ALA J 97 -7.29 9.42 -16.21
C ALA J 97 -7.11 7.95 -16.58
N VAL J 98 -8.22 7.32 -16.94
CA VAL J 98 -8.23 5.97 -17.49
C VAL J 98 -8.41 6.09 -18.99
N TYR J 99 -7.46 5.55 -19.74
CA TYR J 99 -7.40 5.72 -21.19
C TYR J 99 -7.85 4.45 -21.90
N PHE J 100 -8.84 4.59 -22.77
CA PHE J 100 -9.41 3.48 -23.51
C PHE J 100 -8.99 3.56 -24.99
N CYS J 101 -9.29 2.49 -25.71
CA CYS J 101 -9.20 2.47 -27.17
C CYS J 101 -10.51 1.92 -27.72
N ALA J 102 -11.01 2.56 -28.77
CA ALA J 102 -12.30 2.23 -29.34
C ALA J 102 -12.19 2.09 -30.85
N ARG J 103 -12.81 1.05 -31.39
CA ARG J 103 -12.85 0.81 -32.83
C ARG J 103 -14.29 0.89 -33.32
N ASP J 104 -14.43 0.92 -34.64
CA ASP J 104 -15.73 0.87 -35.30
C ASP J 104 -16.09 -0.57 -35.64
N GLU J 105 -17.40 -0.82 -35.79
CA GLU J 105 -17.86 -2.08 -36.33
C GLU J 105 -18.02 -2.03 -37.84
N HIS J 106 -17.52 -0.98 -38.48
CA HIS J 106 -17.66 -0.83 -39.94
C HIS J 106 -16.39 -0.13 -40.45
N ASP J 107 -15.50 -0.93 -41.03
CA ASP J 107 -14.29 -0.39 -41.64
C ASP J 107 -14.64 0.37 -42.91
N TYR J 108 -14.92 1.68 -42.77
CA TYR J 108 -15.15 2.55 -43.94
C TYR J 108 -16.41 2.13 -44.69
N VAL J 109 -17.45 1.73 -43.96
CA VAL J 109 -18.49 0.94 -44.60
C VAL J 109 -19.91 1.33 -44.20
N TRP J 110 -20.07 2.22 -43.23
CA TRP J 110 -21.42 2.54 -42.75
C TRP J 110 -21.65 4.04 -42.78
N GLY J 111 -22.34 4.51 -43.83
CA GLY J 111 -22.81 5.87 -43.92
C GLY J 111 -21.70 6.88 -43.72
N SER J 112 -22.05 8.05 -43.22
CA SER J 112 -21.05 9.04 -42.86
C SER J 112 -20.60 8.89 -41.41
N TYR J 113 -20.89 7.74 -40.78
CA TYR J 113 -20.79 7.58 -39.33
C TYR J 113 -19.36 7.74 -38.81
N ARG J 114 -18.36 7.34 -39.60
CA ARG J 114 -16.97 7.45 -39.17
C ARG J 114 -16.68 8.89 -38.72
N PRO J 115 -16.23 9.09 -37.47
CA PRO J 115 -15.94 8.07 -36.45
C PRO J 115 -17.17 7.48 -35.76
N SER J 116 -17.35 6.17 -35.87
CA SER J 116 -18.43 5.45 -35.21
C SER J 116 -17.96 4.92 -33.87
N LEU J 117 -18.79 5.05 -32.84
CA LEU J 117 -18.51 4.47 -31.54
C LEU J 117 -19.41 3.28 -31.24
N THR J 118 -19.73 2.47 -32.27
CA THR J 118 -20.57 1.30 -32.14
C THR J 118 -19.80 -0.01 -32.09
N GLY J 119 -18.48 0.03 -32.29
CA GLY J 119 -17.69 -1.17 -32.33
C GLY J 119 -17.19 -1.58 -30.96
N PRO J 120 -16.49 -2.72 -30.92
CA PRO J 120 -15.97 -3.23 -29.65
C PRO J 120 -14.88 -2.33 -29.09
N TRP J 121 -14.65 -2.47 -27.79
CA TRP J 121 -13.69 -1.66 -27.06
C TRP J 121 -12.63 -2.54 -26.43
N GLY J 122 -11.63 -1.89 -25.84
CA GLY J 122 -10.62 -2.58 -25.06
C GLY J 122 -10.90 -2.46 -23.57
N GLN J 123 -10.09 -3.17 -22.78
CA GLN J 123 -10.25 -3.13 -21.34
C GLN J 123 -9.76 -1.82 -20.72
N GLY J 124 -9.08 -0.98 -21.49
CA GLY J 124 -8.60 0.28 -21.00
C GLY J 124 -7.28 0.18 -20.26
N THR J 125 -6.62 1.33 -20.11
CA THR J 125 -5.34 1.43 -19.43
C THR J 125 -5.41 2.58 -18.44
N LEU J 126 -5.15 2.29 -17.17
CA LEU J 126 -5.18 3.32 -16.14
C LEU J 126 -3.82 4.02 -16.08
N VAL J 127 -3.84 5.35 -16.13
CA VAL J 127 -2.63 6.17 -16.10
C VAL J 127 -2.77 7.18 -14.97
N THR J 128 -1.89 7.09 -13.98
CA THR J 128 -1.87 8.01 -12.85
C THR J 128 -0.68 8.93 -12.99
N VAL J 129 -0.95 10.24 -13.06
CA VAL J 129 0.09 11.25 -13.23
C VAL J 129 0.17 12.06 -11.95
N SER J 130 1.32 12.02 -11.30
CA SER J 130 1.54 12.76 -10.05
C SER J 130 3.01 13.15 -9.95
N SER J 131 3.26 14.17 -9.13
CA SER J 131 4.60 14.72 -8.94
C SER J 131 5.18 14.36 -7.58
N ALA J 132 4.78 13.21 -7.03
CA ALA J 132 5.13 12.84 -5.67
C ALA J 132 5.93 11.53 -5.65
N SER J 133 6.88 11.45 -4.73
CA SER J 133 7.58 10.22 -4.43
C SER J 133 6.97 9.59 -3.18
N THR J 134 7.56 8.47 -2.74
CA THR J 134 7.06 7.78 -1.56
C THR J 134 7.32 8.65 -0.32
N LYS J 135 6.25 8.98 0.41
CA LYS J 135 6.34 9.81 1.59
C LYS J 135 5.37 9.31 2.65
N GLY J 136 5.84 9.24 3.90
CA GLY J 136 5.03 8.80 5.00
C GLY J 136 4.02 9.86 5.42
N PRO J 137 2.95 9.43 6.08
CA PRO J 137 1.89 10.36 6.49
C PRO J 137 2.16 10.99 7.85
N SER J 138 1.34 11.98 8.17
CA SER J 138 1.31 12.62 9.48
C SER J 138 -0.07 12.43 10.07
N VAL J 139 -0.13 11.89 11.28
CA VAL J 139 -1.39 11.55 11.94
C VAL J 139 -1.70 12.59 12.99
N PHE J 140 -2.92 13.15 12.93
CA PHE J 140 -3.38 14.13 13.90
C PHE J 140 -4.68 13.62 14.53
N PRO J 141 -4.75 13.53 15.85
CA PRO J 141 -5.94 12.95 16.48
C PRO J 141 -7.11 13.92 16.52
N LEU J 142 -8.29 13.40 16.20
CA LEU J 142 -9.54 14.16 16.29
C LEU J 142 -10.20 13.83 17.62
N ALA J 143 -10.14 14.78 18.56
CA ALA J 143 -10.64 14.52 19.91
C ALA J 143 -12.15 14.42 19.92
N PRO J 144 -12.71 13.62 20.83
CA PRO J 144 -14.17 13.54 20.95
C PRO J 144 -14.76 14.82 21.52
N SER J 145 -16.01 15.09 21.14
CA SER J 145 -16.73 16.28 21.57
C SER J 145 -17.99 15.86 22.32
N SER J 146 -18.01 16.12 23.62
CA SER J 146 -19.16 15.79 24.45
C SER J 146 -20.07 17.00 24.64
N THR J 153 -23.58 8.89 23.15
CA THR J 153 -22.47 8.36 22.36
C THR J 153 -21.65 9.48 21.75
N ALA J 154 -20.36 9.22 21.53
CA ALA J 154 -19.45 10.19 20.97
C ALA J 154 -18.67 9.56 19.82
N ALA J 155 -18.15 10.41 18.94
CA ALA J 155 -17.40 9.98 17.76
C ALA J 155 -15.99 10.56 17.83
N LEU J 156 -14.99 9.73 17.57
CA LEU J 156 -13.60 10.15 17.59
C LEU J 156 -12.84 9.38 16.51
N GLY J 157 -11.82 10.03 15.96
CA GLY J 157 -11.03 9.40 14.93
C GLY J 157 -9.67 10.07 14.78
N CYS J 158 -8.99 9.73 13.69
CA CYS J 158 -7.68 10.29 13.38
C CYS J 158 -7.66 10.78 11.94
N LEU J 159 -6.87 11.82 11.70
CA LEU J 159 -6.74 12.42 10.38
C LEU J 159 -5.37 12.05 9.83
N VAL J 160 -5.35 11.09 8.90
CA VAL J 160 -4.13 10.73 8.19
C VAL J 160 -3.99 11.71 7.03
N LYS J 161 -3.02 12.63 7.13
CA LYS J 161 -2.90 13.75 6.21
C LYS J 161 -1.60 13.65 5.42
N ASP J 162 -1.68 13.93 4.12
CA ASP J 162 -0.52 14.07 3.24
C ASP J 162 0.32 12.80 3.20
N TYR J 163 -0.10 11.80 2.43
CA TYR J 163 0.68 10.59 2.23
C TYR J 163 0.64 10.20 0.75
N PHE J 164 1.64 9.43 0.34
CA PHE J 164 1.76 8.98 -1.04
C PHE J 164 2.78 7.86 -1.08
N PRO J 165 2.53 6.77 -1.84
CA PRO J 165 1.28 6.54 -2.56
C PRO J 165 0.31 5.64 -1.82
N GLU J 166 -0.81 5.31 -2.46
CA GLU J 166 -1.77 4.38 -1.92
C GLU J 166 -1.18 2.97 -1.89
N PRO J 167 -1.69 2.09 -1.01
CA PRO J 167 -2.72 2.32 0.00
C PRO J 167 -2.18 2.38 1.43
N VAL J 168 -3.08 2.68 2.37
CA VAL J 168 -2.75 2.69 3.80
C VAL J 168 -3.88 2.02 4.55
N THR J 169 -3.54 1.25 5.58
CA THR J 169 -4.51 0.57 6.42
C THR J 169 -4.54 1.22 7.80
N VAL J 170 -5.72 1.17 8.43
CA VAL J 170 -5.94 1.79 9.73
C VAL J 170 -6.69 0.81 10.61
N SER J 171 -6.17 0.60 11.82
CA SER J 171 -6.82 -0.25 12.82
C SER J 171 -6.83 0.48 14.16
N TRP J 172 -7.74 0.06 15.03
CA TRP J 172 -7.92 0.66 16.34
C TRP J 172 -7.52 -0.34 17.43
N ASN J 173 -6.55 0.06 18.25
CA ASN J 173 -6.09 -0.76 19.38
C ASN J 173 -5.64 -2.15 18.94
N SER J 174 -4.81 -2.17 17.89
CA SER J 174 -4.26 -3.42 17.33
C SER J 174 -5.38 -4.36 16.89
N GLY J 175 -6.45 -3.80 16.34
CA GLY J 175 -7.56 -4.58 15.86
C GLY J 175 -8.55 -5.01 16.92
N ALA J 176 -8.34 -4.65 18.19
CA ALA J 176 -9.28 -5.03 19.25
C ALA J 176 -10.62 -4.31 19.11
N LEU J 177 -10.64 -3.15 18.47
CA LEU J 177 -11.87 -2.40 18.24
C LEU J 177 -12.28 -2.60 16.79
N THR J 178 -13.46 -3.17 16.58
CA THR J 178 -13.95 -3.46 15.24
C THR J 178 -15.37 -2.96 14.99
N SER J 179 -16.28 -3.14 15.95
CA SER J 179 -17.66 -2.75 15.76
C SER J 179 -17.80 -1.24 15.83
N GLY J 180 -18.37 -0.64 14.78
CA GLY J 180 -18.60 0.79 14.73
C GLY J 180 -17.52 1.60 14.05
N VAL J 181 -16.49 0.95 13.50
CA VAL J 181 -15.39 1.65 12.84
C VAL J 181 -15.72 1.80 11.36
N HIS J 182 -15.60 3.02 10.85
CA HIS J 182 -15.86 3.31 9.44
C HIS J 182 -14.67 4.06 8.87
N THR J 183 -13.87 3.37 8.05
CA THR J 183 -12.71 3.98 7.41
C THR J 183 -13.15 4.55 6.06
N PHE J 184 -12.95 5.86 5.89
CA PHE J 184 -13.40 6.56 4.70
C PHE J 184 -12.35 6.49 3.60
N PRO J 185 -12.76 6.61 2.34
CA PRO J 185 -11.80 6.60 1.23
C PRO J 185 -10.85 7.78 1.32
N ALA J 186 -9.80 7.72 0.49
CA ALA J 186 -8.76 8.73 0.49
C ALA J 186 -9.15 9.89 -0.42
N VAL J 187 -8.83 11.11 0.04
CA VAL J 187 -9.04 12.31 -0.76
C VAL J 187 -7.78 12.59 -1.56
N LEU J 188 -7.93 13.22 -2.71
CA LEU J 188 -6.81 13.55 -3.60
C LEU J 188 -6.70 15.07 -3.66
N GLN J 189 -5.73 15.62 -2.93
CA GLN J 189 -5.50 17.05 -2.93
C GLN J 189 -4.87 17.48 -4.26
N SER J 190 -4.87 18.80 -4.48
CA SER J 190 -4.22 19.35 -5.66
C SER J 190 -2.70 19.24 -5.58
N SER J 191 -2.15 18.99 -4.39
CA SER J 191 -0.71 18.86 -4.22
C SER J 191 -0.19 17.47 -4.56
N GLY J 192 -1.08 16.51 -4.84
CA GLY J 192 -0.68 15.16 -5.16
C GLY J 192 -0.55 14.23 -3.98
N LEU J 193 -0.82 14.70 -2.77
CA LEU J 193 -0.74 13.89 -1.57
C LEU J 193 -2.15 13.49 -1.13
N TYR J 194 -2.29 12.24 -0.68
CA TYR J 194 -3.58 11.71 -0.29
C TYR J 194 -3.84 11.92 1.20
N SER J 195 -5.11 11.78 1.58
CA SER J 195 -5.52 11.95 2.97
C SER J 195 -6.86 11.25 3.18
N LEU J 196 -7.06 10.72 4.38
CA LEU J 196 -8.30 10.07 4.75
C LEU J 196 -8.51 10.21 6.25
N SER J 197 -9.58 9.59 6.74
CA SER J 197 -9.91 9.62 8.16
C SER J 197 -10.73 8.39 8.52
N SER J 198 -10.42 7.80 9.68
CA SER J 198 -11.14 6.66 10.20
C SER J 198 -11.68 7.02 11.58
N VAL J 199 -12.99 6.96 11.75
CA VAL J 199 -13.66 7.38 12.97
C VAL J 199 -14.50 6.22 13.50
N VAL J 200 -14.40 5.97 14.80
CA VAL J 200 -15.17 4.93 15.47
C VAL J 200 -16.19 5.59 16.38
N THR J 201 -17.37 4.97 16.48
CA THR J 201 -18.45 5.47 17.33
C THR J 201 -18.43 4.68 18.63
N VAL J 202 -18.10 5.36 19.73
CA VAL J 202 -17.94 4.71 21.03
C VAL J 202 -18.96 5.30 21.98
N PRO J 203 -19.30 4.60 23.06
CA PRO J 203 -20.19 5.16 24.06
C PRO J 203 -19.55 6.34 24.78
N SER J 204 -20.41 7.11 25.46
CA SER J 204 -19.93 8.30 26.17
C SER J 204 -19.29 7.96 27.51
N SER J 205 -19.70 6.85 28.14
CA SER J 205 -19.17 6.48 29.45
C SER J 205 -17.78 5.88 29.39
N SER J 206 -17.26 5.60 28.19
CA SER J 206 -15.94 4.98 28.05
C SER J 206 -14.82 5.99 27.87
N LEU J 207 -15.13 7.28 27.71
CA LEU J 207 -14.10 8.28 27.50
C LEU J 207 -13.33 8.59 28.79
N GLY J 208 -13.91 8.29 29.95
CA GLY J 208 -13.26 8.67 31.20
C GLY J 208 -12.04 7.81 31.52
N THR J 209 -12.11 6.51 31.19
CA THR J 209 -11.06 5.58 31.56
C THR J 209 -10.37 4.95 30.36
N GLN J 210 -11.12 4.41 29.41
CA GLN J 210 -10.52 3.67 28.31
C GLN J 210 -9.74 4.58 27.38
N THR J 211 -8.54 4.14 27.01
CA THR J 211 -7.69 4.85 26.07
C THR J 211 -7.88 4.30 24.66
N TYR J 212 -7.76 5.17 23.67
CA TYR J 212 -7.96 4.83 22.28
C TYR J 212 -6.70 5.14 21.49
N ILE J 213 -6.10 4.10 20.90
CA ILE J 213 -4.87 4.22 20.13
C ILE J 213 -5.20 3.85 18.68
N CYS J 214 -4.94 4.78 17.76
CA CYS J 214 -5.17 4.54 16.34
C CYS J 214 -3.89 4.05 15.69
N ASN J 215 -3.99 2.95 14.94
CA ASN J 215 -2.85 2.33 14.29
C ASN J 215 -2.92 2.58 12.79
N VAL J 216 -1.90 3.23 12.24
CA VAL J 216 -1.83 3.56 10.83
C VAL J 216 -0.61 2.88 10.23
N ASN J 217 -0.80 2.26 9.06
CA ASN J 217 0.27 1.56 8.36
C ASN J 217 0.51 2.23 7.01
N HIS J 218 1.77 2.47 6.68
CA HIS J 218 2.18 3.02 5.38
C HIS J 218 3.14 2.02 4.75
N LYS J 219 2.59 1.16 3.88
CA LYS J 219 3.40 0.12 3.26
C LYS J 219 4.56 0.65 2.40
N PRO J 220 4.39 1.69 1.56
CA PRO J 220 5.53 2.13 0.75
C PRO J 220 6.72 2.61 1.57
N SER J 221 6.48 3.39 2.62
CA SER J 221 7.56 3.90 3.45
C SER J 221 7.86 3.02 4.66
N ASN J 222 7.20 1.87 4.77
CA ASN J 222 7.38 0.95 5.90
C ASN J 222 7.14 1.67 7.23
N THR J 223 6.04 2.41 7.30
CA THR J 223 5.72 3.23 8.45
C THR J 223 4.48 2.67 9.15
N LYS J 224 4.60 2.43 10.45
CA LYS J 224 3.49 1.95 11.28
C LYS J 224 3.42 2.84 12.51
N VAL J 225 2.51 3.83 12.47
CA VAL J 225 2.42 4.86 13.51
C VAL J 225 1.21 4.58 14.38
N ASP J 226 1.41 4.63 15.69
CA ASP J 226 0.33 4.50 16.67
C ASP J 226 0.14 5.84 17.36
N LYS J 227 -1.09 6.35 17.34
CA LYS J 227 -1.41 7.65 17.93
C LYS J 227 -2.57 7.48 18.91
N LYS J 228 -2.44 8.12 20.07
CA LYS J 228 -3.46 8.06 21.10
C LYS J 228 -4.40 9.26 20.98
N VAL J 229 -5.70 8.98 20.99
CA VAL J 229 -6.73 10.00 20.87
C VAL J 229 -7.38 10.15 22.23
N GLU J 230 -7.00 11.19 22.97
CA GLU J 230 -7.55 11.41 24.30
C GLU J 230 -8.58 12.54 24.27
N PRO J 231 -9.61 12.47 25.12
CA PRO J 231 -10.65 13.50 25.24
C PRO J 231 -10.09 14.89 25.51
N VAL K 7 -25.14 -29.46 37.01
CA VAL K 7 -26.17 -28.69 36.35
C VAL K 7 -25.83 -28.49 34.88
N GLN K 8 -26.81 -28.05 34.09
CA GLN K 8 -26.62 -27.82 32.67
C GLN K 8 -27.55 -26.71 32.22
N LEU K 9 -27.15 -26.03 31.15
CA LEU K 9 -27.93 -24.94 30.57
C LEU K 9 -28.38 -25.32 29.17
N VAL K 10 -29.57 -24.85 28.79
CA VAL K 10 -30.16 -25.14 27.49
C VAL K 10 -30.71 -23.84 26.93
N GLN K 11 -30.19 -23.42 25.78
CA GLN K 11 -30.63 -22.20 25.11
C GLN K 11 -31.57 -22.55 23.95
N SER K 12 -32.23 -21.52 23.43
CA SER K 12 -33.13 -21.70 22.31
C SER K 12 -32.35 -21.97 21.02
N GLY K 13 -33.06 -22.40 19.99
CA GLY K 13 -32.45 -22.74 18.73
C GLY K 13 -31.92 -21.51 18.00
N ALA K 14 -31.35 -21.77 16.83
CA ALA K 14 -30.79 -20.70 16.01
C ALA K 14 -31.89 -19.78 15.51
N GLU K 15 -31.61 -18.48 15.50
CA GLU K 15 -32.56 -17.46 15.08
C GLU K 15 -32.01 -16.68 13.89
N VAL K 16 -32.90 -16.28 13.00
CA VAL K 16 -32.55 -15.47 11.84
C VAL K 16 -33.49 -14.26 11.85
N LYS K 17 -32.94 -13.09 12.16
CA LYS K 17 -33.73 -11.87 12.30
C LYS K 17 -33.35 -10.85 11.23
N LYS K 18 -34.30 -10.01 10.87
CA LYS K 18 -34.09 -8.96 9.91
C LYS K 18 -33.44 -7.74 10.57
N PRO K 19 -32.70 -6.93 9.82
CA PRO K 19 -32.08 -5.74 10.41
C PRO K 19 -33.11 -4.78 10.95
N GLY K 20 -32.86 -4.27 12.15
CA GLY K 20 -33.75 -3.34 12.81
C GLY K 20 -34.80 -3.97 13.70
N SER K 21 -35.00 -5.28 13.61
CA SER K 21 -36.02 -5.96 14.41
C SER K 21 -35.51 -6.17 15.83
N SER K 22 -36.34 -6.83 16.65
CA SER K 22 -36.01 -7.12 18.03
C SER K 22 -35.95 -8.63 18.22
N MET K 23 -34.90 -9.10 18.87
CA MET K 23 -34.67 -10.53 19.07
C MET K 23 -34.44 -10.82 20.55
N LYS K 24 -35.00 -11.93 21.02
CA LYS K 24 -34.82 -12.39 22.38
C LYS K 24 -34.28 -13.83 22.36
N VAL K 25 -33.38 -14.13 23.29
CA VAL K 25 -32.76 -15.45 23.41
C VAL K 25 -32.97 -15.96 24.82
N SER K 26 -33.40 -17.21 24.93
CA SER K 26 -33.70 -17.84 26.22
C SER K 26 -32.49 -18.64 26.71
N CYS K 27 -32.57 -19.05 27.98
CA CYS K 27 -31.51 -19.85 28.59
C CYS K 27 -32.12 -20.53 29.83
N LYS K 28 -32.68 -21.71 29.63
CA LYS K 28 -33.32 -22.45 30.71
C LYS K 28 -32.29 -23.20 31.53
N ALA K 29 -32.42 -23.11 32.85
CA ALA K 29 -31.50 -23.77 33.78
C ALA K 29 -32.25 -24.74 34.67
N SER K 30 -31.52 -25.72 35.19
CA SER K 30 -32.10 -26.74 36.06
C SER K 30 -32.48 -26.14 37.42
N PHE K 34 -33.56 -22.72 43.20
CA PHE K 34 -32.42 -21.98 43.76
C PHE K 34 -31.71 -21.19 42.65
N ASN K 35 -32.25 -20.01 42.35
CA ASN K 35 -31.69 -19.15 41.32
C ASN K 35 -31.14 -17.88 41.97
N ARG K 36 -30.06 -18.03 42.71
CA ARG K 36 -29.37 -16.91 43.34
C ARG K 36 -28.09 -16.52 42.59
N TYR K 37 -27.67 -17.32 41.61
CA TYR K 37 -26.49 -17.00 40.83
C TYR K 37 -26.76 -15.83 39.89
N VAL K 38 -25.70 -15.32 39.28
CA VAL K 38 -25.80 -14.33 38.22
C VAL K 38 -25.71 -15.06 36.89
N PHE K 39 -26.44 -14.54 35.89
CA PHE K 39 -26.48 -15.14 34.56
C PHE K 39 -26.02 -14.11 33.55
N SER K 40 -24.90 -14.39 32.88
CA SER K 40 -24.29 -13.46 31.95
C SER K 40 -24.63 -13.85 30.51
N TRP K 41 -24.11 -13.07 29.56
CA TRP K 41 -24.33 -13.32 28.14
C TRP K 41 -23.07 -12.91 27.39
N VAL K 42 -22.48 -13.85 26.66
CA VAL K 42 -21.24 -13.63 25.93
C VAL K 42 -21.42 -14.11 24.49
N ARG K 43 -20.94 -13.30 23.55
CA ARG K 43 -21.03 -13.60 22.13
C ARG K 43 -19.63 -13.62 21.51
N GLN K 44 -19.58 -14.05 20.25
CA GLN K 44 -18.35 -13.99 19.47
C GLN K 44 -18.71 -13.72 18.02
N ALA K 45 -18.43 -12.51 17.56
CA ALA K 45 -18.62 -12.20 16.16
C ALA K 45 -17.61 -12.98 15.31
N PRO K 46 -17.96 -13.28 14.06
CA PRO K 46 -17.02 -14.01 13.20
C PRO K 46 -15.70 -13.26 13.05
N GLY K 47 -14.61 -13.93 13.44
CA GLY K 47 -13.30 -13.34 13.42
C GLY K 47 -13.01 -12.38 14.55
N GLN K 48 -13.86 -12.34 15.58
CA GLN K 48 -13.69 -11.44 16.71
C GLN K 48 -13.53 -12.27 17.98
N GLY K 49 -13.40 -11.56 19.11
CA GLY K 49 -13.22 -12.20 20.40
C GLY K 49 -14.49 -12.18 21.24
N LEU K 50 -14.43 -12.90 22.35
CA LEU K 50 -15.56 -12.96 23.27
C LEU K 50 -15.80 -11.60 23.91
N GLU K 51 -17.06 -11.28 24.15
CA GLU K 51 -17.45 -9.98 24.69
C GLU K 51 -18.57 -10.16 25.69
N TRP K 52 -18.30 -9.84 26.95
CA TRP K 52 -19.33 -9.87 27.98
C TRP K 52 -20.33 -8.75 27.76
N MET K 53 -21.61 -9.05 27.96
CA MET K 53 -22.68 -8.10 27.71
C MET K 53 -23.34 -7.60 28.98
N GLY K 54 -23.76 -8.50 29.87
CA GLY K 54 -24.38 -8.09 31.10
C GLY K 54 -24.87 -9.29 31.88
N GLY K 55 -25.18 -9.04 33.16
CA GLY K 55 -25.68 -10.07 34.05
C GLY K 55 -26.92 -9.60 34.78
N ILE K 56 -27.47 -10.51 35.58
CA ILE K 56 -28.68 -10.24 36.35
C ILE K 56 -28.67 -11.11 37.59
N LEU K 57 -28.84 -10.48 38.76
CA LEU K 57 -29.00 -11.19 40.01
C LEU K 57 -30.48 -11.17 40.39
N PRO K 58 -31.24 -12.23 40.10
CA PRO K 58 -32.68 -12.18 40.36
C PRO K 58 -33.06 -12.08 41.83
N ILE K 59 -32.18 -12.52 42.74
CA ILE K 59 -32.48 -12.43 44.16
C ILE K 59 -32.48 -10.97 44.61
N LEU K 60 -31.57 -10.17 44.07
CA LEU K 60 -31.46 -8.75 44.40
C LEU K 60 -32.08 -7.86 43.34
N GLU K 61 -32.53 -8.43 42.21
CA GLU K 61 -33.19 -7.70 41.13
C GLU K 61 -32.28 -6.62 40.55
N THR K 62 -30.98 -6.85 40.55
CA THR K 62 -30.02 -5.93 39.96
C THR K 62 -29.55 -6.48 38.62
N THR K 63 -29.49 -5.60 37.62
CA THR K 63 -29.09 -5.97 36.26
C THR K 63 -27.89 -5.15 35.85
N TYR K 64 -26.84 -5.83 35.39
CA TYR K 64 -25.63 -5.18 34.91
C TYR K 64 -25.61 -5.18 33.38
N TYR K 65 -24.89 -4.22 32.81
CA TYR K 65 -24.77 -4.10 31.36
C TYR K 65 -23.40 -3.54 31.03
N ALA K 66 -22.79 -4.07 29.98
CA ALA K 66 -21.51 -3.55 29.50
C ALA K 66 -21.69 -2.14 28.94
N LYS K 67 -20.60 -1.38 28.93
CA LYS K 67 -20.66 0.00 28.46
C LYS K 67 -20.96 0.08 26.98
N ASN K 68 -20.49 -0.89 26.20
CA ASN K 68 -20.73 -0.86 24.75
C ASN K 68 -22.19 -1.10 24.39
N PHE K 69 -22.98 -1.67 25.30
CA PHE K 69 -24.40 -1.93 25.08
C PHE K 69 -25.17 -1.09 26.09
N LYS K 70 -25.59 0.10 25.67
CA LYS K 70 -26.30 1.05 26.53
C LYS K 70 -27.74 1.16 26.02
N GLY K 71 -28.63 0.36 26.60
CA GLY K 71 -30.03 0.39 26.27
C GLY K 71 -30.45 -0.57 25.18
N ARG K 72 -29.52 -1.13 24.42
CA ARG K 72 -29.88 -2.07 23.37
C ARG K 72 -30.13 -3.47 23.91
N VAL K 73 -29.51 -3.82 25.02
CA VAL K 73 -29.67 -5.13 25.65
C VAL K 73 -30.47 -4.97 26.92
N THR K 74 -31.45 -5.86 27.13
CA THR K 74 -32.22 -5.91 28.36
C THR K 74 -32.30 -7.35 28.83
N ILE K 75 -32.12 -7.55 30.14
CA ILE K 75 -32.06 -8.87 30.74
C ILE K 75 -33.19 -8.99 31.75
N THR K 76 -34.07 -9.97 31.54
CA THR K 76 -35.16 -10.28 32.44
C THR K 76 -35.02 -11.71 32.95
N ALA K 77 -35.65 -11.98 34.09
CA ALA K 77 -35.58 -13.29 34.71
C ALA K 77 -36.92 -13.65 35.32
N ASP K 78 -37.31 -14.92 35.17
CA ASP K 78 -38.55 -15.43 35.73
C ASP K 78 -38.21 -16.56 36.69
N GLU K 79 -38.55 -16.37 37.97
CA GLU K 79 -38.24 -17.37 38.99
C GLU K 79 -39.07 -18.65 38.83
N SER K 80 -40.20 -18.57 38.13
CA SER K 80 -41.07 -19.74 37.99
C SER K 80 -40.38 -20.84 37.21
N THR K 81 -39.72 -20.50 36.10
CA THR K 81 -39.06 -21.48 35.25
C THR K 81 -37.54 -21.35 35.25
N SER K 82 -36.98 -20.39 35.98
CA SER K 82 -35.54 -20.18 36.06
C SER K 82 -34.94 -19.97 34.67
N THR K 83 -35.56 -19.09 33.89
CA THR K 83 -35.13 -18.79 32.53
C THR K 83 -34.73 -17.33 32.45
N VAL K 84 -33.49 -17.08 32.02
CA VAL K 84 -32.96 -15.74 31.86
C VAL K 84 -33.00 -15.38 30.38
N TYR K 85 -33.58 -14.22 30.06
CA TYR K 85 -33.78 -13.79 28.69
C TYR K 85 -32.91 -12.59 28.38
N MET K 86 -32.41 -12.53 27.16
CA MET K 86 -31.63 -11.39 26.66
C MET K 86 -32.26 -10.91 25.37
N GLU K 87 -32.72 -9.66 25.36
CA GLU K 87 -33.38 -9.08 24.20
C GLU K 87 -32.54 -7.94 23.65
N LEU K 88 -32.22 -8.01 22.36
CA LEU K 88 -31.39 -7.01 21.69
C LEU K 88 -32.25 -6.27 20.67
N SER K 89 -32.41 -4.97 20.86
CA SER K 89 -33.18 -4.13 19.96
C SER K 89 -32.26 -3.41 18.99
N SER K 90 -32.84 -2.97 17.87
CA SER K 90 -32.11 -2.30 16.79
C SER K 90 -30.96 -3.17 16.29
N LEU K 91 -31.35 -4.28 15.67
CA LEU K 91 -30.39 -5.26 15.18
C LEU K 91 -29.72 -4.77 13.90
N THR K 92 -28.40 -4.88 13.86
CA THR K 92 -27.61 -4.51 12.70
C THR K 92 -26.85 -5.74 12.20
N SER K 93 -26.24 -5.60 11.03
CA SER K 93 -25.50 -6.70 10.42
C SER K 93 -24.25 -7.07 11.21
N GLU K 94 -23.85 -6.27 12.19
CA GLU K 94 -22.68 -6.56 13.01
C GLU K 94 -23.02 -7.41 14.23
N ASP K 95 -24.30 -7.57 14.56
CA ASP K 95 -24.72 -8.34 15.73
C ASP K 95 -24.81 -9.84 15.45
N THR K 96 -24.46 -10.28 14.25
CA THR K 96 -24.47 -11.71 13.93
C THR K 96 -23.32 -12.40 14.67
N ALA K 97 -23.67 -13.25 15.62
CA ALA K 97 -22.67 -13.93 16.45
C ALA K 97 -23.31 -15.15 17.10
N VAL K 98 -22.51 -15.90 17.85
CA VAL K 98 -22.96 -17.05 18.61
C VAL K 98 -23.07 -16.61 20.06
N TYR K 99 -24.29 -16.54 20.58
CA TYR K 99 -24.56 -15.99 21.90
C TYR K 99 -24.67 -17.11 22.94
N PHE K 100 -23.92 -16.97 24.02
CA PHE K 100 -23.92 -17.93 25.13
C PHE K 100 -24.51 -17.29 26.37
N CYS K 101 -24.94 -18.16 27.30
CA CYS K 101 -25.31 -17.75 28.65
C CYS K 101 -24.45 -18.51 29.64
N ALA K 102 -23.80 -17.78 30.54
CA ALA K 102 -22.86 -18.37 31.49
C ALA K 102 -23.21 -17.91 32.89
N ARG K 103 -23.43 -18.86 33.78
CA ARG K 103 -23.67 -18.56 35.19
C ARG K 103 -22.35 -18.58 35.96
N ASP K 104 -22.42 -18.13 37.21
CA ASP K 104 -21.25 -18.10 38.06
C ASP K 104 -21.00 -19.49 38.66
N GLU K 105 -19.79 -19.67 39.20
CA GLU K 105 -19.44 -20.94 39.82
C GLU K 105 -20.23 -21.16 41.10
N HIS K 106 -20.10 -20.25 42.06
CA HIS K 106 -20.80 -20.34 43.33
C HIS K 106 -21.85 -19.25 43.43
N ASP K 107 -22.73 -19.41 44.43
CA ASP K 107 -23.85 -18.50 44.63
C ASP K 107 -23.49 -17.49 45.72
N TYR K 108 -23.11 -16.29 45.29
CA TYR K 108 -22.92 -15.16 46.19
C TYR K 108 -21.79 -15.39 47.19
N VAL K 109 -21.10 -16.52 47.11
CA VAL K 109 -20.11 -16.89 48.12
C VAL K 109 -18.79 -17.31 47.46
N TRP K 110 -18.65 -17.03 46.16
CA TRP K 110 -17.38 -17.26 45.47
C TRP K 110 -16.42 -16.09 45.74
N GLY K 111 -16.07 -15.95 47.02
CA GLY K 111 -15.32 -14.80 47.47
C GLY K 111 -16.05 -13.51 47.16
N SER K 112 -15.52 -12.75 46.21
CA SER K 112 -16.17 -11.54 45.72
C SER K 112 -15.72 -11.31 44.27
N TYR K 113 -15.91 -12.32 43.43
CA TYR K 113 -15.53 -12.26 42.03
C TYR K 113 -16.71 -12.15 41.08
N ARG K 114 -17.92 -12.04 41.61
CA ARG K 114 -19.10 -11.89 40.76
C ARG K 114 -19.06 -10.53 40.07
N PRO K 115 -19.34 -10.46 38.76
CA PRO K 115 -19.74 -11.59 37.91
C PRO K 115 -18.58 -12.44 37.40
N SER K 116 -18.35 -13.58 38.04
CA SER K 116 -17.37 -14.55 37.57
C SER K 116 -18.03 -15.53 36.62
N LEU K 117 -17.33 -15.87 35.55
CA LEU K 117 -17.86 -16.76 34.52
C LEU K 117 -17.14 -18.10 34.49
N THR K 118 -16.71 -18.59 35.66
CA THR K 118 -16.12 -19.91 35.78
C THR K 118 -17.15 -20.99 36.07
N GLY K 119 -18.43 -20.70 35.86
CA GLY K 119 -19.48 -21.67 36.07
C GLY K 119 -19.90 -22.33 34.77
N PRO K 120 -20.99 -23.10 34.82
CA PRO K 120 -21.44 -23.78 33.60
C PRO K 120 -21.88 -22.81 32.52
N TRP K 121 -21.72 -23.23 31.28
CA TRP K 121 -22.08 -22.44 30.11
C TRP K 121 -23.27 -23.06 29.40
N GLY K 122 -23.90 -22.26 28.53
CA GLY K 122 -24.93 -22.78 27.67
C GLY K 122 -24.38 -23.43 26.43
N GLN K 123 -25.22 -24.22 25.76
CA GLN K 123 -24.77 -24.94 24.58
C GLN K 123 -24.52 -24.02 23.39
N GLY K 124 -25.09 -22.82 23.40
CA GLY K 124 -24.83 -21.85 22.35
C GLY K 124 -26.03 -21.67 21.43
N THR K 125 -26.28 -20.43 21.03
CA THR K 125 -27.35 -20.08 20.11
C THR K 125 -26.80 -19.11 19.08
N LEU K 126 -26.92 -19.47 17.80
CA LEU K 126 -26.42 -18.64 16.71
C LEU K 126 -27.55 -17.75 16.19
N VAL K 127 -27.21 -16.49 15.93
CA VAL K 127 -28.15 -15.50 15.43
C VAL K 127 -27.60 -14.92 14.14
N THR K 128 -28.39 -15.00 13.07
CA THR K 128 -27.99 -14.53 11.75
C THR K 128 -28.83 -13.30 11.41
N VAL K 129 -28.20 -12.14 11.35
CA VAL K 129 -28.85 -10.89 10.99
C VAL K 129 -28.53 -10.62 9.52
N SER K 130 -29.55 -10.67 8.67
CA SER K 130 -29.37 -10.48 7.24
C SER K 130 -30.63 -9.86 6.65
N SER K 131 -30.44 -9.02 5.64
CA SER K 131 -31.55 -8.35 4.98
C SER K 131 -32.17 -9.17 3.86
N ALA K 132 -31.49 -10.22 3.40
CA ALA K 132 -32.01 -11.04 2.32
C ALA K 132 -33.26 -11.80 2.76
N SER K 133 -34.07 -12.16 1.78
CA SER K 133 -35.30 -12.90 2.02
C SER K 133 -35.10 -14.39 1.73
N THR K 134 -36.01 -15.21 2.23
CA THR K 134 -35.94 -16.64 2.03
C THR K 134 -36.08 -16.98 0.56
N LYS K 135 -35.07 -17.62 -0.01
CA LYS K 135 -35.04 -17.94 -1.44
C LYS K 135 -34.53 -19.36 -1.64
N GLY K 136 -35.17 -20.07 -2.56
CA GLY K 136 -34.74 -21.41 -2.91
C GLY K 136 -33.54 -21.38 -3.84
N PRO K 137 -32.74 -22.44 -3.82
CA PRO K 137 -31.52 -22.47 -4.63
C PRO K 137 -31.80 -22.80 -6.09
N SER K 138 -30.95 -22.27 -6.95
CA SER K 138 -30.94 -22.61 -8.38
C SER K 138 -29.73 -23.51 -8.63
N VAL K 139 -29.99 -24.80 -8.80
CA VAL K 139 -28.94 -25.81 -8.89
C VAL K 139 -28.60 -26.04 -10.35
N PHE K 140 -27.31 -26.08 -10.66
CA PHE K 140 -26.82 -26.33 -12.00
C PHE K 140 -25.86 -27.53 -11.99
N PRO K 141 -26.01 -28.46 -12.95
CA PRO K 141 -25.14 -29.65 -12.96
C PRO K 141 -23.81 -29.34 -13.63
N LEU K 142 -22.72 -29.52 -12.89
CA LEU K 142 -21.37 -29.35 -13.41
C LEU K 142 -20.94 -30.64 -14.08
N ALA K 143 -20.91 -30.64 -15.41
CA ALA K 143 -20.61 -31.86 -16.15
C ALA K 143 -19.17 -32.30 -15.91
N PRO K 144 -18.92 -33.61 -15.84
CA PRO K 144 -17.54 -34.08 -15.66
C PRO K 144 -16.71 -33.82 -16.91
N SER K 145 -15.57 -33.17 -16.74
CA SER K 145 -14.69 -32.82 -17.85
C SER K 145 -13.93 -34.07 -18.28
N SER K 146 -14.29 -34.61 -19.45
CA SER K 146 -13.60 -35.78 -19.98
C SER K 146 -12.18 -35.44 -20.44
N LYS K 147 -11.89 -34.16 -20.65
CA LYS K 147 -10.53 -33.78 -21.06
C LYS K 147 -9.54 -33.95 -19.93
N SER K 148 -9.97 -33.76 -18.68
CA SER K 148 -9.12 -33.89 -17.50
C SER K 148 -9.74 -34.92 -16.58
N THR K 149 -9.43 -36.19 -16.82
CA THR K 149 -9.91 -37.27 -15.97
C THR K 149 -9.08 -37.43 -14.69
N SER K 150 -7.92 -36.77 -14.61
CA SER K 150 -7.05 -36.81 -13.44
C SER K 150 -6.70 -38.24 -13.05
N GLY K 151 -6.28 -39.03 -14.04
CA GLY K 151 -5.82 -40.39 -13.78
C GLY K 151 -6.89 -41.46 -13.79
N GLY K 152 -8.02 -41.21 -14.44
CA GLY K 152 -9.09 -42.19 -14.52
C GLY K 152 -10.20 -41.99 -13.52
N THR K 153 -10.03 -41.13 -12.53
CA THR K 153 -11.06 -40.82 -11.54
C THR K 153 -11.54 -39.41 -11.79
N ALA K 154 -12.42 -39.27 -12.79
CA ALA K 154 -12.95 -37.97 -13.17
C ALA K 154 -13.83 -37.41 -12.05
N ALA K 155 -14.12 -36.11 -12.14
CA ALA K 155 -14.86 -35.41 -11.10
C ALA K 155 -16.05 -34.70 -11.72
N LEU K 156 -17.23 -34.89 -11.12
CA LEU K 156 -18.43 -34.18 -11.47
C LEU K 156 -19.03 -33.59 -10.20
N GLY K 157 -20.02 -32.72 -10.36
CA GLY K 157 -20.63 -32.10 -9.19
C GLY K 157 -21.83 -31.25 -9.55
N CYS K 158 -22.41 -30.66 -8.52
CA CYS K 158 -23.55 -29.77 -8.64
C CYS K 158 -23.19 -28.41 -8.05
N LEU K 159 -23.68 -27.34 -8.67
CA LEU K 159 -23.45 -25.98 -8.21
C LEU K 159 -24.73 -25.46 -7.57
N VAL K 160 -24.69 -25.24 -6.25
CA VAL K 160 -25.80 -24.64 -5.53
C VAL K 160 -25.54 -23.14 -5.50
N LYS K 161 -26.24 -22.40 -6.35
CA LYS K 161 -26.03 -20.96 -6.50
C LYS K 161 -27.28 -20.21 -6.06
N ASP K 162 -27.05 -19.10 -5.34
CA ASP K 162 -28.11 -18.20 -4.89
C ASP K 162 -29.16 -18.91 -4.04
N TYR K 163 -28.86 -19.10 -2.75
CA TYR K 163 -29.85 -19.62 -1.81
C TYR K 163 -29.72 -18.87 -0.49
N PHE K 164 -30.83 -18.81 0.24
CA PHE K 164 -30.86 -18.14 1.53
C PHE K 164 -32.01 -18.69 2.37
N PRO K 165 -31.77 -18.97 3.66
CA PRO K 165 -30.46 -18.86 4.30
C PRO K 165 -29.73 -20.20 4.38
N GLU K 166 -28.72 -20.26 5.23
CA GLU K 166 -27.99 -21.49 5.48
C GLU K 166 -28.75 -22.34 6.49
N PRO K 167 -28.57 -23.68 6.45
CA PRO K 167 -27.74 -24.43 5.51
C PRO K 167 -28.55 -25.22 4.48
N VAL K 168 -27.85 -25.97 3.63
CA VAL K 168 -28.46 -26.89 2.68
C VAL K 168 -27.76 -28.23 2.81
N THR K 169 -28.53 -29.31 2.74
CA THR K 169 -28.00 -30.67 2.83
C THR K 169 -27.94 -31.26 1.43
N VAL K 170 -26.75 -31.69 1.03
CA VAL K 170 -26.51 -32.24 -0.30
C VAL K 170 -26.17 -33.72 -0.17
N SER K 171 -26.87 -34.55 -0.94
CA SER K 171 -26.59 -35.98 -0.99
C SER K 171 -26.56 -36.43 -2.45
N TRP K 172 -25.94 -37.59 -2.67
CA TRP K 172 -25.78 -38.14 -4.01
C TRP K 172 -26.33 -39.55 -4.04
N ASN K 173 -27.14 -39.85 -5.05
CA ASN K 173 -27.81 -41.16 -5.20
C ASN K 173 -28.60 -41.51 -3.95
N SER K 174 -29.24 -40.50 -3.36
CA SER K 174 -30.02 -40.66 -2.12
C SER K 174 -29.17 -41.24 -1.00
N GLY K 175 -27.94 -40.75 -0.88
CA GLY K 175 -27.03 -41.20 0.15
C GLY K 175 -26.33 -42.51 -0.13
N ALA K 176 -26.63 -43.18 -1.25
CA ALA K 176 -25.98 -44.44 -1.56
C ALA K 176 -24.51 -44.25 -1.91
N LEU K 177 -24.19 -43.16 -2.59
CA LEU K 177 -22.82 -42.87 -2.99
C LEU K 177 -22.17 -41.97 -1.95
N THR K 178 -21.15 -42.48 -1.27
CA THR K 178 -20.43 -41.74 -0.24
C THR K 178 -18.95 -41.54 -0.56
N SER K 179 -18.32 -42.45 -1.30
CA SER K 179 -16.91 -42.31 -1.63
C SER K 179 -16.71 -41.22 -2.67
N GLY K 180 -15.77 -40.31 -2.40
CA GLY K 180 -15.46 -39.24 -3.31
C GLY K 180 -16.28 -37.99 -3.14
N VAL K 181 -17.39 -38.05 -2.39
CA VAL K 181 -18.24 -36.88 -2.21
C VAL K 181 -17.54 -35.86 -1.34
N HIS K 182 -17.59 -34.59 -1.76
CA HIS K 182 -16.97 -33.50 -1.03
C HIS K 182 -17.80 -32.24 -1.24
N THR K 183 -18.59 -31.88 -0.24
CA THR K 183 -19.41 -30.67 -0.28
C THR K 183 -18.64 -29.52 0.35
N PHE K 184 -18.35 -28.50 -0.44
CA PHE K 184 -17.57 -27.36 0.02
C PHE K 184 -18.46 -26.39 0.80
N PRO K 185 -17.88 -25.67 1.77
CA PRO K 185 -18.67 -24.66 2.50
C PRO K 185 -19.17 -23.56 1.58
N ALA K 186 -20.22 -22.88 2.03
CA ALA K 186 -20.91 -21.90 1.21
C ALA K 186 -20.14 -20.58 1.18
N VAL K 187 -20.37 -19.82 0.11
CA VAL K 187 -19.86 -18.47 -0.04
C VAL K 187 -21.01 -17.50 0.14
N LEU K 188 -20.71 -16.33 0.68
CA LEU K 188 -21.71 -15.28 0.91
C LEU K 188 -21.44 -14.17 -0.10
N GLN K 189 -22.27 -14.10 -1.14
CA GLN K 189 -22.11 -13.08 -2.16
C GLN K 189 -22.39 -11.69 -1.59
N SER K 190 -22.01 -10.67 -2.37
CA SER K 190 -22.30 -9.29 -1.96
C SER K 190 -23.78 -9.00 -1.94
N SER K 191 -24.60 -9.79 -2.64
CA SER K 191 -26.04 -9.62 -2.64
C SER K 191 -26.71 -10.25 -1.44
N GLY K 192 -25.95 -10.81 -0.50
CA GLY K 192 -26.51 -11.43 0.69
C GLY K 192 -26.97 -12.86 0.53
N LEU K 193 -26.81 -13.45 -0.65
CA LEU K 193 -27.21 -14.82 -0.89
C LEU K 193 -26.02 -15.77 -0.83
N TYR K 194 -26.30 -17.02 -0.54
CA TYR K 194 -25.27 -18.04 -0.37
C TYR K 194 -25.09 -18.85 -1.65
N SER K 195 -23.96 -19.56 -1.72
CA SER K 195 -23.65 -20.40 -2.87
C SER K 195 -22.55 -21.38 -2.46
N LEU K 196 -22.71 -22.64 -2.87
CA LEU K 196 -21.72 -23.67 -2.60
C LEU K 196 -21.75 -24.70 -3.72
N SER K 197 -20.91 -25.72 -3.59
CA SER K 197 -20.82 -26.80 -4.57
C SER K 197 -20.51 -28.10 -3.84
N SER K 198 -20.79 -29.22 -4.53
CA SER K 198 -20.52 -30.55 -4.00
C SER K 198 -20.02 -31.41 -5.14
N VAL K 199 -18.83 -32.00 -4.97
CA VAL K 199 -18.14 -32.72 -6.04
C VAL K 199 -17.86 -34.15 -5.60
N VAL K 200 -18.07 -35.09 -6.53
CA VAL K 200 -17.77 -36.50 -6.29
C VAL K 200 -16.61 -36.91 -7.19
N THR K 201 -15.83 -37.87 -6.71
CA THR K 201 -14.72 -38.44 -7.45
C THR K 201 -15.06 -39.89 -7.78
N VAL K 202 -15.47 -40.11 -9.04
CA VAL K 202 -15.86 -41.44 -9.49
C VAL K 202 -14.93 -41.88 -10.61
N PRO K 203 -14.71 -43.18 -10.79
CA PRO K 203 -13.88 -43.63 -11.92
C PRO K 203 -14.50 -43.23 -13.26
N SER K 204 -13.63 -42.92 -14.22
CA SER K 204 -14.09 -42.46 -15.52
C SER K 204 -14.83 -43.53 -16.32
N SER K 205 -14.57 -44.81 -16.05
CA SER K 205 -15.26 -45.89 -16.75
C SER K 205 -16.74 -45.91 -16.43
N SER K 206 -17.16 -45.40 -15.28
CA SER K 206 -18.55 -45.35 -14.89
C SER K 206 -19.26 -44.08 -15.35
N LEU K 207 -18.54 -43.16 -15.98
CA LEU K 207 -19.14 -41.90 -16.40
C LEU K 207 -20.13 -42.08 -17.55
N GLY K 208 -20.04 -43.18 -18.28
CA GLY K 208 -20.90 -43.43 -19.42
C GLY K 208 -21.98 -44.47 -19.21
N THR K 209 -22.08 -45.04 -18.02
CA THR K 209 -23.09 -46.08 -17.77
C THR K 209 -23.81 -45.87 -16.44
N GLN K 210 -23.16 -45.20 -15.50
CA GLN K 210 -23.72 -44.97 -14.18
C GLN K 210 -24.37 -43.60 -14.10
N THR K 211 -25.59 -43.55 -13.57
CA THR K 211 -26.31 -42.30 -13.38
C THR K 211 -25.97 -41.70 -12.02
N TYR K 212 -25.71 -40.40 -12.01
CA TYR K 212 -25.36 -39.68 -10.79
C TYR K 212 -26.31 -38.49 -10.64
N ILE K 213 -27.01 -38.45 -9.51
CA ILE K 213 -28.03 -37.45 -9.24
C ILE K 213 -27.74 -36.83 -7.88
N CYS K 214 -27.41 -35.54 -7.88
CA CYS K 214 -27.22 -34.82 -6.63
C CYS K 214 -28.57 -34.42 -6.05
N ASN K 215 -28.68 -34.49 -4.72
CA ASN K 215 -29.93 -34.21 -4.01
C ASN K 215 -29.68 -33.06 -3.05
N VAL K 216 -30.14 -31.87 -3.41
CA VAL K 216 -29.99 -30.68 -2.58
C VAL K 216 -31.32 -30.41 -1.88
N ASN K 217 -31.27 -30.25 -0.56
CA ASN K 217 -32.46 -30.04 0.26
C ASN K 217 -32.31 -28.74 1.03
N HIS K 218 -33.18 -27.78 0.74
CA HIS K 218 -33.22 -26.49 1.44
C HIS K 218 -34.55 -26.41 2.17
N LYS K 219 -34.55 -26.84 3.43
CA LYS K 219 -35.80 -26.89 4.19
C LYS K 219 -36.45 -25.53 4.44
N PRO K 220 -35.72 -24.44 4.75
CA PRO K 220 -36.41 -23.16 4.98
C PRO K 220 -37.27 -22.69 3.83
N SER K 221 -36.95 -23.07 2.60
CA SER K 221 -37.75 -22.70 1.44
C SER K 221 -38.64 -23.84 0.93
N ASN K 222 -38.61 -24.99 1.59
CA ASN K 222 -39.40 -26.16 1.19
C ASN K 222 -39.10 -26.57 -0.25
N THR K 223 -37.82 -26.53 -0.62
CA THR K 223 -37.37 -26.82 -1.97
C THR K 223 -36.37 -27.96 -1.94
N LYS K 224 -36.45 -28.82 -2.96
CA LYS K 224 -35.51 -29.92 -3.12
C LYS K 224 -35.33 -30.19 -4.60
N VAL K 225 -34.09 -30.12 -5.07
CA VAL K 225 -33.78 -30.22 -6.49
C VAL K 225 -32.84 -31.41 -6.70
N ASP K 226 -33.16 -32.22 -7.71
CA ASP K 226 -32.32 -33.36 -8.11
C ASP K 226 -31.90 -33.15 -9.56
N LYS K 227 -30.62 -32.95 -9.79
CA LYS K 227 -30.08 -32.68 -11.11
C LYS K 227 -29.31 -33.88 -11.63
N LYS K 228 -29.51 -34.20 -12.91
CA LYS K 228 -28.83 -35.32 -13.55
C LYS K 228 -27.55 -34.81 -14.18
N VAL K 229 -26.42 -35.18 -13.59
CA VAL K 229 -25.10 -34.75 -14.07
C VAL K 229 -24.64 -35.75 -15.12
N GLU K 230 -24.52 -35.29 -16.35
CA GLU K 230 -24.15 -36.11 -17.50
C GLU K 230 -22.88 -35.57 -18.15
N PRO K 231 -22.14 -36.41 -18.88
CA PRO K 231 -20.97 -35.91 -19.60
C PRO K 231 -21.34 -34.88 -20.65
N LYS K 232 -20.36 -34.08 -21.04
CA LYS K 232 -20.58 -33.01 -22.00
C LYS K 232 -20.91 -33.58 -23.37
N SER K 233 -22.04 -33.17 -23.93
CA SER K 233 -22.48 -33.63 -25.25
C SER K 233 -23.44 -32.65 -25.88
N SER L 7 4.14 -40.90 -53.02
CA SER L 7 3.87 -39.57 -53.54
C SER L 7 4.95 -38.58 -53.09
N ALA L 8 5.56 -38.87 -51.95
CA ALA L 8 6.58 -37.99 -51.40
C ALA L 8 7.86 -38.03 -52.23
N LEU L 9 8.63 -36.96 -52.13
CA LEU L 9 9.91 -36.90 -52.83
C LEU L 9 10.94 -37.80 -52.16
N THR L 10 11.79 -38.41 -52.97
CA THR L 10 12.76 -39.39 -52.48
C THR L 10 14.04 -38.67 -52.07
N GLN L 11 14.45 -38.88 -50.82
CA GLN L 11 15.69 -38.33 -50.29
C GLN L 11 16.48 -39.42 -49.58
N PRO L 12 17.79 -39.42 -49.70
CA PRO L 12 18.60 -40.48 -49.05
C PRO L 12 18.55 -40.34 -47.54
N PRO L 13 18.52 -41.47 -46.82
CA PRO L 13 18.38 -41.40 -45.36
C PRO L 13 19.59 -40.80 -44.65
N SER L 14 20.78 -41.34 -44.92
CA SER L 14 21.97 -41.00 -44.17
C SER L 14 22.95 -40.19 -45.01
N THR L 15 23.73 -39.36 -44.31
CA THR L 15 24.78 -38.54 -44.88
C THR L 15 25.61 -37.96 -43.74
N SER L 16 26.87 -37.67 -44.01
CA SER L 16 27.78 -37.15 -43.00
C SER L 16 28.70 -36.11 -43.65
N GLY L 17 29.45 -35.41 -42.80
CA GLY L 17 30.34 -34.37 -43.27
C GLY L 17 31.48 -34.12 -42.30
N SER L 18 32.57 -33.59 -42.85
CA SER L 18 33.76 -33.24 -42.09
C SER L 18 33.66 -31.79 -41.62
N PRO L 19 34.51 -31.37 -40.66
CA PRO L 19 34.47 -29.97 -40.20
C PRO L 19 34.80 -28.99 -41.31
N GLY L 20 33.79 -28.22 -41.74
CA GLY L 20 33.97 -27.27 -42.81
C GLY L 20 33.87 -27.84 -44.21
N GLN L 21 33.65 -29.14 -44.34
CA GLN L 21 33.54 -29.77 -45.65
C GLN L 21 32.15 -29.53 -46.23
N SER L 22 31.83 -30.23 -47.32
CA SER L 22 30.56 -30.07 -48.01
C SER L 22 29.76 -31.37 -47.93
N VAL L 23 28.49 -31.26 -48.31
CA VAL L 23 27.58 -32.42 -48.33
C VAL L 23 26.46 -32.09 -49.30
N THR L 24 25.86 -33.14 -49.86
CA THR L 24 24.81 -32.97 -50.86
C THR L 24 23.73 -34.02 -50.65
N ILE L 25 22.48 -33.57 -50.49
CA ILE L 25 21.33 -34.45 -50.36
C ILE L 25 20.46 -34.30 -51.60
N SER L 26 20.00 -35.43 -52.15
CA SER L 26 19.22 -35.43 -53.37
C SER L 26 17.73 -35.46 -53.06
N CYS L 27 16.95 -34.80 -53.92
CA CYS L 27 15.50 -34.75 -53.82
C CYS L 27 14.92 -35.09 -55.19
N THR L 28 14.43 -36.32 -55.34
CA THR L 28 13.97 -36.82 -56.63
C THR L 28 12.45 -36.85 -56.67
N GLY L 29 11.89 -36.34 -57.75
CA GLY L 29 10.46 -36.36 -58.00
C GLY L 29 10.16 -36.84 -59.41
N THR L 30 9.04 -36.38 -59.93
CA THR L 30 8.60 -36.70 -61.28
C THR L 30 8.54 -35.42 -62.12
N GLY L 31 8.21 -35.59 -63.39
CA GLY L 31 8.02 -34.47 -64.30
C GLY L 31 6.77 -33.66 -64.07
N ILE L 32 6.01 -33.94 -63.01
CA ILE L 32 4.79 -33.20 -62.72
C ILE L 32 4.93 -32.25 -61.54
N ASP L 33 5.83 -32.53 -60.59
CA ASP L 33 6.04 -31.70 -59.40
C ASP L 33 7.45 -31.16 -59.26
N VAL L 34 8.47 -31.89 -59.70
CA VAL L 34 9.86 -31.45 -59.62
C VAL L 34 10.40 -31.08 -61.01
N GLY L 35 10.32 -32.00 -61.96
CA GLY L 35 10.74 -31.75 -63.32
C GLY L 35 9.80 -30.91 -64.15
N GLY L 36 8.69 -30.44 -63.57
CA GLY L 36 7.74 -29.63 -64.29
C GLY L 36 7.58 -28.23 -63.71
N PHE L 37 8.10 -28.02 -62.51
CA PHE L 37 8.02 -26.73 -61.84
C PHE L 37 9.37 -26.38 -61.23
N SER L 38 9.71 -25.10 -61.27
CA SER L 38 10.86 -24.57 -60.54
C SER L 38 10.41 -23.99 -59.20
N TYR L 39 9.73 -24.83 -58.43
CA TYR L 39 9.08 -24.42 -57.18
C TYR L 39 9.50 -25.35 -56.05
N VAL L 40 10.80 -25.60 -55.93
CA VAL L 40 11.34 -26.44 -54.88
C VAL L 40 11.58 -25.59 -53.64
N SER L 41 11.59 -26.24 -52.47
CA SER L 41 11.85 -25.55 -51.22
C SER L 41 12.47 -26.53 -50.23
N TRP L 42 13.53 -26.11 -49.55
CA TRP L 42 14.22 -26.92 -48.56
C TRP L 42 14.05 -26.28 -47.19
N PHE L 43 13.70 -27.09 -46.20
CA PHE L 43 13.45 -26.62 -44.85
C PHE L 43 14.31 -27.36 -43.85
N GLN L 44 14.60 -26.70 -42.73
CA GLN L 44 15.34 -27.29 -41.62
C GLN L 44 14.42 -27.39 -40.41
N TYR L 45 14.45 -28.54 -39.74
CA TYR L 45 13.58 -28.79 -38.60
C TYR L 45 14.37 -29.52 -37.52
N HIS L 46 14.83 -28.79 -36.52
CA HIS L 46 15.41 -29.43 -35.34
C HIS L 46 14.30 -30.17 -34.60
N PRO L 47 14.58 -31.39 -34.12
CA PRO L 47 13.52 -32.19 -33.49
C PRO L 47 12.98 -31.52 -32.25
N GLY L 48 11.70 -31.15 -32.30
CA GLY L 48 11.04 -30.48 -31.20
C GLY L 48 10.90 -28.99 -31.33
N LYS L 49 11.19 -28.42 -32.50
CA LYS L 49 11.10 -26.98 -32.73
C LYS L 49 10.36 -26.71 -34.03
N ALA L 50 10.08 -25.44 -34.26
CA ALA L 50 9.38 -25.04 -35.47
C ALA L 50 10.31 -25.14 -36.69
N PRO L 51 9.78 -25.53 -37.84
CA PRO L 51 10.62 -25.65 -39.04
C PRO L 51 11.12 -24.29 -39.53
N LYS L 52 12.32 -24.29 -40.08
CA LYS L 52 12.95 -23.09 -40.62
C LYS L 52 13.18 -23.29 -42.12
N LEU L 53 12.82 -22.28 -42.90
CA LEU L 53 13.03 -22.33 -44.35
C LEU L 53 14.50 -22.06 -44.67
N ILE L 54 15.08 -22.95 -45.47
CA ILE L 54 16.48 -22.83 -45.87
C ILE L 54 16.63 -22.36 -47.30
N ILE L 55 15.79 -22.87 -48.20
CA ILE L 55 15.86 -22.55 -49.62
C ILE L 55 14.45 -22.41 -50.16
N PHE L 56 14.22 -21.39 -50.99
CA PHE L 56 12.95 -21.17 -51.66
C PHE L 56 13.19 -21.07 -53.16
N GLU L 57 12.27 -21.63 -53.94
CA GLU L 57 12.31 -21.61 -55.40
C GLU L 57 13.65 -22.13 -55.92
N VAL L 58 13.94 -23.38 -55.56
CA VAL L 58 15.09 -24.14 -56.07
C VAL L 58 16.40 -23.55 -55.57
N THR L 59 16.67 -22.28 -55.90
CA THR L 59 17.98 -21.69 -55.66
C THR L 59 17.98 -20.43 -54.81
N LYS L 60 16.85 -19.75 -54.66
CA LYS L 60 16.83 -18.48 -53.95
C LYS L 60 17.01 -18.69 -52.46
N ARG L 61 17.92 -17.90 -51.86
CA ARG L 61 18.16 -17.94 -50.42
C ARG L 61 17.23 -16.96 -49.72
N PRO L 62 16.46 -17.41 -48.72
CA PRO L 62 15.67 -16.47 -47.92
C PRO L 62 16.55 -15.63 -47.01
N SER L 63 15.94 -14.74 -46.24
CA SER L 63 16.71 -13.93 -45.29
C SER L 63 17.21 -14.80 -44.14
N GLY L 64 18.30 -14.34 -43.52
CA GLY L 64 18.91 -15.05 -42.41
C GLY L 64 19.68 -16.29 -42.77
N VAL L 65 19.51 -16.82 -43.97
CA VAL L 65 20.24 -18.02 -44.38
C VAL L 65 21.63 -17.61 -44.87
N PRO L 66 22.70 -18.23 -44.38
CA PRO L 66 24.04 -17.83 -44.79
C PRO L 66 24.31 -18.17 -46.25
N ASP L 67 25.34 -17.52 -46.80
CA ASP L 67 25.74 -17.75 -48.19
C ASP L 67 26.38 -19.12 -48.40
N ARG L 68 26.79 -19.80 -47.33
CA ARG L 68 27.43 -21.10 -47.44
C ARG L 68 26.44 -22.23 -47.70
N PHE L 69 25.14 -21.94 -47.75
CA PHE L 69 24.11 -22.94 -48.01
C PHE L 69 23.39 -22.55 -49.30
N SER L 70 23.59 -23.35 -50.35
CA SER L 70 22.99 -23.10 -51.65
C SER L 70 22.31 -24.35 -52.15
N GLY L 71 21.29 -24.16 -52.99
CA GLY L 71 20.55 -25.26 -53.56
C GLY L 71 20.43 -25.12 -55.06
N SER L 72 20.10 -26.25 -55.70
CA SER L 72 19.96 -26.30 -57.15
C SER L 72 19.11 -27.52 -57.50
N LYS L 73 18.88 -27.70 -58.80
CA LYS L 73 18.12 -28.83 -59.29
C LYS L 73 18.52 -29.11 -60.73
N SER L 74 18.27 -30.35 -61.16
CA SER L 74 18.61 -30.77 -62.52
C SER L 74 17.67 -31.92 -62.90
N GLY L 75 16.79 -31.67 -63.85
CA GLY L 75 15.83 -32.67 -64.27
C GLY L 75 14.80 -32.98 -63.21
N ASN L 76 14.78 -34.23 -62.74
CA ASN L 76 13.86 -34.67 -61.70
C ASN L 76 14.50 -34.73 -60.32
N THR L 77 15.79 -34.39 -60.21
CA THR L 77 16.52 -34.49 -58.95
C THR L 77 17.01 -33.11 -58.54
N ALA L 78 16.67 -32.72 -57.32
CA ALA L 78 17.12 -31.47 -56.73
C ALA L 78 18.14 -31.77 -55.64
N SER L 79 19.21 -30.96 -55.58
CA SER L 79 20.29 -31.19 -54.65
C SER L 79 20.59 -29.89 -53.89
N LEU L 80 20.78 -30.02 -52.58
CA LEU L 80 21.13 -28.91 -51.71
C LEU L 80 22.50 -29.16 -51.12
N THR L 81 23.37 -28.15 -51.19
CA THR L 81 24.74 -28.25 -50.71
C THR L 81 24.98 -27.22 -49.61
N ILE L 82 25.47 -27.68 -48.47
CA ILE L 82 25.75 -26.82 -47.32
C ILE L 82 27.25 -26.86 -47.08
N SER L 83 27.93 -25.80 -47.49
CA SER L 83 29.37 -25.67 -47.28
C SER L 83 29.65 -25.04 -45.91
N GLY L 84 30.87 -25.25 -45.43
CA GLY L 84 31.27 -24.76 -44.13
C GLY L 84 30.35 -25.23 -43.03
N LEU L 85 30.28 -26.54 -42.82
CA LEU L 85 29.31 -27.12 -41.91
C LEU L 85 29.61 -26.72 -40.47
N GLN L 86 28.63 -26.13 -39.80
CA GLN L 86 28.72 -25.78 -38.40
C GLN L 86 28.02 -26.84 -37.55
N ALA L 87 28.18 -26.71 -36.24
CA ALA L 87 27.55 -27.67 -35.32
C ALA L 87 26.04 -27.56 -35.33
N ASP L 88 25.50 -26.35 -35.52
CA ASP L 88 24.05 -26.16 -35.55
C ASP L 88 23.41 -26.69 -36.83
N ASP L 89 24.21 -27.16 -37.79
CA ASP L 89 23.65 -27.69 -39.03
C ASP L 89 23.24 -29.15 -38.92
N GLU L 90 23.71 -29.86 -37.89
CA GLU L 90 23.39 -31.27 -37.70
C GLU L 90 21.93 -31.41 -37.31
N ALA L 91 21.07 -31.67 -38.30
CA ALA L 91 19.65 -31.84 -38.08
C ALA L 91 19.06 -32.61 -39.27
N GLU L 92 17.75 -32.50 -39.47
CA GLU L 92 17.07 -33.13 -40.57
C GLU L 92 16.62 -32.09 -41.58
N TYR L 93 16.84 -32.37 -42.85
CA TYR L 93 16.52 -31.45 -43.94
C TYR L 93 15.50 -32.09 -44.86
N TYR L 94 14.41 -31.37 -45.14
CA TYR L 94 13.31 -31.88 -45.94
C TYR L 94 13.07 -30.96 -47.13
N CYS L 95 12.86 -31.56 -48.29
CA CYS L 95 12.56 -30.82 -49.50
C CYS L 95 11.06 -30.88 -49.80
N SER L 96 10.55 -29.81 -50.40
CA SER L 96 9.15 -29.72 -50.77
C SER L 96 9.02 -29.03 -52.12
N SER L 97 7.96 -29.37 -52.85
CA SER L 97 7.75 -28.82 -54.17
C SER L 97 6.25 -28.78 -54.47
N TYR L 98 5.83 -27.74 -55.18
CA TYR L 98 4.44 -27.62 -55.58
C TYR L 98 4.11 -28.64 -56.66
N ALA L 99 3.07 -29.43 -56.45
CA ALA L 99 2.66 -30.45 -57.39
C ALA L 99 1.61 -29.86 -58.33
N VAL L 100 0.77 -30.72 -58.92
CA VAL L 100 -0.25 -30.28 -59.86
C VAL L 100 -1.58 -30.16 -59.14
N ASN L 101 -2.41 -29.22 -59.62
CA ASN L 101 -3.76 -29.00 -59.11
C ASN L 101 -3.76 -28.65 -57.62
N ASN L 102 -2.99 -27.60 -57.28
CA ASN L 102 -2.97 -27.03 -55.94
C ASN L 102 -2.60 -28.07 -54.88
N ASN L 103 -1.57 -28.87 -55.17
CA ASN L 103 -1.10 -29.90 -54.26
C ASN L 103 0.33 -29.60 -53.84
N PHE L 104 0.60 -29.76 -52.54
CA PHE L 104 1.94 -29.60 -51.99
C PHE L 104 2.40 -30.93 -51.42
N VAL L 105 3.66 -31.27 -51.67
CA VAL L 105 4.22 -32.56 -51.28
C VAL L 105 5.62 -32.33 -50.70
N PHE L 106 5.91 -32.98 -49.58
CA PHE L 106 7.20 -32.89 -48.92
C PHE L 106 8.08 -34.06 -49.30
N GLY L 107 9.30 -34.08 -48.76
CA GLY L 107 10.24 -35.14 -48.98
C GLY L 107 10.38 -36.04 -47.76
N THR L 108 11.16 -37.11 -47.94
CA THR L 108 11.37 -38.07 -46.85
C THR L 108 12.35 -37.55 -45.81
N GLY L 109 13.30 -36.73 -46.21
CA GLY L 109 14.24 -36.14 -45.28
C GLY L 109 15.61 -36.78 -45.33
N THR L 110 16.59 -36.07 -44.78
CA THR L 110 17.97 -36.54 -44.74
C THR L 110 18.57 -36.13 -43.39
N LYS L 111 19.05 -37.12 -42.63
CA LYS L 111 19.68 -36.87 -41.35
C LYS L 111 21.17 -36.62 -41.57
N VAL L 112 21.64 -35.45 -41.15
CA VAL L 112 23.02 -35.03 -41.34
C VAL L 112 23.73 -35.06 -39.99
N THR L 113 24.93 -35.64 -39.97
CA THR L 113 25.74 -35.74 -38.77
C THR L 113 27.12 -35.14 -39.03
N VAL L 114 27.60 -34.36 -38.07
CA VAL L 114 28.95 -33.79 -38.11
C VAL L 114 29.87 -34.67 -37.29
N LEU L 115 30.99 -35.08 -37.88
CA LEU L 115 31.89 -36.02 -37.23
C LEU L 115 33.20 -35.36 -36.84
N VAL L 116 33.13 -34.32 -36.00
CA VAL L 116 34.32 -33.57 -35.61
C VAL L 116 34.25 -33.19 -34.14
N SER L 117 33.23 -33.67 -33.45
CA SER L 117 33.05 -33.30 -32.05
C SER L 117 34.12 -33.96 -31.19
N PRO L 118 34.78 -33.21 -30.30
CA PRO L 118 35.77 -33.81 -29.40
C PRO L 118 35.12 -34.74 -28.38
N ARG L 119 35.92 -35.24 -27.43
CA ARG L 119 35.45 -36.19 -26.42
C ARG L 119 35.58 -35.58 -25.03
N PRO L 120 34.54 -34.90 -24.54
CA PRO L 120 34.58 -34.38 -23.17
C PRO L 120 33.92 -35.31 -22.17
N THR L 121 34.28 -35.19 -20.90
CA THR L 121 33.70 -36.01 -19.85
C THR L 121 32.34 -35.45 -19.43
N PRO L 122 31.41 -36.32 -19.02
CA PRO L 122 30.08 -35.83 -18.63
C PRO L 122 30.12 -35.08 -17.30
N LEU L 123 29.02 -34.35 -17.05
CA LEU L 123 28.84 -33.60 -15.81
C LEU L 123 27.61 -34.15 -15.10
N SER L 124 27.80 -34.66 -13.90
CA SER L 124 26.74 -35.28 -13.13
C SER L 124 26.22 -34.32 -12.06
N LEU L 125 24.90 -34.32 -11.88
CA LEU L 125 24.24 -33.50 -10.85
C LEU L 125 23.23 -34.38 -10.14
N CYS L 126 23.53 -34.74 -8.89
CA CYS L 126 22.69 -35.61 -8.09
C CYS L 126 21.94 -34.78 -7.05
N SER L 127 20.63 -34.95 -7.00
CA SER L 127 19.77 -34.23 -6.07
C SER L 127 19.01 -35.23 -5.21
N HIS L 128 19.05 -35.02 -3.89
CA HIS L 128 18.34 -35.88 -2.96
C HIS L 128 16.87 -35.49 -2.88
N PRO L 129 16.02 -36.41 -2.43
CA PRO L 129 14.59 -36.07 -2.29
C PRO L 129 14.40 -34.96 -1.27
N ARG L 130 13.48 -34.05 -1.58
CA ARG L 130 13.19 -32.93 -0.70
C ARG L 130 12.27 -33.37 0.44
N SER L 131 12.20 -32.52 1.46
CA SER L 131 11.32 -32.81 2.60
C SER L 131 9.86 -32.79 2.20
N GLU L 132 9.50 -32.01 1.18
CA GLU L 132 8.13 -31.99 0.70
C GLU L 132 7.77 -33.29 -0.01
N GLU L 133 8.73 -33.91 -0.70
CA GLU L 133 8.46 -35.15 -1.40
C GLU L 133 8.34 -36.33 -0.44
N LEU L 134 9.23 -36.40 0.56
CA LEU L 134 9.18 -37.49 1.52
C LEU L 134 7.92 -37.42 2.38
N GLN L 135 7.38 -36.21 2.61
CA GLN L 135 6.16 -36.07 3.38
C GLN L 135 4.95 -36.63 2.64
N ALA L 136 5.01 -36.73 1.32
CA ALA L 136 3.94 -37.29 0.51
C ALA L 136 4.10 -38.80 0.27
N ASN L 137 4.92 -39.47 1.09
CA ASN L 137 5.18 -40.90 0.96
C ASN L 137 5.73 -41.23 -0.43
N LYS L 138 6.72 -40.46 -0.85
CA LYS L 138 7.37 -40.67 -2.14
C LYS L 138 8.85 -40.32 -2.01
N ALA L 139 9.68 -40.99 -2.80
CA ALA L 139 11.13 -40.75 -2.76
C ALA L 139 11.69 -41.10 -4.13
N THR L 140 12.08 -40.07 -4.89
CA THR L 140 12.63 -40.24 -6.23
C THR L 140 13.97 -39.51 -6.29
N LEU L 141 15.06 -40.27 -6.26
CA LEU L 141 16.38 -39.67 -6.43
C LEU L 141 16.59 -39.29 -7.89
N VAL L 142 17.40 -38.25 -8.10
CA VAL L 142 17.66 -37.71 -9.42
C VAL L 142 19.17 -37.66 -9.64
N CYS L 143 19.62 -38.16 -10.78
CA CYS L 143 21.04 -38.12 -11.17
C CYS L 143 21.09 -37.68 -12.62
N LEU L 144 21.45 -36.42 -12.85
CA LEU L 144 21.39 -35.81 -14.17
C LEU L 144 22.76 -35.83 -14.83
N ILE L 145 22.81 -36.33 -16.07
CA ILE L 145 24.03 -36.42 -16.85
C ILE L 145 23.89 -35.48 -18.05
N SER L 146 24.88 -34.64 -18.26
CA SER L 146 24.82 -33.66 -19.34
C SER L 146 26.22 -33.41 -19.88
N ASP L 147 26.26 -32.91 -21.12
CA ASP L 147 27.50 -32.50 -21.78
C ASP L 147 28.49 -33.65 -21.88
N PHE L 148 28.31 -34.54 -22.86
CA PHE L 148 29.24 -35.64 -23.06
C PHE L 148 29.11 -36.14 -24.49
N TYR L 149 30.21 -36.70 -25.01
CA TYR L 149 30.25 -37.27 -26.34
C TYR L 149 31.21 -38.44 -26.32
N PRO L 150 30.86 -39.59 -26.93
CA PRO L 150 29.61 -39.81 -27.67
C PRO L 150 28.42 -40.08 -26.76
N GLY L 151 27.26 -40.38 -27.35
CA GLY L 151 26.06 -40.62 -26.59
C GLY L 151 25.89 -42.07 -26.17
N ALA L 152 26.64 -42.49 -25.15
CA ALA L 152 26.55 -43.85 -24.64
C ALA L 152 27.07 -43.86 -23.21
N VAL L 153 26.15 -43.96 -22.25
CA VAL L 153 26.50 -43.92 -20.84
C VAL L 153 25.96 -45.17 -20.16
N THR L 154 26.56 -45.49 -19.01
CA THR L 154 26.13 -46.60 -18.16
C THR L 154 26.05 -46.10 -16.73
N VAL L 155 24.86 -46.18 -16.14
CA VAL L 155 24.61 -45.68 -14.79
C VAL L 155 24.55 -46.85 -13.84
N ALA L 156 25.22 -46.72 -12.69
CA ALA L 156 25.27 -47.76 -11.67
C ALA L 156 25.00 -47.14 -10.31
N TRP L 157 23.81 -47.41 -9.77
CA TRP L 157 23.48 -46.95 -8.42
C TRP L 157 24.03 -47.91 -7.38
N LYS L 158 24.45 -47.34 -6.24
CA LYS L 158 25.03 -48.12 -5.15
C LYS L 158 24.53 -47.56 -3.83
N ALA L 159 23.56 -48.24 -3.23
CA ALA L 159 23.10 -47.88 -1.89
C ALA L 159 24.15 -48.32 -0.87
N ASP L 160 24.62 -47.37 -0.05
CA ASP L 160 25.74 -47.59 0.87
C ASP L 160 26.94 -48.01 0.02
N SER L 161 27.56 -49.16 0.26
CA SER L 161 28.62 -49.67 -0.58
C SER L 161 28.16 -50.82 -1.48
N SER L 162 26.89 -51.21 -1.40
CA SER L 162 26.29 -52.31 -2.14
C SER L 162 25.54 -51.79 -3.36
N PRO L 163 25.66 -52.46 -4.50
CA PRO L 163 24.93 -52.01 -5.69
C PRO L 163 23.43 -52.24 -5.56
N VAL L 164 22.67 -51.31 -6.10
CA VAL L 164 21.21 -51.37 -6.09
C VAL L 164 20.72 -51.13 -7.52
N LYS L 165 19.71 -51.92 -7.93
CA LYS L 165 19.22 -51.84 -9.30
C LYS L 165 17.70 -51.93 -9.42
N ALA L 166 16.98 -52.15 -8.32
CA ALA L 166 15.53 -52.29 -8.38
C ALA L 166 14.87 -50.91 -8.33
N GLY L 167 14.09 -50.60 -9.36
CA GLY L 167 13.38 -49.33 -9.40
C GLY L 167 14.08 -48.21 -10.14
N VAL L 168 14.98 -48.53 -11.06
CA VAL L 168 15.73 -47.53 -11.81
C VAL L 168 15.08 -47.33 -13.16
N GLU L 169 14.86 -46.07 -13.53
CA GLU L 169 14.28 -45.69 -14.82
C GLU L 169 15.21 -44.68 -15.47
N THR L 170 16.14 -45.17 -16.30
CA THR L 170 17.16 -44.36 -16.93
C THR L 170 16.82 -44.17 -18.42
N THR L 171 17.06 -42.96 -18.92
CA THR L 171 16.76 -42.62 -20.30
C THR L 171 17.87 -43.09 -21.23
N THR L 172 17.76 -42.70 -22.50
CA THR L 172 18.75 -42.84 -23.57
C THR L 172 19.35 -41.47 -23.87
N PRO L 173 20.62 -41.42 -24.27
CA PRO L 173 21.26 -40.12 -24.52
C PRO L 173 20.52 -39.31 -25.58
N SER L 174 20.38 -38.02 -25.33
CA SER L 174 19.70 -37.10 -26.23
C SER L 174 20.57 -35.87 -26.46
N LYS L 175 20.61 -35.43 -27.72
CA LYS L 175 21.45 -34.29 -28.08
C LYS L 175 20.90 -33.01 -27.46
N GLN L 176 21.82 -32.14 -27.03
CA GLN L 176 21.45 -30.88 -26.39
C GLN L 176 21.35 -29.78 -27.44
N SER L 177 21.20 -28.53 -26.98
CA SER L 177 21.17 -27.40 -27.89
C SER L 177 22.56 -27.05 -28.42
N ASN L 178 23.60 -27.30 -27.63
CA ASN L 178 24.99 -27.12 -28.07
C ASN L 178 25.54 -28.37 -28.74
N ASN L 179 24.68 -29.27 -29.20
CA ASN L 179 25.03 -30.49 -29.91
C ASN L 179 25.80 -31.49 -29.06
N LYS L 180 25.85 -31.29 -27.75
CA LYS L 180 26.34 -32.31 -26.83
C LYS L 180 25.16 -33.19 -26.41
N TYR L 181 25.43 -34.19 -25.58
CA TYR L 181 24.41 -35.13 -25.17
C TYR L 181 24.08 -34.97 -23.69
N ALA L 182 22.87 -35.41 -23.33
CA ALA L 182 22.39 -35.34 -21.96
C ALA L 182 21.52 -36.54 -21.66
N ALA L 183 21.36 -36.84 -20.37
CA ALA L 183 20.55 -37.96 -19.94
C ALA L 183 20.06 -37.70 -18.52
N SER L 184 19.14 -38.53 -18.07
CA SER L 184 18.58 -38.41 -16.72
C SER L 184 18.27 -39.79 -16.18
N SER L 185 18.61 -40.00 -14.90
CA SER L 185 18.36 -41.27 -14.23
C SER L 185 17.61 -41.01 -12.94
N TYR L 186 16.61 -41.85 -12.67
CA TYR L 186 15.76 -41.70 -11.50
C TYR L 186 15.72 -42.99 -10.71
N LEU L 187 15.84 -42.89 -9.39
CA LEU L 187 15.76 -44.02 -8.48
C LEU L 187 14.54 -43.82 -7.59
N SER L 188 13.53 -44.68 -7.76
CA SER L 188 12.30 -44.60 -6.98
C SER L 188 12.47 -45.38 -5.69
N LEU L 189 12.20 -44.75 -4.56
CA LEU L 189 12.35 -45.35 -3.25
C LEU L 189 11.12 -45.05 -2.39
N THR L 190 11.12 -45.60 -1.18
CA THR L 190 10.14 -45.32 -0.16
C THR L 190 10.77 -44.49 0.96
N PRO L 191 9.96 -43.74 1.72
CA PRO L 191 10.53 -42.99 2.84
C PRO L 191 11.23 -43.87 3.87
N GLU L 192 10.90 -45.16 3.93
CA GLU L 192 11.59 -46.05 4.85
C GLU L 192 12.94 -46.50 4.30
N GLN L 193 13.00 -46.79 2.99
CA GLN L 193 14.26 -47.22 2.39
C GLN L 193 15.26 -46.08 2.31
N TRP L 194 14.78 -44.84 2.22
CA TRP L 194 15.67 -43.69 2.13
C TRP L 194 16.39 -43.42 3.44
N LYS L 195 15.74 -43.69 4.57
CA LYS L 195 16.34 -43.45 5.88
C LYS L 195 17.04 -44.67 6.46
N SER L 196 16.86 -45.85 5.86
CA SER L 196 17.49 -47.06 6.39
C SER L 196 18.95 -47.18 5.99
N HIS L 197 19.37 -46.49 4.93
CA HIS L 197 20.76 -46.53 4.47
C HIS L 197 21.47 -45.24 4.84
N ARG L 198 22.78 -45.35 5.07
CA ARG L 198 23.56 -44.19 5.47
C ARG L 198 23.72 -43.19 4.33
N SER L 199 23.77 -43.66 3.09
CA SER L 199 23.96 -42.79 1.95
C SER L 199 23.56 -43.52 0.67
N TYR L 200 23.54 -42.78 -0.43
CA TYR L 200 23.28 -43.33 -1.76
C TYR L 200 24.25 -42.72 -2.74
N SER L 201 24.65 -43.51 -3.73
CA SER L 201 25.63 -43.09 -4.71
C SER L 201 25.08 -43.25 -6.13
N CYS L 202 25.65 -42.49 -7.05
CA CYS L 202 25.31 -42.57 -8.47
C CYS L 202 26.60 -42.59 -9.27
N GLN L 203 26.92 -43.74 -9.85
CA GLN L 203 28.13 -43.91 -10.65
C GLN L 203 27.75 -43.86 -12.13
N VAL L 204 28.39 -42.95 -12.87
CA VAL L 204 28.12 -42.76 -14.28
C VAL L 204 29.42 -43.01 -15.04
N THR L 205 29.48 -44.12 -15.76
CA THR L 205 30.67 -44.50 -16.50
C THR L 205 30.51 -44.10 -17.96
N HIS L 206 31.51 -43.39 -18.49
CA HIS L 206 31.50 -42.93 -19.88
C HIS L 206 32.90 -43.09 -20.45
N GLU L 207 33.02 -43.83 -21.55
CA GLU L 207 34.30 -44.09 -22.20
C GLU L 207 35.30 -44.73 -21.24
N GLY L 208 34.80 -45.51 -20.28
CA GLY L 208 35.63 -46.07 -19.23
C GLY L 208 35.82 -45.15 -18.04
N SER L 209 35.67 -43.84 -18.21
CA SER L 209 35.80 -42.90 -17.11
C SER L 209 34.49 -42.81 -16.34
N THR L 210 34.57 -42.91 -15.03
CA THR L 210 33.40 -42.94 -14.16
C THR L 210 33.37 -41.71 -13.27
N VAL L 211 32.25 -41.01 -13.26
CA VAL L 211 32.00 -39.88 -12.36
C VAL L 211 30.95 -40.32 -11.35
N GLU L 212 31.27 -40.14 -10.07
CA GLU L 212 30.47 -40.68 -8.98
C GLU L 212 30.04 -39.55 -8.04
N LYS L 213 28.74 -39.45 -7.79
CA LYS L 213 28.18 -38.50 -6.84
C LYS L 213 27.49 -39.25 -5.71
N THR L 214 27.29 -38.56 -4.59
CA THR L 214 26.74 -39.20 -3.40
C THR L 214 26.00 -38.15 -2.56
N VAL L 215 24.80 -38.50 -2.12
CA VAL L 215 24.01 -37.66 -1.23
C VAL L 215 23.80 -38.41 0.08
N ALA L 216 23.31 -37.67 1.08
CA ALA L 216 23.09 -38.21 2.41
C ALA L 216 21.77 -37.68 2.96
N PRO L 217 21.13 -38.44 3.85
CA PRO L 217 19.87 -37.95 4.44
C PRO L 217 20.09 -36.70 5.27
N THR L 218 19.13 -35.78 5.18
CA THR L 218 19.18 -34.52 5.93
C THR L 218 17.80 -34.11 6.39
#